data_7Y5D
#
_entry.id   7Y5D
#
_cell.length_a   1.00
_cell.length_b   1.00
_cell.length_c   1.00
_cell.angle_alpha   90.00
_cell.angle_beta   90.00
_cell.angle_gamma   90.00
#
_symmetry.space_group_name_H-M   'P 1'
#
loop_
_entity.id
_entity.type
_entity.pdbx_description
1 polymer 'ATP synthase subunit a'
2 polymer 'ATP synthase subunit b'
3 polymer 'ATP synthase subunit b-delta'
4 polymer 'ATP synthase subunit c'
5 polymer 'ATP synthase subunit alpha'
6 polymer 'ATP synthase subunit alpha'
7 polymer 'ATP synthase subunit beta'
8 polymer 'ATP synthase gamma chain'
9 polymer 'ATP synthase epsilon chain'
#
loop_
_entity_poly.entity_id
_entity_poly.type
_entity_poly.pdbx_seq_one_letter_code
_entity_poly.pdbx_strand_id
1 'polypeptide(L)'
;MLAAEEGGAAIHVGHHTLVFELFGMTFNGDTILATAVTAVIVIALAFYLRAKVTSTGVPSGVQLFWEALTIQMRQQIEGS
IGMKIAPFVLPLSVTIFVFILISNWLAVLPLQYGGADGAAAELYKAPASDINFVLALALFVFVCYHAAGIWRRGIVGHPI
KVVKGHVAFLAPINIVEELAKPISLALRLFGNIFAGGILVALIAMFPWYIQWFPNAVWKTFDLFVGLIQAFIFSLLTILY
FSQSMELDHEDH
;
a
2 'polypeptide(L)'
;MGEFSATILAASQAAEEGGGGSNFLIPNGTFFAVLIIFLIVLGVISKWVVPPISKVLAEREAMLAKTAADNRKSAEQVAA
AQADYEKEMAEARAQASALRDEARAAGRSVVDEKRAQASGEVAQTLTQADQQLSAQGDQVRSGLESSVDGLSAKLASRIL
GVDVNSGGTQ
;
b
3 'polypeptide(L)'
;MSIFIGQLIGFAVIAFIIVKWVVPPVRTLMRNQQEAVRAALAESAEAAKKLADADAMHAKALADAKAESEKVTEEAKQDS
ERIAAQLSEQAGSEAERIKAQGAQQIQLMRQQLIRQLRTGLGAEAVNKAAEIVRAHVADPQAQSATVDRFLSELEQMAPS
SVVIDTAATSRLRAASRQSLAALVEKFDSVAGGLDADGLTNLADELASVAKLLLSETALNKHLAEPTDDSAPKVRLLERL
LSDKVSATTLDLLRTAVSNRWSTESNLIDAVEHTARLALLKRAEIAGEVDEVEEQLFRFGRVLDAEPRLSALLSDYTTPA
EGRVALLDKALTGRPGVNQTAAALLSQTVGLLRGERADEAVIDLAELAVSRRGEVVAHVSAAAELSDAQRTRLTEVLSRI
YGRPVSVQLHVDPELLGGLSITVGDEVIDGSIASRLAAAQTGLPD
;
d
4 'polypeptide(L)'
;MDLDPNAIITAGALIGGGLIMGGGAIGAGIGDGIAGNALISGIARQPEAQGRLFTPFFITVGLVEAAYFINLAFMALFVF
ATPGLQ
;
4,5,6,7,8,9,1,2,3
5 'polypeptide(L)'
;MAELTISAADIEGAIEDYVSSFSADTEREEIGTVIDAGDGIAHVEGLPSVMTQELLEFPGGVLGVALNLDEHSVGAVILG
EFEKIEEGQQVKRTGEVLSVPVGDAFLGRVVNPLGQPIDGQGDIAAETRRALELQAPSVVQRQSVSEPLQTGIKAIDAMT
PIGRGQRQLIIGDRKTGKTAVCVDTILNQREAWLTGDPKQQVRCVYVAIGQKGTTIASVKRALEEGGAMEYTTIVAAPAS
DAAGFKWLAPYTGSAIGQHWMYNGKHVLIVFDDLSKQADAYRAISLLLRRPPGREAFPGDVFYLHSRLLERCAKLSDELG
GGSMTGLPIIETKANDISAFIPTNVISITDGQCFLESDLFNQGVRPAINVGVSVSRVGGAAQIKAMKEVAGSLRLDLSQY
RELEAFAAFASDLDAASKAQLDRGARLVELLKQPQYSPLAVEEQVVAIFLGTQGHLDSVPVEDVQRFESELLEHVKASHS
DIFDGIRETKKLSEEAEEKLVSVINEFKKGFQASDGSSVVVSENAEALDPEDLEKESVKVRKPAPKKA
;
A
6 'polypeptide(L)'
;(UNK)(UNK)(UNK)(UNK)(UNK)(UNK)(UNK)(UNK)(UNK)(UNK)(UNK)(UNK)(UNK)(UNK)(UNK)(UNK)
(UNK)(UNK)(UNK)(UNK)(UNK)(UNK)SADTEREEIGTVIDAGDGIAHVEGLPSVMTQELLEFPGGVLGVALNLDEH
SVGAVILGEFEKIEEGQQVKRTGEVLSVPVGDAFLGRVVNPLGQPIDGQGDIAAETRRALELQAPSVVQRQSVSEPLQTG
IKAIDAMTPIGRGQRQLIIGDRKTGKTAVCVDTILNQREAWLTGDPKQQVRCVYVAIGQKGTTIASVKRALEEGGAMEYT
TIVAAPASDAAGFKWLAPYTGSAIGQHWMYNGKHVLIVFDDLSKQADAYRAISLLLRRPPGREAFPGDVFYLHSRLLERC
AKLSDELGGGSMTGLPIIETKANDISAFIPTNVISITDGQCFLESDLFNQGVRPAINVGVSVSRVGGAAQIKAMKEVAGS
LRLDLSQYRELEAFAAFASDLDAASKAQLDRGARLVELLKQPQYSPLAVEEQVVAIFLGTQGHLDSVPVEDVQRFESELL
EHVKASHSDIFDGIRETKKLSEEAEEKLVSVINEFKKGFQASDGSSVVVSENAEALDPEDLEKESVKVRKPAPKKA
;
B,C
7 'polypeptide(L)'
;MHHHHHHTATAEKTAGRVVRITGPVVDVEFPRGSVPELFNALHAEITFGALAKTLTLEVAQHLGDSLVRCISMQPTDGLV
RGVEVTDTGASISVPVGDGVKGHVFNALGDCLDDPGYGKDFEHWSIHRKPPAFSDLEPRTEMLETGLKVVDLLTPYVRGG
KIALFGGAGVGKTVLIQEMINRIARNFGGTSVFAGVGERTREGNDLWVELADANVLKDTALVFGQMDEPPGTRMRVALSA
LTMAEFFRDEQGQDVLLFIDNIFRFTQAGSEVSTLLGRMPSAVGYQPTLADEMGELQERITSTRGRSITSMQAVYVPADD
YTDPAPATTFAHLDATTELSRAVFSKGIFPAVDPLASSSTILDPAIVGDEHYRVAQEVIRILQRYKDLQDIIAILGIDEL
SEEDKQLVNRARRIERFLSQNMMAAEQFTGQPGSTVPLKETIEAFDKLTKGEFDHLPEQAFFLIGGLDDLAKKAESLGAK
L
;
D,E,F
8 'polypeptide(L)'
;MAATLRELRGRIRSAGSIKKITKAQELIATSRIAKAQARVEAARPYAAEITNMLTELAGASALDHPLLVERKQPKRAGVL
VVSSDRGLCGAYNANVLRRAEELFSLLRDEGKDPVLYVVGRKALGYFSFRQRTVVESWTGFSERPTYENAREIADTLVNA
FMAGADDEGDDAGADGILGVDELHIVFTEFRSMLSQTAVARRAAPMEVEYVGEVETGPRTLYSFEPDPETLFDALLPRYI
ATRVYAALLEAAASESASRRRAMKSATDNADDLIKALTLAANRERQAQITQEISEIVGGANALAGSK
;
G
9 'polypeptide(L)'
;MADLNVEIVAVERELWSGPATFVFTRTTAGEIGILPRHIPLVAQLVDDAMVRVEREGEDDLRIAVDGGFLSVTEETVRIL
VENAQFESEIDADAAKEDAASDDERTAAWGRARLRALGQID
;
H
#
# COMPACT_ATOMS: atom_id res chain seq x y z
N THR A 31 -98.97 62.48 -27.91
CA THR A 31 -99.64 61.23 -28.23
C THR A 31 -99.01 60.06 -27.47
N ILE A 32 -97.69 60.12 -27.29
CA ILE A 32 -96.94 59.10 -26.57
C ILE A 32 -96.30 59.75 -25.35
N LEU A 33 -96.59 59.21 -24.18
CA LEU A 33 -96.04 59.71 -22.93
C LEU A 33 -94.99 58.78 -22.32
N ALA A 34 -94.68 57.66 -22.97
CA ALA A 34 -93.75 56.70 -22.40
C ALA A 34 -92.36 57.30 -22.23
N THR A 35 -91.90 58.08 -23.22
CA THR A 35 -90.57 58.66 -23.14
C THR A 35 -90.45 59.63 -21.96
N ALA A 36 -91.48 60.44 -21.72
CA ALA A 36 -91.42 61.43 -20.65
C ALA A 36 -91.36 60.76 -19.29
N VAL A 37 -92.25 59.79 -19.03
CA VAL A 37 -92.25 59.12 -17.73
C VAL A 37 -90.98 58.30 -17.56
N THR A 38 -90.47 57.70 -18.63
CA THR A 38 -89.21 56.98 -18.56
C THR A 38 -88.08 57.91 -18.16
N ALA A 39 -88.00 59.09 -18.79
CA ALA A 39 -86.97 60.06 -18.42
C ALA A 39 -87.14 60.51 -16.98
N VAL A 40 -88.38 60.68 -16.53
CA VAL A 40 -88.62 61.11 -15.16
C VAL A 40 -88.11 60.07 -14.17
N ILE A 41 -88.41 58.79 -14.44
CA ILE A 41 -87.92 57.73 -13.55
C ILE A 41 -86.40 57.69 -13.56
N VAL A 42 -85.79 57.83 -14.75
CA VAL A 42 -84.33 57.79 -14.83
C VAL A 42 -83.71 58.93 -14.04
N ILE A 43 -84.24 60.14 -14.18
CA ILE A 43 -83.64 61.28 -13.50
C ILE A 43 -83.89 61.21 -11.99
N ALA A 44 -85.04 60.67 -11.57
CA ALA A 44 -85.28 60.48 -10.14
C ALA A 44 -84.29 59.50 -9.55
N LEU A 45 -84.05 58.39 -10.25
CA LEU A 45 -83.05 57.42 -9.78
C LEU A 45 -81.66 58.04 -9.72
N ALA A 46 -81.29 58.80 -10.76
CA ALA A 46 -79.96 59.40 -10.78
C ALA A 46 -79.79 60.41 -9.64
N PHE A 47 -80.82 61.23 -9.39
CA PHE A 47 -80.71 62.22 -8.33
C PHE A 47 -80.69 61.55 -6.96
N TYR A 48 -81.49 60.50 -6.76
CA TYR A 48 -81.45 59.80 -5.48
C TYR A 48 -80.09 59.16 -5.25
N LEU A 49 -79.52 58.55 -6.30
CA LEU A 49 -78.21 57.91 -6.16
C LEU A 49 -77.10 58.93 -5.94
N ARG A 50 -77.18 60.10 -6.59
CA ARG A 50 -76.12 61.08 -6.51
C ARG A 50 -75.82 61.46 -5.06
N ALA A 51 -76.85 61.52 -4.23
CA ALA A 51 -76.67 61.77 -2.80
C ALA A 51 -76.61 60.50 -1.97
N LYS A 52 -77.19 59.40 -2.46
CA LYS A 52 -77.18 58.15 -1.70
C LYS A 52 -75.92 57.35 -1.94
N VAL A 53 -75.14 57.70 -2.98
CA VAL A 53 -73.95 56.91 -3.31
C VAL A 53 -72.82 57.25 -2.35
N THR A 54 -71.97 56.25 -2.09
CA THR A 54 -70.79 56.43 -1.26
C THR A 54 -69.69 55.49 -1.77
N SER A 55 -68.48 56.03 -1.88
CA SER A 55 -67.36 55.24 -2.39
C SER A 55 -66.81 54.28 -1.36
N THR A 56 -66.89 54.64 -0.08
CA THR A 56 -66.31 53.84 0.99
C THR A 56 -67.35 53.17 1.88
N GLY A 57 -68.55 53.73 1.97
CA GLY A 57 -69.59 53.15 2.79
C GLY A 57 -70.33 52.03 2.08
N VAL A 58 -71.66 52.03 2.15
CA VAL A 58 -72.48 50.93 1.64
C VAL A 58 -72.77 51.21 0.16
N PRO A 59 -72.24 50.40 -0.79
CA PRO A 59 -72.61 50.51 -2.20
C PRO A 59 -73.78 49.59 -2.56
N SER A 60 -74.86 49.67 -1.79
CA SER A 60 -75.98 48.75 -1.95
C SER A 60 -77.03 49.34 -2.89
N GLY A 61 -77.46 48.55 -3.87
CA GLY A 61 -78.45 48.99 -4.82
C GLY A 61 -78.02 48.77 -6.25
N VAL A 62 -78.46 49.65 -7.15
CA VAL A 62 -78.11 49.54 -8.57
C VAL A 62 -76.76 50.16 -8.88
N GLN A 63 -76.15 50.87 -7.94
CA GLN A 63 -74.87 51.50 -8.21
C GLN A 63 -73.78 50.47 -8.52
N LEU A 64 -73.75 49.38 -7.75
CA LEU A 64 -72.76 48.33 -8.01
C LEU A 64 -72.98 47.71 -9.37
N PHE A 65 -74.24 47.55 -9.78
CA PHE A 65 -74.52 47.09 -11.14
C PHE A 65 -74.01 48.09 -12.17
N TRP A 66 -74.13 49.39 -11.87
CA TRP A 66 -73.62 50.39 -12.79
C TRP A 66 -72.10 50.30 -12.94
N GLU A 67 -71.39 50.09 -11.83
CA GLU A 67 -69.93 49.93 -11.95
C GLU A 67 -69.56 48.62 -12.64
N ALA A 68 -70.35 47.57 -12.43
CA ALA A 68 -70.10 46.33 -13.18
C ALA A 68 -70.28 46.56 -14.67
N LEU A 69 -71.32 47.29 -15.05
CA LEU A 69 -71.54 47.60 -16.46
C LEU A 69 -70.39 48.44 -17.02
N THR A 70 -69.93 49.44 -16.26
CA THR A 70 -68.87 50.29 -16.76
C THR A 70 -67.55 49.53 -16.87
N ILE A 71 -67.28 48.62 -15.93
CA ILE A 71 -66.03 47.86 -16.02
C ILE A 71 -66.07 46.89 -17.20
N GLN A 72 -67.23 46.28 -17.45
CA GLN A 72 -67.34 45.37 -18.59
C GLN A 72 -67.20 46.12 -19.91
N MET A 73 -67.89 47.25 -20.04
CA MET A 73 -67.80 48.02 -21.27
C MET A 73 -66.39 48.57 -21.49
N ARG A 74 -65.72 49.01 -20.42
CA ARG A 74 -64.35 49.47 -20.56
C ARG A 74 -63.43 48.33 -20.97
N GLN A 75 -63.61 47.15 -20.36
CA GLN A 75 -62.79 46.00 -20.72
C GLN A 75 -62.93 45.69 -22.21
N GLN A 76 -64.17 45.63 -22.70
CA GLN A 76 -64.34 45.32 -24.12
C GLN A 76 -63.87 46.46 -25.02
N ILE A 77 -63.98 47.72 -24.57
CA ILE A 77 -63.62 48.82 -25.46
C ILE A 77 -62.10 48.97 -25.60
N GLU A 78 -61.35 48.79 -24.51
CA GLU A 78 -59.91 48.69 -24.71
C GLU A 78 -59.48 47.32 -25.23
N GLY A 79 -60.39 46.34 -25.27
CA GLY A 79 -60.16 45.19 -26.13
C GLY A 79 -60.33 45.56 -27.59
N SER A 80 -61.10 46.61 -27.87
CA SER A 80 -61.36 47.03 -29.25
C SER A 80 -60.64 48.31 -29.62
N ILE A 81 -60.89 49.43 -28.91
CA ILE A 81 -60.38 50.72 -29.35
C ILE A 81 -59.51 51.38 -28.29
N GLY A 82 -60.09 51.69 -27.13
CA GLY A 82 -59.38 52.43 -26.11
C GLY A 82 -60.11 53.67 -25.63
N MET A 83 -59.76 54.16 -24.43
CA MET A 83 -60.47 55.30 -23.86
C MET A 83 -60.08 56.61 -24.54
N LYS A 84 -58.78 56.81 -24.79
CA LYS A 84 -58.31 58.12 -25.20
C LYS A 84 -58.79 58.49 -26.59
N ILE A 85 -58.97 57.51 -27.47
CA ILE A 85 -59.48 57.79 -28.80
C ILE A 85 -60.94 58.22 -28.73
N ALA A 86 -61.71 57.62 -27.82
CA ALA A 86 -63.15 57.84 -27.77
C ALA A 86 -63.51 58.87 -26.71
N PRO A 87 -63.99 60.04 -27.09
CA PRO A 87 -64.44 61.03 -26.10
C PRO A 87 -65.87 60.74 -25.64
N PHE A 88 -66.00 60.27 -24.39
CA PHE A 88 -67.27 60.12 -23.69
C PHE A 88 -68.42 59.58 -24.53
N VAL A 89 -68.16 58.55 -25.34
CA VAL A 89 -69.24 57.86 -26.06
C VAL A 89 -69.73 56.63 -25.29
N LEU A 90 -68.86 56.03 -24.49
CA LEU A 90 -69.30 54.97 -23.58
C LEU A 90 -70.49 55.39 -22.72
N PRO A 91 -70.52 56.59 -22.12
CA PRO A 91 -71.75 57.01 -21.44
C PRO A 91 -72.96 57.00 -22.36
N LEU A 92 -72.81 57.41 -23.62
CA LEU A 92 -73.94 57.38 -24.53
C LEU A 92 -74.46 55.96 -24.71
N SER A 93 -73.55 55.01 -24.91
CA SER A 93 -73.96 53.63 -25.10
C SER A 93 -74.68 53.09 -23.87
N VAL A 94 -74.13 53.35 -22.68
CA VAL A 94 -74.75 52.78 -21.49
C VAL A 94 -76.10 53.44 -21.21
N THR A 95 -76.21 54.75 -21.45
CA THR A 95 -77.48 55.41 -21.21
C THR A 95 -78.55 54.97 -22.20
N ILE A 96 -78.21 54.77 -23.47
CA ILE A 96 -79.22 54.26 -24.39
C ILE A 96 -79.62 52.83 -24.01
N PHE A 97 -78.65 52.03 -23.58
CA PHE A 97 -78.96 50.68 -23.08
C PHE A 97 -79.94 50.74 -21.92
N VAL A 98 -79.62 51.54 -20.90
CA VAL A 98 -80.44 51.61 -19.71
C VAL A 98 -81.83 52.15 -20.03
N PHE A 99 -81.90 53.16 -20.90
CA PHE A 99 -83.19 53.73 -21.27
C PHE A 99 -84.06 52.71 -21.98
N ILE A 100 -83.48 51.96 -22.92
CA ILE A 100 -84.26 50.94 -23.62
C ILE A 100 -84.69 49.84 -22.65
N LEU A 101 -83.80 49.47 -21.73
CA LEU A 101 -84.12 48.41 -20.77
C LEU A 101 -85.29 48.83 -19.88
N ILE A 102 -85.22 50.02 -19.30
CA ILE A 102 -86.32 50.46 -18.44
C ILE A 102 -87.58 50.66 -19.26
N SER A 103 -87.47 51.12 -20.50
CA SER A 103 -88.65 51.29 -21.35
C SER A 103 -89.35 49.96 -21.56
N ASN A 104 -88.61 48.95 -22.02
CA ASN A 104 -89.23 47.67 -22.33
C ASN A 104 -89.55 46.86 -21.08
N TRP A 105 -89.00 47.22 -19.92
CA TRP A 105 -89.40 46.60 -18.67
C TRP A 105 -90.55 47.33 -18.00
N LEU A 106 -90.89 48.53 -18.47
CA LEU A 106 -92.11 49.18 -18.00
C LEU A 106 -93.36 48.48 -18.51
N ALA A 107 -93.22 47.60 -19.50
CA ALA A 107 -94.36 46.84 -20.01
C ALA A 107 -94.77 45.70 -19.10
N VAL A 108 -94.02 45.44 -18.02
CA VAL A 108 -94.36 44.35 -17.11
C VAL A 108 -95.68 44.63 -16.41
N LEU A 109 -95.95 45.89 -16.09
CA LEU A 109 -97.16 46.22 -15.35
C LEU A 109 -98.40 45.90 -16.16
N PRO A 110 -99.35 45.12 -15.63
CA PRO A 110 -100.61 44.85 -16.34
C PRO A 110 -101.60 45.99 -16.19
N LEU A 111 -101.20 47.16 -16.71
CA LEU A 111 -102.00 48.38 -16.61
C LEU A 111 -103.21 48.38 -17.54
N GLN A 112 -103.55 47.24 -18.12
CA GLN A 112 -104.70 47.17 -19.01
C GLN A 112 -105.99 47.43 -18.25
N TYR A 113 -106.93 48.06 -18.93
CA TYR A 113 -108.26 48.34 -18.36
C TYR A 113 -109.03 47.06 -18.10
N LEU A 123 -103.30 53.46 -18.19
CA LEU A 123 -102.84 52.31 -18.97
C LEU A 123 -101.51 52.63 -19.66
N TYR A 124 -100.55 51.72 -19.53
CA TYR A 124 -99.27 51.86 -20.21
C TYR A 124 -99.34 51.23 -21.59
N LYS A 125 -98.99 51.99 -22.62
CA LYS A 125 -98.90 51.45 -23.96
C LYS A 125 -97.49 50.92 -24.21
N ALA A 126 -97.22 50.46 -25.42
CA ALA A 126 -95.92 49.89 -25.72
C ALA A 126 -94.87 51.00 -25.81
N PRO A 127 -93.76 50.90 -25.09
CA PRO A 127 -92.70 51.91 -25.19
C PRO A 127 -92.12 51.94 -26.60
N ALA A 128 -91.97 53.16 -27.13
CA ALA A 128 -91.42 53.36 -28.47
C ALA A 128 -92.18 52.55 -29.52
N SER A 129 -93.50 52.43 -29.32
CA SER A 129 -94.32 51.68 -30.25
C SER A 129 -94.42 52.36 -31.62
N ASP A 130 -94.17 53.66 -31.68
CA ASP A 130 -94.19 54.39 -32.93
C ASP A 130 -92.87 54.23 -33.66
N ILE A 131 -92.93 54.28 -34.99
CA ILE A 131 -91.73 54.26 -35.80
C ILE A 131 -90.90 55.53 -35.59
N ASN A 132 -91.53 56.59 -35.08
CA ASN A 132 -90.86 57.88 -34.99
C ASN A 132 -89.67 57.83 -34.04
N PHE A 133 -89.86 57.29 -32.84
CA PHE A 133 -88.78 57.23 -31.87
C PHE A 133 -87.62 56.37 -32.37
N VAL A 134 -87.92 55.21 -32.95
CA VAL A 134 -86.85 54.32 -33.37
C VAL A 134 -86.10 54.91 -34.56
N LEU A 135 -86.82 55.52 -35.51
CA LEU A 135 -86.13 56.15 -36.63
C LEU A 135 -85.29 57.34 -36.16
N ALA A 136 -85.80 58.08 -35.17
CA ALA A 136 -85.02 59.18 -34.62
C ALA A 136 -83.74 58.68 -33.97
N LEU A 137 -83.84 57.60 -33.19
CA LEU A 137 -82.66 57.04 -32.55
C LEU A 137 -81.66 56.52 -33.58
N ALA A 138 -82.16 55.85 -34.62
CA ALA A 138 -81.28 55.36 -35.68
C ALA A 138 -80.57 56.52 -36.38
N LEU A 139 -81.30 57.58 -36.69
CA LEU A 139 -80.68 58.73 -37.34
C LEU A 139 -79.68 59.40 -36.41
N PHE A 140 -79.98 59.44 -35.10
CA PHE A 140 -79.08 60.07 -34.15
C PHE A 140 -77.75 59.32 -34.07
N VAL A 141 -77.80 58.01 -33.89
CA VAL A 141 -76.56 57.24 -33.84
C VAL A 141 -75.86 57.28 -35.20
N PHE A 142 -76.63 57.30 -36.29
CA PHE A 142 -76.06 57.37 -37.63
C PHE A 142 -75.24 58.64 -37.79
N VAL A 143 -75.82 59.80 -37.48
CA VAL A 143 -75.08 61.05 -37.62
C VAL A 143 -73.95 61.10 -36.60
N CYS A 144 -74.14 60.50 -35.42
CA CYS A 144 -73.10 60.54 -34.40
C CYS A 144 -71.83 59.84 -34.87
N TYR A 145 -71.96 58.68 -35.51
CA TYR A 145 -70.74 58.04 -36.03
C TYR A 145 -70.29 58.63 -37.36
N HIS A 146 -71.24 59.13 -38.17
CA HIS A 146 -70.88 59.72 -39.46
C HIS A 146 -70.03 60.95 -39.28
N ALA A 147 -70.35 61.80 -38.29
CA ALA A 147 -69.57 63.01 -38.08
C ALA A 147 -68.13 62.68 -37.70
N ALA A 148 -67.94 61.71 -36.80
CA ALA A 148 -66.59 61.30 -36.43
C ALA A 148 -65.85 60.70 -37.62
N GLY A 149 -66.53 59.85 -38.39
CA GLY A 149 -65.88 59.24 -39.55
C GLY A 149 -65.47 60.26 -40.59
N ILE A 150 -66.30 61.28 -40.81
CA ILE A 150 -65.97 62.32 -41.77
C ILE A 150 -64.83 63.19 -41.24
N TRP A 151 -64.86 63.54 -39.94
CA TRP A 151 -63.90 64.51 -39.42
C TRP A 151 -62.53 63.88 -39.20
N ARG A 152 -62.45 62.85 -38.37
CA ARG A 152 -61.15 62.30 -37.99
C ARG A 152 -60.43 61.68 -39.19
N ARG A 153 -61.16 60.88 -39.98
CA ARG A 153 -60.55 60.27 -41.16
C ARG A 153 -60.19 61.31 -42.20
N GLY A 154 -61.07 62.29 -42.41
CA GLY A 154 -60.84 63.36 -43.36
C GLY A 154 -61.98 63.49 -44.35
N ILE A 155 -61.94 64.59 -45.09
CA ILE A 155 -62.97 64.86 -46.09
C ILE A 155 -62.93 63.81 -47.18
N VAL A 156 -61.74 63.42 -47.63
CA VAL A 156 -61.59 62.44 -48.70
C VAL A 156 -61.36 61.02 -48.17
N GLY A 157 -61.09 60.86 -46.87
CA GLY A 157 -60.87 59.52 -46.34
C GLY A 157 -62.13 58.67 -46.36
N HIS A 158 -63.26 59.26 -45.98
CA HIS A 158 -64.52 58.51 -45.98
C HIS A 158 -64.94 58.05 -47.38
N PRO A 159 -64.89 58.88 -48.43
CA PRO A 159 -65.27 58.36 -49.76
C PRO A 159 -64.40 57.19 -50.23
N ILE A 160 -63.08 57.26 -50.03
CA ILE A 160 -62.23 56.16 -50.47
C ILE A 160 -62.41 54.94 -49.58
N LYS A 161 -62.73 55.14 -48.30
CA LYS A 161 -62.96 54.01 -47.40
C LYS A 161 -64.29 53.33 -47.69
N VAL A 162 -65.29 54.09 -48.17
CA VAL A 162 -66.60 53.52 -48.44
C VAL A 162 -66.78 53.09 -49.90
N VAL A 163 -65.87 53.48 -50.78
CA VAL A 163 -65.94 53.09 -52.19
C VAL A 163 -64.92 52.01 -52.53
N LYS A 164 -63.65 52.22 -52.15
CA LYS A 164 -62.61 51.25 -52.39
C LYS A 164 -62.02 50.64 -51.13
N GLY A 165 -62.36 51.16 -49.94
CA GLY A 165 -61.89 50.55 -48.71
C GLY A 165 -62.48 49.16 -48.50
N HIS A 166 -63.73 48.97 -48.91
CA HIS A 166 -64.41 47.69 -48.80
C HIS A 166 -64.20 46.89 -50.09
N VAL A 167 -64.98 45.83 -50.27
CA VAL A 167 -64.89 45.01 -51.47
C VAL A 167 -65.11 45.87 -52.71
N ALA A 168 -64.26 45.67 -53.72
CA ALA A 168 -64.34 46.44 -54.95
C ALA A 168 -65.61 46.11 -55.73
N PHE A 169 -66.04 47.08 -56.54
CA PHE A 169 -67.20 46.93 -57.41
C PHE A 169 -68.48 46.68 -56.61
N LEU A 170 -68.53 47.16 -55.37
CA LEU A 170 -69.70 47.00 -54.53
C LEU A 170 -69.99 48.27 -53.73
N ALA A 171 -69.59 49.44 -54.27
CA ALA A 171 -69.80 50.68 -53.54
C ALA A 171 -71.27 51.01 -53.32
N PRO A 172 -72.16 50.96 -54.32
CA PRO A 172 -73.56 51.32 -54.05
C PRO A 172 -74.25 50.38 -53.08
N ILE A 173 -74.03 49.07 -53.23
CA ILE A 173 -74.66 48.12 -52.32
C ILE A 173 -74.11 48.28 -50.91
N ASN A 174 -72.81 48.57 -50.79
CA ASN A 174 -72.24 48.82 -49.47
C ASN A 174 -72.86 50.08 -48.85
N ILE A 175 -73.04 51.13 -49.65
CA ILE A 175 -73.61 52.37 -49.12
C ILE A 175 -75.04 52.12 -48.65
N VAL A 176 -75.85 51.43 -49.46
CA VAL A 176 -77.24 51.21 -49.06
C VAL A 176 -77.32 50.25 -47.89
N GLU A 177 -76.42 49.27 -47.80
CA GLU A 177 -76.42 48.38 -46.64
C GLU A 177 -76.07 49.13 -45.37
N GLU A 178 -75.07 50.01 -45.42
CA GLU A 178 -74.74 50.82 -44.27
C GLU A 178 -75.87 51.77 -43.91
N LEU A 179 -76.64 52.22 -44.90
CA LEU A 179 -77.79 53.07 -44.62
C LEU A 179 -78.92 52.27 -43.96
N ALA A 180 -79.10 51.02 -44.38
CA ALA A 180 -80.22 50.21 -43.92
C ALA A 180 -79.93 49.45 -42.64
N LYS A 181 -78.67 49.35 -42.22
CA LYS A 181 -78.38 48.68 -40.95
C LYS A 181 -79.02 49.39 -39.76
N PRO A 182 -78.91 50.71 -39.60
CA PRO A 182 -79.77 51.37 -38.61
C PRO A 182 -81.25 51.21 -38.93
N ILE A 183 -81.61 51.20 -40.21
CA ILE A 183 -82.99 50.89 -40.59
C ILE A 183 -83.32 49.46 -40.20
N SER A 184 -82.35 48.55 -40.33
CA SER A 184 -82.57 47.18 -39.89
C SER A 184 -82.85 47.12 -38.39
N LEU A 185 -82.09 47.87 -37.60
CA LEU A 185 -82.34 47.90 -36.16
C LEU A 185 -83.70 48.50 -35.85
N ALA A 186 -84.06 49.57 -36.56
CA ALA A 186 -85.37 50.19 -36.35
C ALA A 186 -86.48 49.19 -36.65
N LEU A 187 -86.38 48.47 -37.77
CA LEU A 187 -87.43 47.54 -38.12
C LEU A 187 -87.46 46.34 -37.19
N ARG A 188 -86.30 45.87 -36.71
CA ARG A 188 -86.32 44.75 -35.77
C ARG A 188 -86.96 45.17 -34.45
N LEU A 189 -86.66 46.38 -33.97
CA LEU A 189 -87.28 46.88 -32.75
C LEU A 189 -88.79 47.02 -32.94
N PHE A 190 -89.21 47.59 -34.08
CA PHE A 190 -90.62 47.76 -34.34
C PHE A 190 -91.32 46.41 -34.44
N GLY A 191 -90.67 45.41 -35.06
CA GLY A 191 -91.25 44.09 -35.14
C GLY A 191 -91.42 43.46 -33.78
N ASN A 192 -90.40 43.56 -32.93
CA ASN A 192 -90.52 43.03 -31.57
C ASN A 192 -91.68 43.68 -30.83
N ILE A 193 -91.74 45.02 -30.86
CA ILE A 193 -92.77 45.73 -30.12
C ILE A 193 -94.16 45.40 -30.66
N PHE A 194 -94.30 45.39 -31.99
CA PHE A 194 -95.59 45.12 -32.61
C PHE A 194 -96.03 43.69 -32.33
N ALA A 195 -95.11 42.73 -32.41
CA ALA A 195 -95.46 41.34 -32.12
C ALA A 195 -95.89 41.18 -30.67
N GLY A 196 -95.16 41.80 -29.74
CA GLY A 196 -95.58 41.73 -28.35
C GLY A 196 -96.94 42.33 -28.11
N GLY A 197 -97.19 43.51 -28.68
CA GLY A 197 -98.48 44.15 -28.50
C GLY A 197 -99.62 43.32 -29.07
N ILE A 198 -99.45 42.79 -30.28
CA ILE A 198 -100.52 42.03 -30.89
C ILE A 198 -100.71 40.69 -30.18
N LEU A 199 -99.64 40.08 -29.68
CA LEU A 199 -99.80 38.84 -28.93
C LEU A 199 -100.56 39.09 -27.64
N VAL A 200 -100.24 40.18 -26.94
CA VAL A 200 -100.99 40.55 -25.74
C VAL A 200 -102.46 40.79 -26.09
N ALA A 201 -102.71 41.47 -27.22
CA ALA A 201 -104.08 41.77 -27.62
C ALA A 201 -104.87 40.50 -27.92
N LEU A 202 -104.32 39.62 -28.75
CA LEU A 202 -105.03 38.39 -29.09
C LEU A 202 -105.18 37.48 -27.88
N ILE A 203 -104.32 37.63 -26.88
CA ILE A 203 -104.55 36.97 -25.61
C ILE A 203 -105.73 37.61 -24.88
N ALA A 204 -105.84 38.93 -24.95
CA ALA A 204 -106.84 39.67 -24.18
C ALA A 204 -108.23 39.64 -24.80
N MET A 205 -108.37 39.30 -26.07
CA MET A 205 -109.69 39.25 -26.70
C MET A 205 -110.62 38.26 -25.99
N PHE A 206 -110.12 37.06 -25.68
CA PHE A 206 -110.93 36.10 -24.96
C PHE A 206 -111.21 36.61 -23.54
N PRO A 207 -112.42 36.37 -23.02
CA PRO A 207 -112.79 36.90 -21.70
C PRO A 207 -112.13 36.15 -20.56
N TRP A 208 -112.51 36.48 -19.33
CA TRP A 208 -111.93 35.87 -18.15
C TRP A 208 -112.21 34.36 -18.13
N TYR A 209 -111.36 33.64 -17.40
CA TYR A 209 -111.32 32.18 -17.28
C TYR A 209 -110.85 31.50 -18.55
N ILE A 210 -110.61 32.24 -19.63
CA ILE A 210 -110.07 31.70 -20.87
C ILE A 210 -108.79 32.45 -21.20
N GLN A 211 -107.71 31.71 -21.44
CA GLN A 211 -106.42 32.27 -21.85
C GLN A 211 -105.86 33.21 -20.77
N TRP A 212 -105.59 32.65 -19.60
CA TRP A 212 -104.89 33.36 -18.54
C TRP A 212 -103.51 32.78 -18.26
N PHE A 213 -103.37 31.46 -18.20
CA PHE A 213 -102.05 30.84 -18.09
C PHE A 213 -101.14 31.15 -19.26
N PRO A 214 -101.58 31.08 -20.53
CA PRO A 214 -100.71 31.53 -21.61
C PRO A 214 -100.27 32.96 -21.46
N ASN A 215 -101.11 33.82 -20.89
CA ASN A 215 -100.69 35.19 -20.61
C ASN A 215 -99.53 35.22 -19.62
N ALA A 216 -99.60 34.39 -18.57
CA ALA A 216 -98.52 34.34 -17.60
C ALA A 216 -97.23 33.86 -18.24
N VAL A 217 -97.31 32.85 -19.10
CA VAL A 217 -96.10 32.36 -19.77
C VAL A 217 -95.54 33.42 -20.71
N TRP A 218 -96.42 34.09 -21.47
CA TRP A 218 -95.97 35.14 -22.37
C TRP A 218 -95.35 36.30 -21.62
N LYS A 219 -95.78 36.55 -20.38
CA LYS A 219 -95.16 37.62 -19.61
C LYS A 219 -93.66 37.38 -19.44
N THR A 220 -93.29 36.19 -18.93
CA THR A 220 -91.88 35.92 -18.70
C THR A 220 -91.12 35.78 -20.01
N PHE A 221 -91.75 35.21 -21.04
CA PHE A 221 -91.03 35.10 -22.32
C PHE A 221 -90.80 36.48 -22.95
N ASP A 222 -91.77 37.38 -22.82
CA ASP A 222 -91.58 38.74 -23.32
C ASP A 222 -90.49 39.46 -22.53
N LEU A 223 -90.44 39.22 -21.21
CA LEU A 223 -89.35 39.79 -20.42
C LEU A 223 -87.99 39.31 -20.92
N PHE A 224 -87.89 38.01 -21.19
CA PHE A 224 -86.64 37.46 -21.71
C PHE A 224 -86.29 38.07 -23.05
N VAL A 225 -87.28 38.18 -23.94
CA VAL A 225 -87.05 38.75 -25.27
C VAL A 225 -86.59 40.19 -25.16
N GLY A 226 -87.24 40.97 -24.30
CA GLY A 226 -86.86 42.37 -24.13
C GLY A 226 -85.44 42.52 -23.62
N LEU A 227 -85.08 41.75 -22.59
CA LEU A 227 -83.74 41.89 -22.04
C LEU A 227 -82.67 41.47 -23.05
N ILE A 228 -82.89 40.35 -23.75
CA ILE A 228 -81.89 39.90 -24.72
C ILE A 228 -81.78 40.88 -25.88
N GLN A 229 -82.92 41.44 -26.31
CA GLN A 229 -82.90 42.41 -27.40
C GLN A 229 -82.17 43.68 -26.99
N ALA A 230 -82.38 44.13 -25.76
CA ALA A 230 -81.65 45.30 -25.28
C ALA A 230 -80.15 45.05 -25.26
N PHE A 231 -79.74 43.88 -24.76
CA PHE A 231 -78.31 43.58 -24.71
C PHE A 231 -77.71 43.52 -26.11
N ILE A 232 -78.38 42.84 -27.04
CA ILE A 232 -77.81 42.73 -28.37
C ILE A 232 -77.81 44.08 -29.08
N PHE A 233 -78.81 44.93 -28.82
CA PHE A 233 -78.80 46.26 -29.39
C PHE A 233 -77.62 47.07 -28.87
N SER A 234 -77.35 46.99 -27.56
CA SER A 234 -76.19 47.69 -27.02
C SER A 234 -74.90 47.19 -27.65
N LEU A 235 -74.78 45.87 -27.83
CA LEU A 235 -73.58 45.32 -28.47
C LEU A 235 -73.44 45.81 -29.90
N LEU A 236 -74.57 45.92 -30.63
CA LEU A 236 -74.51 46.41 -32.00
C LEU A 236 -74.13 47.88 -32.04
N THR A 237 -74.59 48.68 -31.07
CA THR A 237 -74.14 50.07 -30.98
C THR A 237 -72.64 50.15 -30.76
N ILE A 238 -72.12 49.28 -29.87
CA ILE A 238 -70.68 49.22 -29.66
C ILE A 238 -69.96 48.86 -30.95
N LEU A 239 -70.51 47.89 -31.69
CA LEU A 239 -69.91 47.49 -32.96
C LEU A 239 -69.90 48.65 -33.94
N TYR A 240 -70.99 49.41 -33.99
CA TYR A 240 -71.04 50.59 -34.85
C TYR A 240 -69.93 51.57 -34.50
N PHE A 241 -69.78 51.90 -33.21
CA PHE A 241 -68.76 52.87 -32.85
C PHE A 241 -67.36 52.35 -33.17
N SER A 242 -67.13 51.06 -32.91
CA SER A 242 -65.82 50.46 -33.21
C SER A 242 -65.53 50.47 -34.70
N GLN A 243 -66.53 50.16 -35.53
CA GLN A 243 -66.32 50.07 -36.97
C GLN A 243 -66.14 51.45 -37.59
N SER A 244 -66.90 52.44 -37.13
CA SER A 244 -66.84 53.76 -37.73
C SER A 244 -65.80 54.68 -37.08
N MET A 245 -65.20 54.27 -35.96
CA MET A 245 -64.24 55.15 -35.30
C MET A 245 -62.86 55.05 -35.93
N GLU A 246 -62.54 53.91 -36.53
CA GLU A 246 -61.21 53.69 -37.11
C GLU A 246 -60.96 54.61 -38.29
N GLY B 20 -109.35 50.97 -33.65
CA GLY B 20 -108.59 51.69 -34.66
C GLY B 20 -107.14 51.91 -34.26
N GLY B 21 -106.50 50.86 -33.76
CA GLY B 21 -105.13 50.94 -33.34
C GLY B 21 -104.16 50.83 -34.49
N SER B 22 -102.86 50.88 -34.15
CA SER B 22 -101.77 50.77 -35.11
C SER B 22 -101.87 51.89 -36.17
N ASN B 23 -101.76 53.12 -35.70
CA ASN B 23 -101.83 54.31 -36.53
C ASN B 23 -100.45 54.91 -36.69
N PHE B 24 -100.06 55.19 -37.94
CA PHE B 24 -98.76 55.77 -38.25
C PHE B 24 -98.91 57.28 -38.44
N LEU B 25 -98.14 58.04 -37.66
CA LEU B 25 -98.24 59.50 -37.69
C LEU B 25 -96.84 60.09 -37.55
N ILE B 26 -96.79 61.42 -37.58
CA ILE B 26 -95.55 62.18 -37.51
C ILE B 26 -95.01 62.12 -36.09
N PRO B 27 -93.71 62.37 -35.87
CA PRO B 27 -93.16 62.30 -34.50
C PRO B 27 -93.78 63.35 -33.60
N ASN B 28 -93.90 63.00 -32.32
CA ASN B 28 -94.42 63.93 -31.33
C ASN B 28 -93.50 65.13 -31.18
N GLY B 29 -92.20 64.90 -31.16
CA GLY B 29 -91.21 65.95 -31.01
C GLY B 29 -90.45 65.94 -29.70
N THR B 30 -90.94 65.25 -28.68
CA THR B 30 -90.28 65.16 -27.39
C THR B 30 -89.11 64.18 -27.40
N PHE B 31 -88.69 63.73 -28.58
CA PHE B 31 -87.63 62.74 -28.68
C PHE B 31 -86.28 63.27 -28.23
N PHE B 32 -86.07 64.59 -28.20
CA PHE B 32 -84.86 65.13 -27.60
C PHE B 32 -84.84 64.99 -26.09
N ALA B 33 -86.01 64.86 -25.44
CA ALA B 33 -86.09 65.02 -23.99
C ALA B 33 -85.16 64.04 -23.27
N VAL B 34 -85.27 62.75 -23.56
CA VAL B 34 -84.39 61.78 -22.93
C VAL B 34 -82.95 62.07 -23.28
N LEU B 35 -82.70 62.49 -24.53
CA LEU B 35 -81.37 62.94 -24.93
C LEU B 35 -80.85 63.98 -23.95
N ILE B 36 -81.67 65.00 -23.68
CA ILE B 36 -81.27 66.05 -22.75
C ILE B 36 -80.90 65.44 -21.40
N ILE B 37 -81.72 64.47 -20.94
CA ILE B 37 -81.43 63.80 -19.68
C ILE B 37 -80.04 63.21 -19.72
N PHE B 38 -79.71 62.49 -20.80
CA PHE B 38 -78.36 61.97 -20.98
C PHE B 38 -77.33 63.03 -20.59
N LEU B 39 -77.41 64.20 -21.21
CA LEU B 39 -76.42 65.23 -20.96
C LEU B 39 -76.21 65.44 -19.47
N ILE B 40 -77.29 65.76 -18.74
CA ILE B 40 -77.12 66.02 -17.32
C ILE B 40 -76.61 64.78 -16.61
N VAL B 41 -77.19 63.62 -16.93
CA VAL B 41 -76.70 62.38 -16.33
C VAL B 41 -75.25 62.17 -16.68
N LEU B 42 -74.90 62.44 -17.95
CA LEU B 42 -73.50 62.36 -18.36
C LEU B 42 -72.64 63.21 -17.45
N GLY B 43 -73.06 64.45 -17.20
CA GLY B 43 -72.33 65.31 -16.28
C GLY B 43 -72.20 64.66 -14.92
N VAL B 44 -73.33 64.15 -14.40
CA VAL B 44 -73.29 63.42 -13.14
C VAL B 44 -72.37 62.21 -13.28
N ILE B 45 -72.50 61.49 -14.40
CA ILE B 45 -71.57 60.40 -14.68
C ILE B 45 -70.16 60.93 -14.76
N SER B 46 -69.97 62.05 -15.47
CA SER B 46 -68.66 62.65 -15.59
C SER B 46 -68.10 63.02 -14.22
N LYS B 47 -68.98 63.23 -13.24
CA LYS B 47 -68.52 63.57 -11.91
C LYS B 47 -68.38 62.35 -11.01
N TRP B 48 -69.00 61.23 -11.38
CA TRP B 48 -69.01 60.07 -10.52
C TRP B 48 -68.64 58.78 -11.27
N VAL B 49 -67.78 58.90 -12.28
CA VAL B 49 -67.26 57.69 -12.94
C VAL B 49 -65.93 57.27 -12.33
N VAL B 50 -65.05 58.22 -12.02
CA VAL B 50 -63.78 57.93 -11.36
C VAL B 50 -63.91 57.68 -9.86
N PRO B 51 -64.79 58.34 -9.10
CA PRO B 51 -64.80 58.13 -7.63
C PRO B 51 -64.97 56.68 -7.22
N PRO B 52 -65.81 55.86 -7.89
CA PRO B 52 -65.97 54.48 -7.42
C PRO B 52 -64.81 53.55 -7.77
N ILE B 53 -64.22 53.69 -8.95
CA ILE B 53 -63.29 52.70 -9.49
C ILE B 53 -61.85 53.20 -9.52
N SER B 54 -61.64 54.47 -9.88
CA SER B 54 -60.28 54.96 -10.07
C SER B 54 -59.49 54.93 -8.76
N LYS B 55 -60.11 55.35 -7.65
CA LYS B 55 -59.38 55.35 -6.38
C LYS B 55 -59.17 53.93 -5.88
N VAL B 56 -60.18 53.06 -6.03
CA VAL B 56 -60.04 51.69 -5.54
C VAL B 56 -59.08 50.89 -6.41
N LEU B 57 -58.78 51.38 -7.61
CA LEU B 57 -57.76 50.78 -8.45
C LEU B 57 -56.38 51.37 -8.24
N ALA B 58 -56.30 52.65 -7.87
CA ALA B 58 -55.03 53.36 -7.76
C ALA B 58 -54.46 53.37 -6.36
N GLU B 59 -55.08 52.67 -5.40
CA GLU B 59 -54.62 52.70 -4.03
C GLU B 59 -54.38 51.33 -3.42
N ARG B 60 -54.69 50.25 -4.13
CA ARG B 60 -54.46 48.91 -3.59
C ARG B 60 -53.09 48.34 -3.95
N GLU B 61 -52.27 49.10 -4.67
CA GLU B 61 -50.91 48.70 -4.96
C GLU B 61 -49.87 49.43 -4.12
N ALA B 62 -50.19 50.61 -3.62
CA ALA B 62 -49.28 51.31 -2.70
C ALA B 62 -49.11 50.52 -1.42
N MET B 63 -50.18 49.91 -0.93
CA MET B 63 -50.10 49.11 0.28
C MET B 63 -49.16 47.92 0.11
N LEU B 64 -49.23 47.24 -1.04
CA LEU B 64 -48.31 46.14 -1.27
C LEU B 64 -46.88 46.62 -1.54
N ALA B 65 -46.73 47.80 -2.15
CA ALA B 65 -45.39 48.36 -2.31
C ALA B 65 -44.75 48.66 -0.96
N LYS B 66 -45.53 49.25 -0.04
CA LYS B 66 -45.04 49.49 1.31
C LYS B 66 -44.72 48.18 2.02
N THR B 67 -45.56 47.16 1.84
CA THR B 67 -45.30 45.87 2.44
C THR B 67 -43.99 45.28 1.93
N ALA B 68 -43.76 45.37 0.62
CA ALA B 68 -42.51 44.85 0.04
C ALA B 68 -41.31 45.61 0.57
N ALA B 69 -41.43 46.93 0.71
CA ALA B 69 -40.32 47.70 1.27
C ALA B 69 -40.05 47.33 2.72
N ASP B 70 -41.10 47.20 3.53
CA ASP B 70 -40.93 46.92 4.95
C ASP B 70 -40.37 45.52 5.19
N ASN B 71 -40.78 44.54 4.37
CA ASN B 71 -40.33 43.17 4.57
C ASN B 71 -38.81 43.05 4.50
N ARG B 72 -38.14 43.96 3.79
CA ARG B 72 -36.71 43.91 3.63
C ARG B 72 -35.97 45.05 4.34
N LYS B 73 -36.67 46.11 4.75
CA LYS B 73 -35.99 47.20 5.43
C LYS B 73 -35.33 46.72 6.72
N SER B 74 -36.04 45.91 7.51
CA SER B 74 -35.48 45.45 8.78
C SER B 74 -34.26 44.55 8.55
N ALA B 75 -34.35 43.65 7.58
CA ALA B 75 -33.22 42.77 7.29
C ALA B 75 -32.01 43.57 6.81
N GLU B 76 -32.22 44.55 5.91
CA GLU B 76 -31.12 45.37 5.44
C GLU B 76 -30.50 46.16 6.58
N GLN B 77 -31.33 46.74 7.44
CA GLN B 77 -30.81 47.54 8.55
C GLN B 77 -30.02 46.69 9.53
N VAL B 78 -30.52 45.51 9.87
CA VAL B 78 -29.80 44.66 10.82
C VAL B 78 -28.50 44.15 10.21
N ALA B 79 -28.52 43.82 8.92
CA ALA B 79 -27.29 43.38 8.25
C ALA B 79 -26.26 44.50 8.25
N ALA B 80 -26.69 45.73 7.92
CA ALA B 80 -25.76 46.86 7.92
C ALA B 80 -25.23 47.14 9.32
N ALA B 81 -26.10 47.06 10.33
CA ALA B 81 -25.67 47.31 11.69
C ALA B 81 -24.64 46.27 12.14
N GLN B 82 -24.88 45.00 11.83
CA GLN B 82 -23.91 43.97 12.18
C GLN B 82 -22.60 44.15 11.43
N ALA B 83 -22.68 44.52 10.15
CA ALA B 83 -21.46 44.75 9.37
C ALA B 83 -20.65 45.90 9.96
N ASP B 84 -21.32 46.99 10.33
CA ASP B 84 -20.62 48.13 10.93
C ASP B 84 -20.04 47.77 12.28
N TYR B 85 -20.80 47.00 13.08
CA TYR B 85 -20.30 46.54 14.37
C TYR B 85 -19.01 45.74 14.20
N GLU B 86 -19.02 44.77 13.29
CA GLU B 86 -17.82 43.99 13.03
C GLU B 86 -16.68 44.87 12.53
N LYS B 87 -16.97 45.79 11.61
CA LYS B 87 -15.92 46.63 11.05
C LYS B 87 -15.26 47.47 12.13
N GLU B 88 -16.06 48.11 12.98
CA GLU B 88 -15.49 48.95 14.02
C GLU B 88 -14.73 48.12 15.05
N MET B 89 -15.28 46.96 15.44
CA MET B 89 -14.60 46.12 16.42
C MET B 89 -13.24 45.66 15.89
N ALA B 90 -13.21 45.16 14.66
CA ALA B 90 -11.96 44.68 14.08
C ALA B 90 -10.98 45.82 13.87
N GLU B 91 -11.47 46.99 13.42
CA GLU B 91 -10.58 48.12 13.22
C GLU B 91 -9.93 48.53 14.52
N ALA B 92 -10.72 48.63 15.60
CA ALA B 92 -10.16 49.05 16.88
C ALA B 92 -9.18 48.03 17.43
N ARG B 93 -9.53 46.74 17.34
CA ARG B 93 -8.61 45.71 17.82
C ARG B 93 -7.34 45.66 16.99
N ALA B 94 -7.44 45.87 15.68
CA ALA B 94 -6.25 45.91 14.85
C ALA B 94 -5.38 47.10 15.20
N GLN B 95 -5.99 48.26 15.45
CA GLN B 95 -5.22 49.43 15.85
C GLN B 95 -4.50 49.18 17.15
N ALA B 96 -5.19 48.59 18.12
CA ALA B 96 -4.58 48.28 19.41
C ALA B 96 -3.44 47.28 19.25
N SER B 97 -3.64 46.27 18.40
CA SER B 97 -2.60 45.27 18.19
C SER B 97 -1.37 45.87 17.52
N ALA B 98 -1.57 46.71 16.50
CA ALA B 98 -0.45 47.39 15.88
C ALA B 98 0.28 48.27 16.88
N LEU B 99 -0.48 48.99 17.71
CA LEU B 99 0.13 49.87 18.70
C LEU B 99 0.97 49.08 19.69
N ARG B 100 0.44 47.97 20.21
CA ARG B 100 1.21 47.18 21.17
C ARG B 100 2.43 46.55 20.51
N ASP B 101 2.30 46.07 19.27
CA ASP B 101 3.42 45.47 18.58
C ASP B 101 4.53 46.49 18.34
N GLU B 102 4.17 47.68 17.89
CA GLU B 102 5.18 48.70 17.62
C GLU B 102 5.81 49.21 18.91
N ALA B 103 5.02 49.32 19.98
CA ALA B 103 5.59 49.74 21.26
C ALA B 103 6.56 48.70 21.79
N ARG B 104 6.21 47.42 21.69
CA ARG B 104 7.11 46.36 22.11
C ARG B 104 8.40 46.35 21.28
N ALA B 105 8.27 46.51 19.96
CA ALA B 105 9.44 46.53 19.11
C ALA B 105 10.35 47.72 19.44
N ALA B 106 9.76 48.90 19.65
CA ALA B 106 10.55 50.08 19.99
C ALA B 106 11.22 49.91 21.34
N GLY B 107 10.51 49.33 22.30
CA GLY B 107 11.11 49.08 23.60
C GLY B 107 12.31 48.15 23.51
N ARG B 108 12.15 47.05 22.76
CA ARG B 108 13.26 46.14 22.56
C ARG B 108 14.44 46.85 21.89
N SER B 109 14.14 47.69 20.90
CA SER B 109 15.19 48.38 20.15
C SER B 109 15.98 49.33 21.04
N VAL B 110 15.26 50.17 21.81
CA VAL B 110 15.95 51.13 22.67
C VAL B 110 16.70 50.41 23.77
N VAL B 111 16.15 49.32 24.29
CA VAL B 111 16.86 48.55 25.31
C VAL B 111 18.14 47.95 24.74
N ASP B 112 18.07 47.44 23.51
CA ASP B 112 19.27 46.91 22.86
C ASP B 112 20.32 48.00 22.66
N GLU B 113 19.88 49.17 22.21
CA GLU B 113 20.82 50.27 21.99
C GLU B 113 21.49 50.68 23.30
N LYS B 114 20.71 50.80 24.38
CA LYS B 114 21.28 51.27 25.64
C LYS B 114 22.10 50.19 26.33
N ARG B 115 21.77 48.91 26.14
CA ARG B 115 22.66 47.88 26.66
C ARG B 115 23.95 47.82 25.86
N ALA B 116 23.91 48.09 24.55
CA ALA B 116 25.13 48.20 23.77
C ALA B 116 25.98 49.36 24.26
N GLN B 117 25.36 50.50 24.56
CA GLN B 117 26.12 51.63 25.08
C GLN B 117 26.67 51.34 26.47
N ALA B 118 25.95 50.58 27.30
CA ALA B 118 26.49 50.14 28.57
C ALA B 118 27.69 49.23 28.37
N SER B 119 27.62 48.33 27.39
CA SER B 119 28.76 47.48 27.06
C SER B 119 29.95 48.32 26.63
N GLY B 120 29.72 49.36 25.83
CA GLY B 120 30.80 50.26 25.47
C GLY B 120 31.39 50.97 26.67
N GLU B 121 30.53 51.42 27.58
CA GLU B 121 31.00 52.08 28.80
C GLU B 121 31.91 51.15 29.60
N VAL B 122 31.47 49.90 29.78
CA VAL B 122 32.31 48.91 30.45
C VAL B 122 33.58 48.66 29.66
N ALA B 123 33.52 48.81 28.34
CA ALA B 123 34.72 48.64 27.52
C ALA B 123 35.77 49.70 27.87
N GLN B 124 35.36 50.97 27.99
CA GLN B 124 36.42 51.92 28.36
C GLN B 124 36.81 51.78 29.83
N THR B 125 35.92 51.30 30.70
CA THR B 125 36.37 50.99 32.06
C THR B 125 37.46 49.93 32.03
N LEU B 126 37.32 48.92 31.17
CA LEU B 126 38.36 47.92 31.00
C LEU B 126 39.63 48.54 30.44
N THR B 127 39.50 49.43 29.45
CA THR B 127 40.68 50.05 28.85
C THR B 127 41.36 51.03 29.79
N GLN B 128 40.70 51.43 30.88
CA GLN B 128 41.37 52.20 31.92
C GLN B 128 42.00 51.30 32.97
N ALA B 129 41.30 50.23 33.34
CA ALA B 129 41.84 49.29 34.33
C ALA B 129 43.08 48.58 33.81
N ASP B 130 43.12 48.25 32.51
CA ASP B 130 44.25 47.50 31.98
C ASP B 130 45.56 48.29 32.03
N GLN B 131 45.49 49.62 32.11
CA GLN B 131 46.68 50.43 32.29
C GLN B 131 46.89 50.86 33.73
N GLN B 132 45.83 50.98 34.53
CA GLN B 132 46.02 51.23 35.95
C GLN B 132 46.73 50.05 36.62
N LEU B 133 46.35 48.83 36.24
CA LEU B 133 47.06 47.66 36.74
C LEU B 133 48.52 47.67 36.29
N SER B 134 48.78 48.14 35.06
CA SER B 134 50.16 48.24 34.59
C SER B 134 50.94 49.26 35.42
N ALA B 135 50.31 50.37 35.76
CA ALA B 135 50.95 51.38 36.61
C ALA B 135 51.31 50.79 37.97
N GLN B 136 50.38 50.05 38.58
CA GLN B 136 50.69 49.40 39.85
C GLN B 136 51.79 48.36 39.69
N GLY B 137 51.77 47.61 38.59
CA GLY B 137 52.78 46.60 38.36
C GLY B 137 54.16 47.19 38.16
N ASP B 138 54.23 48.43 37.66
CA ASP B 138 55.53 49.11 37.59
C ASP B 138 56.15 49.25 38.97
N GLN B 139 55.37 49.75 39.93
CA GLN B 139 55.89 49.90 41.29
C GLN B 139 56.16 48.55 41.92
N VAL B 140 55.34 47.54 41.60
CA VAL B 140 55.60 46.19 42.09
C VAL B 140 56.95 45.69 41.59
N ARG B 141 57.22 45.91 40.31
CA ARG B 141 58.49 45.50 39.73
C ARG B 141 59.66 46.23 40.38
N SER B 142 59.49 47.53 40.63
CA SER B 142 60.54 48.28 41.30
C SER B 142 60.81 47.74 42.70
N GLY B 143 59.75 47.47 43.45
CA GLY B 143 59.89 47.07 44.84
C GLY B 143 60.07 45.60 45.11
N LEU B 144 60.02 44.74 44.09
CA LEU B 144 60.16 43.31 44.33
C LEU B 144 61.53 42.97 44.92
N GLU B 145 62.56 43.73 44.55
CA GLU B 145 63.93 43.42 44.93
C GLU B 145 64.32 44.00 46.28
N SER B 146 63.34 44.34 47.13
CA SER B 146 63.66 44.94 48.41
C SER B 146 64.40 43.97 49.32
N SER B 147 63.93 42.71 49.41
CA SER B 147 64.53 41.78 50.35
C SER B 147 64.67 40.37 49.78
N VAL B 148 64.76 40.23 48.45
CA VAL B 148 64.84 38.91 47.84
C VAL B 148 66.13 38.19 48.25
N ASP B 149 67.17 38.95 48.56
CA ASP B 149 68.43 38.33 48.98
C ASP B 149 68.27 37.61 50.31
N GLY B 150 67.53 38.21 51.25
CA GLY B 150 67.26 37.52 52.51
C GLY B 150 66.41 36.27 52.31
N LEU B 151 65.44 36.34 51.40
CA LEU B 151 64.63 35.16 51.09
C LEU B 151 65.50 34.04 50.53
N SER B 152 66.41 34.38 49.61
CA SER B 152 67.30 33.37 49.05
C SER B 152 68.25 32.82 50.10
N ALA B 153 68.71 33.68 51.00
CA ALA B 153 69.56 33.21 52.10
C ALA B 153 68.81 32.22 52.99
N LYS B 154 67.55 32.53 53.29
CA LYS B 154 66.73 31.58 54.06
C LYS B 154 66.57 30.27 53.30
N LEU B 155 66.35 30.36 51.98
CA LEU B 155 66.25 29.17 51.15
C LEU B 155 67.51 28.33 51.26
N ALA B 156 68.68 28.94 51.10
CA ALA B 156 69.93 28.20 51.17
C ALA B 156 70.14 27.59 52.55
N SER B 157 69.82 28.36 53.60
CA SER B 157 70.01 27.86 54.96
C SER B 157 69.13 26.65 55.23
N ARG B 158 67.85 26.73 54.84
CA ARG B 158 66.96 25.59 55.05
C ARG B 158 67.30 24.42 54.15
N ILE B 159 67.89 24.67 52.99
CA ILE B 159 68.32 23.59 52.12
C ILE B 159 69.50 22.85 52.74
N LEU B 160 70.51 23.59 53.20
CA LEU B 160 71.71 22.99 53.75
C LEU B 160 71.46 22.33 55.10
N GLY B 161 70.35 22.62 55.76
CA GLY B 161 70.11 22.16 57.10
C GLY B 161 70.85 22.92 58.17
N VAL B 162 71.70 23.88 57.77
CA VAL B 162 72.45 24.73 58.69
C VAL B 162 72.31 26.16 58.21
N ASP B 163 72.62 27.09 59.12
CA ASP B 163 72.48 28.51 58.80
C ASP B 163 73.42 28.90 57.65
N VAL B 164 72.95 29.79 56.79
CA VAL B 164 73.73 30.25 55.66
C VAL B 164 74.71 31.33 56.09
N MET C 1 -112.05 43.03 -7.54
CA MET C 1 -112.54 43.74 -6.36
C MET C 1 -111.42 43.98 -5.35
N SER C 2 -111.12 42.96 -4.57
CA SER C 2 -110.10 43.02 -3.53
C SER C 2 -109.10 41.88 -3.75
N ILE C 3 -107.97 42.21 -4.38
CA ILE C 3 -106.91 41.22 -4.60
C ILE C 3 -105.96 41.14 -3.42
N PHE C 4 -106.04 42.10 -2.49
CA PHE C 4 -105.12 42.12 -1.35
C PHE C 4 -105.25 40.88 -0.49
N ILE C 5 -106.47 40.37 -0.32
CA ILE C 5 -106.67 39.18 0.51
C ILE C 5 -105.94 37.98 -0.09
N GLY C 6 -106.04 37.79 -1.41
CA GLY C 6 -105.32 36.71 -2.05
C GLY C 6 -103.81 36.92 -2.04
N GLN C 7 -103.37 38.17 -2.22
CA GLN C 7 -101.94 38.46 -2.32
C GLN C 7 -101.22 38.45 -0.98
N LEU C 8 -101.94 38.62 0.13
CA LEU C 8 -101.29 38.72 1.43
C LEU C 8 -100.58 37.43 1.81
N ILE C 9 -101.21 36.27 1.55
CA ILE C 9 -100.60 35.00 1.92
C ILE C 9 -99.33 34.77 1.11
N GLY C 10 -99.35 35.10 -0.18
CA GLY C 10 -98.15 34.99 -0.99
C GLY C 10 -97.04 35.91 -0.52
N PHE C 11 -97.39 37.15 -0.17
CA PHE C 11 -96.39 38.08 0.33
C PHE C 11 -95.79 37.57 1.63
N ALA C 12 -96.63 37.04 2.53
CA ALA C 12 -96.14 36.50 3.80
C ALA C 12 -95.21 35.32 3.56
N VAL C 13 -95.59 34.42 2.64
CA VAL C 13 -94.75 33.25 2.37
C VAL C 13 -93.40 33.68 1.81
N ILE C 14 -93.40 34.59 0.82
CA ILE C 14 -92.14 34.97 0.20
C ILE C 14 -91.26 35.75 1.17
N ALA C 15 -91.87 36.57 2.06
CA ALA C 15 -91.06 37.24 3.07
C ALA C 15 -90.57 36.26 4.13
N PHE C 16 -91.27 35.13 4.31
CA PHE C 16 -90.86 34.15 5.31
C PHE C 16 -89.79 33.21 4.79
N ILE C 17 -89.70 33.01 3.47
CA ILE C 17 -88.83 31.97 2.92
C ILE C 17 -87.72 32.52 2.03
N ILE C 18 -87.88 33.67 1.40
CA ILE C 18 -86.97 34.15 0.36
C ILE C 18 -86.04 35.25 0.89
N VAL C 19 -86.60 36.29 1.51
CA VAL C 19 -85.87 37.52 1.80
C VAL C 19 -84.89 37.32 2.95
N LYS C 20 -84.84 36.11 3.50
CA LYS C 20 -83.96 35.82 4.63
C LYS C 20 -82.56 35.38 4.21
N TRP C 21 -82.25 35.33 2.92
CA TRP C 21 -81.00 34.76 2.45
C TRP C 21 -80.10 35.74 1.71
N VAL C 22 -80.60 36.89 1.29
CA VAL C 22 -79.79 37.81 0.48
C VAL C 22 -79.02 38.79 1.36
N VAL C 23 -79.60 39.21 2.48
CA VAL C 23 -78.97 40.14 3.40
C VAL C 23 -77.71 39.56 4.05
N PRO C 24 -77.73 38.33 4.58
CA PRO C 24 -76.57 37.83 5.35
C PRO C 24 -75.27 37.84 4.56
N PRO C 25 -75.25 37.46 3.27
CA PRO C 25 -73.98 37.57 2.54
C PRO C 25 -73.49 39.00 2.39
N VAL C 26 -74.40 39.97 2.22
CA VAL C 26 -73.99 41.37 2.16
C VAL C 26 -73.37 41.81 3.48
N ARG C 27 -74.01 41.43 4.60
CA ARG C 27 -73.47 41.77 5.91
C ARG C 27 -72.11 41.13 6.14
N THR C 28 -71.95 39.86 5.73
CA THR C 28 -70.67 39.18 5.92
C THR C 28 -69.58 39.81 5.05
N LEU C 29 -69.92 40.20 3.82
CA LEU C 29 -68.94 40.87 2.97
C LEU C 29 -68.50 42.20 3.58
N MET C 30 -69.45 42.98 4.11
CA MET C 30 -69.09 44.24 4.76
C MET C 30 -68.24 44.02 6.02
N ARG C 31 -68.58 43.01 6.83
CA ARG C 31 -67.74 42.73 7.99
C ARG C 31 -66.34 42.35 7.54
N ASN C 32 -66.23 41.60 6.45
CA ASN C 32 -64.92 41.26 5.91
C ASN C 32 -64.17 42.49 5.46
N GLN C 33 -64.86 43.43 4.81
CA GLN C 33 -64.22 44.65 4.34
C GLN C 33 -63.71 45.49 5.51
N GLN C 34 -64.53 45.63 6.56
CA GLN C 34 -64.11 46.39 7.73
C GLN C 34 -62.94 45.71 8.43
N GLU C 35 -62.95 44.38 8.50
CA GLU C 35 -61.83 43.66 9.08
C GLU C 35 -60.56 43.89 8.26
N ALA C 36 -60.69 43.92 6.93
CA ALA C 36 -59.54 44.14 6.07
C ALA C 36 -58.95 45.54 6.28
N VAL C 37 -59.81 46.55 6.38
CA VAL C 37 -59.29 47.91 6.57
C VAL C 37 -58.68 48.06 7.97
N ARG C 38 -59.28 47.42 8.97
CA ARG C 38 -58.69 47.44 10.32
C ARG C 38 -57.33 46.75 10.33
N ALA C 39 -57.20 45.62 9.62
CA ALA C 39 -55.92 44.94 9.55
C ALA C 39 -54.88 45.78 8.81
N ALA C 40 -55.30 46.52 7.78
CA ALA C 40 -54.39 47.44 7.12
C ALA C 40 -53.92 48.53 8.07
N LEU C 41 -54.83 49.06 8.89
CA LEU C 41 -54.44 50.05 9.89
C LEU C 41 -53.45 49.47 10.89
N ALA C 42 -53.69 48.23 11.33
CA ALA C 42 -52.77 47.58 12.26
C ALA C 42 -51.40 47.36 11.62
N GLU C 43 -51.39 47.01 10.33
CA GLU C 43 -50.11 46.85 9.62
C GLU C 43 -49.36 48.17 9.55
N SER C 44 -50.07 49.26 9.29
CA SER C 44 -49.42 50.57 9.28
C SER C 44 -48.88 50.91 10.65
N ALA C 45 -49.64 50.60 11.71
CA ALA C 45 -49.18 50.88 13.07
C ALA C 45 -47.93 50.09 13.41
N GLU C 46 -47.89 48.79 13.06
CA GLU C 46 -46.71 48.01 13.35
C GLU C 46 -45.53 48.43 12.48
N ALA C 47 -45.78 48.89 11.25
CA ALA C 47 -44.71 49.44 10.44
C ALA C 47 -44.11 50.68 11.10
N ALA C 48 -44.97 51.56 11.62
CA ALA C 48 -44.47 52.73 12.33
C ALA C 48 -43.70 52.35 13.59
N LYS C 49 -44.18 51.32 14.30
CA LYS C 49 -43.47 50.86 15.49
C LYS C 49 -42.09 50.31 15.13
N LYS C 50 -42.00 49.54 14.05
CA LYS C 50 -40.70 49.05 13.61
C LYS C 50 -39.80 50.20 13.20
N LEU C 51 -40.36 51.20 12.51
CA LEU C 51 -39.56 52.36 12.13
C LEU C 51 -39.02 53.09 13.36
N ALA C 52 -39.84 53.23 14.40
CA ALA C 52 -39.37 53.84 15.64
C ALA C 52 -38.27 53.01 16.30
N ASP C 53 -38.45 51.68 16.33
CA ASP C 53 -37.46 50.81 16.94
C ASP C 53 -36.18 50.72 16.13
N ALA C 54 -36.23 51.07 14.84
CA ALA C 54 -35.13 50.84 13.93
C ALA C 54 -33.82 51.48 14.36
N ASP C 55 -33.86 52.59 15.10
CA ASP C 55 -32.66 53.35 15.42
C ASP C 55 -32.19 53.16 16.85
N ALA C 56 -32.60 52.08 17.51
CA ALA C 56 -32.26 51.90 18.92
C ALA C 56 -30.81 51.46 19.12
N MET C 57 -30.29 50.61 18.23
CA MET C 57 -29.03 49.94 18.48
C MET C 57 -27.81 50.79 18.15
N HIS C 58 -27.98 51.90 17.41
CA HIS C 58 -26.83 52.69 17.00
C HIS C 58 -26.14 53.34 18.19
N ALA C 59 -26.92 53.91 19.11
CA ALA C 59 -26.34 54.61 20.26
C ALA C 59 -25.53 53.65 21.14
N LYS C 60 -26.11 52.48 21.44
CA LYS C 60 -25.39 51.50 22.25
C LYS C 60 -24.20 50.93 21.50
N ALA C 61 -24.31 50.75 20.18
CA ALA C 61 -23.19 50.29 19.39
C ALA C 61 -22.01 51.26 19.49
N LEU C 62 -22.29 52.55 19.30
CA LEU C 62 -21.24 53.56 19.40
C LEU C 62 -20.68 53.66 20.82
N ALA C 63 -21.54 53.54 21.83
CA ALA C 63 -21.08 53.60 23.21
C ALA C 63 -20.13 52.46 23.52
N ASP C 64 -20.48 51.24 23.12
CA ASP C 64 -19.58 50.11 23.37
C ASP C 64 -18.32 50.23 22.52
N ALA C 65 -18.42 50.81 21.33
CA ALA C 65 -17.22 51.04 20.53
C ALA C 65 -16.25 51.97 21.25
N LYS C 66 -16.79 53.06 21.82
CA LYS C 66 -15.94 53.97 22.58
C LYS C 66 -15.34 53.30 23.81
N ALA C 67 -16.15 52.52 24.53
CA ALA C 67 -15.64 51.83 25.71
C ALA C 67 -14.52 50.87 25.34
N GLU C 68 -14.73 50.10 24.26
CA GLU C 68 -13.69 49.19 23.79
C GLU C 68 -12.43 49.95 23.41
N SER C 69 -12.58 51.06 22.69
CA SER C 69 -11.42 51.83 22.26
C SER C 69 -10.61 52.32 23.46
N GLU C 70 -11.29 52.92 24.43
CA GLU C 70 -10.55 53.45 25.58
C GLU C 70 -9.91 52.34 26.38
N LYS C 71 -10.61 51.22 26.59
CA LYS C 71 -10.03 50.15 27.40
C LYS C 71 -8.85 49.49 26.70
N VAL C 72 -8.93 49.30 25.38
CA VAL C 72 -7.81 48.69 24.68
C VAL C 72 -6.63 49.64 24.61
N THR C 73 -6.88 50.94 24.48
CA THR C 73 -5.78 51.89 24.51
C THR C 73 -5.09 51.88 25.87
N GLU C 74 -5.87 51.84 26.95
CA GLU C 74 -5.28 51.75 28.28
C GLU C 74 -4.47 50.46 28.43
N GLU C 75 -5.02 49.35 27.95
CA GLU C 75 -4.32 48.07 28.09
C GLU C 75 -3.02 48.06 27.30
N ALA C 76 -3.04 48.62 26.09
CA ALA C 76 -1.83 48.71 25.29
C ALA C 76 -0.79 49.59 25.97
N LYS C 77 -1.23 50.74 26.51
CA LYS C 77 -0.32 51.60 27.25
C LYS C 77 0.32 50.87 28.42
N GLN C 78 -0.50 50.17 29.21
CA GLN C 78 0.01 49.46 30.37
C GLN C 78 1.00 48.38 29.95
N ASP C 79 0.67 47.63 28.89
CA ASP C 79 1.57 46.60 28.41
C ASP C 79 2.90 47.21 27.96
N SER C 80 2.84 48.30 27.21
CA SER C 80 4.07 48.91 26.70
C SER C 80 4.94 49.41 27.84
N GLU C 81 4.34 50.13 28.80
CA GLU C 81 5.12 50.65 29.90
C GLU C 81 5.71 49.53 30.75
N ARG C 82 4.94 48.48 31.01
CA ARG C 82 5.47 47.40 31.83
C ARG C 82 6.60 46.67 31.13
N ILE C 83 6.44 46.34 29.85
CA ILE C 83 7.46 45.58 29.16
C ILE C 83 8.72 46.42 29.01
N ALA C 84 8.57 47.72 28.75
CA ALA C 84 9.73 48.61 28.73
C ALA C 84 10.41 48.62 30.10
N ALA C 85 9.62 48.62 31.18
CA ALA C 85 10.20 48.64 32.51
C ALA C 85 11.06 47.40 32.76
N GLN C 86 10.51 46.21 32.52
CA GLN C 86 11.32 45.01 32.81
C GLN C 86 12.49 44.89 31.84
N LEU C 87 12.31 45.26 30.56
CA LEU C 87 13.43 45.17 29.63
C LEU C 87 14.56 46.12 30.02
N SER C 88 14.22 47.36 30.40
CA SER C 88 15.24 48.30 30.84
C SER C 88 15.91 47.84 32.12
N GLU C 89 15.13 47.26 33.05
CA GLU C 89 15.72 46.78 34.29
C GLU C 89 16.66 45.61 34.03
N GLN C 90 16.33 44.74 33.08
CA GLN C 90 17.23 43.63 32.77
C GLN C 90 18.48 44.11 32.05
N ALA C 91 18.35 45.14 31.21
CA ALA C 91 19.54 45.73 30.60
C ALA C 91 20.45 46.34 31.66
N GLY C 92 19.88 47.04 32.63
CA GLY C 92 20.68 47.53 33.74
C GLY C 92 21.29 46.40 34.55
N SER C 93 20.54 45.31 34.71
CA SER C 93 21.02 44.16 35.46
C SER C 93 22.26 43.56 34.81
N GLU C 94 22.19 43.31 33.49
CA GLU C 94 23.37 42.83 32.80
C GLU C 94 24.47 43.88 32.77
N ALA C 95 24.11 45.16 32.88
CA ALA C 95 25.14 46.20 33.00
C ALA C 95 25.95 46.01 34.28
N GLU C 96 25.27 45.88 35.43
CA GLU C 96 26.07 45.63 36.62
C GLU C 96 26.70 44.25 36.61
N ARG C 97 26.11 43.30 35.89
CA ARG C 97 26.72 41.98 35.74
C ARG C 97 28.07 42.09 35.05
N ILE C 98 28.13 42.79 33.91
CA ILE C 98 29.39 42.94 33.21
C ILE C 98 30.32 43.89 33.95
N LYS C 99 29.80 44.78 34.79
CA LYS C 99 30.67 45.57 35.66
C LYS C 99 31.37 44.67 36.69
N ALA C 100 30.61 43.79 37.34
CA ALA C 100 31.22 42.79 38.19
C ALA C 100 32.22 41.95 37.42
N GLN C 101 31.85 41.57 36.20
CA GLN C 101 32.75 40.84 35.31
C GLN C 101 34.07 41.59 35.16
N GLY C 102 34.00 42.89 34.86
CA GLY C 102 35.19 43.69 34.75
C GLY C 102 36.01 43.68 36.03
N ALA C 103 35.32 43.61 37.17
CA ALA C 103 36.04 43.43 38.42
C ALA C 103 36.80 42.10 38.43
N GLN C 104 36.18 41.03 37.91
CA GLN C 104 36.92 39.77 37.86
C GLN C 104 38.08 39.83 36.87
N GLN C 105 37.95 40.58 35.76
CA GLN C 105 39.14 40.72 34.92
C GLN C 105 40.20 41.58 35.58
N ILE C 106 39.81 42.50 36.46
CA ILE C 106 40.79 43.20 37.29
C ILE C 106 41.54 42.19 38.15
N GLN C 107 40.78 41.27 38.77
CA GLN C 107 41.42 40.22 39.56
C GLN C 107 42.29 39.31 38.69
N LEU C 108 41.87 39.09 37.44
CA LEU C 108 42.68 38.30 36.52
C LEU C 108 44.00 39.00 36.19
N MET C 109 43.96 40.31 36.01
CA MET C 109 45.20 41.05 35.78
C MET C 109 46.09 41.03 37.01
N ARG C 110 45.50 41.11 38.21
CA ARG C 110 46.29 40.91 39.41
C ARG C 110 46.88 39.51 39.46
N GLN C 111 46.15 38.52 38.95
CA GLN C 111 46.68 37.17 38.83
C GLN C 111 47.86 37.13 37.87
N GLN C 112 47.78 37.89 36.77
CA GLN C 112 48.92 37.96 35.85
C GLN C 112 50.13 38.60 36.53
N LEU C 113 49.90 39.62 37.34
CA LEU C 113 50.97 40.20 38.13
C LEU C 113 51.57 39.17 39.08
N ILE C 114 50.72 38.36 39.71
CA ILE C 114 51.21 37.31 40.60
C ILE C 114 51.99 36.27 39.81
N ARG C 115 51.56 35.99 38.57
CA ARG C 115 52.29 35.09 37.70
C ARG C 115 53.67 35.62 37.40
N GLN C 116 53.76 36.91 37.08
CA GLN C 116 55.06 37.54 36.86
C GLN C 116 55.92 37.45 38.11
N LEU C 117 55.30 37.65 39.28
CA LEU C 117 55.99 37.50 40.54
C LEU C 117 56.54 36.09 40.69
N ARG C 118 55.73 35.08 40.36
CA ARG C 118 56.17 33.69 40.44
C ARG C 118 57.34 33.43 39.52
N THR C 119 57.26 33.92 38.28
CA THR C 119 58.34 33.70 37.33
C THR C 119 59.63 34.35 37.80
N GLY C 120 59.55 35.60 38.26
CA GLY C 120 60.73 36.28 38.75
C GLY C 120 61.34 35.58 39.95
N LEU C 121 60.50 35.20 40.91
CA LEU C 121 60.99 34.48 42.08
C LEU C 121 61.65 33.16 41.68
N GLY C 122 61.03 32.41 40.78
CA GLY C 122 61.62 31.16 40.35
C GLY C 122 62.96 31.36 39.68
N ALA C 123 63.05 32.33 38.77
CA ALA C 123 64.30 32.57 38.06
C ALA C 123 65.41 32.98 39.03
N GLU C 124 65.12 33.96 39.90
CA GLU C 124 66.16 34.42 40.82
C GLU C 124 66.57 33.30 41.77
N ALA C 125 65.59 32.54 42.28
CA ALA C 125 65.92 31.46 43.21
C ALA C 125 66.81 30.43 42.54
N VAL C 126 66.39 29.94 41.37
CA VAL C 126 67.17 28.94 40.64
C VAL C 126 68.60 29.45 40.44
N ASN C 127 68.74 30.59 39.75
CA ASN C 127 70.07 31.05 39.37
C ASN C 127 70.94 31.34 40.59
N LYS C 128 70.44 32.14 41.52
CA LYS C 128 71.27 32.61 42.63
C LYS C 128 71.58 31.48 43.60
N ALA C 129 70.60 30.62 43.91
CA ALA C 129 70.87 29.48 44.78
C ALA C 129 71.86 28.52 44.13
N ALA C 130 71.74 28.31 42.82
CA ALA C 130 72.69 27.44 42.14
C ALA C 130 74.10 28.01 42.20
N GLU C 131 74.25 29.32 41.97
CA GLU C 131 75.56 29.94 42.09
C GLU C 131 76.09 29.83 43.51
N ILE C 132 75.22 30.03 44.51
CA ILE C 132 75.65 29.95 45.90
C ILE C 132 76.18 28.56 46.21
N VAL C 133 75.41 27.53 45.84
CA VAL C 133 75.79 26.17 46.20
C VAL C 133 77.02 25.73 45.41
N ARG C 134 77.14 26.13 44.15
CA ARG C 134 78.25 25.71 43.34
C ARG C 134 79.51 26.56 43.54
N ALA C 135 79.40 27.66 44.28
CA ALA C 135 80.54 28.53 44.52
C ALA C 135 80.99 28.54 45.96
N HIS C 136 80.09 28.82 46.91
CA HIS C 136 80.50 28.98 48.30
C HIS C 136 80.85 27.63 48.94
N VAL C 137 80.02 26.62 48.74
CA VAL C 137 80.17 25.37 49.45
C VAL C 137 80.75 24.27 48.57
N ALA C 138 81.44 24.65 47.49
CA ALA C 138 82.09 23.67 46.63
C ALA C 138 83.49 23.29 47.10
N ASP C 139 83.98 23.91 48.16
CA ASP C 139 85.33 23.59 48.65
C ASP C 139 85.36 22.17 49.20
N PRO C 140 86.46 21.44 49.01
CA PRO C 140 86.53 20.06 49.52
C PRO C 140 86.34 19.96 51.02
N GLN C 141 86.89 20.91 51.78
CA GLN C 141 86.84 20.84 53.24
C GLN C 141 85.42 20.84 53.77
N ALA C 142 84.48 21.45 53.04
CA ALA C 142 83.09 21.43 53.47
C ALA C 142 82.41 20.10 53.18
N GLN C 143 82.81 19.40 52.10
CA GLN C 143 82.08 18.22 51.65
C GLN C 143 81.96 17.19 52.75
N SER C 144 83.09 16.81 53.36
CA SER C 144 83.06 15.82 54.44
C SER C 144 82.15 16.27 55.58
N ALA C 145 82.17 17.57 55.88
CA ALA C 145 81.30 18.10 56.92
C ALA C 145 79.83 17.76 56.61
N THR C 146 79.44 17.95 55.35
CA THR C 146 78.09 17.56 54.93
C THR C 146 77.84 16.10 55.29
N VAL C 147 78.79 15.23 54.95
CA VAL C 147 78.67 13.81 55.28
C VAL C 147 78.44 13.65 56.78
N ASP C 148 79.22 14.37 57.58
CA ASP C 148 79.03 14.33 59.03
C ASP C 148 77.58 14.67 59.38
N ARG C 149 77.07 15.76 58.83
CA ARG C 149 75.66 16.09 59.02
C ARG C 149 74.79 14.94 58.53
N PHE C 150 75.06 14.45 57.32
CA PHE C 150 74.37 13.27 56.83
C PHE C 150 74.52 12.12 57.81
N LEU C 151 75.75 11.91 58.30
CA LEU C 151 75.97 10.86 59.28
C LEU C 151 75.08 11.06 60.49
N SER C 152 74.96 12.30 60.96
CA SER C 152 74.06 12.58 62.08
C SER C 152 72.65 12.09 61.77
N GLU C 153 72.16 12.40 60.56
CA GLU C 153 70.84 11.90 60.17
C GLU C 153 70.80 10.39 60.26
N LEU C 154 71.82 9.73 59.73
CA LEU C 154 71.84 8.27 59.76
C LEU C 154 71.84 7.74 61.18
N GLU C 155 72.37 8.51 62.13
CA GLU C 155 72.41 8.02 63.51
C GLU C 155 71.14 8.37 64.26
N GLN C 156 70.28 9.22 63.70
CA GLN C 156 69.10 9.67 64.42
C GLN C 156 67.81 9.06 63.90
N MET C 157 67.88 8.15 62.94
CA MET C 157 66.66 7.54 62.43
C MET C 157 66.26 6.35 63.30
N ALA C 158 64.96 6.17 63.43
CA ALA C 158 64.44 5.03 64.19
C ALA C 158 64.77 3.72 63.50
N PRO C 159 64.94 2.64 64.25
CA PRO C 159 65.30 1.36 63.63
C PRO C 159 64.16 0.84 62.75
N SER C 160 64.57 0.10 61.71
CA SER C 160 63.63 -0.50 60.78
C SER C 160 63.78 -2.02 60.81
N SER C 161 62.69 -2.71 60.54
CA SER C 161 62.66 -4.17 60.54
C SER C 161 62.76 -4.67 59.11
N VAL C 162 63.74 -5.53 58.85
CA VAL C 162 63.99 -6.09 57.53
C VAL C 162 64.03 -7.60 57.63
N VAL C 163 63.37 -8.27 56.70
CA VAL C 163 63.33 -9.73 56.62
C VAL C 163 63.58 -10.13 55.17
N ILE C 164 63.48 -11.43 54.90
CA ILE C 164 63.63 -12.05 53.59
C ILE C 164 64.75 -11.38 52.79
N ASP C 165 65.98 -11.57 53.26
CA ASP C 165 67.18 -11.03 52.60
C ASP C 165 67.12 -9.51 52.50
N LEU C 172 62.29 -20.43 40.86
CA LEU C 172 61.57 -19.72 41.91
C LEU C 172 60.31 -20.49 42.30
N ARG C 173 60.16 -21.69 41.77
CA ARG C 173 59.01 -22.52 42.09
C ARG C 173 59.18 -23.17 43.46
N ALA C 174 58.04 -23.37 44.14
CA ALA C 174 58.08 -23.93 45.49
C ALA C 174 58.65 -25.35 45.48
N ALA C 175 58.22 -26.18 44.54
CA ALA C 175 58.82 -27.51 44.41
C ALA C 175 60.29 -27.41 44.02
N SER C 176 60.62 -26.50 43.10
CA SER C 176 62.01 -26.27 42.75
C SER C 176 62.80 -25.76 43.95
N ARG C 177 62.18 -24.87 44.75
CA ARG C 177 62.86 -24.39 45.96
C ARG C 177 63.12 -25.52 46.93
N GLN C 178 62.14 -26.41 47.12
CA GLN C 178 62.33 -27.54 48.02
C GLN C 178 63.43 -28.46 47.52
N SER C 179 63.45 -28.72 46.21
CA SER C 179 64.49 -29.58 45.65
C SER C 179 65.88 -28.95 45.79
N LEU C 180 65.98 -27.64 45.56
CA LEU C 180 67.26 -26.97 45.72
C LEU C 180 67.73 -27.00 47.17
N ALA C 181 66.80 -26.77 48.11
CA ALA C 181 67.15 -26.84 49.52
C ALA C 181 67.62 -28.24 49.90
N ALA C 182 66.92 -29.26 49.41
CA ALA C 182 67.33 -30.62 49.70
C ALA C 182 68.71 -30.93 49.12
N LEU C 183 68.97 -30.45 47.90
CA LEU C 183 70.28 -30.67 47.30
C LEU C 183 71.38 -29.97 48.08
N VAL C 184 71.11 -28.76 48.56
CA VAL C 184 72.08 -28.03 49.37
C VAL C 184 72.35 -28.78 50.67
N GLU C 185 71.30 -29.29 51.30
CA GLU C 185 71.47 -30.07 52.53
C GLU C 185 72.27 -31.34 52.27
N LYS C 186 72.01 -32.01 51.15
CA LYS C 186 72.74 -33.22 50.81
C LYS C 186 74.22 -32.92 50.56
N PHE C 187 74.50 -31.81 49.87
CA PHE C 187 75.89 -31.40 49.69
C PHE C 187 76.56 -31.11 51.02
N ASP C 188 75.87 -30.39 51.91
CA ASP C 188 76.44 -30.05 53.20
C ASP C 188 76.73 -31.31 54.02
N SER C 189 75.86 -32.32 53.91
CA SER C 189 76.09 -33.57 54.61
C SER C 189 77.18 -34.39 53.94
N VAL C 190 77.39 -34.21 52.64
CA VAL C 190 78.28 -35.08 51.89
C VAL C 190 79.67 -34.49 51.64
N ALA C 191 79.82 -33.16 51.67
CA ALA C 191 81.08 -32.52 51.35
C ALA C 191 82.02 -32.44 52.55
N GLY C 192 81.69 -33.09 53.66
CA GLY C 192 82.54 -33.03 54.83
C GLY C 192 83.89 -33.69 54.61
N GLY C 193 83.91 -34.81 53.90
CA GLY C 193 85.12 -35.55 53.66
C GLY C 193 85.98 -35.03 52.52
N LEU C 194 85.57 -33.95 51.87
CA LEU C 194 86.34 -33.39 50.78
C LEU C 194 87.68 -32.86 51.28
N ASP C 195 88.72 -33.06 50.48
CA ASP C 195 90.05 -32.55 50.79
C ASP C 195 90.33 -31.31 49.95
N ALA C 196 91.55 -30.79 50.06
CA ALA C 196 91.94 -29.60 49.31
C ALA C 196 91.94 -29.87 47.82
N ASP C 197 92.47 -31.03 47.40
CA ASP C 197 92.49 -31.40 46.00
C ASP C 197 91.25 -32.17 45.56
N GLY C 198 90.59 -32.86 46.50
CA GLY C 198 89.36 -33.57 46.14
C GLY C 198 88.28 -32.63 45.65
N LEU C 199 88.22 -31.42 46.21
CA LEU C 199 87.24 -30.45 45.77
C LEU C 199 87.44 -30.08 44.31
N THR C 200 88.69 -29.87 43.90
CA THR C 200 88.95 -29.52 42.50
C THR C 200 88.57 -30.65 41.55
N ASN C 201 88.91 -31.89 41.92
CA ASN C 201 88.56 -33.02 41.06
C ASN C 201 87.04 -33.21 40.98
N LEU C 202 86.35 -33.06 42.10
CA LEU C 202 84.89 -33.18 42.09
C LEU C 202 84.26 -32.09 41.24
N ALA C 203 84.77 -30.86 41.34
CA ALA C 203 84.27 -29.77 40.51
C ALA C 203 84.52 -30.05 39.03
N ASP C 204 85.69 -30.58 38.70
CA ASP C 204 85.97 -30.93 37.31
C ASP C 204 85.03 -32.01 36.81
N GLU C 205 84.76 -33.02 37.65
CA GLU C 205 83.82 -34.07 37.27
C GLU C 205 82.42 -33.51 37.04
N LEU C 206 81.99 -32.60 37.92
CA LEU C 206 80.67 -32.01 37.75
C LEU C 206 80.62 -31.16 36.49
N ALA C 207 81.69 -30.44 36.18
CA ALA C 207 81.73 -29.66 34.95
C ALA C 207 81.64 -30.56 33.73
N SER C 208 82.35 -31.69 33.76
CA SER C 208 82.27 -32.64 32.65
C SER C 208 80.87 -33.20 32.49
N VAL C 209 80.23 -33.58 33.61
CA VAL C 209 78.90 -34.16 33.52
C VAL C 209 77.89 -33.12 33.06
N ALA C 210 78.05 -31.87 33.49
CA ALA C 210 77.18 -30.80 33.01
C ALA C 210 77.36 -30.57 31.52
N LYS C 211 78.61 -30.56 31.05
CA LYS C 211 78.86 -30.35 29.63
C LYS C 211 78.24 -31.47 28.80
N LEU C 212 78.40 -32.72 29.23
CA LEU C 212 77.83 -33.83 28.47
C LEU C 212 76.31 -33.84 28.53
N LEU C 213 75.72 -33.52 29.68
CA LEU C 213 74.27 -33.47 29.77
C LEU C 213 73.70 -32.36 28.90
N LEU C 214 74.35 -31.19 28.89
CA LEU C 214 73.93 -30.10 28.01
C LEU C 214 74.18 -30.41 26.55
N SER C 215 75.14 -31.30 26.25
CA SER C 215 75.43 -31.63 24.87
C SER C 215 74.22 -32.25 24.18
N GLU C 216 73.50 -33.14 24.86
CA GLU C 216 72.40 -33.87 24.28
C GLU C 216 71.08 -33.45 24.91
N THR C 217 70.06 -33.28 24.07
CA THR C 217 68.75 -32.82 24.51
C THR C 217 67.80 -33.96 24.85
N ALA C 218 67.99 -35.14 24.22
CA ALA C 218 67.09 -36.26 24.49
C ALA C 218 67.19 -36.71 25.94
N LEU C 219 68.42 -36.83 26.45
CA LEU C 219 68.58 -37.26 27.83
C LEU C 219 67.96 -36.25 28.80
N ASN C 220 68.17 -34.95 28.55
CA ASN C 220 67.59 -33.93 29.40
C ASN C 220 66.07 -33.97 29.34
N LYS C 221 65.51 -34.17 28.15
CA LYS C 221 64.06 -34.26 28.02
C LYS C 221 63.49 -35.45 28.79
N HIS C 222 64.15 -36.61 28.68
CA HIS C 222 63.60 -37.80 29.30
C HIS C 222 63.78 -37.83 30.80
N LEU C 223 64.93 -37.34 31.31
CA LEU C 223 65.18 -37.40 32.74
C LEU C 223 64.26 -36.48 33.55
N ALA C 224 63.59 -35.54 32.89
CA ALA C 224 62.74 -34.57 33.57
C ALA C 224 61.30 -35.04 33.72
N GLU C 225 60.99 -36.27 33.30
CA GLU C 225 59.63 -36.76 33.38
C GLU C 225 59.20 -36.86 34.83
N PRO C 226 58.08 -36.23 35.23
CA PRO C 226 57.70 -36.22 36.64
C PRO C 226 57.23 -37.59 37.10
N THR C 227 58.07 -38.27 37.87
CA THR C 227 57.80 -39.64 38.28
C THR C 227 58.03 -39.79 39.77
N ASP C 228 57.16 -40.57 40.41
CA ASP C 228 57.38 -40.94 41.81
C ASP C 228 58.49 -41.98 41.94
N ASP C 229 58.58 -42.89 40.97
CA ASP C 229 59.64 -43.89 40.97
C ASP C 229 60.92 -43.33 40.35
N SER C 230 62.05 -43.90 40.75
CA SER C 230 63.34 -43.52 40.20
C SER C 230 64.24 -44.71 39.89
N ALA C 231 63.80 -45.93 40.17
CA ALA C 231 64.66 -47.09 39.96
C ALA C 231 65.13 -47.25 38.52
N PRO C 232 64.28 -47.10 37.50
CA PRO C 232 64.82 -47.08 36.13
C PRO C 232 65.80 -45.94 35.90
N LYS C 233 65.57 -44.78 36.52
CA LYS C 233 66.50 -43.66 36.36
C LYS C 233 67.86 -44.00 36.93
N VAL C 234 67.91 -44.56 38.14
CA VAL C 234 69.19 -44.89 38.73
C VAL C 234 69.85 -46.05 37.98
N ARG C 235 69.05 -46.98 37.44
CA ARG C 235 69.62 -48.03 36.61
C ARG C 235 70.27 -47.44 35.36
N LEU C 236 69.60 -46.49 34.72
CA LEU C 236 70.17 -45.83 33.55
C LEU C 236 71.44 -45.08 33.91
N LEU C 237 71.45 -44.39 35.05
CA LEU C 237 72.64 -43.68 35.49
C LEU C 237 73.79 -44.63 35.69
N GLU C 238 73.53 -45.78 36.31
CA GLU C 238 74.57 -46.78 36.51
C GLU C 238 75.05 -47.35 35.18
N ARG C 239 74.13 -47.56 34.24
CA ARG C 239 74.49 -48.16 32.96
C ARG C 239 75.18 -47.18 32.02
N LEU C 240 75.10 -45.89 32.28
CA LEU C 240 75.63 -44.87 31.37
C LEU C 240 76.74 -44.09 32.07
N LEU C 241 77.97 -44.58 31.92
CA LEU C 241 79.18 -43.85 32.31
C LEU C 241 79.15 -43.46 33.79
N SER C 242 78.88 -44.45 34.64
CA SER C 242 78.85 -44.24 36.08
C SER C 242 80.21 -44.45 36.73
N ASP C 243 81.17 -45.03 36.03
CA ASP C 243 82.49 -45.30 36.58
C ASP C 243 83.50 -44.20 36.28
N LYS C 244 83.08 -43.13 35.62
CA LYS C 244 83.94 -42.00 35.32
C LYS C 244 83.82 -40.88 36.36
N VAL C 245 83.08 -41.12 37.44
CA VAL C 245 82.79 -40.09 38.42
C VAL C 245 83.09 -40.64 39.82
N SER C 246 83.37 -39.73 40.74
CA SER C 246 83.65 -40.11 42.11
C SER C 246 82.39 -40.63 42.79
N ALA C 247 82.59 -41.35 43.90
CA ALA C 247 81.46 -41.93 44.61
C ALA C 247 80.55 -40.87 45.20
N THR C 248 81.14 -39.86 45.85
CA THR C 248 80.34 -38.80 46.47
C THR C 248 79.58 -38.01 45.41
N THR C 249 80.25 -37.67 44.30
CA THR C 249 79.59 -36.95 43.22
C THR C 249 78.50 -37.81 42.59
N LEU C 250 78.76 -39.11 42.43
CA LEU C 250 77.74 -39.99 41.88
C LEU C 250 76.52 -40.06 42.79
N ASP C 251 76.74 -40.13 44.10
CA ASP C 251 75.61 -40.19 45.03
C ASP C 251 74.83 -38.88 45.03
N LEU C 252 75.53 -37.74 44.96
CA LEU C 252 74.84 -36.46 44.85
C LEU C 252 74.01 -36.41 43.57
N LEU C 253 74.57 -36.87 42.46
CA LEU C 253 73.85 -36.89 41.19
C LEU C 253 72.62 -37.79 41.28
N ARG C 254 72.77 -38.95 41.92
CA ARG C 254 71.64 -39.87 42.08
C ARG C 254 70.56 -39.24 42.94
N THR C 255 70.95 -38.54 44.01
CA THR C 255 69.95 -37.86 44.84
C THR C 255 69.24 -36.78 44.05
N ALA C 256 69.98 -36.03 43.22
CA ALA C 256 69.36 -35.01 42.39
C ALA C 256 68.38 -35.63 41.40
N VAL C 257 68.75 -36.74 40.78
CA VAL C 257 67.87 -37.39 39.81
C VAL C 257 66.63 -37.94 40.49
N SER C 258 66.79 -38.50 41.69
CA SER C 258 65.64 -39.03 42.43
C SER C 258 64.67 -37.93 42.80
N ASN C 259 65.17 -36.78 43.22
CA ASN C 259 64.31 -35.67 43.61
C ASN C 259 63.52 -35.15 42.41
N ARG C 260 62.24 -34.89 42.62
CA ARG C 260 61.41 -34.32 41.57
C ARG C 260 61.79 -32.86 41.34
N TRP C 261 61.72 -32.44 40.09
CA TRP C 261 62.01 -31.07 39.69
C TRP C 261 60.89 -30.54 38.81
N SER C 262 60.54 -29.27 39.01
CA SER C 262 59.46 -28.66 38.24
C SER C 262 59.83 -28.52 36.78
N THR C 263 61.07 -28.15 36.48
CA THR C 263 61.50 -27.93 35.10
C THR C 263 62.87 -28.55 34.88
N GLU C 264 63.09 -29.05 33.67
CA GLU C 264 64.38 -29.65 33.33
C GLU C 264 65.52 -28.65 33.42
N SER C 265 65.30 -27.42 32.94
CA SER C 265 66.32 -26.40 33.03
C SER C 265 66.68 -26.11 34.49
N ASN C 266 65.70 -26.26 35.39
CA ASN C 266 66.00 -26.12 36.81
C ASN C 266 66.99 -27.18 37.27
N LEU C 267 66.80 -28.42 36.85
CA LEU C 267 67.75 -29.48 37.19
C LEU C 267 69.11 -29.20 36.58
N ILE C 268 69.13 -28.73 35.34
CA ILE C 268 70.40 -28.44 34.68
C ILE C 268 71.17 -27.35 35.42
N ASP C 269 70.48 -26.25 35.76
CA ASP C 269 71.12 -25.16 36.47
C ASP C 269 71.46 -25.53 37.91
N ALA C 270 70.77 -26.53 38.48
CA ALA C 270 71.10 -26.97 39.83
C ALA C 270 72.52 -27.50 39.91
N VAL C 271 72.95 -28.26 38.89
CA VAL C 271 74.31 -28.79 38.88
C VAL C 271 75.32 -27.65 38.85
N GLU C 272 75.09 -26.65 37.99
CA GLU C 272 76.01 -25.52 37.89
C GLU C 272 76.07 -24.76 39.21
N HIS C 273 74.91 -24.52 39.83
CA HIS C 273 74.88 -23.81 41.10
C HIS C 273 75.61 -24.60 42.18
N THR C 274 75.41 -25.92 42.22
CA THR C 274 76.09 -26.75 43.19
C THR C 274 77.60 -26.71 42.99
N ALA C 275 78.06 -26.76 41.74
CA ALA C 275 79.48 -26.66 41.47
C ALA C 275 80.02 -25.31 41.94
N ARG C 276 79.29 -24.24 41.67
CA ARG C 276 79.76 -22.91 42.05
C ARG C 276 79.87 -22.79 43.57
N LEU C 277 78.84 -23.25 44.29
CA LEU C 277 78.89 -23.13 45.75
C LEU C 277 79.97 -24.03 46.35
N ALA C 278 80.14 -25.23 45.78
CA ALA C 278 81.20 -26.12 46.27
C ALA C 278 82.57 -25.51 46.05
N LEU C 279 82.81 -24.93 44.88
CA LEU C 279 84.09 -24.31 44.60
C LEU C 279 84.32 -23.09 45.50
N LEU C 280 83.27 -22.30 45.74
CA LEU C 280 83.38 -21.17 46.64
C LEU C 280 83.73 -21.60 48.06
N LYS C 281 83.08 -22.67 48.54
CA LYS C 281 83.39 -23.18 49.87
C LYS C 281 84.82 -23.71 49.93
N ARG C 282 85.27 -24.38 48.86
CA ARG C 282 86.64 -24.87 48.81
C ARG C 282 87.63 -23.71 48.86
N ALA C 283 87.33 -22.62 48.15
CA ALA C 283 88.17 -21.44 48.22
C ALA C 283 88.17 -20.85 49.63
N GLU C 284 87.00 -20.83 50.28
CA GLU C 284 86.91 -20.31 51.64
C GLU C 284 87.70 -21.18 52.62
N ILE C 285 87.61 -22.50 52.47
CA ILE C 285 88.30 -23.42 53.37
C ILE C 285 89.81 -23.32 53.20
N GLU C 288 90.31 -15.25 54.22
CA GLU C 288 90.62 -14.96 52.82
C GLU C 288 89.36 -14.73 52.01
N VAL C 289 88.21 -14.92 52.65
CA VAL C 289 86.93 -14.77 51.97
C VAL C 289 86.72 -13.32 51.53
N ASP C 290 87.02 -12.36 52.41
CA ASP C 290 86.79 -10.97 52.08
C ASP C 290 87.67 -10.50 50.93
N GLU C 291 88.95 -10.85 50.97
CA GLU C 291 89.86 -10.44 49.89
C GLU C 291 89.46 -11.07 48.56
N VAL C 292 89.10 -12.35 48.58
CA VAL C 292 88.69 -13.03 47.35
C VAL C 292 87.42 -12.40 46.80
N GLU C 293 86.44 -12.14 47.67
CA GLU C 293 85.18 -11.54 47.23
C GLU C 293 85.40 -10.14 46.67
N GLU C 294 86.23 -9.34 47.33
CA GLU C 294 86.52 -8.00 46.83
C GLU C 294 87.23 -8.06 45.49
N GLN C 295 88.20 -8.96 45.35
CA GLN C 295 88.88 -9.13 44.07
C GLN C 295 87.90 -9.52 42.98
N LEU C 296 87.01 -10.47 43.26
CA LEU C 296 86.06 -10.91 42.26
C LEU C 296 85.10 -9.79 41.87
N PHE C 297 84.58 -9.06 42.86
CA PHE C 297 83.65 -7.99 42.56
C PHE C 297 84.30 -6.87 41.77
N ARG C 298 85.53 -6.49 42.14
CA ARG C 298 86.21 -5.44 41.40
C ARG C 298 86.58 -5.92 40.00
N PHE C 299 86.90 -7.20 39.84
CA PHE C 299 87.14 -7.74 38.51
C PHE C 299 85.88 -7.67 37.67
N GLY C 300 84.74 -8.04 38.25
CA GLY C 300 83.49 -7.93 37.54
C GLY C 300 83.17 -6.50 37.15
N ARG C 301 83.40 -5.56 38.06
CA ARG C 301 83.16 -4.15 37.76
C ARG C 301 84.06 -3.66 36.64
N VAL C 302 85.34 -4.03 36.67
CA VAL C 302 86.28 -3.53 35.67
C VAL C 302 85.98 -4.15 34.31
N LEU C 303 85.53 -5.41 34.27
CA LEU C 303 85.17 -5.99 32.99
C LEU C 303 83.84 -5.45 32.47
N ASP C 304 82.92 -5.13 33.38
CA ASP C 304 81.66 -4.51 32.98
C ASP C 304 81.88 -3.09 32.47
N ALA C 305 82.90 -2.41 32.97
CA ALA C 305 83.15 -1.03 32.57
C ALA C 305 83.40 -0.92 31.07
N GLU C 306 84.17 -1.85 30.52
CA GLU C 306 84.43 -1.84 29.09
C GLU C 306 83.21 -2.28 28.33
N PRO C 307 82.66 -1.45 27.44
CA PRO C 307 81.47 -1.87 26.67
C PRO C 307 81.83 -2.66 25.43
N ARG C 308 83.04 -2.43 24.89
CA ARG C 308 83.52 -3.23 23.77
C ARG C 308 83.67 -4.69 24.19
N LEU C 309 84.26 -4.93 25.37
CA LEU C 309 84.39 -6.29 25.88
C LEU C 309 83.03 -6.91 26.11
N SER C 310 82.08 -6.13 26.61
CA SER C 310 80.72 -6.63 26.80
C SER C 310 80.09 -7.02 25.46
N ALA C 311 80.33 -6.22 24.42
CA ALA C 311 79.83 -6.57 23.09
C ALA C 311 80.46 -7.86 22.59
N LEU C 312 81.77 -8.01 22.76
CA LEU C 312 82.46 -9.24 22.36
C LEU C 312 82.10 -10.42 23.23
N LEU C 313 81.47 -10.20 24.38
CA LEU C 313 81.11 -11.30 25.27
C LEU C 313 80.00 -12.18 24.71
N SER C 314 79.32 -11.74 23.65
CA SER C 314 78.29 -12.56 23.03
C SER C 314 78.92 -13.81 22.41
N ASP C 315 78.50 -14.98 22.90
CA ASP C 315 79.07 -16.26 22.46
C ASP C 315 77.93 -17.21 22.12
N TYR C 316 77.64 -17.34 20.83
CA TYR C 316 76.58 -18.22 20.37
C TYR C 316 77.10 -18.99 19.17
N THR C 317 77.08 -20.32 19.27
CA THR C 317 77.70 -21.23 18.31
C THR C 317 79.19 -20.98 18.13
N THR C 318 79.78 -20.19 19.01
CA THR C 318 81.20 -19.90 19.00
C THR C 318 82.00 -21.13 19.47
N PRO C 319 83.30 -21.17 19.18
CA PRO C 319 84.12 -22.30 19.66
C PRO C 319 84.03 -22.42 21.17
N ALA C 320 83.99 -23.67 21.65
CA ALA C 320 83.76 -23.91 23.07
C ALA C 320 84.90 -23.36 23.92
N GLU C 321 86.14 -23.59 23.51
CA GLU C 321 87.31 -23.21 24.30
C GLU C 321 88.10 -22.06 23.70
N GLY C 322 87.91 -21.73 22.43
CA GLY C 322 88.60 -20.59 21.85
C GLY C 322 88.18 -19.27 22.48
N ARG C 323 86.88 -19.10 22.70
CA ARG C 323 86.39 -17.90 23.37
C ARG C 323 86.93 -17.81 24.78
N VAL C 324 86.99 -18.95 25.49
CA VAL C 324 87.52 -18.96 26.84
C VAL C 324 88.98 -18.54 26.84
N ALA C 325 89.76 -19.05 25.88
CA ALA C 325 91.16 -18.67 25.77
C ALA C 325 91.30 -17.18 25.49
N LEU C 326 90.48 -16.64 24.59
CA LEU C 326 90.53 -15.22 24.30
C LEU C 326 90.21 -14.39 25.54
N LEU C 327 89.19 -14.79 26.29
CA LEU C 327 88.79 -14.03 27.47
C LEU C 327 89.85 -14.09 28.56
N ASP C 328 90.44 -15.26 28.80
CA ASP C 328 91.45 -15.36 29.85
C ASP C 328 92.76 -14.71 29.42
N LYS C 329 93.04 -14.65 28.11
CA LYS C 329 94.20 -13.91 27.64
C LYS C 329 93.97 -12.42 27.77
N ALA C 330 92.74 -11.96 27.58
CA ALA C 330 92.43 -10.54 27.72
C ALA C 330 92.69 -10.07 29.15
N LEU C 331 92.40 -10.91 30.13
CA LEU C 331 92.67 -10.57 31.52
C LEU C 331 94.12 -10.87 31.88
N VAL C 337 96.42 -12.61 39.88
CA VAL C 337 95.00 -12.82 40.13
C VAL C 337 94.81 -14.00 41.08
N ASN C 338 93.69 -14.01 41.79
CA ASN C 338 93.37 -15.11 42.67
C ASN C 338 93.10 -16.36 41.86
N GLN C 339 93.69 -17.49 42.26
CA GLN C 339 93.51 -18.73 41.54
C GLN C 339 92.04 -19.16 41.57
N THR C 340 91.41 -19.07 42.74
CA THR C 340 90.00 -19.44 42.85
C THR C 340 89.13 -18.51 42.03
N ALA C 341 89.42 -17.21 42.06
CA ALA C 341 88.63 -16.26 41.28
C ALA C 341 88.75 -16.53 39.78
N ALA C 342 89.98 -16.78 39.30
CA ALA C 342 90.17 -17.07 37.89
C ALA C 342 89.48 -18.37 37.50
N ALA C 343 89.57 -19.39 38.35
CA ALA C 343 88.91 -20.66 38.06
C ALA C 343 87.40 -20.50 38.00
N LEU C 344 86.83 -19.74 38.94
CA LEU C 344 85.40 -19.50 38.91
C LEU C 344 84.98 -18.72 37.67
N LEU C 345 85.79 -17.74 37.29
CA LEU C 345 85.49 -16.96 36.07
C LEU C 345 85.50 -17.86 34.84
N SER C 346 86.50 -18.73 34.73
CA SER C 346 86.57 -19.66 33.60
C SER C 346 85.37 -20.60 33.61
N GLN C 347 84.99 -21.08 34.80
CA GLN C 347 83.81 -21.96 34.91
C GLN C 347 82.56 -21.24 34.43
N THR C 348 82.40 -19.98 34.84
CA THR C 348 81.24 -19.21 34.38
C THR C 348 81.28 -19.02 32.87
N VAL C 349 82.46 -18.76 32.32
CA VAL C 349 82.59 -18.55 30.89
C VAL C 349 82.19 -19.80 30.12
N GLY C 350 82.64 -20.97 30.60
CA GLY C 350 82.33 -22.21 29.90
C GLY C 350 80.86 -22.57 29.92
N LEU C 351 80.17 -22.27 31.02
CA LEU C 351 78.81 -22.76 31.24
C LEU C 351 77.73 -21.86 30.65
N LEU C 352 78.07 -20.67 30.20
CA LEU C 352 77.05 -19.73 29.74
C LEU C 352 76.46 -20.17 28.41
N ARG C 353 75.22 -19.73 28.17
CA ARG C 353 74.56 -19.98 26.89
C ARG C 353 73.58 -18.83 26.63
N GLY C 354 73.96 -17.94 25.72
CA GLY C 354 73.06 -16.87 25.32
C GLY C 354 72.55 -16.00 26.45
N GLU C 355 73.44 -15.59 27.36
CA GLU C 355 73.05 -14.86 28.55
C GLU C 355 73.96 -13.66 28.75
N ARG C 356 73.48 -12.72 29.57
CA ARG C 356 74.25 -11.52 29.87
C ARG C 356 75.36 -11.86 30.86
N ALA C 357 76.60 -11.71 30.42
CA ALA C 357 77.73 -12.03 31.29
C ALA C 357 77.83 -11.06 32.46
N ASP C 358 77.47 -9.79 32.25
CA ASP C 358 77.42 -8.85 33.36
C ASP C 358 76.43 -9.31 34.42
N GLU C 359 75.26 -9.76 33.99
CA GLU C 359 74.30 -10.32 34.94
C GLU C 359 74.86 -11.56 35.62
N ALA C 360 75.61 -12.38 34.87
CA ALA C 360 76.18 -13.59 35.44
C ALA C 360 77.16 -13.25 36.55
N VAL C 361 78.08 -12.32 36.30
CA VAL C 361 79.07 -11.97 37.31
C VAL C 361 78.40 -11.25 38.49
N ILE C 362 77.38 -10.43 38.22
CA ILE C 362 76.67 -9.78 39.31
C ILE C 362 76.00 -10.83 40.20
N ASP C 363 75.35 -11.81 39.59
CA ASP C 363 74.70 -12.87 40.36
C ASP C 363 75.73 -13.67 41.14
N LEU C 364 76.87 -13.97 40.53
CA LEU C 364 77.89 -14.75 41.22
C LEU C 364 78.45 -13.97 42.41
N ALA C 365 78.71 -12.68 42.24
CA ALA C 365 79.22 -11.88 43.34
C ALA C 365 78.19 -11.75 44.45
N GLU C 366 76.92 -11.57 44.08
CA GLU C 366 75.86 -11.50 45.09
C GLU C 366 75.75 -12.81 45.85
N LEU C 367 75.85 -13.94 45.14
CA LEU C 367 75.83 -15.25 45.81
C LEU C 367 77.01 -15.40 46.75
N ALA C 368 78.20 -14.97 46.31
CA ALA C 368 79.39 -15.09 47.15
C ALA C 368 79.26 -14.26 48.42
N VAL C 369 78.81 -13.01 48.29
CA VAL C 369 78.62 -12.17 49.48
C VAL C 369 77.45 -12.64 50.32
N SER C 370 76.48 -13.36 49.73
CA SER C 370 75.39 -13.95 50.49
C SER C 370 75.80 -15.24 51.19
N ARG C 371 76.92 -15.85 50.76
CA ARG C 371 77.44 -17.00 51.49
C ARG C 371 77.78 -16.61 52.92
N ARG C 372 78.42 -15.45 53.10
CA ARG C 372 78.60 -14.87 54.42
C ARG C 372 77.33 -14.16 54.85
N GLY C 373 77.30 -13.77 56.13
CA GLY C 373 76.12 -13.11 56.67
C GLY C 373 75.96 -11.65 56.28
N GLU C 374 76.97 -11.06 55.66
CA GLU C 374 76.90 -9.66 55.27
C GLU C 374 75.98 -9.47 54.06
N VAL C 375 75.47 -8.25 53.93
CA VAL C 375 74.54 -7.90 52.86
C VAL C 375 75.14 -6.74 52.07
N VAL C 376 75.12 -6.85 50.74
CA VAL C 376 75.73 -5.84 49.89
C VAL C 376 74.87 -4.58 49.88
N ALA C 377 75.52 -3.45 49.64
CA ALA C 377 74.83 -2.15 49.57
C ALA C 377 75.66 -1.21 48.73
N HIS C 378 75.04 -0.63 47.70
CA HIS C 378 75.74 0.31 46.82
C HIS C 378 75.72 1.71 47.41
N VAL C 379 76.89 2.31 47.55
CA VAL C 379 77.04 3.63 48.16
C VAL C 379 77.62 4.58 47.11
N SER C 380 76.91 5.67 46.86
CA SER C 380 77.34 6.69 45.91
C SER C 380 77.62 7.99 46.66
N ALA C 381 78.82 8.52 46.47
CA ALA C 381 79.26 9.74 47.12
C ALA C 381 80.20 10.50 46.19
N ALA C 382 80.31 11.80 46.43
CA ALA C 382 81.14 12.65 45.60
C ALA C 382 82.62 12.29 45.71
N ALA C 383 83.08 11.94 46.90
CA ALA C 383 84.49 11.60 47.12
C ALA C 383 84.57 10.52 48.18
N GLU C 384 85.72 9.87 48.25
CA GLU C 384 85.93 8.78 49.20
C GLU C 384 85.79 9.30 50.63
N LEU C 385 85.07 8.54 51.45
CA LEU C 385 84.86 8.90 52.84
C LEU C 385 86.05 8.44 53.69
N SER C 386 86.17 9.05 54.86
CA SER C 386 87.23 8.69 55.77
C SER C 386 87.05 7.27 56.29
N ASP C 387 88.16 6.63 56.64
CA ASP C 387 88.11 5.29 57.19
C ASP C 387 87.31 5.25 58.47
N ALA C 388 87.54 6.22 59.37
CA ALA C 388 86.71 6.33 60.56
C ALA C 388 85.27 6.65 60.18
N GLN C 389 85.08 7.53 59.21
CA GLN C 389 83.73 7.84 58.73
C GLN C 389 83.06 6.60 58.15
N ARG C 390 83.79 5.82 57.36
CA ARG C 390 83.22 4.62 56.76
C ARG C 390 82.88 3.58 57.82
N THR C 391 83.74 3.42 58.83
CA THR C 391 83.44 2.46 59.90
C THR C 391 82.22 2.91 60.71
N ARG C 392 82.10 4.22 60.96
CA ARG C 392 80.91 4.72 61.64
C ARG C 392 79.66 4.48 60.80
N LEU C 393 79.78 4.64 59.48
CA LEU C 393 78.65 4.33 58.59
C LEU C 393 78.26 2.87 58.67
N THR C 394 79.26 1.97 58.68
CA THR C 394 78.96 0.55 58.80
C THR C 394 78.31 0.24 60.13
N GLU C 395 78.75 0.90 61.20
CA GLU C 395 78.12 0.72 62.50
C GLU C 395 76.67 1.18 62.48
N VAL C 396 76.40 2.30 61.81
CA VAL C 396 75.02 2.78 61.69
C VAL C 396 74.17 1.76 60.92
N LEU C 397 74.72 1.22 59.83
CA LEU C 397 73.98 0.22 59.05
C LEU C 397 73.69 -1.02 59.88
N SER C 398 74.67 -1.48 60.67
CA SER C 398 74.43 -2.62 61.54
C SER C 398 73.45 -2.27 62.66
N ARG C 399 73.36 -1.00 63.02
CA ARG C 399 72.38 -0.59 64.03
C ARG C 399 70.97 -0.65 63.48
N ILE C 400 70.75 -0.09 62.29
CA ILE C 400 69.40 -0.07 61.73
C ILE C 400 68.97 -1.47 61.30
N TYR C 401 69.89 -2.25 60.72
CA TYR C 401 69.60 -3.60 60.27
C TYR C 401 70.51 -4.57 61.01
N GLY C 402 69.90 -5.60 61.60
CA GLY C 402 70.67 -6.54 62.41
C GLY C 402 71.74 -7.25 61.62
N ARG C 403 71.45 -7.58 60.36
CA ARG C 403 72.44 -8.22 59.51
C ARG C 403 73.57 -7.25 59.18
N PRO C 404 74.81 -7.72 59.15
CA PRO C 404 75.92 -6.85 58.73
C PRO C 404 75.74 -6.40 57.30
N VAL C 405 76.18 -5.17 57.02
CA VAL C 405 76.00 -4.55 55.71
C VAL C 405 77.36 -4.35 55.07
N SER C 406 77.54 -4.92 53.88
CA SER C 406 78.77 -4.73 53.13
C SER C 406 78.80 -3.36 52.50
N VAL C 407 79.98 -2.95 52.03
CA VAL C 407 80.20 -1.63 51.46
C VAL C 407 80.78 -1.78 50.07
N GLN C 408 80.14 -1.16 49.09
CA GLN C 408 80.63 -1.12 47.71
C GLN C 408 80.39 0.30 47.19
N LEU C 409 81.47 1.03 46.95
CA LEU C 409 81.39 2.46 46.65
C LEU C 409 81.56 2.71 45.16
N HIS C 410 80.67 3.52 44.60
CA HIS C 410 80.74 4.00 43.24
C HIS C 410 80.70 5.52 43.26
N VAL C 411 81.67 6.15 42.60
CA VAL C 411 81.81 7.60 42.66
C VAL C 411 80.91 8.24 41.61
N ASP C 412 80.13 9.23 42.04
CA ASP C 412 79.27 10.01 41.16
C ASP C 412 79.62 11.49 41.23
N PRO C 413 79.95 12.13 40.12
CA PRO C 413 80.35 13.54 40.17
C PRO C 413 79.18 14.51 40.04
N GLU C 414 78.03 13.99 39.57
CA GLU C 414 76.88 14.84 39.33
C GLU C 414 76.38 15.49 40.62
N LEU C 415 76.34 14.73 41.71
CA LEU C 415 75.87 15.27 42.98
C LEU C 415 76.80 16.36 43.47
N LEU C 416 76.21 17.47 43.90
CA LEU C 416 76.98 18.57 44.49
C LEU C 416 77.25 18.34 45.97
N GLY C 417 76.78 17.24 46.52
CA GLY C 417 77.01 16.94 47.93
C GLY C 417 76.16 15.78 48.37
N GLY C 418 76.01 15.64 49.69
CA GLY C 418 75.17 14.58 50.20
C GLY C 418 75.80 13.20 50.06
N LEU C 419 74.95 12.19 50.19
CA LEU C 419 75.37 10.80 50.15
C LEU C 419 74.15 9.94 49.85
N SER C 420 74.36 8.87 49.08
CA SER C 420 73.27 7.95 48.78
C SER C 420 73.71 6.52 49.07
N ILE C 421 72.82 5.75 49.68
CA ILE C 421 73.04 4.34 49.94
C ILE C 421 71.83 3.56 49.46
N THR C 422 72.08 2.31 49.05
CA THR C 422 71.04 1.41 48.60
C THR C 422 71.34 0.04 49.19
N VAL C 423 70.45 -0.43 50.06
CA VAL C 423 70.64 -1.68 50.78
C VAL C 423 69.82 -2.77 50.11
N GLY C 424 69.58 -2.60 48.81
CA GLY C 424 68.61 -3.42 48.11
C GLY C 424 67.65 -2.54 47.34
N ASP C 425 66.40 -2.51 47.76
CA ASP C 425 65.41 -1.65 47.12
C ASP C 425 65.10 -0.39 47.92
N GLU C 426 65.26 -0.41 49.25
CA GLU C 426 65.21 0.81 50.01
C GLU C 426 66.40 1.69 49.66
N VAL C 427 66.16 2.98 49.54
CA VAL C 427 67.18 3.94 49.12
C VAL C 427 67.18 5.13 50.06
N ILE C 428 68.39 5.55 50.45
CA ILE C 428 68.59 6.76 51.23
C ILE C 428 69.42 7.72 50.39
N ASP C 429 68.98 8.97 50.30
CA ASP C 429 69.69 9.96 49.48
C ASP C 429 69.57 11.33 50.09
N GLY C 430 70.71 11.98 50.31
CA GLY C 430 70.73 13.40 50.60
C GLY C 430 71.56 14.13 49.57
N SER C 431 70.91 14.88 48.69
CA SER C 431 71.59 15.49 47.56
C SER C 431 71.25 16.97 47.48
N ILE C 432 72.26 17.77 47.17
CA ILE C 432 72.04 19.18 46.91
C ILE C 432 71.14 19.35 45.69
N ALA C 433 71.44 18.61 44.62
CA ALA C 433 70.64 18.71 43.41
C ALA C 433 69.21 18.24 43.65
N SER C 434 69.03 17.13 44.37
CA SER C 434 67.69 16.62 44.62
C SER C 434 66.86 17.61 45.43
N ARG C 435 67.44 18.18 46.49
CA ARG C 435 66.69 19.11 47.31
C ARG C 435 66.43 20.42 46.58
N LEU C 436 67.39 20.86 45.75
CA LEU C 436 67.14 22.03 44.91
C LEU C 436 65.97 21.80 43.97
N ALA C 437 65.92 20.62 43.33
CA ALA C 437 64.80 20.31 42.45
C ALA C 437 63.49 20.27 43.21
N ALA C 438 63.50 19.66 44.41
CA ALA C 438 62.28 19.57 45.20
C ALA C 438 61.77 20.96 45.59
N ALA C 439 62.68 21.84 46.02
CA ALA C 439 62.28 23.19 46.39
C ALA C 439 61.80 23.97 45.16
N GLN C 440 62.47 23.81 44.02
CA GLN C 440 62.09 24.53 42.82
C GLN C 440 60.70 24.13 42.35
N THR C 441 60.44 22.82 42.24
CA THR C 441 59.17 22.37 41.70
C THR C 441 57.99 22.73 42.61
N GLY C 442 58.24 22.92 43.90
CA GLY C 442 57.17 23.25 44.83
C GLY C 442 57.09 24.74 45.11
N LEU C 443 57.74 25.54 44.26
CA LEU C 443 57.74 26.99 44.47
C LEU C 443 56.33 27.58 44.43
N PRO C 444 55.47 27.27 43.45
CA PRO C 444 54.13 27.88 43.50
C PRO C 444 53.27 27.29 44.61
N PRO D 5 -119.42 34.66 -49.74
CA PRO D 5 -118.10 34.92 -50.28
C PRO D 5 -116.97 34.78 -49.25
N ASN D 6 -117.12 33.82 -48.33
CA ASN D 6 -116.13 33.59 -47.30
C ASN D 6 -115.57 32.17 -47.27
N ALA D 7 -116.14 31.24 -48.03
CA ALA D 7 -115.65 29.87 -48.02
C ALA D 7 -114.22 29.78 -48.53
N ILE D 8 -113.90 30.54 -49.59
CA ILE D 8 -112.56 30.52 -50.14
C ILE D 8 -111.56 31.12 -49.16
N ILE D 9 -111.96 32.16 -48.44
CA ILE D 9 -111.10 32.74 -47.41
C ILE D 9 -110.81 31.71 -46.33
N THR D 10 -111.83 30.98 -45.90
CA THR D 10 -111.62 29.95 -44.88
C THR D 10 -110.70 28.85 -45.38
N ALA D 11 -110.89 28.41 -46.63
CA ALA D 11 -110.02 27.37 -47.19
C ALA D 11 -108.58 27.85 -47.28
N GLY D 12 -108.37 29.08 -47.72
CA GLY D 12 -107.03 29.63 -47.77
C GLY D 12 -106.39 29.74 -46.40
N ALA D 13 -107.19 30.11 -45.39
CA ALA D 13 -106.69 30.15 -44.03
C ALA D 13 -106.29 28.75 -43.56
N LEU D 14 -107.09 27.74 -43.91
CA LEU D 14 -106.74 26.36 -43.56
C LEU D 14 -105.42 25.96 -44.21
N ILE D 15 -105.25 26.31 -45.49
CA ILE D 15 -104.02 25.97 -46.20
C ILE D 15 -102.82 26.65 -45.56
N GLY D 16 -102.95 27.94 -45.25
CA GLY D 16 -101.85 28.65 -44.60
C GLY D 16 -101.51 28.07 -43.24
N GLY D 17 -102.54 27.73 -42.46
CA GLY D 17 -102.29 27.11 -41.16
C GLY D 17 -101.55 25.79 -41.30
N GLY D 18 -101.96 24.96 -42.27
CA GLY D 18 -101.26 23.71 -42.49
C GLY D 18 -99.81 23.91 -42.88
N LEU D 19 -99.56 24.83 -43.82
CA LEU D 19 -98.18 25.10 -44.22
C LEU D 19 -97.33 25.58 -43.05
N ILE D 20 -97.87 26.48 -42.25
CA ILE D 20 -97.12 27.02 -41.12
C ILE D 20 -96.86 25.93 -40.08
N MET D 21 -97.84 25.04 -39.87
CA MET D 21 -97.62 23.92 -38.95
C MET D 21 -96.50 23.02 -39.44
N GLY D 22 -96.49 22.71 -40.75
CA GLY D 22 -95.42 21.89 -41.29
C GLY D 22 -94.06 22.53 -41.15
N GLY D 23 -93.96 23.83 -41.45
CA GLY D 23 -92.69 24.52 -41.30
C GLY D 23 -92.19 24.53 -39.86
N GLY D 24 -93.09 24.81 -38.92
CA GLY D 24 -92.72 24.74 -37.52
C GLY D 24 -92.30 23.34 -37.12
N ALA D 25 -92.93 22.32 -37.70
CA ALA D 25 -92.50 20.95 -37.47
C ALA D 25 -91.07 20.75 -37.95
N ILE D 26 -90.74 21.30 -39.13
CA ILE D 26 -89.37 21.18 -39.62
C ILE D 26 -88.40 21.78 -38.61
N GLY D 27 -88.70 23.00 -38.17
CA GLY D 27 -87.80 23.68 -37.26
C GLY D 27 -87.61 22.91 -35.96
N ALA D 28 -88.73 22.54 -35.32
CA ALA D 28 -88.62 21.87 -34.03
C ALA D 28 -87.94 20.53 -34.17
N GLY D 29 -88.32 19.73 -35.17
CA GLY D 29 -87.76 18.41 -35.30
C GLY D 29 -86.27 18.44 -35.58
N ILE D 30 -85.84 19.29 -36.51
CA ILE D 30 -84.42 19.39 -36.81
C ILE D 30 -83.66 19.85 -35.58
N GLY D 31 -84.16 20.89 -34.91
CA GLY D 31 -83.47 21.39 -33.74
C GLY D 31 -83.32 20.35 -32.65
N ASP D 32 -84.41 19.67 -32.31
CA ASP D 32 -84.36 18.69 -31.22
C ASP D 32 -83.50 17.50 -31.60
N GLY D 33 -83.56 17.05 -32.85
CA GLY D 33 -82.74 15.91 -33.26
C GLY D 33 -81.26 16.20 -33.19
N ILE D 34 -80.84 17.35 -33.72
CA ILE D 34 -79.42 17.65 -33.69
C ILE D 34 -78.97 17.99 -32.27
N ALA D 35 -79.85 18.57 -31.46
CA ALA D 35 -79.51 18.79 -30.06
C ALA D 35 -79.31 17.47 -29.33
N GLY D 36 -80.17 16.49 -29.60
CA GLY D 36 -79.99 15.17 -29.00
C GLY D 36 -78.71 14.50 -29.44
N ASN D 37 -78.40 14.60 -30.73
CA ASN D 37 -77.12 14.11 -31.24
C ASN D 37 -75.96 14.72 -30.48
N ALA D 38 -75.96 16.05 -30.35
CA ALA D 38 -74.88 16.74 -29.69
C ALA D 38 -74.76 16.34 -28.22
N LEU D 39 -75.89 16.27 -27.50
CA LEU D 39 -75.83 15.96 -26.08
C LEU D 39 -75.39 14.52 -25.84
N ILE D 40 -75.89 13.59 -26.64
CA ILE D 40 -75.45 12.20 -26.49
C ILE D 40 -73.99 12.02 -26.87
N SER D 41 -73.50 12.80 -27.84
CA SER D 41 -72.07 12.76 -28.14
C SER D 41 -71.24 13.32 -27.00
N GLY D 42 -71.73 14.40 -26.38
CA GLY D 42 -70.97 15.04 -25.31
C GLY D 42 -70.94 14.27 -24.02
N ILE D 43 -72.05 13.64 -23.64
CA ILE D 43 -72.10 12.94 -22.35
C ILE D 43 -71.19 11.73 -22.34
N ALA D 44 -71.01 11.06 -23.48
CA ALA D 44 -70.21 9.84 -23.53
C ALA D 44 -68.76 10.11 -23.18
N ARG D 45 -68.21 11.25 -23.61
CA ARG D 45 -66.81 11.54 -23.36
C ARG D 45 -66.51 11.66 -21.86
N GLN D 46 -67.36 12.38 -21.13
CA GLN D 46 -67.18 12.57 -19.69
C GLN D 46 -68.50 12.26 -18.99
N PRO D 47 -68.60 11.14 -18.28
CA PRO D 47 -69.86 10.81 -17.59
C PRO D 47 -70.24 11.77 -16.48
N GLU D 48 -69.32 12.60 -15.99
CA GLU D 48 -69.56 13.49 -14.87
C GLU D 48 -69.48 14.96 -15.28
N ALA D 49 -70.06 15.29 -16.44
CA ALA D 49 -70.06 16.66 -16.93
C ALA D 49 -71.46 17.23 -17.14
N GLN D 50 -72.50 16.56 -16.65
CA GLN D 50 -73.86 17.04 -16.86
C GLN D 50 -74.10 18.37 -16.16
N GLY D 51 -73.36 18.65 -15.09
CA GLY D 51 -73.59 19.88 -14.33
C GLY D 51 -73.29 21.14 -15.12
N ARG D 52 -72.22 21.12 -15.91
CA ARG D 52 -71.82 22.29 -16.70
C ARG D 52 -72.57 22.40 -18.01
N LEU D 53 -73.41 21.43 -18.37
CA LEU D 53 -74.16 21.46 -19.61
C LEU D 53 -75.66 21.51 -19.39
N PHE D 54 -76.11 21.81 -18.16
CA PHE D 54 -77.54 21.88 -17.89
C PHE D 54 -78.16 23.10 -18.57
N THR D 55 -77.70 24.29 -18.19
CA THR D 55 -78.28 25.53 -18.69
C THR D 55 -78.19 25.70 -20.21
N PRO D 56 -77.09 25.35 -20.90
CA PRO D 56 -77.10 25.51 -22.36
C PRO D 56 -78.12 24.62 -23.05
N PHE D 57 -78.19 23.35 -22.64
CA PHE D 57 -79.19 22.44 -23.21
C PHE D 57 -80.61 22.93 -22.92
N PHE D 58 -80.86 23.38 -21.68
CA PHE D 58 -82.19 23.85 -21.34
C PHE D 58 -82.58 25.08 -22.15
N ILE D 59 -81.66 26.02 -22.34
CA ILE D 59 -82.02 27.22 -23.11
C ILE D 59 -82.19 26.89 -24.58
N THR D 60 -81.34 26.01 -25.12
CA THR D 60 -81.44 25.71 -26.55
C THR D 60 -82.68 24.89 -26.86
N VAL D 61 -83.23 24.17 -25.88
CA VAL D 61 -84.51 23.53 -26.15
C VAL D 61 -85.66 24.50 -25.88
N GLY D 62 -85.53 25.36 -24.87
CA GLY D 62 -86.62 26.26 -24.53
C GLY D 62 -86.91 27.28 -25.60
N LEU D 63 -85.87 27.78 -26.26
CA LEU D 63 -86.10 28.79 -27.30
C LEU D 63 -86.96 28.22 -28.43
N VAL D 64 -86.60 27.03 -28.91
CA VAL D 64 -87.35 26.43 -30.03
C VAL D 64 -88.74 26.00 -29.58
N GLU D 65 -88.87 25.46 -28.36
CA GLU D 65 -90.20 25.10 -27.87
C GLU D 65 -91.11 26.32 -27.77
N ALA D 66 -90.57 27.43 -27.26
CA ALA D 66 -91.37 28.65 -27.14
C ALA D 66 -91.77 29.18 -28.50
N ALA D 67 -90.82 29.23 -29.45
CA ALA D 67 -91.15 29.73 -30.78
C ALA D 67 -92.23 28.88 -31.44
N TYR D 68 -92.06 27.56 -31.38
CA TYR D 68 -93.06 26.65 -31.93
C TYR D 68 -94.43 26.90 -31.31
N PHE D 69 -94.49 26.95 -29.98
CA PHE D 69 -95.79 27.06 -29.31
C PHE D 69 -96.45 28.42 -29.56
N ILE D 70 -95.65 29.50 -29.59
CA ILE D 70 -96.25 30.81 -29.83
C ILE D 70 -96.77 30.90 -31.26
N ASN D 71 -96.04 30.36 -32.23
CA ASN D 71 -96.53 30.37 -33.61
C ASN D 71 -97.82 29.55 -33.73
N LEU D 72 -97.84 28.36 -33.11
CA LEU D 72 -99.04 27.54 -33.15
C LEU D 72 -100.23 28.27 -32.52
N ALA D 73 -100.03 28.87 -31.35
CA ALA D 73 -101.12 29.55 -30.67
C ALA D 73 -101.63 30.72 -31.51
N PHE D 74 -100.71 31.53 -32.05
CA PHE D 74 -101.13 32.68 -32.84
C PHE D 74 -101.92 32.24 -34.05
N MET D 75 -101.44 31.23 -34.77
CA MET D 75 -102.11 30.86 -36.02
C MET D 75 -103.45 30.18 -35.73
N ALA D 76 -103.51 29.33 -34.71
CA ALA D 76 -104.77 28.67 -34.35
C ALA D 76 -105.82 29.69 -33.91
N LEU D 77 -105.43 30.65 -33.07
CA LEU D 77 -106.39 31.67 -32.65
C LEU D 77 -106.83 32.54 -33.82
N PHE D 78 -105.91 32.90 -34.72
CA PHE D 78 -106.29 33.72 -35.86
C PHE D 78 -107.26 32.98 -36.79
N VAL D 79 -107.02 31.69 -37.01
CA VAL D 79 -107.89 30.92 -37.89
C VAL D 79 -109.26 30.71 -37.25
N PHE D 80 -109.27 30.26 -35.99
CA PHE D 80 -110.55 29.91 -35.37
C PHE D 80 -111.37 31.14 -35.02
N ALA D 81 -110.76 32.15 -34.39
CA ALA D 81 -111.47 33.30 -33.86
C ALA D 81 -111.00 34.58 -34.53
N THR D 82 -111.96 35.38 -35.00
CA THR D 82 -111.71 36.67 -35.62
C THR D 82 -110.64 36.61 -36.73
N PRO D 83 -110.90 35.86 -37.80
CA PRO D 83 -109.99 35.92 -38.94
C PRO D 83 -110.14 37.23 -39.70
N GLY D 84 -109.07 37.63 -40.37
CA GLY D 84 -109.10 38.83 -41.19
C GLY D 84 -110.11 38.66 -42.31
N LEU D 85 -111.04 39.60 -42.44
CA LEU D 85 -112.07 39.51 -43.47
C LEU D 85 -112.47 40.90 -43.95
N PRO E 5 -118.29 26.27 -51.35
CA PRO E 5 -117.82 25.02 -51.94
C PRO E 5 -116.99 24.20 -50.95
N ASN E 6 -117.59 23.14 -50.41
CA ASN E 6 -116.90 22.31 -49.43
C ASN E 6 -115.78 21.48 -50.05
N ALA E 7 -115.83 21.22 -51.37
CA ALA E 7 -114.84 20.37 -52.00
C ALA E 7 -113.45 21.00 -51.95
N ILE E 8 -113.34 22.26 -52.36
CA ILE E 8 -112.04 22.94 -52.35
C ILE E 8 -111.56 23.14 -50.91
N ILE E 9 -112.48 23.40 -49.98
CA ILE E 9 -112.09 23.57 -48.58
C ILE E 9 -111.48 22.28 -48.04
N THR E 10 -112.16 21.15 -48.30
CA THR E 10 -111.66 19.87 -47.84
C THR E 10 -110.33 19.52 -48.50
N ALA E 11 -110.21 19.80 -49.80
CA ALA E 11 -108.96 19.51 -50.50
C ALA E 11 -107.82 20.34 -49.94
N GLY E 12 -108.06 21.63 -49.68
CA GLY E 12 -107.03 22.47 -49.11
C GLY E 12 -106.63 22.03 -47.72
N ALA E 13 -107.60 21.67 -46.88
CA ALA E 13 -107.29 21.17 -45.55
C ALA E 13 -106.49 19.88 -45.64
N LEU E 14 -106.84 19.00 -46.58
CA LEU E 14 -106.16 17.71 -46.70
C LEU E 14 -104.73 17.89 -47.21
N ILE E 15 -104.51 18.78 -48.17
CA ILE E 15 -103.15 19.02 -48.65
C ILE E 15 -102.32 19.71 -47.57
N GLY E 16 -102.93 20.61 -46.80
CA GLY E 16 -102.20 21.19 -45.67
C GLY E 16 -101.79 20.15 -44.65
N GLY E 17 -102.71 19.26 -44.29
CA GLY E 17 -102.37 18.21 -43.35
C GLY E 17 -101.32 17.25 -43.89
N GLY E 18 -101.37 16.99 -45.20
CA GLY E 18 -100.34 16.16 -45.81
C GLY E 18 -98.97 16.82 -45.76
N LEU E 19 -98.91 18.12 -46.06
CA LEU E 19 -97.67 18.86 -45.86
C LEU E 19 -97.19 18.74 -44.42
N ILE E 20 -98.11 18.89 -43.47
CA ILE E 20 -97.75 18.79 -42.06
C ILE E 20 -97.12 17.44 -41.75
N MET E 21 -97.80 16.35 -42.10
CA MET E 21 -97.32 15.05 -41.68
C MET E 21 -96.05 14.67 -42.44
N GLY E 22 -95.94 15.14 -43.69
CA GLY E 22 -94.73 14.89 -44.45
C GLY E 22 -93.52 15.58 -43.87
N GLY E 23 -93.68 16.85 -43.50
CA GLY E 23 -92.60 17.55 -42.81
C GLY E 23 -92.25 16.87 -41.49
N GLY E 24 -93.27 16.43 -40.75
CA GLY E 24 -93.00 15.69 -39.53
C GLY E 24 -92.24 14.41 -39.78
N ALA E 25 -92.60 13.68 -40.84
CA ALA E 25 -91.91 12.43 -41.15
C ALA E 25 -90.47 12.68 -41.57
N ILE E 26 -90.24 13.72 -42.39
CA ILE E 26 -88.89 14.05 -42.80
C ILE E 26 -88.04 14.42 -41.59
N GLY E 27 -88.57 15.28 -40.72
CA GLY E 27 -87.83 15.67 -39.53
C GLY E 27 -87.56 14.50 -38.60
N ALA E 28 -88.55 13.64 -38.39
CA ALA E 28 -88.38 12.48 -37.53
C ALA E 28 -87.32 11.54 -38.10
N GLY E 29 -87.36 11.29 -39.41
CA GLY E 29 -86.37 10.43 -40.01
C GLY E 29 -84.96 11.00 -39.88
N ILE E 30 -84.81 12.29 -40.15
CA ILE E 30 -83.49 12.92 -40.05
C ILE E 30 -82.98 12.83 -38.62
N GLY E 31 -83.83 13.18 -37.65
CA GLY E 31 -83.40 13.17 -36.25
C GLY E 31 -83.05 11.78 -35.77
N ASP E 32 -83.90 10.80 -36.10
CA ASP E 32 -83.63 9.43 -35.69
C ASP E 32 -82.31 8.94 -36.30
N GLY E 33 -82.08 9.23 -37.58
CA GLY E 33 -80.86 8.78 -38.20
C GLY E 33 -79.61 9.43 -37.64
N ILE E 34 -79.67 10.73 -37.37
CA ILE E 34 -78.49 11.40 -36.83
C ILE E 34 -78.21 10.93 -35.40
N ALA E 35 -79.27 10.72 -34.61
CA ALA E 35 -79.06 10.18 -33.27
C ALA E 35 -78.49 8.76 -33.35
N GLY E 36 -78.96 7.97 -34.31
CA GLY E 36 -78.39 6.65 -34.50
C GLY E 36 -76.94 6.70 -34.91
N ASN E 37 -76.58 7.67 -35.75
CA ASN E 37 -75.18 7.84 -36.12
C ASN E 37 -74.34 8.24 -34.91
N ALA E 38 -74.88 9.07 -34.05
CA ALA E 38 -74.18 9.42 -32.81
C ALA E 38 -73.96 8.20 -31.94
N LEU E 39 -75.00 7.37 -31.78
CA LEU E 39 -74.86 6.14 -31.03
C LEU E 39 -73.83 5.22 -31.67
N ILE E 40 -73.84 5.15 -33.00
CA ILE E 40 -72.89 4.33 -33.75
C ILE E 40 -71.46 4.76 -33.44
N SER E 41 -71.18 6.06 -33.56
CA SER E 41 -69.83 6.55 -33.32
C SER E 41 -69.42 6.35 -31.87
N GLY E 42 -70.33 6.62 -30.94
CA GLY E 42 -70.01 6.44 -29.54
C GLY E 42 -69.68 5.00 -29.17
N ILE E 43 -70.50 4.06 -29.65
CA ILE E 43 -70.27 2.65 -29.33
C ILE E 43 -69.01 2.15 -30.03
N ALA E 44 -68.79 2.57 -31.28
CA ALA E 44 -67.58 2.15 -31.98
C ALA E 44 -66.34 2.70 -31.31
N ARG E 45 -66.45 3.86 -30.66
CA ARG E 45 -65.31 4.44 -29.97
C ARG E 45 -65.00 3.67 -28.69
N GLN E 46 -65.95 3.64 -27.76
CA GLN E 46 -65.79 2.96 -26.47
C GLN E 46 -66.97 2.04 -26.24
N PRO E 47 -66.94 0.83 -26.79
CA PRO E 47 -68.09 -0.08 -26.64
C PRO E 47 -68.37 -0.47 -25.20
N GLU E 48 -67.40 -0.36 -24.32
CA GLU E 48 -67.60 -0.78 -22.94
C GLU E 48 -68.46 0.21 -22.18
N ALA E 49 -69.13 -0.30 -21.14
CA ALA E 49 -69.93 0.50 -20.22
C ALA E 49 -71.03 1.28 -20.96
N GLN E 50 -71.89 0.54 -21.67
CA GLN E 50 -72.96 1.16 -22.44
C GLN E 50 -74.10 1.67 -21.58
N GLY E 51 -74.10 1.39 -20.27
CA GLY E 51 -75.22 1.77 -19.43
C GLY E 51 -75.51 3.25 -19.46
N ARG E 52 -74.46 4.08 -19.40
CA ARG E 52 -74.67 5.53 -19.45
C ARG E 52 -75.15 5.96 -20.83
N LEU E 53 -74.76 5.23 -21.87
CA LEU E 53 -75.09 5.62 -23.24
C LEU E 53 -76.56 5.44 -23.58
N PHE E 54 -77.27 4.59 -22.83
CA PHE E 54 -78.64 4.27 -23.20
C PHE E 54 -79.58 5.45 -22.93
N THR E 55 -79.39 6.15 -21.82
CA THR E 55 -80.34 7.18 -21.42
C THR E 55 -80.45 8.35 -22.40
N PRO E 56 -79.36 8.97 -22.88
CA PRO E 56 -79.54 10.12 -23.79
C PRO E 56 -80.19 9.75 -25.10
N PHE E 57 -79.88 8.56 -25.63
CA PHE E 57 -80.55 8.08 -26.83
C PHE E 57 -82.04 7.94 -26.57
N PHE E 58 -82.42 7.39 -25.42
CA PHE E 58 -83.82 7.27 -25.06
C PHE E 58 -84.47 8.64 -25.00
N ILE E 59 -83.78 9.62 -24.40
CA ILE E 59 -84.34 10.96 -24.25
C ILE E 59 -84.58 11.60 -25.61
N THR E 60 -83.60 11.52 -26.50
CA THR E 60 -83.73 12.20 -27.79
C THR E 60 -84.77 11.51 -28.68
N VAL E 61 -84.81 10.18 -28.68
CA VAL E 61 -85.83 9.51 -29.48
C VAL E 61 -87.21 9.79 -28.92
N GLY E 62 -87.33 9.86 -27.59
CA GLY E 62 -88.61 10.23 -27.00
C GLY E 62 -89.03 11.63 -27.39
N LEU E 63 -88.09 12.58 -27.40
CA LEU E 63 -88.42 13.95 -27.78
C LEU E 63 -88.91 14.03 -29.23
N VAL E 64 -88.15 13.43 -30.15
CA VAL E 64 -88.51 13.55 -31.56
C VAL E 64 -89.81 12.80 -31.84
N GLU E 65 -89.99 11.63 -31.22
CA GLU E 65 -91.24 10.89 -31.41
C GLU E 65 -92.42 11.63 -30.78
N ALA E 66 -92.19 12.30 -29.66
CA ALA E 66 -93.26 13.10 -29.05
C ALA E 66 -93.70 14.21 -29.98
N ALA E 67 -92.74 14.91 -30.58
CA ALA E 67 -93.09 15.96 -31.54
C ALA E 67 -93.86 15.39 -32.73
N TYR E 68 -93.36 14.28 -33.28
CA TYR E 68 -94.02 13.67 -34.44
C TYR E 68 -95.44 13.23 -34.09
N PHE E 69 -95.63 12.62 -32.92
CA PHE E 69 -96.92 12.06 -32.59
C PHE E 69 -97.92 13.14 -32.16
N ILE E 70 -97.47 14.22 -31.50
CA ILE E 70 -98.40 15.31 -31.24
C ILE E 70 -98.82 15.96 -32.55
N ASN E 71 -97.88 16.08 -33.50
CA ASN E 71 -98.25 16.62 -34.80
C ASN E 71 -99.28 15.72 -35.49
N LEU E 72 -99.06 14.39 -35.42
CA LEU E 72 -100.00 13.45 -36.03
C LEU E 72 -101.37 13.52 -35.37
N ALA E 73 -101.41 13.59 -34.04
CA ALA E 73 -102.70 13.69 -33.36
C ALA E 73 -103.43 14.96 -33.76
N PHE E 74 -102.70 16.08 -33.86
CA PHE E 74 -103.38 17.33 -34.19
C PHE E 74 -103.87 17.34 -35.63
N MET E 75 -103.09 16.80 -36.57
CA MET E 75 -103.59 16.74 -37.95
C MET E 75 -104.80 15.83 -38.05
N ALA E 76 -104.77 14.69 -37.34
CA ALA E 76 -105.91 13.79 -37.38
C ALA E 76 -107.16 14.45 -36.82
N LEU E 77 -107.00 15.23 -35.75
CA LEU E 77 -108.15 15.95 -35.20
C LEU E 77 -108.62 17.06 -36.13
N PHE E 78 -107.70 17.73 -36.82
CA PHE E 78 -108.06 18.94 -37.54
C PHE E 78 -108.62 18.63 -38.93
N VAL E 79 -108.13 17.58 -39.59
CA VAL E 79 -108.57 17.32 -40.96
C VAL E 79 -110.07 17.05 -41.02
N PHE E 80 -110.59 16.30 -40.08
CA PHE E 80 -112.01 15.94 -40.06
C PHE E 80 -112.87 16.96 -39.33
N ALA E 81 -112.26 18.03 -38.81
CA ALA E 81 -112.99 19.09 -38.11
C ALA E 81 -112.85 20.38 -38.89
N THR E 82 -113.98 21.02 -39.20
CA THR E 82 -114.00 22.28 -39.92
C THR E 82 -115.27 23.02 -39.53
N PRO E 83 -115.15 24.25 -39.01
CA PRO E 83 -116.36 24.97 -38.59
C PRO E 83 -117.32 25.15 -39.76
N GLY E 84 -118.60 24.99 -39.46
CA GLY E 84 -119.63 25.08 -40.48
C GLY E 84 -119.70 23.89 -41.40
N LEU E 85 -118.89 22.86 -41.18
CA LEU E 85 -118.94 21.65 -41.97
C LEU E 85 -119.10 20.42 -41.06
N PRO F 5 -120.53 17.71 -58.45
CA PRO F 5 -120.72 17.57 -57.01
C PRO F 5 -119.93 16.40 -56.42
N ASN F 6 -120.26 15.18 -56.81
CA ASN F 6 -119.52 14.02 -56.33
C ASN F 6 -118.16 13.89 -57.03
N ALA F 7 -118.08 14.29 -58.29
CA ALA F 7 -116.83 14.19 -59.04
C ALA F 7 -115.73 15.03 -58.40
N ILE F 8 -116.05 16.27 -58.04
CA ILE F 8 -115.05 17.14 -57.42
C ILE F 8 -114.67 16.62 -56.04
N ILE F 9 -115.63 16.03 -55.31
CA ILE F 9 -115.32 15.46 -54.00
C ILE F 9 -114.33 14.30 -54.16
N THR F 10 -114.58 13.44 -55.15
CA THR F 10 -113.65 12.34 -55.43
C THR F 10 -112.28 12.87 -55.83
N ALA F 11 -112.25 13.92 -56.65
CA ALA F 11 -110.98 14.51 -57.08
C ALA F 11 -110.20 15.04 -55.88
N GLY F 12 -110.88 15.74 -54.98
CA GLY F 12 -110.21 16.24 -53.78
C GLY F 12 -109.70 15.13 -52.89
N ALA F 13 -110.51 14.08 -52.71
CA ALA F 13 -110.07 12.96 -51.89
C ALA F 13 -108.85 12.28 -52.48
N LEU F 14 -108.81 12.11 -53.80
CA LEU F 14 -107.66 11.45 -54.41
C LEU F 14 -106.44 12.37 -54.40
N ILE F 15 -106.62 13.68 -54.54
CA ILE F 15 -105.51 14.62 -54.36
C ILE F 15 -104.92 14.46 -52.96
N GLY F 16 -105.79 14.42 -51.96
CA GLY F 16 -105.32 14.21 -50.61
C GLY F 16 -104.55 12.91 -50.47
N GLY F 17 -105.10 11.82 -51.02
CA GLY F 17 -104.41 10.54 -50.93
C GLY F 17 -103.04 10.55 -51.60
N GLY F 18 -102.97 11.19 -52.78
CA GLY F 18 -101.69 11.25 -53.48
C GLY F 18 -100.63 12.05 -52.73
N LEU F 19 -101.01 13.22 -52.22
CA LEU F 19 -100.04 14.02 -51.48
C LEU F 19 -99.67 13.32 -50.17
N ILE F 20 -100.64 12.64 -49.56
CA ILE F 20 -100.39 11.81 -48.39
C ILE F 20 -99.31 10.79 -48.70
N MET F 21 -99.46 10.08 -49.83
CA MET F 21 -98.49 9.07 -50.22
C MET F 21 -97.12 9.67 -50.48
N GLY F 22 -97.09 10.85 -51.13
CA GLY F 22 -95.80 11.49 -51.39
C GLY F 22 -95.05 11.83 -50.12
N GLY F 23 -95.75 12.43 -49.15
CA GLY F 23 -95.12 12.74 -47.89
C GLY F 23 -94.63 11.49 -47.16
N GLY F 24 -95.47 10.45 -47.12
CA GLY F 24 -95.05 9.22 -46.48
C GLY F 24 -93.85 8.60 -47.15
N ALA F 25 -93.82 8.60 -48.48
CA ALA F 25 -92.71 8.01 -49.21
C ALA F 25 -91.41 8.77 -48.97
N ILE F 26 -91.45 10.11 -49.01
CA ILE F 26 -90.23 10.87 -48.81
C ILE F 26 -89.72 10.70 -47.37
N GLY F 27 -90.63 10.67 -46.40
CA GLY F 27 -90.22 10.45 -45.03
C GLY F 27 -89.58 9.09 -44.82
N ALA F 28 -90.21 8.05 -45.37
CA ALA F 28 -89.64 6.72 -45.27
C ALA F 28 -88.28 6.64 -45.95
N GLY F 29 -88.15 7.28 -47.12
CA GLY F 29 -86.89 7.23 -47.83
C GLY F 29 -85.76 7.89 -47.05
N ILE F 30 -86.02 9.09 -46.51
CA ILE F 30 -84.95 9.77 -45.77
C ILE F 30 -84.60 8.99 -44.51
N GLY F 31 -85.60 8.48 -43.79
CA GLY F 31 -85.31 7.72 -42.58
C GLY F 31 -84.49 6.48 -42.87
N ASP F 32 -84.89 5.71 -43.88
CA ASP F 32 -84.17 4.50 -44.25
C ASP F 32 -82.74 4.82 -44.70
N GLY F 33 -82.58 5.86 -45.51
CA GLY F 33 -81.24 6.21 -45.98
C GLY F 33 -80.31 6.60 -44.84
N ILE F 34 -80.81 7.44 -43.92
CA ILE F 34 -79.93 7.90 -42.84
C ILE F 34 -79.64 6.78 -41.85
N ALA F 35 -80.62 5.90 -41.59
CA ALA F 35 -80.34 4.74 -40.75
C ALA F 35 -79.30 3.83 -41.39
N GLY F 36 -79.39 3.63 -42.71
CA GLY F 36 -78.37 2.87 -43.40
C GLY F 36 -77.00 3.52 -43.33
N ASN F 37 -76.95 4.85 -43.39
CA ASN F 37 -75.69 5.56 -43.22
C ASN F 37 -75.08 5.26 -41.87
N ALA F 38 -75.89 5.35 -40.81
CA ALA F 38 -75.39 5.05 -39.47
C ALA F 38 -74.87 3.62 -39.40
N LEU F 39 -75.62 2.67 -39.97
CA LEU F 39 -75.24 1.27 -39.89
C LEU F 39 -73.94 1.00 -40.65
N ILE F 40 -73.79 1.59 -41.83
CA ILE F 40 -72.57 1.35 -42.61
C ILE F 40 -71.37 2.02 -41.95
N SER F 41 -71.57 3.20 -41.34
CA SER F 41 -70.50 3.82 -40.59
C SER F 41 -70.07 2.93 -39.44
N GLY F 42 -71.04 2.30 -38.77
CA GLY F 42 -70.70 1.37 -37.70
C GLY F 42 -69.94 0.15 -38.20
N ILE F 43 -70.39 -0.42 -39.32
CA ILE F 43 -69.72 -1.61 -39.86
C ILE F 43 -68.29 -1.28 -40.25
N ALA F 44 -68.09 -0.13 -40.92
CA ALA F 44 -66.74 0.26 -41.31
C ALA F 44 -65.87 0.54 -40.08
N ARG F 45 -66.43 1.21 -39.07
CA ARG F 45 -65.65 1.58 -37.90
C ARG F 45 -65.33 0.37 -37.02
N GLN F 46 -66.32 -0.48 -36.78
CA GLN F 46 -66.16 -1.62 -35.87
C GLN F 46 -66.87 -2.83 -36.45
N PRO F 47 -66.15 -3.74 -37.11
CA PRO F 47 -66.81 -4.94 -37.64
C PRO F 47 -67.31 -5.89 -36.57
N GLU F 48 -66.66 -5.96 -35.42
CA GLU F 48 -66.92 -7.00 -34.43
C GLU F 48 -67.96 -6.61 -33.38
N ALA F 49 -68.46 -5.38 -33.41
CA ALA F 49 -69.49 -4.96 -32.46
C ALA F 49 -70.91 -5.11 -33.00
N GLN F 50 -71.13 -6.10 -33.87
CA GLN F 50 -72.42 -6.27 -34.52
C GLN F 50 -73.50 -6.84 -33.60
N GLY F 51 -73.11 -7.44 -32.48
CA GLY F 51 -74.11 -8.02 -31.57
C GLY F 51 -75.00 -6.96 -30.95
N ARG F 52 -74.42 -5.81 -30.58
CA ARG F 52 -75.16 -4.69 -30.03
C ARG F 52 -75.33 -3.57 -31.05
N LEU F 53 -75.57 -3.93 -32.31
CA LEU F 53 -75.53 -2.97 -33.41
C LEU F 53 -76.86 -2.89 -34.14
N PHE F 54 -77.53 -4.03 -34.28
CA PHE F 54 -78.74 -4.10 -35.09
C PHE F 54 -80.01 -3.65 -34.37
N THR F 55 -80.02 -3.68 -33.04
CA THR F 55 -81.25 -3.35 -32.32
C THR F 55 -81.71 -1.90 -32.52
N PRO F 56 -80.88 -0.86 -32.38
CA PRO F 56 -81.40 0.49 -32.59
C PRO F 56 -81.82 0.74 -34.03
N PHE F 57 -81.09 0.19 -35.00
CA PHE F 57 -81.48 0.31 -36.40
C PHE F 57 -82.83 -0.35 -36.64
N PHE F 58 -83.04 -1.53 -36.05
CA PHE F 58 -84.32 -2.21 -36.17
C PHE F 58 -85.43 -1.38 -35.56
N ILE F 59 -85.17 -0.78 -34.40
CA ILE F 59 -86.19 0.06 -33.74
C ILE F 59 -86.55 1.25 -34.62
N THR F 60 -85.54 1.92 -35.18
CA THR F 60 -85.79 3.09 -36.00
C THR F 60 -86.56 2.75 -37.27
N VAL F 61 -86.12 1.70 -37.98
CA VAL F 61 -86.80 1.30 -39.20
C VAL F 61 -88.23 0.86 -38.88
N GLY F 62 -88.43 0.16 -37.76
CA GLY F 62 -89.75 -0.27 -37.39
C GLY F 62 -90.68 0.89 -37.08
N LEU F 63 -90.19 1.89 -36.36
CA LEU F 63 -91.05 3.05 -36.06
C LEU F 63 -91.37 3.83 -37.33
N VAL F 64 -90.39 3.99 -38.22
CA VAL F 64 -90.65 4.71 -39.46
C VAL F 64 -91.69 3.98 -40.30
N GLU F 65 -91.53 2.66 -40.44
CA GLU F 65 -92.49 1.90 -41.24
C GLU F 65 -93.83 1.78 -40.54
N ALA F 66 -93.87 1.87 -39.21
CA ALA F 66 -95.15 1.87 -38.51
C ALA F 66 -95.91 3.17 -38.76
N ALA F 67 -95.21 4.30 -38.72
CA ALA F 67 -95.85 5.56 -39.10
C ALA F 67 -96.30 5.53 -40.55
N TYR F 68 -95.49 4.93 -41.43
CA TYR F 68 -95.87 4.81 -42.83
C TYR F 68 -97.11 3.94 -43.00
N PHE F 69 -97.20 2.84 -42.24
CA PHE F 69 -98.38 1.98 -42.28
C PHE F 69 -99.61 2.70 -41.76
N ILE F 70 -99.45 3.50 -40.71
CA ILE F 70 -100.57 4.32 -40.22
C ILE F 70 -101.02 5.30 -41.30
N ASN F 71 -100.05 5.87 -42.02
CA ASN F 71 -100.37 6.81 -43.10
C ASN F 71 -101.17 6.12 -44.20
N LEU F 72 -100.72 4.94 -44.62
CA LEU F 72 -101.47 4.13 -45.60
C LEU F 72 -102.86 3.78 -45.08
N ALA F 73 -102.97 3.37 -43.82
CA ALA F 73 -104.27 2.97 -43.30
C ALA F 73 -105.24 4.14 -43.32
N PHE F 74 -104.79 5.32 -42.88
CA PHE F 74 -105.67 6.48 -42.89
C PHE F 74 -106.06 6.86 -44.32
N MET F 75 -105.09 6.85 -45.24
CA MET F 75 -105.39 7.19 -46.62
C MET F 75 -106.44 6.25 -47.21
N ALA F 76 -106.23 4.95 -47.07
CA ALA F 76 -107.16 3.98 -47.63
C ALA F 76 -108.53 4.11 -46.99
N LEU F 77 -108.58 4.25 -45.66
CA LEU F 77 -109.87 4.37 -44.98
C LEU F 77 -110.61 5.63 -45.41
N PHE F 78 -109.87 6.69 -45.73
CA PHE F 78 -110.51 7.93 -46.15
C PHE F 78 -111.00 7.85 -47.59
N VAL F 79 -110.28 7.13 -48.45
CA VAL F 79 -110.60 7.17 -49.88
C VAL F 79 -111.99 6.61 -50.15
N PHE F 80 -112.29 5.41 -49.63
CA PHE F 80 -113.57 4.80 -49.95
C PHE F 80 -114.70 5.23 -49.03
N ALA F 81 -114.42 6.03 -48.01
CA ALA F 81 -115.42 6.51 -47.07
C ALA F 81 -115.48 8.03 -47.16
N THR F 82 -116.25 8.53 -48.10
CA THR F 82 -116.39 9.97 -48.25
C THR F 82 -117.22 10.55 -47.10
N PRO F 83 -116.92 11.76 -46.65
CA PRO F 83 -117.68 12.37 -45.55
C PRO F 83 -119.00 12.97 -46.02
N GLY F 84 -119.91 12.11 -46.45
CA GLY F 84 -121.21 12.54 -46.94
C GLY F 84 -121.40 12.29 -48.42
N PRO G 5 -115.79 16.74 -66.58
CA PRO G 5 -116.19 16.04 -65.35
C PRO G 5 -115.06 15.20 -64.77
N ASN G 6 -114.50 14.31 -65.58
CA ASN G 6 -113.37 13.49 -65.17
C ASN G 6 -112.03 14.11 -65.48
N ALA G 7 -112.01 15.22 -66.23
CA ALA G 7 -110.73 15.85 -66.57
C ALA G 7 -110.03 16.36 -65.32
N ILE G 8 -110.78 16.99 -64.42
CA ILE G 8 -110.21 17.45 -63.16
C ILE G 8 -109.66 16.28 -62.36
N ILE G 9 -110.42 15.18 -62.32
CA ILE G 9 -110.00 14.01 -61.55
C ILE G 9 -108.69 13.44 -62.12
N THR G 10 -108.61 13.33 -63.45
CA THR G 10 -107.41 12.79 -64.07
C THR G 10 -106.21 13.71 -63.88
N ALA G 11 -106.42 15.02 -64.01
CA ALA G 11 -105.33 15.96 -63.78
C ALA G 11 -104.84 15.88 -62.34
N GLY G 12 -105.75 15.78 -61.38
CA GLY G 12 -105.35 15.64 -60.00
C GLY G 12 -104.61 14.33 -59.74
N ALA G 13 -105.07 13.24 -60.36
CA ALA G 13 -104.41 11.96 -60.19
C ALA G 13 -102.98 12.01 -60.72
N LEU G 14 -102.78 12.62 -61.90
CA LEU G 14 -101.44 12.70 -62.44
C LEU G 14 -100.57 13.67 -61.64
N ILE G 15 -101.16 14.71 -61.06
CA ILE G 15 -100.40 15.60 -60.18
C ILE G 15 -99.91 14.85 -58.95
N GLY G 16 -100.80 14.05 -58.34
CA GLY G 16 -100.39 13.26 -57.19
C GLY G 16 -99.33 12.25 -57.53
N GLY G 17 -99.49 11.56 -58.66
CA GLY G 17 -98.45 10.64 -59.12
C GLY G 17 -97.13 11.35 -59.35
N GLY G 18 -97.18 12.56 -59.89
CA GLY G 18 -95.96 13.32 -60.09
C GLY G 18 -95.28 13.68 -58.79
N LEU G 19 -96.06 14.11 -57.80
CA LEU G 19 -95.45 14.49 -56.52
C LEU G 19 -94.86 13.28 -55.82
N ILE G 20 -95.55 12.13 -55.86
CA ILE G 20 -94.99 10.95 -55.21
C ILE G 20 -93.75 10.47 -55.95
N MET G 21 -93.75 10.59 -57.28
CA MET G 21 -92.56 10.23 -58.06
C MET G 21 -91.38 11.11 -57.70
N GLY G 22 -91.61 12.42 -57.60
CA GLY G 22 -90.53 13.32 -57.21
C GLY G 22 -90.01 13.03 -55.82
N GLY G 23 -90.91 12.78 -54.87
CA GLY G 23 -90.47 12.47 -53.52
C GLY G 23 -89.66 11.18 -53.44
N GLY G 24 -90.14 10.13 -54.11
CA GLY G 24 -89.39 8.88 -54.11
C GLY G 24 -88.04 9.02 -54.77
N ALA G 25 -87.98 9.76 -55.88
CA ALA G 25 -86.71 9.98 -56.55
C ALA G 25 -85.74 10.75 -55.65
N ILE G 26 -86.23 11.79 -54.98
CA ILE G 26 -85.38 12.56 -54.08
C ILE G 26 -84.84 11.68 -52.96
N GLY G 27 -85.72 10.90 -52.34
CA GLY G 27 -85.28 10.05 -51.24
C GLY G 27 -84.26 9.02 -51.68
N ALA G 28 -84.53 8.34 -52.80
CA ALA G 28 -83.60 7.34 -53.30
C ALA G 28 -82.25 7.97 -53.65
N GLY G 29 -82.28 9.13 -54.31
CA GLY G 29 -81.04 9.77 -54.69
C GLY G 29 -80.21 10.19 -53.50
N ILE G 30 -80.84 10.83 -52.51
CA ILE G 30 -80.08 11.28 -51.35
C ILE G 30 -79.53 10.09 -50.58
N GLY G 31 -80.35 9.03 -50.41
CA GLY G 31 -79.88 7.87 -49.69
C GLY G 31 -78.71 7.19 -50.38
N ASP G 32 -78.82 7.01 -51.70
CA ASP G 32 -77.73 6.41 -52.45
C ASP G 32 -76.46 7.25 -52.36
N GLY G 33 -76.58 8.57 -52.50
CA GLY G 33 -75.41 9.42 -52.46
C GLY G 33 -74.71 9.39 -51.12
N ILE G 34 -75.47 9.50 -50.03
CA ILE G 34 -74.86 9.50 -48.71
C ILE G 34 -74.29 8.13 -48.36
N ALA G 35 -74.97 7.04 -48.80
CA ALA G 35 -74.42 5.71 -48.59
C ALA G 35 -73.10 5.54 -49.33
N GLY G 36 -73.03 6.00 -50.57
CA GLY G 36 -71.78 5.94 -51.31
C GLY G 36 -70.69 6.75 -50.64
N ASN G 37 -71.04 7.93 -50.12
CA ASN G 37 -70.08 8.73 -49.37
C ASN G 37 -69.54 7.96 -48.18
N ALA G 38 -70.43 7.33 -47.40
CA ALA G 38 -70.00 6.59 -46.23
C ALA G 38 -69.10 5.42 -46.61
N LEU G 39 -69.46 4.69 -47.67
CA LEU G 39 -68.64 3.57 -48.10
C LEU G 39 -67.27 4.04 -48.57
N ILE G 40 -67.23 5.14 -49.33
CA ILE G 40 -65.96 5.67 -49.80
C ILE G 40 -65.09 6.06 -48.62
N SER G 41 -65.68 6.72 -47.62
CA SER G 41 -64.92 7.08 -46.42
C SER G 41 -64.37 5.85 -45.72
N GLY G 42 -65.21 4.84 -45.53
CA GLY G 42 -64.77 3.64 -44.82
C GLY G 42 -63.66 2.91 -45.55
N ILE G 43 -63.77 2.79 -46.87
CA ILE G 43 -62.77 2.02 -47.61
C ILE G 43 -61.50 2.83 -47.83
N ALA G 44 -61.59 4.16 -47.87
CA ALA G 44 -60.38 4.98 -47.99
C ALA G 44 -59.61 5.01 -46.68
N ARG G 45 -60.33 5.16 -45.55
CA ARG G 45 -59.66 5.16 -44.26
C ARG G 45 -59.11 3.78 -43.92
N GLN G 46 -59.82 2.73 -44.30
CA GLN G 46 -59.37 1.37 -44.07
C GLN G 46 -59.04 0.73 -45.42
N PRO G 47 -57.76 0.67 -45.81
CA PRO G 47 -57.42 0.14 -47.14
C PRO G 47 -57.59 -1.37 -47.18
N GLU G 48 -58.42 -1.83 -48.12
CA GLU G 48 -58.70 -3.25 -48.33
C GLU G 48 -59.25 -3.92 -47.07
N ALA G 49 -60.34 -3.35 -46.56
CA ALA G 49 -61.06 -3.91 -45.43
C ALA G 49 -62.53 -4.06 -45.78
N GLN G 50 -62.81 -4.56 -46.99
CA GLN G 50 -64.17 -4.65 -47.51
C GLN G 50 -64.75 -6.05 -47.42
N GLY G 51 -64.06 -6.98 -46.73
CA GLY G 51 -64.60 -8.33 -46.59
C GLY G 51 -65.93 -8.34 -45.85
N ARG G 52 -66.00 -7.65 -44.72
CA ARG G 52 -67.25 -7.47 -44.00
C ARG G 52 -68.00 -6.22 -44.43
N LEU G 53 -67.35 -5.33 -45.20
CA LEU G 53 -67.94 -4.09 -45.67
C LEU G 53 -68.67 -4.27 -47.00
N PHE G 54 -68.88 -5.52 -47.44
CA PHE G 54 -69.46 -5.82 -48.74
C PHE G 54 -70.98 -5.95 -48.70
N THR G 55 -71.50 -6.72 -47.75
CA THR G 55 -72.93 -6.98 -47.63
C THR G 55 -73.74 -5.82 -47.07
N PRO G 56 -73.27 -5.08 -46.04
CA PRO G 56 -74.11 -4.01 -45.48
C PRO G 56 -74.54 -2.96 -46.49
N PHE G 57 -73.67 -2.60 -47.44
CA PHE G 57 -74.06 -1.63 -48.45
C PHE G 57 -75.17 -2.18 -49.34
N PHE G 58 -75.08 -3.46 -49.71
CA PHE G 58 -76.16 -4.08 -50.48
C PHE G 58 -77.45 -4.08 -49.70
N ILE G 59 -77.39 -4.41 -48.40
CA ILE G 59 -78.60 -4.46 -47.59
C ILE G 59 -79.24 -3.07 -47.51
N THR G 60 -78.44 -2.04 -47.23
CA THR G 60 -79.01 -0.71 -47.09
C THR G 60 -79.54 -0.17 -48.42
N VAL G 61 -78.82 -0.41 -49.52
CA VAL G 61 -79.29 0.09 -50.80
C VAL G 61 -80.56 -0.64 -51.23
N GLY G 62 -80.67 -1.93 -50.91
CA GLY G 62 -81.89 -2.65 -51.22
C GLY G 62 -83.07 -2.14 -50.40
N LEU G 63 -82.87 -1.93 -49.10
CA LEU G 63 -83.97 -1.47 -48.27
C LEU G 63 -84.37 -0.03 -48.59
N VAL G 64 -83.46 0.77 -49.14
CA VAL G 64 -83.85 2.13 -49.50
C VAL G 64 -84.47 2.19 -50.90
N GLU G 65 -84.02 1.35 -51.84
CA GLU G 65 -84.67 1.31 -53.15
C GLU G 65 -85.99 0.57 -53.09
N ALA G 66 -86.25 -0.16 -52.00
CA ALA G 66 -87.57 -0.74 -51.81
C ALA G 66 -88.65 0.35 -51.77
N ALA G 67 -88.35 1.49 -51.14
CA ALA G 67 -89.29 2.60 -51.13
C ALA G 67 -89.52 3.15 -52.54
N TYR G 68 -88.45 3.23 -53.34
CA TYR G 68 -88.58 3.66 -54.73
C TYR G 68 -89.49 2.69 -55.50
N PHE G 69 -89.30 1.40 -55.28
CA PHE G 69 -90.14 0.40 -55.94
C PHE G 69 -91.59 0.50 -55.50
N ILE G 70 -91.82 0.76 -54.20
CA ILE G 70 -93.17 0.95 -53.69
C ILE G 70 -93.81 2.16 -54.35
N ASN G 71 -93.04 3.25 -54.49
CA ASN G 71 -93.54 4.45 -55.16
C ASN G 71 -93.95 4.13 -56.59
N LEU G 72 -93.09 3.42 -57.33
CA LEU G 72 -93.42 3.07 -58.71
C LEU G 72 -94.68 2.21 -58.78
N ALA G 73 -94.78 1.21 -57.90
CA ALA G 73 -95.94 0.32 -57.92
C ALA G 73 -97.23 1.08 -57.61
N PHE G 74 -97.17 2.01 -56.66
CA PHE G 74 -98.37 2.77 -56.34
C PHE G 74 -98.75 3.73 -57.46
N MET G 75 -97.76 4.39 -58.06
CA MET G 75 -98.07 5.36 -59.12
C MET G 75 -98.49 4.70 -60.42
N ALA G 76 -98.19 3.41 -60.60
CA ALA G 76 -98.57 2.73 -61.83
C ALA G 76 -100.09 2.73 -62.02
N LEU G 77 -100.84 2.44 -60.96
CA LEU G 77 -102.30 2.34 -61.11
C LEU G 77 -102.95 3.71 -61.29
N PHE G 78 -102.59 4.68 -60.46
CA PHE G 78 -103.30 5.96 -60.42
C PHE G 78 -102.78 6.97 -61.42
N VAL G 79 -101.75 6.63 -62.21
CA VAL G 79 -101.24 7.60 -63.18
C VAL G 79 -102.27 7.88 -64.27
N PHE G 80 -103.05 6.87 -64.65
CA PHE G 80 -104.08 7.06 -65.67
C PHE G 80 -105.42 6.44 -65.30
N ALA G 81 -105.61 6.03 -64.05
CA ALA G 81 -106.86 5.43 -63.60
C ALA G 81 -107.27 6.01 -62.26
N THR G 82 -108.57 5.96 -62.00
CA THR G 82 -109.18 6.44 -60.77
C THR G 82 -110.13 5.40 -60.22
N PRO G 83 -110.30 5.32 -58.90
CA PRO G 83 -111.24 4.35 -58.33
C PRO G 83 -112.70 4.73 -58.56
N GLY G 84 -113.00 6.03 -58.53
CA GLY G 84 -114.37 6.47 -58.71
C GLY G 84 -114.91 6.19 -60.10
N LEU G 85 -114.10 6.47 -61.12
CA LEU G 85 -114.53 6.27 -62.50
C LEU G 85 -113.59 5.33 -63.24
N PRO H 5 -111.62 20.68 -72.34
CA PRO H 5 -111.50 19.25 -72.03
C PRO H 5 -110.10 18.71 -72.29
N ASN H 6 -109.72 18.66 -73.57
CA ASN H 6 -108.38 18.23 -73.93
C ASN H 6 -107.32 19.19 -73.40
N ALA H 7 -107.61 20.50 -73.44
CA ALA H 7 -106.64 21.48 -72.99
C ALA H 7 -106.31 21.32 -71.52
N ILE H 8 -107.33 21.04 -70.69
CA ILE H 8 -107.10 20.86 -69.27
C ILE H 8 -106.19 19.66 -69.02
N ILE H 9 -106.46 18.54 -69.71
CA ILE H 9 -105.66 17.34 -69.51
C ILE H 9 -104.22 17.59 -69.95
N THR H 10 -104.04 18.24 -71.10
CA THR H 10 -102.69 18.51 -71.59
C THR H 10 -101.93 19.42 -70.64
N ALA H 11 -102.58 20.49 -70.15
CA ALA H 11 -101.92 21.40 -69.22
C ALA H 11 -101.55 20.69 -67.92
N GLY H 12 -102.46 19.86 -67.40
CA GLY H 12 -102.16 19.13 -66.19
C GLY H 12 -101.01 18.17 -66.36
N ALA H 13 -100.99 17.43 -67.48
CA ALA H 13 -99.88 16.52 -67.74
C ALA H 13 -98.57 17.28 -67.86
N LEU H 14 -98.59 18.44 -68.51
CA LEU H 14 -97.40 19.28 -68.58
C LEU H 14 -96.91 19.65 -67.18
N ILE H 15 -97.82 20.08 -66.31
CA ILE H 15 -97.44 20.51 -64.97
C ILE H 15 -96.84 19.34 -64.18
N GLY H 16 -97.50 18.18 -64.27
CA GLY H 16 -97.00 17.02 -63.54
C GLY H 16 -95.63 16.58 -64.02
N GLY H 17 -95.43 16.55 -65.35
CA GLY H 17 -94.14 16.18 -65.88
C GLY H 17 -93.05 17.16 -65.47
N GLY H 18 -93.36 18.45 -65.50
CA GLY H 18 -92.40 19.44 -65.05
C GLY H 18 -92.02 19.25 -63.60
N LEU H 19 -93.01 18.98 -62.74
CA LEU H 19 -92.72 18.70 -61.34
C LEU H 19 -91.81 17.48 -61.21
N ILE H 20 -92.12 16.42 -61.94
CA ILE H 20 -91.35 15.18 -61.83
C ILE H 20 -89.89 15.44 -62.22
N MET H 21 -89.66 16.07 -63.38
CA MET H 21 -88.28 16.17 -63.80
C MET H 21 -87.53 17.21 -62.99
N GLY H 22 -88.21 18.24 -62.48
CA GLY H 22 -87.54 19.16 -61.58
C GLY H 22 -87.05 18.48 -60.31
N GLY H 23 -87.91 17.68 -59.70
CA GLY H 23 -87.49 16.93 -58.52
C GLY H 23 -86.37 15.95 -58.82
N GLY H 24 -86.49 15.25 -59.95
CA GLY H 24 -85.44 14.31 -60.33
C GLY H 24 -84.11 15.01 -60.58
N ALA H 25 -84.15 16.18 -61.22
CA ALA H 25 -82.93 16.94 -61.48
C ALA H 25 -82.30 17.40 -60.17
N ILE H 26 -83.11 17.88 -59.23
CA ILE H 26 -82.57 18.30 -57.94
C ILE H 26 -81.90 17.12 -57.24
N GLY H 27 -82.58 15.97 -57.22
CA GLY H 27 -82.01 14.80 -56.58
C GLY H 27 -80.72 14.34 -57.24
N ALA H 28 -80.71 14.29 -58.58
CA ALA H 28 -79.52 13.87 -59.30
C ALA H 28 -78.36 14.81 -59.05
N GLY H 29 -78.63 16.13 -59.08
CA GLY H 29 -77.57 17.09 -58.85
C GLY H 29 -76.97 16.98 -57.46
N ILE H 30 -77.82 16.89 -56.44
CA ILE H 30 -77.31 16.81 -55.08
C ILE H 30 -76.55 15.51 -54.85
N GLY H 31 -77.06 14.40 -55.39
CA GLY H 31 -76.36 13.13 -55.24
C GLY H 31 -75.01 13.13 -55.94
N ASP H 32 -74.96 13.65 -57.17
CA ASP H 32 -73.69 13.73 -57.88
C ASP H 32 -72.70 14.62 -57.15
N GLY H 33 -73.18 15.75 -56.62
CA GLY H 33 -72.30 16.64 -55.87
C GLY H 33 -71.73 15.99 -54.63
N ILE H 34 -72.58 15.32 -53.85
CA ILE H 34 -72.07 14.72 -52.62
C ILE H 34 -71.14 13.55 -52.92
N ALA H 35 -71.44 12.76 -53.96
CA ALA H 35 -70.55 11.65 -54.32
C ALA H 35 -69.20 12.16 -54.81
N GLY H 36 -69.20 13.21 -55.64
CA GLY H 36 -67.96 13.79 -56.09
C GLY H 36 -67.15 14.38 -54.95
N ASN H 37 -67.82 15.04 -54.01
CA ASN H 37 -67.13 15.57 -52.85
C ASN H 37 -66.51 14.45 -52.02
N ALA H 38 -67.24 13.35 -51.85
CA ALA H 38 -66.71 12.20 -51.12
C ALA H 38 -65.46 11.64 -51.79
N LEU H 39 -65.54 11.41 -53.11
CA LEU H 39 -64.40 10.85 -53.82
C LEU H 39 -63.20 11.79 -53.78
N ILE H 40 -63.41 13.09 -54.01
CA ILE H 40 -62.31 14.03 -54.03
C ILE H 40 -61.66 14.13 -52.66
N SER H 41 -62.48 14.18 -51.59
CA SER H 41 -61.92 14.18 -50.24
C SER H 41 -61.24 12.85 -49.91
N GLY H 42 -61.58 11.78 -50.62
CA GLY H 42 -60.97 10.50 -50.34
C GLY H 42 -59.49 10.43 -50.67
N ILE H 43 -58.98 11.39 -51.44
CA ILE H 43 -57.58 11.41 -51.81
C ILE H 43 -56.74 11.94 -50.65
N ALA H 44 -57.42 12.37 -49.58
CA ALA H 44 -56.70 12.90 -48.43
C ALA H 44 -55.81 11.85 -47.79
N ARG H 45 -56.29 10.62 -47.67
CA ARG H 45 -55.52 9.57 -47.01
C ARG H 45 -54.25 9.24 -47.78
N GLN H 46 -54.37 9.10 -49.10
CA GLN H 46 -53.23 8.75 -49.95
C GLN H 46 -53.19 9.70 -51.14
N PRO H 47 -52.09 10.43 -51.35
CA PRO H 47 -52.07 11.39 -52.46
C PRO H 47 -52.11 10.74 -53.83
N GLU H 48 -51.32 9.69 -54.05
CA GLU H 48 -51.26 9.02 -55.35
C GLU H 48 -51.67 7.56 -55.31
N ALA H 49 -51.71 6.94 -54.14
CA ALA H 49 -52.12 5.53 -54.04
C ALA H 49 -53.62 5.42 -54.27
N GLN H 50 -54.02 5.07 -55.49
CA GLN H 50 -55.45 4.97 -55.81
C GLN H 50 -56.04 3.68 -55.26
N GLY H 51 -55.39 2.55 -55.54
CA GLY H 51 -55.80 1.28 -54.99
C GLY H 51 -56.99 0.62 -55.67
N ARG H 52 -57.52 1.22 -56.74
CA ARG H 52 -58.70 0.73 -57.43
C ARG H 52 -59.86 0.58 -56.45
N LEU H 53 -60.26 1.71 -55.86
CA LEU H 53 -61.35 1.78 -54.91
C LEU H 53 -62.57 2.52 -55.46
N PHE H 54 -62.62 2.74 -56.77
CA PHE H 54 -63.69 3.51 -57.39
C PHE H 54 -64.84 2.64 -57.91
N THR H 55 -64.74 1.31 -57.78
CA THR H 55 -65.82 0.46 -58.26
C THR H 55 -67.16 0.70 -57.55
N PRO H 56 -67.24 0.82 -56.22
CA PRO H 56 -68.54 1.10 -55.62
C PRO H 56 -69.03 2.50 -55.89
N PHE H 57 -68.12 3.48 -55.97
CA PHE H 57 -68.50 4.83 -56.36
C PHE H 57 -69.15 4.82 -57.74
N PHE H 58 -68.54 4.10 -58.69
CA PHE H 58 -69.09 4.03 -60.04
C PHE H 58 -70.40 3.27 -60.06
N ILE H 59 -70.54 2.24 -59.24
CA ILE H 59 -71.83 1.54 -59.13
C ILE H 59 -72.91 2.50 -58.65
N THR H 60 -72.61 3.29 -57.62
CA THR H 60 -73.59 4.22 -57.08
C THR H 60 -73.96 5.30 -58.09
N VAL H 61 -72.97 5.89 -58.76
CA VAL H 61 -73.29 6.94 -59.73
C VAL H 61 -74.06 6.36 -60.91
N GLY H 62 -73.75 5.13 -61.30
CA GLY H 62 -74.53 4.48 -62.35
C GLY H 62 -75.97 4.26 -61.93
N LEU H 63 -76.19 3.85 -60.68
CA LEU H 63 -77.55 3.64 -60.21
C LEU H 63 -78.33 4.95 -60.17
N VAL H 64 -77.71 6.02 -59.67
CA VAL H 64 -78.43 7.29 -59.59
C VAL H 64 -78.70 7.85 -60.98
N GLU H 65 -77.77 7.68 -61.91
CA GLU H 65 -78.01 8.12 -63.27
C GLU H 65 -79.07 7.25 -63.95
N ALA H 66 -79.14 5.97 -63.57
CA ALA H 66 -80.21 5.12 -64.08
C ALA H 66 -81.57 5.60 -63.59
N ALA H 67 -81.65 6.00 -62.32
CA ALA H 67 -82.90 6.58 -61.81
C ALA H 67 -83.25 7.87 -62.54
N TYR H 68 -82.25 8.72 -62.77
CA TYR H 68 -82.48 9.96 -63.52
C TYR H 68 -83.01 9.66 -64.92
N PHE H 69 -82.42 8.69 -65.61
CA PHE H 69 -82.85 8.35 -66.95
C PHE H 69 -84.22 7.68 -66.96
N ILE H 70 -84.54 6.90 -65.91
CA ILE H 70 -85.89 6.35 -65.78
C ILE H 70 -86.91 7.49 -65.70
N ASN H 71 -86.61 8.49 -64.87
CA ASN H 71 -87.51 9.63 -64.74
C ASN H 71 -87.63 10.39 -66.07
N LEU H 72 -86.51 10.58 -66.75
CA LEU H 72 -86.52 11.29 -68.04
C LEU H 72 -87.34 10.53 -69.08
N ALA H 73 -87.17 9.21 -69.12
CA ALA H 73 -87.91 8.40 -70.08
C ALA H 73 -89.40 8.42 -69.77
N PHE H 74 -89.77 8.35 -68.48
CA PHE H 74 -91.17 8.44 -68.12
C PHE H 74 -91.76 9.76 -68.56
N MET H 75 -91.04 10.86 -68.30
CA MET H 75 -91.51 12.18 -68.70
C MET H 75 -91.68 12.28 -70.20
N ALA H 76 -90.69 11.80 -70.96
CA ALA H 76 -90.77 11.86 -72.42
C ALA H 76 -91.95 11.04 -72.94
N LEU H 77 -92.12 9.82 -72.40
CA LEU H 77 -93.21 8.97 -72.86
C LEU H 77 -94.57 9.60 -72.56
N PHE H 78 -94.72 10.21 -71.39
CA PHE H 78 -96.03 10.75 -71.04
C PHE H 78 -96.24 12.17 -71.53
N VAL H 79 -95.24 12.81 -72.11
CA VAL H 79 -95.44 14.12 -72.72
C VAL H 79 -95.63 13.96 -74.22
N PHE H 80 -95.09 12.89 -74.80
CA PHE H 80 -95.27 12.65 -76.22
C PHE H 80 -96.75 12.41 -76.55
N ALA H 81 -97.43 11.60 -75.74
CA ALA H 81 -98.85 11.33 -75.93
C ALA H 81 -99.41 10.83 -74.61
N THR H 82 -100.28 11.62 -73.99
CA THR H 82 -100.84 11.21 -72.72
C THR H 82 -101.77 10.01 -72.91
N PRO H 83 -101.73 9.04 -71.98
CA PRO H 83 -102.65 7.91 -72.09
C PRO H 83 -104.09 8.32 -71.85
N GLY H 84 -105.01 7.57 -72.47
CA GLY H 84 -106.43 7.81 -72.31
C GLY H 84 -107.02 8.85 -73.24
N LEU H 85 -106.21 9.46 -74.11
CA LEU H 85 -106.71 10.44 -75.05
C LEU H 85 -106.74 9.89 -76.47
N PRO I 5 -108.28 31.81 -75.57
CA PRO I 5 -108.27 30.50 -76.25
C PRO I 5 -107.01 29.71 -75.93
N ASN I 6 -105.90 30.07 -76.57
CA ASN I 6 -104.62 29.44 -76.31
C ASN I 6 -103.84 30.09 -75.18
N ALA I 7 -104.43 31.10 -74.52
CA ALA I 7 -103.73 31.79 -73.44
C ALA I 7 -103.42 30.84 -72.30
N ILE I 8 -104.34 29.95 -71.96
CA ILE I 8 -104.09 28.97 -70.92
C ILE I 8 -102.97 28.02 -71.32
N ILE I 9 -102.96 27.60 -72.59
CA ILE I 9 -101.96 26.64 -73.05
C ILE I 9 -100.56 27.26 -72.96
N THR I 10 -100.39 28.46 -73.52
CA THR I 10 -99.08 29.09 -73.49
C THR I 10 -98.69 29.48 -72.08
N ALA I 11 -99.66 29.88 -71.25
CA ALA I 11 -99.37 30.19 -69.85
C ALA I 11 -98.86 28.97 -69.11
N GLY I 12 -99.51 27.82 -69.32
CA GLY I 12 -99.02 26.60 -68.70
C GLY I 12 -97.64 26.20 -69.21
N ALA I 13 -97.40 26.39 -70.50
CA ALA I 13 -96.07 26.12 -71.04
C ALA I 13 -95.01 27.01 -70.39
N LEU I 14 -95.34 28.28 -70.17
CA LEU I 14 -94.38 29.18 -69.54
C LEU I 14 -94.20 28.86 -68.06
N ILE I 15 -95.25 28.39 -67.39
CA ILE I 15 -95.11 27.92 -66.01
C ILE I 15 -94.19 26.71 -65.95
N GLY I 16 -94.37 25.77 -66.87
CA GLY I 16 -93.46 24.64 -66.96
C GLY I 16 -92.03 25.07 -67.25
N GLY I 17 -91.87 26.10 -68.09
CA GLY I 17 -90.55 26.64 -68.33
C GLY I 17 -89.92 27.22 -67.08
N GLY I 18 -90.70 27.97 -66.31
CA GLY I 18 -90.21 28.48 -65.05
C GLY I 18 -89.80 27.36 -64.11
N LEU I 19 -90.60 26.29 -64.05
CA LEU I 19 -90.28 25.16 -63.18
C LEU I 19 -89.01 24.45 -63.62
N ILE I 20 -88.85 24.22 -64.93
CA ILE I 20 -87.64 23.53 -65.40
C ILE I 20 -86.41 24.39 -65.16
N MET I 21 -86.50 25.70 -65.44
CA MET I 21 -85.35 26.56 -65.20
C MET I 21 -85.02 26.63 -63.72
N GLY I 22 -86.04 26.64 -62.85
CA GLY I 22 -85.78 26.62 -61.43
C GLY I 22 -85.09 25.35 -60.98
N GLY I 23 -85.59 24.21 -61.44
CA GLY I 23 -84.96 22.95 -61.07
C GLY I 23 -83.51 22.90 -61.51
N GLY I 24 -83.25 23.27 -62.78
CA GLY I 24 -81.88 23.25 -63.27
C GLY I 24 -80.99 24.22 -62.53
N ALA I 25 -81.45 25.45 -62.31
CA ALA I 25 -80.63 26.45 -61.65
C ALA I 25 -80.32 26.05 -60.22
N ILE I 26 -81.30 25.53 -59.49
CA ILE I 26 -81.06 25.19 -58.09
C ILE I 26 -80.15 23.97 -57.98
N GLY I 27 -80.35 22.97 -58.85
CA GLY I 27 -79.43 21.84 -58.86
C GLY I 27 -78.02 22.27 -59.18
N ALA I 28 -77.86 23.15 -60.17
CA ALA I 28 -76.54 23.65 -60.52
C ALA I 28 -75.93 24.44 -59.38
N GLY I 29 -76.73 25.22 -58.67
CA GLY I 29 -76.21 25.99 -57.54
C GLY I 29 -75.75 25.11 -56.40
N ILE I 30 -76.53 24.08 -56.07
CA ILE I 30 -76.13 23.15 -55.02
C ILE I 30 -74.85 22.42 -55.42
N GLY I 31 -74.78 21.98 -56.68
CA GLY I 31 -73.57 21.34 -57.16
C GLY I 31 -72.36 22.26 -57.11
N ASP I 32 -72.56 23.53 -57.47
CA ASP I 32 -71.50 24.53 -57.43
C ASP I 32 -71.00 24.73 -56.02
N GLY I 33 -71.94 24.81 -55.06
CA GLY I 33 -71.54 24.98 -53.67
C GLY I 33 -70.76 23.80 -53.14
N ILE I 34 -71.25 22.58 -53.38
CA ILE I 34 -70.54 21.41 -52.88
C ILE I 34 -69.20 21.26 -53.59
N ALA I 35 -69.12 21.59 -54.89
CA ALA I 35 -67.85 21.52 -55.59
C ALA I 35 -66.85 22.52 -55.03
N GLY I 36 -67.30 23.74 -54.72
CA GLY I 36 -66.41 24.72 -54.12
C GLY I 36 -65.93 24.28 -52.75
N ASN I 37 -66.82 23.70 -51.94
CA ASN I 37 -66.40 23.16 -50.64
C ASN I 37 -65.36 22.06 -50.83
N ALA I 38 -65.57 21.19 -51.83
CA ALA I 38 -64.61 20.13 -52.09
C ALA I 38 -63.26 20.68 -52.53
N LEU I 39 -63.27 21.74 -53.36
CA LEU I 39 -62.02 22.38 -53.75
C LEU I 39 -61.29 22.93 -52.54
N ILE I 40 -62.02 23.61 -51.65
CA ILE I 40 -61.39 24.15 -50.44
C ILE I 40 -60.80 23.03 -49.60
N SER I 41 -61.56 21.94 -49.45
CA SER I 41 -61.09 20.81 -48.65
C SER I 41 -59.82 20.21 -49.25
N GLY I 42 -59.80 19.98 -50.56
CA GLY I 42 -58.66 19.38 -51.20
C GLY I 42 -57.41 20.24 -51.16
N ILE I 43 -57.56 21.52 -51.49
CA ILE I 43 -56.39 22.40 -51.60
C ILE I 43 -55.77 22.65 -50.22
N ALA I 44 -56.59 22.77 -49.19
CA ALA I 44 -56.07 23.12 -47.86
C ALA I 44 -55.11 22.06 -47.33
N ARG I 45 -55.28 20.80 -47.73
CA ARG I 45 -54.45 19.71 -47.22
C ARG I 45 -53.06 19.69 -47.87
N GLN I 46 -53.00 19.48 -49.18
CA GLN I 46 -51.74 19.38 -49.88
C GLN I 46 -51.55 20.59 -50.79
N PRO I 47 -50.66 21.53 -50.44
CA PRO I 47 -50.42 22.67 -51.34
C PRO I 47 -49.80 22.29 -52.67
N GLU I 48 -49.22 21.10 -52.78
CA GLU I 48 -48.51 20.70 -53.99
C GLU I 48 -49.34 19.84 -54.94
N ALA I 49 -50.46 19.28 -54.48
CA ALA I 49 -51.27 18.38 -55.28
C ALA I 49 -52.40 19.09 -56.02
N GLN I 50 -52.20 20.36 -56.37
CA GLN I 50 -53.23 21.11 -57.08
C GLN I 50 -53.46 20.61 -58.50
N GLY I 51 -52.50 19.88 -59.08
CA GLY I 51 -52.66 19.40 -60.44
C GLY I 51 -53.59 18.24 -60.62
N ARG I 52 -53.96 17.55 -59.53
CA ARG I 52 -54.83 16.39 -59.58
C ARG I 52 -56.30 16.77 -59.38
N LEU I 53 -56.64 18.02 -59.70
CA LEU I 53 -57.97 18.56 -59.47
C LEU I 53 -58.71 18.89 -60.76
N PHE I 54 -58.02 18.96 -61.89
CA PHE I 54 -58.63 19.43 -63.13
C PHE I 54 -59.71 18.48 -63.61
N THR I 55 -59.38 17.18 -63.69
CA THR I 55 -60.34 16.19 -64.19
C THR I 55 -61.58 16.04 -63.31
N PRO I 56 -61.48 15.90 -61.98
CA PRO I 56 -62.72 15.76 -61.20
C PRO I 56 -63.60 16.99 -61.29
N PHE I 57 -63.01 18.17 -61.22
CA PHE I 57 -63.79 19.40 -61.35
C PHE I 57 -64.46 19.48 -62.71
N PHE I 58 -63.72 19.12 -63.77
CA PHE I 58 -64.29 19.19 -65.12
C PHE I 58 -65.45 18.23 -65.28
N ILE I 59 -65.30 16.98 -64.80
CA ILE I 59 -66.38 16.02 -64.95
C ILE I 59 -67.57 16.39 -64.08
N THR I 60 -67.33 17.06 -62.94
CA THR I 60 -68.44 17.48 -62.10
C THR I 60 -69.21 18.65 -62.73
N VAL I 61 -68.50 19.65 -63.24
CA VAL I 61 -69.15 20.78 -63.88
C VAL I 61 -69.78 20.36 -65.21
N GLY I 62 -69.34 19.26 -65.80
CA GLY I 62 -69.99 18.77 -67.01
C GLY I 62 -71.46 18.46 -66.79
N LEU I 63 -71.81 17.93 -65.62
CA LEU I 63 -73.20 17.62 -65.34
C LEU I 63 -74.06 18.87 -65.25
N VAL I 64 -73.58 19.91 -64.56
CA VAL I 64 -74.37 21.14 -64.47
C VAL I 64 -74.42 21.85 -65.82
N GLU I 65 -73.35 21.75 -66.62
CA GLU I 65 -73.40 22.30 -67.97
C GLU I 65 -74.45 21.58 -68.81
N ALA I 66 -74.49 20.26 -68.75
CA ALA I 66 -75.52 19.50 -69.47
C ALA I 66 -76.91 19.85 -68.96
N ALA I 67 -77.03 20.11 -67.66
CA ALA I 67 -78.30 20.59 -67.12
C ALA I 67 -78.69 21.92 -67.75
N TYR I 68 -77.74 22.84 -67.88
CA TYR I 68 -78.02 24.12 -68.53
C TYR I 68 -78.46 23.92 -69.97
N PHE I 69 -77.76 23.05 -70.71
CA PHE I 69 -78.10 22.83 -72.11
C PHE I 69 -79.48 22.21 -72.26
N ILE I 70 -79.81 21.21 -71.44
CA ILE I 70 -81.13 20.58 -71.57
C ILE I 70 -82.23 21.56 -71.15
N ASN I 71 -81.96 22.38 -70.12
CA ASN I 71 -82.94 23.37 -69.70
C ASN I 71 -83.22 24.38 -70.81
N LEU I 72 -82.16 24.90 -71.44
CA LEU I 72 -82.36 25.88 -72.51
C LEU I 72 -82.99 25.24 -73.74
N ALA I 73 -82.64 23.99 -74.04
CA ALA I 73 -83.25 23.30 -75.17
C ALA I 73 -84.75 23.12 -74.96
N PHE I 74 -85.15 22.73 -73.75
CA PHE I 74 -86.58 22.57 -73.48
C PHE I 74 -87.27 23.93 -73.41
N MET I 75 -86.57 24.97 -72.96
CA MET I 75 -87.11 26.33 -73.02
C MET I 75 -87.41 26.71 -74.46
N ALA I 76 -86.48 26.44 -75.37
CA ALA I 76 -86.70 26.73 -76.78
C ALA I 76 -87.86 25.91 -77.33
N LEU I 77 -87.95 24.64 -76.92
CA LEU I 77 -89.06 23.79 -77.35
C LEU I 77 -90.41 24.37 -76.92
N PHE I 78 -90.49 24.85 -75.69
CA PHE I 78 -91.76 25.31 -75.14
C PHE I 78 -92.05 26.78 -75.40
N VAL I 79 -91.10 27.52 -75.98
CA VAL I 79 -91.36 28.91 -76.35
C VAL I 79 -91.62 28.99 -77.86
N PHE I 80 -90.99 28.11 -78.64
CA PHE I 80 -91.20 28.14 -80.08
C PHE I 80 -92.53 27.49 -80.46
N ALA I 81 -92.91 26.41 -79.78
CA ALA I 81 -94.09 25.65 -80.14
C ALA I 81 -95.02 25.51 -78.94
N THR I 82 -96.32 25.68 -79.18
CA THR I 82 -97.36 25.48 -78.19
C THR I 82 -98.55 24.81 -78.86
N PRO I 83 -99.15 23.82 -78.20
CA PRO I 83 -100.31 23.13 -78.81
C PRO I 83 -101.56 24.01 -78.78
N GLY I 84 -102.55 23.56 -79.54
CA GLY I 84 -103.78 24.31 -79.69
C GLY I 84 -103.78 25.32 -80.82
N LEU I 85 -102.66 25.52 -81.48
CA LEU I 85 -102.57 26.46 -82.59
C LEU I 85 -102.61 25.73 -83.92
N PRO J 5 -108.25 38.23 -70.30
CA PRO J 5 -107.46 38.03 -69.08
C PRO J 5 -106.06 37.48 -69.37
N ASN J 6 -105.06 38.36 -69.29
CA ASN J 6 -103.67 37.97 -69.50
C ASN J 6 -102.84 38.17 -68.23
N ALA J 7 -103.47 38.06 -67.08
CA ALA J 7 -102.76 38.12 -65.81
C ALA J 7 -102.24 36.76 -65.38
N ILE J 8 -102.72 35.67 -65.99
CA ILE J 8 -102.26 34.34 -65.63
C ILE J 8 -100.79 34.15 -66.03
N ILE J 9 -100.42 34.65 -67.21
CA ILE J 9 -99.01 34.59 -67.61
C ILE J 9 -98.16 35.40 -66.64
N THR J 10 -98.66 36.55 -66.20
CA THR J 10 -97.93 37.36 -65.23
C THR J 10 -97.73 36.61 -63.92
N ALA J 11 -98.78 35.97 -63.43
CA ALA J 11 -98.68 35.21 -62.19
C ALA J 11 -97.68 34.07 -62.31
N GLY J 12 -97.74 33.34 -63.42
CA GLY J 12 -96.78 32.27 -63.62
C GLY J 12 -95.35 32.77 -63.68
N ALA J 13 -95.13 33.86 -64.42
CA ALA J 13 -93.79 34.42 -64.53
C ALA J 13 -93.26 34.86 -63.17
N LEU J 14 -94.09 35.56 -62.39
CA LEU J 14 -93.62 36.08 -61.11
C LEU J 14 -93.36 34.96 -60.12
N ILE J 15 -94.23 33.94 -60.07
CA ILE J 15 -93.99 32.83 -59.14
C ILE J 15 -92.72 32.09 -59.54
N GLY J 16 -92.51 31.86 -60.84
CA GLY J 16 -91.30 31.20 -61.27
C GLY J 16 -90.06 31.98 -60.90
N GLY J 17 -90.05 33.28 -61.20
CA GLY J 17 -88.91 34.11 -60.85
C GLY J 17 -88.64 34.13 -59.37
N GLY J 18 -89.70 34.26 -58.56
CA GLY J 18 -89.51 34.30 -57.12
C GLY J 18 -88.93 33.00 -56.59
N LEU J 19 -89.46 31.86 -57.03
CA LEU J 19 -88.95 30.59 -56.53
C LEU J 19 -87.50 30.37 -56.95
N ILE J 20 -87.17 30.70 -58.20
CA ILE J 20 -85.80 30.48 -58.67
C ILE J 20 -84.83 31.37 -57.90
N MET J 21 -85.18 32.66 -57.71
CA MET J 21 -84.26 33.54 -57.02
C MET J 21 -84.18 33.20 -55.53
N GLY J 22 -85.25 32.69 -54.94
CA GLY J 22 -85.18 32.22 -53.56
C GLY J 22 -84.24 31.04 -53.41
N GLY J 23 -84.34 30.06 -54.32
CA GLY J 23 -83.41 28.95 -54.29
C GLY J 23 -81.98 29.39 -54.52
N GLY J 24 -81.76 30.34 -55.44
CA GLY J 24 -80.44 30.87 -55.64
C GLY J 24 -79.89 31.54 -54.40
N ALA J 25 -80.73 32.31 -53.70
CA ALA J 25 -80.29 32.97 -52.49
C ALA J 25 -79.94 31.97 -51.40
N ILE J 26 -80.77 30.93 -51.23
CA ILE J 26 -80.45 29.94 -50.21
C ILE J 26 -79.16 29.20 -50.56
N GLY J 27 -78.95 28.92 -51.84
CA GLY J 27 -77.71 28.27 -52.25
C GLY J 27 -76.49 29.13 -52.01
N ALA J 28 -76.58 30.43 -52.35
CA ALA J 28 -75.47 31.33 -52.11
C ALA J 28 -75.17 31.43 -50.62
N GLY J 29 -76.21 31.52 -49.79
CA GLY J 29 -76.00 31.62 -48.37
C GLY J 29 -75.33 30.38 -47.80
N ILE J 30 -75.81 29.19 -48.17
CA ILE J 30 -75.22 27.97 -47.63
C ILE J 30 -73.79 27.79 -48.13
N GLY J 31 -73.53 28.13 -49.40
CA GLY J 31 -72.17 28.06 -49.91
C GLY J 31 -71.23 28.99 -49.20
N ASP J 32 -71.67 30.23 -48.96
CA ASP J 32 -70.84 31.19 -48.24
C ASP J 32 -70.56 30.71 -46.82
N GLY J 33 -71.58 30.17 -46.15
CA GLY J 33 -71.38 29.69 -44.80
C GLY J 33 -70.42 28.52 -44.74
N ILE J 34 -70.54 27.57 -45.68
CA ILE J 34 -69.67 26.40 -45.67
C ILE J 34 -68.24 26.80 -46.03
N ALA J 35 -68.07 27.75 -46.96
CA ALA J 35 -66.74 28.24 -47.27
C ALA J 35 -66.12 28.96 -46.08
N GLY J 36 -66.93 29.74 -45.35
CA GLY J 36 -66.42 30.39 -44.16
C GLY J 36 -66.00 29.40 -43.10
N ASN J 37 -66.78 28.34 -42.91
CA ASN J 37 -66.40 27.30 -41.96
C ASN J 37 -65.09 26.65 -42.36
N ALA J 38 -64.95 26.34 -43.65
CA ALA J 38 -63.72 25.73 -44.12
C ALA J 38 -62.51 26.63 -43.90
N LEU J 39 -62.64 27.92 -44.23
CA LEU J 39 -61.50 28.82 -44.08
C LEU J 39 -61.17 29.06 -42.61
N ILE J 40 -62.19 29.17 -41.75
CA ILE J 40 -61.91 29.41 -40.35
C ILE J 40 -61.26 28.19 -39.71
N SER J 41 -61.68 26.99 -40.12
CA SER J 41 -61.00 25.79 -39.65
C SER J 41 -59.56 25.75 -40.13
N GLY J 42 -59.34 26.10 -41.40
CA GLY J 42 -57.98 26.08 -41.94
C GLY J 42 -57.05 27.04 -41.23
N ILE J 43 -57.55 28.24 -40.92
CA ILE J 43 -56.70 29.23 -40.26
C ILE J 43 -56.57 28.99 -38.76
N ALA J 44 -57.55 28.32 -38.13
CA ALA J 44 -57.40 27.98 -36.72
C ALA J 44 -56.42 26.82 -36.54
N ARG J 45 -56.52 25.80 -37.39
CA ARG J 45 -55.60 24.67 -37.30
C ARG J 45 -54.17 25.11 -37.64
N GLN J 46 -54.01 25.95 -38.66
CA GLN J 46 -52.69 26.44 -39.03
C GLN J 46 -52.59 27.92 -38.66
N PRO J 47 -51.92 28.26 -37.56
CA PRO J 47 -51.90 29.67 -37.16
C PRO J 47 -51.00 30.55 -38.02
N GLU J 48 -49.81 30.07 -38.38
CA GLU J 48 -48.85 30.86 -39.13
C GLU J 48 -48.91 30.62 -40.63
N ALA J 49 -49.79 29.74 -41.09
CA ALA J 49 -49.92 29.43 -42.51
C ALA J 49 -51.08 30.25 -43.07
N GLN J 50 -50.75 31.17 -43.99
CA GLN J 50 -51.76 32.00 -44.62
C GLN J 50 -51.24 32.45 -45.97
N GLY J 51 -52.16 32.89 -46.82
CA GLY J 51 -51.86 33.34 -48.16
C GLY J 51 -52.08 32.29 -49.23
N ARG J 52 -52.02 31.01 -48.89
CA ARG J 52 -52.30 29.96 -49.85
C ARG J 52 -53.78 29.60 -49.92
N LEU J 53 -54.51 29.75 -48.82
CA LEU J 53 -55.94 29.47 -48.79
C LEU J 53 -56.79 30.60 -49.33
N PHE J 54 -56.21 31.80 -49.49
CA PHE J 54 -56.98 32.93 -49.98
C PHE J 54 -57.47 32.69 -51.41
N THR J 55 -56.62 32.12 -52.26
CA THR J 55 -56.99 31.92 -53.66
C THR J 55 -58.14 30.94 -53.84
N PRO J 56 -58.16 29.76 -53.21
CA PRO J 56 -59.34 28.89 -53.36
C PRO J 56 -60.61 29.52 -52.84
N PHE J 57 -60.55 30.24 -51.72
CA PHE J 57 -61.72 30.94 -51.23
C PHE J 57 -62.19 31.99 -52.24
N PHE J 58 -61.25 32.72 -52.83
CA PHE J 58 -61.60 33.73 -53.82
C PHE J 58 -62.28 33.09 -55.03
N ILE J 59 -61.74 31.97 -55.53
CA ILE J 59 -62.34 31.37 -56.70
C ILE J 59 -63.72 30.82 -56.37
N THR J 60 -63.89 30.26 -55.17
CA THR J 60 -65.19 29.72 -54.78
C THR J 60 -66.23 30.84 -54.67
N VAL J 61 -65.89 31.91 -53.97
CA VAL J 61 -66.84 33.00 -53.79
C VAL J 61 -67.16 33.66 -55.12
N GLY J 62 -66.16 33.85 -55.98
CA GLY J 62 -66.43 34.43 -57.28
C GLY J 62 -67.32 33.55 -58.13
N LEU J 63 -67.07 32.24 -58.13
CA LEU J 63 -67.87 31.32 -58.92
C LEU J 63 -69.32 31.28 -58.45
N VAL J 64 -69.53 31.23 -57.13
CA VAL J 64 -70.90 31.17 -56.62
C VAL J 64 -71.62 32.50 -56.85
N GLU J 65 -70.90 33.62 -56.69
CA GLU J 65 -71.49 34.91 -57.01
C GLU J 65 -71.86 35.01 -58.49
N ALA J 66 -71.02 34.46 -59.36
CA ALA J 66 -71.35 34.45 -60.79
C ALA J 66 -72.61 33.64 -61.05
N ALA J 67 -72.74 32.48 -60.40
CA ALA J 67 -73.94 31.68 -60.57
C ALA J 67 -75.19 32.45 -60.14
N TYR J 68 -75.12 33.06 -58.95
CA TYR J 68 -76.27 33.82 -58.46
C TYR J 68 -76.56 35.01 -59.35
N PHE J 69 -75.52 35.67 -59.87
CA PHE J 69 -75.70 36.84 -60.70
C PHE J 69 -76.35 36.50 -62.03
N ILE J 70 -75.92 35.39 -62.66
CA ILE J 70 -76.54 35.00 -63.93
C ILE J 70 -77.97 34.55 -63.70
N ASN J 71 -78.24 33.88 -62.57
CA ASN J 71 -79.62 33.52 -62.25
C ASN J 71 -80.48 34.75 -62.08
N LEU J 72 -79.98 35.76 -61.36
CA LEU J 72 -80.73 36.99 -61.15
C LEU J 72 -80.97 37.73 -62.46
N ALA J 73 -79.95 37.79 -63.33
CA ALA J 73 -80.11 38.46 -64.62
C ALA J 73 -81.14 37.74 -65.48
N PHE J 74 -81.11 36.40 -65.49
CA PHE J 74 -82.12 35.64 -66.22
C PHE J 74 -83.51 35.93 -65.67
N MET J 75 -83.63 35.99 -64.35
CA MET J 75 -84.94 36.27 -63.76
C MET J 75 -85.44 37.64 -64.16
N ALA J 76 -84.55 38.64 -64.14
CA ALA J 76 -84.93 39.99 -64.53
C ALA J 76 -85.39 40.05 -65.98
N LEU J 77 -84.63 39.39 -66.88
CA LEU J 77 -85.00 39.43 -68.29
C LEU J 77 -86.29 38.65 -68.55
N PHE J 78 -86.55 37.60 -67.77
CA PHE J 78 -87.77 36.83 -67.97
C PHE J 78 -88.99 37.57 -67.42
N VAL J 79 -88.82 38.32 -66.34
CA VAL J 79 -89.96 38.99 -65.71
C VAL J 79 -90.27 40.31 -66.40
N PHE J 80 -89.27 41.20 -66.50
CA PHE J 80 -89.52 42.52 -67.05
C PHE J 80 -89.89 42.48 -68.52
N ALA J 81 -89.10 41.77 -69.33
CA ALA J 81 -89.41 41.63 -70.73
C ALA J 81 -90.51 40.57 -70.92
N THR J 82 -91.24 40.69 -72.03
CA THR J 82 -92.37 39.82 -72.32
C THR J 82 -92.22 39.24 -73.72
N PRO J 83 -91.37 38.23 -73.89
CA PRO J 83 -91.31 37.52 -75.17
C PRO J 83 -92.53 36.64 -75.38
N GLY J 84 -93.70 37.25 -75.55
CA GLY J 84 -94.94 36.49 -75.62
C GLY J 84 -95.30 35.81 -74.32
N LEU J 85 -95.01 36.43 -73.18
CA LEU J 85 -95.34 35.86 -71.88
C LEU J 85 -95.80 36.93 -70.90
N LEU K 3 -114.42 40.92 -66.45
CA LEU K 3 -113.99 41.31 -65.11
C LEU K 3 -112.71 42.14 -65.18
N ASP K 4 -112.28 42.64 -64.03
CA ASP K 4 -111.10 43.48 -63.96
C ASP K 4 -109.85 42.62 -63.80
N PRO K 5 -108.91 42.66 -64.75
CA PRO K 5 -107.67 41.90 -64.58
C PRO K 5 -106.78 42.43 -63.47
N ASN K 6 -107.05 43.65 -62.98
CA ASN K 6 -106.21 44.22 -61.94
C ASN K 6 -106.27 43.41 -60.65
N ALA K 7 -107.45 42.90 -60.30
CA ALA K 7 -107.57 42.07 -59.11
C ALA K 7 -106.77 40.78 -59.26
N ILE K 8 -106.80 40.16 -60.44
CA ILE K 8 -106.01 38.97 -60.69
C ILE K 8 -104.52 39.28 -60.57
N ILE K 9 -104.10 40.42 -61.14
CA ILE K 9 -102.71 40.83 -61.05
C ILE K 9 -102.30 40.98 -59.59
N THR K 10 -103.15 41.64 -58.79
CA THR K 10 -102.83 41.86 -57.39
C THR K 10 -102.75 40.54 -56.63
N ALA K 11 -103.68 39.63 -56.87
CA ALA K 11 -103.66 38.35 -56.16
C ALA K 11 -102.40 37.55 -56.50
N GLY K 12 -102.06 37.49 -57.79
CA GLY K 12 -100.85 36.81 -58.18
C GLY K 12 -99.60 37.43 -57.57
N ALA K 13 -99.55 38.77 -57.55
CA ALA K 13 -98.41 39.46 -56.95
C ALA K 13 -98.33 39.15 -55.46
N LEU K 14 -99.47 39.06 -54.78
CA LEU K 14 -99.47 38.75 -53.35
C LEU K 14 -98.95 37.34 -53.11
N ILE K 15 -99.38 36.38 -53.93
CA ILE K 15 -98.88 35.01 -53.79
C ILE K 15 -97.37 34.99 -54.02
N GLY K 16 -96.91 35.70 -55.05
CA GLY K 16 -95.48 35.75 -55.33
C GLY K 16 -94.70 36.37 -54.18
N GLY K 17 -95.22 37.45 -53.61
CA GLY K 17 -94.54 38.05 -52.47
C GLY K 17 -94.43 37.10 -51.30
N GLY K 18 -95.51 36.36 -51.02
CA GLY K 18 -95.46 35.37 -49.96
C GLY K 18 -94.37 34.33 -50.20
N LEU K 19 -94.30 33.81 -51.42
CA LEU K 19 -93.30 32.78 -51.70
C LEU K 19 -91.88 33.35 -51.63
N ILE K 20 -91.69 34.58 -52.12
CA ILE K 20 -90.36 35.19 -52.07
C ILE K 20 -89.93 35.42 -50.63
N MET K 21 -90.84 35.88 -49.79
CA MET K 21 -90.52 36.08 -48.38
C MET K 21 -90.17 34.75 -47.71
N GLY K 22 -90.93 33.69 -48.01
CA GLY K 22 -90.56 32.38 -47.48
C GLY K 22 -89.17 31.95 -47.87
N GLY K 23 -88.84 32.07 -49.17
CA GLY K 23 -87.53 31.65 -49.64
C GLY K 23 -86.40 32.48 -49.06
N GLY K 24 -86.58 33.80 -49.04
CA GLY K 24 -85.55 34.67 -48.49
C GLY K 24 -85.33 34.43 -47.00
N ALA K 25 -86.41 34.21 -46.26
CA ALA K 25 -86.27 33.90 -44.84
C ALA K 25 -85.52 32.58 -44.65
N ILE K 26 -85.83 31.56 -45.45
CA ILE K 26 -85.12 30.30 -45.34
C ILE K 26 -83.63 30.50 -45.58
N GLY K 27 -83.30 31.22 -46.66
CA GLY K 27 -81.90 31.43 -46.98
C GLY K 27 -81.15 32.20 -45.90
N ALA K 28 -81.77 33.27 -45.40
CA ALA K 28 -81.13 34.06 -44.35
C ALA K 28 -80.92 33.22 -43.09
N GLY K 29 -81.93 32.45 -42.70
CA GLY K 29 -81.80 31.66 -41.48
C GLY K 29 -80.70 30.63 -41.58
N ILE K 30 -80.66 29.88 -42.69
CA ILE K 30 -79.65 28.85 -42.82
C ILE K 30 -78.25 29.47 -42.93
N GLY K 31 -78.13 30.57 -43.67
CA GLY K 31 -76.84 31.22 -43.79
C GLY K 31 -76.30 31.71 -42.46
N ASP K 32 -77.17 32.37 -41.67
CA ASP K 32 -76.75 32.85 -40.37
C ASP K 32 -76.36 31.68 -39.46
N GLY K 33 -77.15 30.60 -39.49
CA GLY K 33 -76.82 29.46 -38.64
C GLY K 33 -75.48 28.85 -38.96
N ILE K 34 -75.21 28.62 -40.25
CA ILE K 34 -73.95 28.00 -40.63
C ILE K 34 -72.79 28.94 -40.37
N ALA K 35 -72.97 30.24 -40.60
CA ALA K 35 -71.90 31.19 -40.34
C ALA K 35 -71.58 31.25 -38.84
N GLY K 36 -72.60 31.22 -38.00
CA GLY K 36 -72.37 31.22 -36.57
C GLY K 36 -71.68 29.95 -36.09
N ASN K 37 -72.10 28.80 -36.63
CA ASN K 37 -71.39 27.56 -36.35
C ASN K 37 -69.91 27.69 -36.72
N ALA K 38 -69.64 28.27 -37.89
CA ALA K 38 -68.26 28.47 -38.32
C ALA K 38 -67.49 29.33 -37.32
N LEU K 39 -68.06 30.47 -36.94
CA LEU K 39 -67.36 31.40 -36.06
C LEU K 39 -67.07 30.76 -34.71
N ILE K 40 -68.07 30.11 -34.12
CA ILE K 40 -67.84 29.50 -32.80
C ILE K 40 -66.88 28.33 -32.91
N SER K 41 -66.91 27.58 -34.01
CA SER K 41 -65.96 26.49 -34.20
C SER K 41 -64.54 27.03 -34.26
N GLY K 42 -64.33 28.11 -35.01
CA GLY K 42 -63.01 28.70 -35.08
C GLY K 42 -62.55 29.23 -33.73
N ILE K 43 -63.45 29.86 -32.98
CA ILE K 43 -63.07 30.45 -31.69
C ILE K 43 -62.91 29.43 -30.59
N ALA K 44 -63.32 28.17 -30.81
CA ALA K 44 -63.23 27.17 -29.76
C ALA K 44 -61.79 26.72 -29.51
N ARG K 45 -60.88 26.93 -30.46
CA ARG K 45 -59.54 26.36 -30.34
C ARG K 45 -58.70 27.14 -29.34
N GLN K 46 -58.45 28.42 -29.62
CA GLN K 46 -57.64 29.26 -28.74
C GLN K 46 -58.20 30.67 -28.72
N PRO K 47 -58.02 31.39 -27.61
CA PRO K 47 -58.42 32.80 -27.56
C PRO K 47 -57.34 33.78 -27.99
N GLU K 48 -56.17 33.31 -28.35
CA GLU K 48 -55.12 34.21 -28.84
C GLU K 48 -55.47 34.78 -30.20
N ALA K 49 -56.13 34.00 -31.06
CA ALA K 49 -56.48 34.41 -32.41
C ALA K 49 -57.88 35.03 -32.49
N GLN K 50 -58.52 35.28 -31.35
CA GLN K 50 -59.88 35.80 -31.35
C GLN K 50 -59.96 37.16 -32.04
N GLY K 51 -58.90 37.95 -31.94
CA GLY K 51 -58.92 39.28 -32.52
C GLY K 51 -58.65 39.37 -34.00
N ARG K 52 -58.42 38.24 -34.68
CA ARG K 52 -58.06 38.26 -36.09
C ARG K 52 -58.97 37.36 -36.92
N LEU K 53 -60.26 37.28 -36.56
CA LEU K 53 -61.21 36.51 -37.35
C LEU K 53 -62.56 37.18 -37.52
N PHE K 54 -62.77 38.38 -36.99
CA PHE K 54 -64.06 39.04 -37.10
C PHE K 54 -64.30 39.59 -38.50
N THR K 55 -63.28 40.20 -39.09
CA THR K 55 -63.45 40.79 -40.43
C THR K 55 -63.82 39.78 -41.50
N PRO K 56 -63.22 38.58 -41.61
CA PRO K 56 -63.71 37.63 -42.61
C PRO K 56 -65.15 37.20 -42.39
N PHE K 57 -65.55 37.04 -41.14
CA PHE K 57 -66.93 36.67 -40.85
C PHE K 57 -67.90 37.76 -41.29
N PHE K 58 -67.55 39.03 -41.00
CA PHE K 58 -68.38 40.13 -41.46
C PHE K 58 -68.42 40.21 -42.98
N ILE K 59 -67.27 39.98 -43.63
CA ILE K 59 -67.24 40.00 -45.09
C ILE K 59 -68.15 38.94 -45.66
N THR K 60 -68.13 37.74 -45.09
CA THR K 60 -69.00 36.67 -45.56
C THR K 60 -70.47 37.01 -45.34
N VAL K 61 -70.83 37.38 -44.11
CA VAL K 61 -72.24 37.63 -43.81
C VAL K 61 -72.78 38.84 -44.57
N GLY K 62 -71.91 39.77 -44.95
CA GLY K 62 -72.35 40.91 -45.74
C GLY K 62 -72.89 40.52 -47.09
N LEU K 63 -72.35 39.45 -47.68
CA LEU K 63 -72.87 38.99 -48.97
C LEU K 63 -74.33 38.56 -48.87
N VAL K 64 -74.65 37.75 -47.84
CA VAL K 64 -76.02 37.33 -47.64
C VAL K 64 -76.92 38.52 -47.30
N GLU K 65 -76.42 39.44 -46.48
CA GLU K 65 -77.20 40.63 -46.14
C GLU K 65 -77.50 41.46 -47.38
N ALA K 66 -76.51 41.64 -48.25
CA ALA K 66 -76.69 42.41 -49.47
C ALA K 66 -77.69 41.74 -50.40
N ALA K 67 -77.59 40.41 -50.56
CA ALA K 67 -78.56 39.70 -51.39
C ALA K 67 -79.97 39.84 -50.85
N TYR K 68 -80.13 39.72 -49.52
CA TYR K 68 -81.44 39.88 -48.91
C TYR K 68 -81.98 41.28 -49.15
N PHE K 69 -81.14 42.30 -48.97
CA PHE K 69 -81.59 43.67 -49.19
C PHE K 69 -81.97 43.90 -50.65
N ILE K 70 -81.21 43.32 -51.58
CA ILE K 70 -81.54 43.46 -53.01
C ILE K 70 -82.89 42.83 -53.30
N ASN K 71 -83.12 41.63 -52.77
CA ASN K 71 -84.41 40.99 -53.00
C ASN K 71 -85.54 41.82 -52.41
N LEU K 72 -85.32 42.37 -51.21
CA LEU K 72 -86.33 43.21 -50.56
C LEU K 72 -86.60 44.47 -51.38
N ALA K 73 -85.57 45.03 -52.01
CA ALA K 73 -85.74 46.23 -52.83
C ALA K 73 -86.48 45.92 -54.13
N PHE K 74 -86.15 44.79 -54.78
CA PHE K 74 -86.89 44.36 -55.96
C PHE K 74 -88.34 44.14 -55.60
N MET K 75 -88.57 43.54 -54.42
CA MET K 75 -89.88 43.37 -53.82
C MET K 75 -90.63 44.69 -53.69
N ALA K 76 -89.99 45.70 -53.09
CA ALA K 76 -90.65 46.97 -52.84
C ALA K 76 -90.97 47.69 -54.15
N LEU K 77 -90.03 47.67 -55.10
CA LEU K 77 -90.28 48.31 -56.38
C LEU K 77 -91.44 47.66 -57.10
N PHE K 78 -91.52 46.32 -57.03
CA PHE K 78 -92.66 45.64 -57.65
C PHE K 78 -93.97 45.99 -56.97
N VAL K 79 -93.99 46.04 -55.64
CA VAL K 79 -95.26 46.29 -54.96
C VAL K 79 -95.68 47.76 -55.00
N PHE K 80 -94.75 48.69 -55.24
CA PHE K 80 -95.10 50.10 -55.35
C PHE K 80 -95.40 50.50 -56.80
N ALA K 81 -94.41 50.34 -57.68
CA ALA K 81 -94.57 50.80 -59.06
C ALA K 81 -95.45 49.85 -59.87
N THR K 82 -95.39 48.56 -59.56
CA THR K 82 -96.12 47.51 -60.28
C THR K 82 -95.83 47.61 -61.78
N PRO K 83 -94.61 47.25 -62.21
CA PRO K 83 -94.29 47.35 -63.65
C PRO K 83 -95.15 46.46 -64.52
N GLY K 84 -95.76 45.43 -63.95
CA GLY K 84 -96.60 44.53 -64.72
C GLY K 84 -97.99 45.04 -65.05
N LEU K 85 -98.38 46.19 -64.53
CA LEU K 85 -99.70 46.75 -64.82
C LEU K 85 -99.76 47.27 -66.25
N PRO L 5 -115.97 41.63 -55.95
CA PRO L 5 -114.76 41.32 -56.74
C PRO L 5 -113.48 41.79 -56.06
N ASN L 6 -113.58 42.13 -54.78
CA ASN L 6 -112.45 42.64 -54.02
C ASN L 6 -112.03 41.73 -52.88
N ALA L 7 -113.01 41.18 -52.14
CA ALA L 7 -112.68 40.31 -51.01
C ALA L 7 -111.97 39.04 -51.46
N ILE L 8 -112.14 38.63 -52.72
CA ILE L 8 -111.46 37.46 -53.25
C ILE L 8 -109.95 37.58 -53.13
N ILE L 9 -109.43 38.81 -53.05
CA ILE L 9 -108.00 38.99 -52.87
C ILE L 9 -107.55 38.40 -51.54
N THR L 10 -108.34 38.60 -50.49
CA THR L 10 -107.90 38.34 -49.12
C THR L 10 -107.35 36.92 -48.96
N ALA L 11 -108.12 35.93 -49.39
CA ALA L 11 -107.71 34.54 -49.24
C ALA L 11 -106.31 34.32 -49.78
N GLY L 12 -106.04 34.86 -50.98
CA GLY L 12 -104.73 34.69 -51.58
C GLY L 12 -103.62 35.18 -50.69
N ALA L 13 -103.79 36.38 -50.11
CA ALA L 13 -102.81 36.90 -49.18
C ALA L 13 -102.54 35.88 -48.08
N LEU L 14 -103.60 35.35 -47.48
CA LEU L 14 -103.45 34.35 -46.43
C LEU L 14 -102.56 33.20 -46.91
N ILE L 15 -102.84 32.69 -48.11
CA ILE L 15 -101.99 31.66 -48.70
C ILE L 15 -100.54 32.10 -48.65
N GLY L 16 -100.23 33.23 -49.31
CA GLY L 16 -98.86 33.71 -49.31
C GLY L 16 -98.35 33.93 -47.91
N GLY L 17 -99.23 34.45 -47.04
CA GLY L 17 -98.81 34.69 -45.66
C GLY L 17 -98.28 33.44 -45.01
N GLY L 18 -98.96 32.31 -45.20
CA GLY L 18 -98.45 31.06 -44.67
C GLY L 18 -97.03 30.82 -45.09
N LEU L 19 -96.77 30.94 -46.41
CA LEU L 19 -95.43 30.74 -46.92
C LEU L 19 -94.43 31.56 -46.12
N ILE L 20 -94.74 32.84 -45.92
CA ILE L 20 -93.86 33.73 -45.17
C ILE L 20 -93.45 33.07 -43.87
N MET L 21 -94.44 32.77 -43.01
CA MET L 21 -94.13 32.16 -41.73
C MET L 21 -93.36 30.87 -41.92
N GLY L 22 -93.82 30.02 -42.83
CA GLY L 22 -93.16 28.77 -43.09
C GLY L 22 -91.69 29.04 -43.28
N GLY L 23 -91.40 29.92 -44.24
CA GLY L 23 -90.00 30.23 -44.53
C GLY L 23 -89.26 30.66 -43.28
N GLY L 24 -89.78 31.69 -42.60
CA GLY L 24 -89.13 32.14 -41.39
C GLY L 24 -88.93 31.02 -40.41
N ALA L 25 -90.01 30.29 -40.12
CA ALA L 25 -89.93 29.18 -39.18
C ALA L 25 -88.78 28.27 -39.55
N ILE L 26 -88.74 27.87 -40.83
CA ILE L 26 -87.70 26.96 -41.30
C ILE L 26 -86.34 27.50 -40.86
N GLY L 27 -86.01 28.71 -41.32
CA GLY L 27 -84.71 29.26 -41.06
C GLY L 27 -84.48 29.28 -39.57
N ALA L 28 -85.47 29.82 -38.84
CA ALA L 28 -85.31 29.96 -37.41
C ALA L 28 -84.94 28.63 -36.80
N GLY L 29 -85.74 27.61 -37.08
CA GLY L 29 -85.53 26.30 -36.51
C GLY L 29 -84.09 25.90 -36.73
N ILE L 30 -83.70 25.85 -38.01
CA ILE L 30 -82.37 25.35 -38.33
C ILE L 30 -81.32 26.15 -37.57
N GLY L 31 -81.43 27.48 -37.64
CA GLY L 31 -80.45 28.33 -37.01
C GLY L 31 -80.32 27.90 -35.57
N ASP L 32 -81.45 27.95 -34.85
CA ASP L 32 -81.44 27.58 -33.45
C ASP L 32 -80.67 26.29 -33.25
N GLY L 33 -81.13 25.23 -33.91
CA GLY L 33 -80.59 23.92 -33.67
C GLY L 33 -79.08 23.92 -33.85
N ILE L 34 -78.61 24.42 -35.00
CA ILE L 34 -77.19 24.27 -35.29
C ILE L 34 -76.39 25.02 -34.24
N ALA L 35 -76.84 26.23 -33.88
CA ALA L 35 -76.13 27.01 -32.88
C ALA L 35 -75.96 26.18 -31.61
N GLY L 36 -77.07 25.59 -31.14
CA GLY L 36 -76.99 24.80 -29.94
C GLY L 36 -75.94 23.72 -30.05
N ASN L 37 -75.98 22.95 -31.14
CA ASN L 37 -74.97 21.91 -31.33
C ASN L 37 -73.58 22.53 -31.27
N ALA L 38 -73.38 23.57 -32.07
CA ALA L 38 -72.08 24.25 -32.07
C ALA L 38 -71.72 24.64 -30.65
N LEU L 39 -72.66 25.28 -29.94
CA LEU L 39 -72.37 25.74 -28.59
C LEU L 39 -71.93 24.57 -27.72
N ILE L 40 -72.71 23.48 -27.71
CA ILE L 40 -72.35 22.39 -26.81
C ILE L 40 -71.06 21.74 -27.27
N SER L 41 -70.78 21.77 -28.58
CA SER L 41 -69.51 21.26 -29.05
C SER L 41 -68.36 21.95 -28.33
N GLY L 42 -68.47 23.28 -28.17
CA GLY L 42 -67.46 23.99 -27.40
C GLY L 42 -67.35 23.47 -25.98
N ILE L 43 -68.49 23.32 -25.30
CA ILE L 43 -68.44 22.85 -23.92
C ILE L 43 -68.02 21.39 -23.85
N ALA L 44 -67.86 20.75 -25.00
CA ALA L 44 -67.32 19.39 -25.02
C ALA L 44 -65.81 19.36 -24.80
N ARG L 45 -65.09 20.38 -25.24
CA ARG L 45 -63.63 20.29 -25.21
C ARG L 45 -63.07 20.46 -23.79
N GLN L 46 -63.69 21.33 -22.99
CA GLN L 46 -63.41 21.35 -21.55
C GLN L 46 -64.61 21.94 -20.85
N PRO L 47 -64.81 21.62 -19.57
CA PRO L 47 -65.87 22.30 -18.81
C PRO L 47 -65.50 23.69 -18.34
N GLU L 48 -64.21 24.05 -18.35
CA GLU L 48 -63.76 25.37 -17.91
C GLU L 48 -63.68 26.30 -19.11
N ALA L 49 -64.85 26.83 -19.48
CA ALA L 49 -64.94 27.79 -20.58
C ALA L 49 -66.12 28.71 -20.31
N GLN L 50 -65.86 29.86 -19.70
CA GLN L 50 -66.88 30.84 -19.37
C GLN L 50 -66.49 32.20 -19.92
N GLY L 51 -67.48 32.92 -20.44
CA GLY L 51 -67.26 34.20 -21.05
C GLY L 51 -66.67 34.14 -22.45
N ARG L 52 -66.31 32.95 -22.93
CA ARG L 52 -65.73 32.76 -24.25
C ARG L 52 -66.70 32.10 -25.22
N LEU L 53 -67.97 31.94 -24.85
CA LEU L 53 -68.97 31.35 -25.72
C LEU L 53 -70.18 32.23 -25.93
N PHE L 54 -70.39 33.25 -25.10
CA PHE L 54 -71.63 34.01 -25.17
C PHE L 54 -71.64 35.00 -26.33
N THR L 55 -70.48 35.58 -26.67
CA THR L 55 -70.45 36.55 -27.76
C THR L 55 -70.85 35.95 -29.11
N PRO L 56 -70.24 34.84 -29.58
CA PRO L 56 -70.70 34.27 -30.85
C PRO L 56 -72.15 33.81 -30.82
N PHE L 57 -72.59 33.23 -29.70
CA PHE L 57 -73.98 32.82 -29.57
C PHE L 57 -74.91 34.02 -29.68
N PHE L 58 -74.53 35.15 -29.08
CA PHE L 58 -75.33 36.37 -29.16
C PHE L 58 -75.40 36.87 -30.59
N ILE L 59 -74.27 36.83 -31.31
CA ILE L 59 -74.27 37.25 -32.71
C ILE L 59 -75.22 36.37 -33.53
N THR L 60 -75.15 35.05 -33.30
CA THR L 60 -76.00 34.12 -34.03
C THR L 60 -77.47 34.37 -33.77
N VAL L 61 -77.85 34.47 -32.49
CA VAL L 61 -79.26 34.65 -32.15
C VAL L 61 -79.75 35.98 -32.70
N GLY L 62 -78.93 37.03 -32.60
CA GLY L 62 -79.31 38.31 -33.16
C GLY L 62 -79.59 38.21 -34.65
N LEU L 63 -78.69 37.59 -35.40
CA LEU L 63 -78.88 37.49 -36.84
C LEU L 63 -80.15 36.70 -37.20
N VAL L 64 -80.29 35.50 -36.63
CA VAL L 64 -81.37 34.62 -37.07
C VAL L 64 -82.73 35.14 -36.62
N GLU L 65 -82.84 35.58 -35.36
CA GLU L 65 -84.10 36.20 -34.96
C GLU L 65 -84.32 37.55 -35.63
N ALA L 66 -83.27 38.23 -36.10
CA ALA L 66 -83.49 39.43 -36.89
C ALA L 66 -84.19 39.10 -38.21
N ALA L 67 -83.72 38.04 -38.87
CA ALA L 67 -84.40 37.59 -40.09
C ALA L 67 -85.84 37.16 -39.79
N TYR L 68 -86.02 36.39 -38.72
CA TYR L 68 -87.36 35.92 -38.37
C TYR L 68 -88.29 37.09 -38.07
N PHE L 69 -87.78 38.11 -37.38
CA PHE L 69 -88.61 39.23 -36.97
C PHE L 69 -88.92 40.17 -38.13
N ILE L 70 -87.96 40.38 -39.04
CA ILE L 70 -88.28 41.19 -40.22
C ILE L 70 -89.34 40.49 -41.06
N ASN L 71 -89.23 39.15 -41.20
CA ASN L 71 -90.27 38.43 -41.92
C ASN L 71 -91.62 38.54 -41.21
N LEU L 72 -91.62 38.43 -39.89
CA LEU L 72 -92.87 38.46 -39.14
C LEU L 72 -93.55 39.81 -39.26
N ALA L 73 -92.78 40.88 -39.13
CA ALA L 73 -93.35 42.22 -39.26
C ALA L 73 -93.85 42.46 -40.68
N PHE L 74 -93.17 41.91 -41.69
CA PHE L 74 -93.66 42.10 -43.05
C PHE L 74 -95.00 41.40 -43.25
N MET L 75 -95.08 40.17 -42.77
CA MET L 75 -96.32 39.41 -42.77
C MET L 75 -97.43 40.20 -42.12
N ALA L 76 -97.14 40.80 -40.96
CA ALA L 76 -98.13 41.64 -40.30
C ALA L 76 -98.49 42.83 -41.17
N LEU L 77 -97.52 43.37 -41.91
CA LEU L 77 -97.80 44.55 -42.70
C LEU L 77 -98.83 44.26 -43.79
N PHE L 78 -98.65 43.15 -44.51
CA PHE L 78 -99.69 42.79 -45.49
C PHE L 78 -101.02 42.46 -44.81
N VAL L 79 -101.00 41.77 -43.66
CA VAL L 79 -102.29 41.36 -43.08
C VAL L 79 -102.91 42.38 -42.14
N PHE L 80 -102.32 43.56 -42.02
CA PHE L 80 -102.98 44.66 -41.33
C PHE L 80 -103.71 45.55 -42.33
N ALA L 81 -103.00 46.05 -43.33
CA ALA L 81 -103.58 46.87 -44.38
C ALA L 81 -103.22 46.28 -45.73
N THR L 82 -104.23 46.01 -46.54
CA THR L 82 -103.99 45.40 -47.84
C THR L 82 -103.55 46.46 -48.85
N PRO L 83 -102.36 46.34 -49.43
CA PRO L 83 -101.96 47.29 -50.48
C PRO L 83 -102.88 47.26 -51.69
N GLY L 84 -103.54 46.15 -51.95
CA GLY L 84 -104.47 46.02 -53.06
C GLY L 84 -105.88 46.43 -52.68
N LEU L 85 -106.82 46.06 -53.54
CA LEU L 85 -108.26 46.34 -53.38
C LEU L 85 -108.54 47.75 -52.86
N THR M 5 51.61 50.20 47.30
CA THR M 5 52.31 48.93 47.13
C THR M 5 51.86 47.91 48.17
N ILE M 6 50.59 48.02 48.58
CA ILE M 6 50.05 47.10 49.58
C ILE M 6 50.05 45.67 49.04
N SER M 7 49.68 45.50 47.77
CA SER M 7 49.72 44.17 47.16
C SER M 7 51.15 43.66 47.06
N ALA M 8 52.09 44.54 46.69
CA ALA M 8 53.49 44.13 46.61
C ALA M 8 54.01 43.73 47.99
N ALA M 9 53.66 44.51 49.02
CA ALA M 9 54.10 44.17 50.38
C ALA M 9 53.52 42.84 50.83
N ASP M 10 52.23 42.61 50.55
CA ASP M 10 51.62 41.34 50.94
C ASP M 10 52.25 40.17 50.20
N ILE M 11 52.51 40.32 48.91
CA ILE M 11 53.12 39.25 48.14
C ILE M 11 54.53 38.96 48.65
N GLU M 12 55.30 40.01 48.93
CA GLU M 12 56.65 39.81 49.46
C GLU M 12 56.63 39.12 50.81
N GLY M 13 55.70 39.53 51.68
CA GLY M 13 55.59 38.88 52.98
C GLY M 13 55.22 37.42 52.87
N ALA M 14 54.26 37.10 51.99
CA ALA M 14 53.85 35.70 51.81
C ALA M 14 54.99 34.88 51.23
N ILE M 15 55.73 35.42 50.26
CA ILE M 15 56.85 34.70 49.69
C ILE M 15 57.92 34.45 50.74
N GLU M 16 58.20 35.46 51.57
CA GLU M 16 59.18 35.30 52.63
C GLU M 16 58.74 34.24 53.63
N ASP M 17 57.46 34.25 54.00
CA ASP M 17 56.95 33.27 54.95
C ASP M 17 57.07 31.86 54.39
N TYR M 18 56.71 31.69 53.11
CA TYR M 18 56.78 30.36 52.52
C TYR M 18 58.22 29.87 52.41
N VAL M 19 59.11 30.69 51.86
CA VAL M 19 60.48 30.25 51.64
C VAL M 19 61.20 30.05 52.98
N SER M 20 60.80 30.78 54.02
CA SER M 20 61.38 30.61 55.33
C SER M 20 60.74 29.44 56.09
N SER M 21 59.72 28.82 55.52
CA SER M 21 59.09 27.66 56.11
C SER M 21 59.35 26.38 55.31
N PHE M 22 60.23 26.44 54.32
CA PHE M 22 60.55 25.27 53.52
C PHE M 22 61.23 24.21 54.38
N SER M 23 60.87 22.94 54.15
CA SER M 23 61.40 21.86 54.96
C SER M 23 61.54 20.61 54.10
N ALA M 24 62.61 19.86 54.34
CA ALA M 24 62.81 18.56 53.69
C ALA M 24 63.79 17.76 54.53
N ASP M 25 63.75 16.44 54.35
CA ASP M 25 64.60 15.53 55.10
C ASP M 25 64.80 14.26 54.26
N THR M 26 65.32 13.22 54.90
CA THR M 26 65.63 11.96 54.21
C THR M 26 64.92 10.80 54.90
N GLU M 27 64.40 9.88 54.09
CA GLU M 27 63.71 8.70 54.58
C GLU M 27 64.15 7.50 53.77
N ARG M 28 63.75 6.31 54.21
CA ARG M 28 64.10 5.07 53.52
C ARG M 28 62.96 4.59 52.60
N GLU M 29 62.61 5.48 51.68
CA GLU M 29 61.60 5.14 50.67
C GLU M 29 62.16 4.11 49.68
N GLU M 30 61.31 3.69 48.75
CA GLU M 30 61.67 2.70 47.74
C GLU M 30 61.51 3.29 46.34
N ILE M 31 62.47 3.01 45.47
CA ILE M 31 62.47 3.49 44.10
C ILE M 31 62.61 2.30 43.17
N GLY M 32 61.72 2.20 42.18
CA GLY M 32 61.79 1.15 41.19
C GLY M 32 62.54 1.58 39.93
N THR M 33 62.86 0.58 39.11
CA THR M 33 63.55 0.80 37.85
C THR M 33 62.66 0.37 36.70
N VAL M 34 62.49 1.24 35.72
CA VAL M 34 61.64 0.95 34.57
C VAL M 34 62.33 -0.06 33.67
N ILE M 35 61.64 -1.15 33.34
CA ILE M 35 62.20 -2.19 32.47
C ILE M 35 61.39 -2.42 31.21
N ASP M 36 60.17 -1.89 31.11
CA ASP M 36 59.33 -2.11 29.95
C ASP M 36 58.73 -0.79 29.50
N ALA M 37 58.37 -0.74 28.22
CA ALA M 37 57.81 0.47 27.63
C ALA M 37 56.99 0.07 26.41
N GLY M 38 56.11 0.99 25.97
CA GLY M 38 55.31 0.77 24.79
C GLY M 38 53.82 0.67 25.05
N ASP M 39 53.03 1.36 24.23
CA ASP M 39 51.57 1.32 24.28
C ASP M 39 51.04 1.71 25.66
N GLY M 40 51.67 2.68 26.31
CA GLY M 40 51.24 3.10 27.63
C GLY M 40 51.32 2.01 28.67
N ILE M 41 52.21 1.03 28.47
CA ILE M 41 52.34 -0.11 29.36
C ILE M 41 53.80 -0.23 29.76
N ALA M 42 54.06 -0.23 31.07
CA ALA M 42 55.41 -0.26 31.60
C ALA M 42 55.49 -1.26 32.75
N HIS M 43 56.70 -1.75 33.00
CA HIS M 43 56.97 -2.68 34.08
C HIS M 43 58.12 -2.15 34.92
N VAL M 44 57.99 -2.27 36.24
CA VAL M 44 58.97 -1.72 37.17
C VAL M 44 59.30 -2.79 38.21
N GLU M 45 60.51 -2.71 38.75
CA GLU M 45 60.98 -3.62 39.78
C GLU M 45 61.81 -2.86 40.80
N GLY M 46 61.87 -3.42 42.01
CA GLY M 46 62.62 -2.80 43.08
C GLY M 46 61.72 -2.18 44.12
N LEU M 47 60.49 -2.69 44.22
CA LEU M 47 59.52 -2.21 45.20
C LEU M 47 58.91 -3.42 45.90
N PRO M 48 59.56 -3.96 46.92
CA PRO M 48 58.96 -5.05 47.69
C PRO M 48 57.72 -4.56 48.44
N SER M 49 57.78 -3.34 48.93
CA SER M 49 56.68 -2.74 49.67
C SER M 49 55.59 -2.35 48.69
N VAL M 50 54.83 -3.35 48.26
CA VAL M 50 53.74 -3.15 47.34
C VAL M 50 52.46 -2.91 48.14
N MET M 51 51.51 -2.23 47.51
CA MET M 51 50.20 -2.01 48.09
C MET M 51 49.25 -1.79 46.93
N THR M 52 48.28 -2.68 46.76
CA THR M 52 47.48 -2.70 45.55
C THR M 52 46.79 -1.37 45.33
N GLN M 53 46.85 -0.90 44.07
CA GLN M 53 46.15 0.30 43.63
C GLN M 53 46.69 1.55 44.33
N GLU M 54 48.01 1.65 44.38
CA GLU M 54 48.69 2.87 44.80
C GLU M 54 49.04 3.70 43.58
N LEU M 55 49.28 4.98 43.80
CA LEU M 55 49.50 5.89 42.68
C LEU M 55 50.99 6.14 42.48
N LEU M 56 51.32 6.75 41.35
CA LEU M 56 52.71 6.97 40.97
C LEU M 56 52.93 8.44 40.66
N GLU M 57 54.10 8.95 41.04
CA GLU M 57 54.53 10.31 40.72
C GLU M 57 55.76 10.16 39.82
N PHE M 58 55.54 10.21 38.51
CA PHE M 58 56.62 10.03 37.57
C PHE M 58 57.50 11.27 37.52
N PRO M 59 58.79 11.10 37.16
CA PRO M 59 59.69 12.27 37.10
C PRO M 59 59.23 13.33 36.13
N GLY M 60 58.55 12.96 35.04
CA GLY M 60 58.06 13.93 34.08
C GLY M 60 56.81 14.66 34.50
N GLY M 61 56.28 14.37 35.68
CA GLY M 61 55.06 14.98 36.16
C GLY M 61 53.78 14.25 35.79
N VAL M 62 53.87 13.21 34.98
CA VAL M 62 52.71 12.39 34.66
C VAL M 62 52.47 11.42 35.80
N LEU M 63 51.31 10.76 35.79
CA LEU M 63 50.92 9.88 36.89
C LEU M 63 50.36 8.58 36.31
N GLY M 64 50.25 7.59 37.18
CA GLY M 64 49.70 6.30 36.80
C GLY M 64 49.35 5.50 38.03
N VAL M 65 48.75 4.33 37.79
CA VAL M 65 48.39 3.40 38.85
C VAL M 65 48.85 2.01 38.46
N ALA M 66 49.41 1.29 39.43
CA ALA M 66 49.87 -0.09 39.21
C ALA M 66 48.73 -1.07 39.50
N LEU M 67 47.83 -1.19 38.52
CA LEU M 67 46.66 -2.04 38.68
C LEU M 67 47.03 -3.51 38.60
N ASN M 68 47.59 -3.94 37.47
CA ASN M 68 47.92 -5.34 37.28
C ASN M 68 49.16 -5.73 38.08
N LEU M 69 49.14 -6.94 38.65
CA LEU M 69 50.23 -7.45 39.45
C LEU M 69 50.53 -8.89 39.07
N ASP M 70 51.76 -9.32 39.34
CA ASP M 70 52.21 -10.67 39.04
C ASP M 70 53.45 -10.97 39.87
N GLU M 71 53.92 -12.20 39.77
CA GLU M 71 55.12 -12.61 40.49
C GLU M 71 56.35 -11.85 40.00
N HIS M 72 56.39 -11.52 38.71
CA HIS M 72 57.45 -10.71 38.14
C HIS M 72 57.02 -9.24 38.17
N SER M 73 57.71 -8.41 37.39
CA SER M 73 57.44 -6.97 37.37
C SER M 73 55.98 -6.70 36.99
N VAL M 74 55.33 -5.85 37.78
CA VAL M 74 53.92 -5.57 37.59
C VAL M 74 53.72 -4.65 36.37
N GLY M 75 52.53 -4.73 35.79
CA GLY M 75 52.18 -3.90 34.66
C GLY M 75 51.21 -2.79 35.02
N ALA M 76 51.67 -1.55 35.00
CA ALA M 76 50.84 -0.41 35.35
C ALA M 76 50.27 0.24 34.09
N VAL M 77 49.48 1.29 34.27
CA VAL M 77 48.94 2.09 33.18
C VAL M 77 49.28 3.55 33.44
N ILE M 78 49.78 4.22 32.40
CA ILE M 78 50.24 5.61 32.51
C ILE M 78 49.25 6.52 31.81
N LEU M 79 49.11 7.75 32.31
CA LEU M 79 48.22 8.75 31.74
C LEU M 79 49.03 10.00 31.43
N GLY M 80 48.85 10.53 30.22
CA GLY M 80 49.53 11.73 29.81
C GLY M 80 50.51 11.52 28.68
N GLU M 81 51.66 12.18 28.74
CA GLU M 81 52.70 11.98 27.75
C GLU M 81 53.46 10.70 28.08
N PHE M 82 53.22 9.66 27.29
CA PHE M 82 53.80 8.34 27.51
C PHE M 82 55.07 8.11 26.69
N GLU M 83 55.59 9.16 26.06
CA GLU M 83 56.76 9.03 25.20
C GLU M 83 58.08 9.28 25.93
N LYS M 84 58.03 9.75 27.17
CA LYS M 84 59.24 10.00 27.94
C LYS M 84 59.71 8.76 28.69
N ILE M 85 58.99 7.66 28.58
CA ILE M 85 59.33 6.44 29.31
C ILE M 85 60.50 5.75 28.62
N GLU M 86 61.45 5.26 29.41
CA GLU M 86 62.62 4.58 28.89
C GLU M 86 63.03 3.50 29.88
N GLU M 87 63.55 2.39 29.33
CA GLU M 87 64.05 1.31 30.16
C GLU M 87 65.16 1.82 31.07
N GLY M 88 65.13 1.40 32.33
CA GLY M 88 66.10 1.82 33.31
C GLY M 88 65.74 3.07 34.07
N GLN M 89 64.67 3.76 33.69
CA GLN M 89 64.25 4.95 34.40
C GLN M 89 63.65 4.56 35.74
N GLN M 90 63.41 5.56 36.58
CA GLN M 90 62.95 5.34 37.94
C GLN M 90 61.59 5.98 38.14
N VAL M 91 60.86 5.47 39.13
CA VAL M 91 59.52 5.96 39.46
C VAL M 91 59.34 5.88 40.97
N LYS M 92 58.63 6.86 41.51
CA LYS M 92 58.25 6.88 42.92
C LYS M 92 56.76 6.59 43.04
N ARG M 93 56.41 5.77 44.02
CA ARG M 93 55.02 5.44 44.29
C ARG M 93 54.58 6.08 45.59
N THR M 94 53.36 6.62 45.58
CA THR M 94 52.71 7.13 46.78
C THR M 94 51.52 6.24 47.10
N GLY M 95 51.30 6.01 48.39
CA GLY M 95 50.22 5.18 48.86
C GLY M 95 48.88 5.85 48.89
N GLU M 96 48.81 7.11 48.50
CA GLU M 96 47.53 7.81 48.45
C GLU M 96 46.67 7.20 47.37
N VAL M 97 45.68 6.41 47.78
CA VAL M 97 44.77 5.80 46.82
C VAL M 97 44.05 6.91 46.06
N LEU M 98 43.63 6.59 44.83
CA LEU M 98 43.04 7.59 43.95
C LEU M 98 41.88 8.32 44.62
N SER M 99 41.93 9.64 44.59
CA SER M 99 40.91 10.48 45.21
C SER M 99 40.91 11.82 44.52
N VAL M 100 39.79 12.52 44.63
CA VAL M 100 39.57 13.80 43.95
C VAL M 100 39.48 14.89 44.99
N PRO M 101 40.18 16.01 44.82
CA PRO M 101 39.99 17.14 45.74
C PRO M 101 38.57 17.67 45.64
N VAL M 102 38.03 18.09 46.78
CA VAL M 102 36.65 18.57 46.85
C VAL M 102 36.60 19.88 47.62
N GLY M 103 35.78 20.81 47.13
CA GLY M 103 35.56 22.07 47.80
C GLY M 103 34.31 22.73 47.24
N ASP M 104 33.82 23.72 47.98
CA ASP M 104 32.63 24.44 47.58
C ASP M 104 32.92 25.53 46.56
N ALA M 105 34.18 25.76 46.21
CA ALA M 105 34.57 26.74 45.23
C ALA M 105 34.61 26.17 43.82
N PHE M 106 34.21 24.92 43.65
CA PHE M 106 34.30 24.28 42.35
C PHE M 106 33.23 24.76 41.38
N LEU M 107 32.13 25.30 41.88
CA LEU M 107 31.05 25.71 40.99
C LEU M 107 31.50 26.88 40.12
N GLY M 108 30.91 26.97 38.93
CA GLY M 108 31.32 27.98 37.98
C GLY M 108 32.69 27.74 37.40
N ARG M 109 33.21 26.53 37.51
CA ARG M 109 34.54 26.18 37.02
C ARG M 109 34.47 24.96 36.13
N VAL M 110 35.40 24.88 35.19
CA VAL M 110 35.54 23.72 34.31
C VAL M 110 36.97 23.21 34.47
N VAL M 111 37.10 21.93 34.83
CA VAL M 111 38.40 21.33 35.08
C VAL M 111 38.47 19.98 34.38
N ASN M 112 39.69 19.46 34.29
CA ASN M 112 39.91 18.16 33.72
C ASN M 112 39.40 17.07 34.67
N PRO M 113 39.23 15.83 34.17
CA PRO M 113 38.79 14.76 35.06
C PRO M 113 39.69 14.56 36.27
N LEU M 114 40.97 14.90 36.16
CA LEU M 114 41.86 14.79 37.31
C LEU M 114 41.82 16.00 38.22
N GLY M 115 41.01 17.00 37.89
CA GLY M 115 40.79 18.13 38.78
C GLY M 115 41.64 19.35 38.52
N GLN M 116 42.68 19.23 37.72
CA GLN M 116 43.52 20.39 37.42
C GLN M 116 42.72 21.41 36.61
N PRO M 117 42.78 22.69 36.96
CA PRO M 117 42.00 23.69 36.23
C PRO M 117 42.41 23.76 34.77
N ILE M 118 41.42 23.97 33.90
CA ILE M 118 41.67 24.10 32.48
C ILE M 118 41.12 25.40 31.91
N ASP M 119 40.17 26.05 32.57
CA ASP M 119 39.62 27.30 32.06
C ASP M 119 40.68 28.39 31.98
N GLY M 120 41.76 28.27 32.76
CA GLY M 120 42.79 29.27 32.77
C GLY M 120 42.48 30.49 33.59
N GLN M 121 41.35 30.51 34.29
CA GLN M 121 40.98 31.68 35.08
C GLN M 121 41.90 31.87 36.29
N GLY M 122 42.61 30.82 36.70
CA GLY M 122 43.49 30.94 37.85
C GLY M 122 43.68 29.59 38.52
N ASP M 123 43.56 29.60 39.84
CA ASP M 123 43.71 28.41 40.66
C ASP M 123 42.51 28.22 41.57
N ILE M 124 42.41 27.02 42.16
CA ILE M 124 41.33 26.67 43.06
C ILE M 124 41.92 25.92 44.25
N ALA M 125 41.13 25.86 45.33
CA ALA M 125 41.55 25.20 46.55
C ALA M 125 40.47 24.23 47.02
N ALA M 126 40.91 23.16 47.67
CA ALA M 126 40.01 22.12 48.19
C ALA M 126 40.26 21.96 49.68
N GLU M 127 39.52 21.03 50.29
CA GLU M 127 39.63 20.81 51.73
C GLU M 127 39.84 19.35 52.08
N THR M 128 39.31 18.43 51.27
CA THR M 128 39.53 17.00 51.46
C THR M 128 39.63 16.33 50.09
N ARG M 129 39.92 15.03 50.11
CA ARG M 129 40.06 14.23 48.89
C ARG M 129 39.30 12.91 49.09
N ARG M 130 38.06 12.88 48.61
CA ARG M 130 37.28 11.65 48.66
C ARG M 130 37.72 10.69 47.56
N ALA M 131 37.76 9.40 47.88
CA ALA M 131 38.16 8.40 46.91
C ALA M 131 37.10 8.23 45.84
N LEU M 132 37.50 7.63 44.71
CA LEU M 132 36.60 7.53 43.56
C LEU M 132 35.56 6.44 43.72
N GLU M 133 35.75 5.48 44.62
CA GLU M 133 34.79 4.41 44.83
C GLU M 133 34.64 4.17 46.32
N LEU M 134 33.40 4.13 46.79
CA LEU M 134 33.09 3.88 48.20
C LEU M 134 31.79 3.10 48.27
N GLN M 135 31.43 2.72 49.49
CA GLN M 135 30.19 1.99 49.71
C GLN M 135 28.98 2.86 49.44
N ALA M 136 27.95 2.24 48.88
CA ALA M 136 26.72 2.95 48.56
C ALA M 136 25.74 2.86 49.73
N PRO M 137 24.83 3.83 49.85
CA PRO M 137 23.81 3.75 50.91
C PRO M 137 22.93 2.52 50.75
N SER M 138 22.47 2.00 51.88
CA SER M 138 21.75 0.73 51.93
C SER M 138 20.24 0.98 51.81
N VAL M 139 19.47 -0.10 51.85
CA VAL M 139 18.01 0.01 51.72
C VAL M 139 17.41 0.65 52.96
N VAL M 140 17.83 0.21 54.14
CA VAL M 140 17.21 0.66 55.39
C VAL M 140 17.46 2.14 55.65
N GLN M 141 18.35 2.77 54.91
CA GLN M 141 18.67 4.18 55.11
C GLN M 141 18.34 5.01 53.87
N ARG M 142 17.26 4.64 53.18
CA ARG M 142 16.72 5.39 52.06
C ARG M 142 15.32 5.89 52.43
N GLN M 143 14.65 6.48 51.45
CA GLN M 143 13.29 6.96 51.67
C GLN M 143 12.60 7.14 50.31
N SER M 144 11.28 7.24 50.35
CA SER M 144 10.49 7.32 49.14
C SER M 144 10.59 8.70 48.51
N VAL M 145 10.12 8.79 47.27
CA VAL M 145 10.14 10.04 46.49
C VAL M 145 8.80 10.74 46.68
N SER M 146 8.84 11.96 47.22
CA SER M 146 7.63 12.73 47.44
C SER M 146 7.84 14.22 47.13
N GLU M 147 8.86 14.55 46.34
CA GLU M 147 9.18 15.93 46.05
C GLU M 147 9.11 16.19 44.55
N PRO M 148 8.31 17.17 44.11
CA PRO M 148 8.22 17.47 42.67
C PRO M 148 9.39 18.32 42.21
N LEU M 149 10.07 17.87 41.17
CA LEU M 149 11.14 18.63 40.53
C LEU M 149 10.55 19.30 39.30
N GLN M 150 10.51 20.63 39.30
CA GLN M 150 9.89 21.36 38.21
C GLN M 150 10.80 21.39 36.99
N THR M 151 10.19 21.32 35.81
CA THR M 151 10.91 21.31 34.54
C THR M 151 10.34 22.39 33.64
N GLY M 152 11.21 22.98 32.81
CA GLY M 152 10.78 24.04 31.93
C GLY M 152 9.76 23.58 30.89
N ILE M 153 9.95 22.41 30.32
CA ILE M 153 9.09 21.94 29.23
C ILE M 153 7.77 21.47 29.79
N LYS M 154 6.67 22.01 29.26
CA LYS M 154 5.36 21.56 29.68
C LYS M 154 5.07 20.13 29.24
N ALA M 155 5.57 19.75 28.06
CA ALA M 155 5.22 18.46 27.49
C ALA M 155 5.71 17.31 28.36
N ILE M 156 6.98 17.35 28.76
CA ILE M 156 7.56 16.25 29.52
C ILE M 156 6.86 16.10 30.86
N ASP M 157 6.65 17.21 31.57
CA ASP M 157 6.02 17.13 32.88
C ASP M 157 4.57 16.69 32.78
N ALA M 158 3.86 17.14 31.74
CA ALA M 158 2.48 16.73 31.53
C ALA M 158 2.37 15.26 31.13
N MET M 159 3.36 14.71 30.44
CA MET M 159 3.29 13.34 29.96
C MET M 159 3.90 12.37 30.96
N THR M 160 5.19 12.51 31.23
CA THR M 160 5.87 11.64 32.19
C THR M 160 6.59 12.49 33.21
N PRO M 161 6.11 12.52 34.45
CA PRO M 161 6.69 13.41 35.46
C PRO M 161 8.12 13.03 35.79
N ILE M 162 8.80 13.96 36.47
CA ILE M 162 10.15 13.76 36.96
C ILE M 162 10.19 14.10 38.43
N GLY M 163 10.85 13.25 39.22
CA GLY M 163 10.95 13.45 40.65
C GLY M 163 12.39 13.42 41.11
N ARG M 164 12.64 14.14 42.21
CA ARG M 164 13.97 14.18 42.79
C ARG M 164 14.34 12.81 43.35
N GLY M 165 15.58 12.41 43.14
CA GLY M 165 16.01 11.10 43.56
C GLY M 165 15.58 9.97 42.65
N GLN M 166 14.95 10.28 41.52
CA GLN M 166 14.46 9.29 40.58
C GLN M 166 15.23 9.42 39.27
N ARG M 167 15.67 8.30 38.73
CA ARG M 167 16.42 8.29 37.48
C ARG M 167 15.48 8.28 36.29
N GLN M 168 15.73 9.19 35.34
CA GLN M 168 15.00 9.25 34.10
C GLN M 168 15.99 9.19 32.95
N LEU M 169 15.68 8.42 31.92
CA LEU M 169 16.58 8.17 30.81
C LEU M 169 16.02 8.72 29.51
N ILE M 170 16.91 9.28 28.68
CA ILE M 170 16.56 9.83 27.39
C ILE M 170 17.27 9.01 26.33
N ILE M 171 16.49 8.43 25.41
CA ILE M 171 17.01 7.65 24.30
C ILE M 171 16.60 8.36 23.02
N GLY M 172 17.54 8.53 22.11
CA GLY M 172 17.22 9.23 20.88
C GLY M 172 18.19 8.93 19.76
N ASP M 173 17.86 9.44 18.58
CA ASP M 173 18.75 9.39 17.43
C ASP M 173 19.63 10.64 17.40
N ARG M 174 20.43 10.76 16.35
CA ARG M 174 21.28 11.93 16.21
C ARG M 174 20.46 13.15 15.81
N LYS M 175 20.93 14.31 16.25
CA LYS M 175 20.36 15.61 15.87
C LYS M 175 18.88 15.69 16.25
N THR M 176 18.63 15.63 17.56
CA THR M 176 17.30 15.82 18.10
C THR M 176 17.22 16.86 19.19
N GLY M 177 18.33 17.22 19.84
CA GLY M 177 18.34 18.32 20.77
C GLY M 177 18.30 17.95 22.23
N LYS M 178 18.97 16.87 22.62
CA LYS M 178 19.10 16.56 24.03
C LYS M 178 19.87 17.66 24.75
N THR M 179 20.87 18.22 24.08
CA THR M 179 21.57 19.39 24.61
C THR M 179 20.59 20.51 24.91
N ALA M 180 19.63 20.74 24.02
CA ALA M 180 18.63 21.77 24.27
C ALA M 180 17.83 21.46 25.53
N VAL M 181 17.49 20.19 25.73
CA VAL M 181 16.68 19.81 26.90
C VAL M 181 17.45 20.07 28.18
N CYS M 182 18.71 19.61 28.25
CA CYS M 182 19.47 19.78 29.47
C CYS M 182 19.74 21.27 29.74
N VAL M 183 20.01 22.03 28.68
CA VAL M 183 20.22 23.47 28.84
C VAL M 183 18.96 24.14 29.36
N ASP M 184 17.79 23.74 28.84
CA ASP M 184 16.54 24.31 29.32
C ASP M 184 16.32 23.98 30.79
N THR M 185 16.63 22.75 31.19
CA THR M 185 16.49 22.40 32.60
C THR M 185 17.41 23.24 33.48
N ILE M 186 18.66 23.41 33.04
CA ILE M 186 19.60 24.22 33.81
C ILE M 186 19.09 25.65 33.95
N LEU M 187 18.61 26.22 32.84
CA LEU M 187 18.09 27.58 32.89
C LEU M 187 16.89 27.69 33.81
N ASN M 188 15.99 26.70 33.75
CA ASN M 188 14.84 26.66 34.64
C ASN M 188 15.26 26.62 36.10
N GLN M 189 16.41 26.01 36.37
CA GLN M 189 16.90 25.93 37.75
C GLN M 189 17.33 27.28 38.31
N ARG M 190 17.43 28.32 37.49
CA ARG M 190 17.88 29.62 37.99
C ARG M 190 16.90 30.20 39.00
N GLU M 191 15.60 30.09 38.74
CA GLU M 191 14.62 30.62 39.68
C GLU M 191 14.68 29.89 41.02
N ALA M 192 14.87 28.58 40.98
CA ALA M 192 15.06 27.83 42.22
C ALA M 192 16.32 28.27 42.94
N TRP M 193 17.39 28.55 42.19
CA TRP M 193 18.60 29.08 42.81
C TRP M 193 18.37 30.46 43.41
N LEU M 194 17.40 31.20 42.88
CA LEU M 194 17.18 32.58 43.32
C LEU M 194 16.87 32.66 44.80
N THR M 195 16.02 31.75 45.30
CA THR M 195 15.69 31.76 46.71
C THR M 195 16.88 31.30 47.55
N GLY M 196 16.97 31.82 48.76
CA GLY M 196 18.00 31.45 49.70
C GLY M 196 17.68 30.27 50.58
N ASP M 197 16.55 29.61 50.35
CA ASP M 197 16.14 28.50 51.19
C ASP M 197 16.93 27.24 50.83
N PRO M 198 17.66 26.65 51.78
CA PRO M 198 18.41 25.43 51.46
C PRO M 198 17.53 24.26 51.04
N LYS M 199 16.32 24.14 51.59
CA LYS M 199 15.46 23.01 51.23
C LYS M 199 15.09 23.06 49.76
N GLN M 200 14.78 24.25 49.25
CA GLN M 200 14.41 24.41 47.84
C GLN M 200 15.61 24.61 46.93
N GLN M 201 16.81 24.73 47.49
CA GLN M 201 17.99 24.99 46.68
C GLN M 201 18.51 23.70 46.05
N VAL M 202 18.87 23.78 44.77
CA VAL M 202 19.35 22.62 44.01
C VAL M 202 20.62 23.03 43.26
N ARG M 203 21.63 22.17 43.32
CA ARG M 203 22.85 22.35 42.54
C ARG M 203 22.82 21.46 41.31
N CYS M 204 23.58 21.86 40.30
CA CYS M 204 23.58 21.15 39.02
C CYS M 204 25.00 20.86 38.58
N VAL M 205 25.21 19.63 38.13
CA VAL M 205 26.50 19.20 37.58
C VAL M 205 26.27 18.65 36.18
N TYR M 206 27.05 19.15 35.24
CA TYR M 206 27.05 18.70 33.85
C TYR M 206 28.36 18.00 33.54
N VAL M 207 28.27 16.93 32.75
CA VAL M 207 29.45 16.21 32.30
C VAL M 207 29.35 16.00 30.79
N ALA M 208 30.39 16.38 30.07
CA ALA M 208 30.49 16.15 28.64
C ALA M 208 31.63 15.17 28.38
N ILE M 209 31.35 14.13 27.61
CA ILE M 209 32.31 13.09 27.29
C ILE M 209 32.36 12.91 25.78
N GLY M 210 33.56 12.91 25.21
CA GLY M 210 33.68 12.72 23.78
C GLY M 210 32.99 13.82 22.99
N GLN M 211 33.12 15.06 23.44
CA GLN M 211 32.44 16.19 22.83
C GLN M 211 33.43 17.14 22.19
N LYS M 212 33.04 17.68 21.04
CA LYS M 212 33.89 18.62 20.32
C LYS M 212 33.99 19.94 21.08
N GLY M 213 35.17 20.57 20.98
CA GLY M 213 35.40 21.81 21.68
C GLY M 213 34.47 22.94 21.26
N THR M 214 34.05 22.93 19.99
CA THR M 214 33.10 23.93 19.53
C THR M 214 31.78 23.81 20.27
N THR M 215 31.30 22.58 20.47
CA THR M 215 30.08 22.37 21.24
C THR M 215 30.25 22.88 22.67
N ILE M 216 31.42 22.61 23.26
CA ILE M 216 31.68 23.06 24.63
C ILE M 216 31.65 24.59 24.71
N ALA M 217 32.30 25.25 23.76
CA ALA M 217 32.30 26.71 23.76
C ALA M 217 30.89 27.26 23.55
N SER M 218 30.12 26.65 22.65
CA SER M 218 28.75 27.12 22.41
C SER M 218 27.89 26.98 23.65
N VAL M 219 27.94 25.83 24.31
CA VAL M 219 27.11 25.63 25.49
C VAL M 219 27.58 26.52 26.63
N LYS M 220 28.89 26.73 26.75
CA LYS M 220 29.41 27.63 27.77
C LYS M 220 28.92 29.05 27.55
N ARG M 221 28.96 29.52 26.31
CA ARG M 221 28.48 30.86 26.01
C ARG M 221 26.98 30.98 26.23
N ALA M 222 26.22 29.93 25.90
CA ALA M 222 24.80 29.93 26.19
C ALA M 222 24.55 30.03 27.68
N LEU M 223 25.32 29.28 28.48
CA LEU M 223 25.19 29.38 29.92
C LEU M 223 25.51 30.78 30.43
N GLU M 224 26.56 31.39 29.88
CA GLU M 224 26.94 32.73 30.32
C GLU M 224 25.87 33.75 29.98
N GLU M 225 25.30 33.65 28.77
CA GLU M 225 24.18 34.52 28.42
C GLU M 225 22.99 34.27 29.33
N GLY M 226 22.79 33.03 29.76
CA GLY M 226 21.75 32.75 30.73
C GLY M 226 21.99 33.42 32.07
N GLY M 227 23.26 33.58 32.45
CA GLY M 227 23.59 34.17 33.73
C GLY M 227 23.11 33.34 34.90
N ALA M 228 23.34 32.03 34.84
CA ALA M 228 22.93 31.12 35.90
C ALA M 228 24.08 30.20 36.29
N MET M 229 25.30 30.73 36.23
CA MET M 229 26.48 29.94 36.54
C MET M 229 26.79 29.88 38.03
N GLU M 230 25.97 30.52 38.87
CA GLU M 230 26.21 30.54 40.30
C GLU M 230 26.01 29.19 40.96
N TYR M 231 25.47 28.21 40.24
CA TYR M 231 25.20 26.89 40.83
C TYR M 231 25.60 25.76 39.89
N THR M 232 26.55 25.99 39.00
CA THR M 232 26.89 25.04 37.95
C THR M 232 28.28 24.47 38.16
N THR M 233 28.41 23.16 38.02
CA THR M 233 29.72 22.51 38.00
C THR M 233 29.85 21.71 36.71
N ILE M 234 30.85 22.05 35.90
CA ILE M 234 31.01 21.50 34.56
C ILE M 234 32.27 20.66 34.50
N VAL M 235 32.14 19.44 34.00
CA VAL M 235 33.27 18.54 33.80
C VAL M 235 33.31 18.18 32.32
N ALA M 236 34.50 18.25 31.73
CA ALA M 236 34.68 18.05 30.30
C ALA M 236 35.77 17.01 30.02
N ALA M 237 35.50 16.16 29.04
CA ALA M 237 36.49 15.22 28.50
C ALA M 237 36.42 15.35 26.98
N PRO M 238 37.26 16.20 26.39
CA PRO M 238 37.23 16.37 24.93
C PRO M 238 37.65 15.09 24.22
N ALA M 239 37.15 14.94 22.99
CA ALA M 239 37.38 13.71 22.23
C ALA M 239 38.85 13.47 21.93
N SER M 240 39.62 14.52 21.65
CA SER M 240 41.01 14.35 21.23
C SER M 240 41.90 13.80 22.33
N ASP M 241 41.44 13.77 23.57
CA ASP M 241 42.25 13.27 24.67
C ASP M 241 42.28 11.74 24.66
N ALA M 242 43.04 11.17 25.59
CA ALA M 242 43.17 9.73 25.69
C ALA M 242 41.94 9.12 26.35
N ALA M 243 41.88 7.79 26.35
CA ALA M 243 40.72 7.09 26.89
C ALA M 243 40.67 7.09 28.41
N GLY M 244 41.77 7.43 29.09
CA GLY M 244 41.75 7.45 30.54
C GLY M 244 40.76 8.45 31.10
N PHE M 245 40.77 9.67 30.55
CA PHE M 245 39.76 10.65 30.94
C PHE M 245 38.38 10.16 30.60
N LYS M 246 38.19 9.62 29.39
CA LYS M 246 36.89 9.14 28.97
C LYS M 246 36.40 7.98 29.82
N TRP M 247 37.29 7.35 30.57
CA TRP M 247 36.91 6.24 31.43
C TRP M 247 36.83 6.63 32.91
N LEU M 248 37.39 7.77 33.29
CA LEU M 248 37.43 8.13 34.71
C LEU M 248 36.60 9.35 35.07
N ALA M 249 36.29 10.24 34.13
CA ALA M 249 35.56 11.46 34.48
C ALA M 249 34.22 11.23 35.16
N PRO M 250 33.35 10.33 34.69
CA PRO M 250 32.05 10.16 35.38
C PRO M 250 32.19 9.77 36.84
N TYR M 251 33.23 9.03 37.20
CA TYR M 251 33.47 8.73 38.61
C TYR M 251 33.79 9.99 39.40
N THR M 252 34.55 10.91 38.79
CA THR M 252 34.82 12.18 39.46
C THR M 252 33.52 12.96 39.68
N GLY M 253 32.64 12.97 38.68
CA GLY M 253 31.34 13.59 38.88
C GLY M 253 30.56 12.93 39.99
N SER M 254 30.59 11.60 40.05
CA SER M 254 29.88 10.88 41.10
C SER M 254 30.41 11.28 42.47
N ALA M 255 31.74 11.34 42.62
CA ALA M 255 32.33 11.68 43.92
C ALA M 255 32.01 13.12 44.32
N ILE M 256 32.10 14.05 43.37
CA ILE M 256 31.81 15.43 43.72
C ILE M 256 30.35 15.59 44.12
N GLY M 257 29.44 14.85 43.48
CA GLY M 257 28.06 14.87 43.92
C GLY M 257 27.88 14.27 45.30
N GLN M 258 28.53 13.12 45.54
CA GLN M 258 28.38 12.43 46.81
C GLN M 258 28.86 13.27 47.98
N HIS M 259 29.94 14.04 47.79
CA HIS M 259 30.46 14.85 48.88
C HIS M 259 29.43 15.86 49.36
N TRP M 260 28.88 16.66 48.44
CA TRP M 260 27.85 17.62 48.83
C TRP M 260 26.58 16.93 49.30
N MET M 261 26.32 15.71 48.84
CA MET M 261 25.06 15.07 49.20
C MET M 261 25.12 14.48 50.61
N TYR M 262 26.31 14.10 51.06
CA TYR M 262 26.48 13.75 52.46
C TYR M 262 26.45 15.01 53.34
N ASN M 263 26.36 16.18 52.71
CA ASN M 263 26.26 17.46 53.38
C ASN M 263 24.84 18.00 53.40
N GLY M 264 23.90 17.36 52.70
CA GLY M 264 22.51 17.78 52.74
C GLY M 264 22.14 18.84 51.71
N LYS M 265 22.43 18.57 50.44
CA LYS M 265 22.10 19.49 49.36
C LYS M 265 21.41 18.74 48.22
N HIS M 266 20.36 19.33 47.68
CA HIS M 266 19.67 18.74 46.53
C HIS M 266 20.55 18.87 45.29
N VAL M 267 20.64 17.80 44.50
CA VAL M 267 21.62 17.74 43.43
C VAL M 267 21.01 17.10 42.19
N LEU M 268 21.37 17.62 41.01
CA LEU M 268 21.07 16.96 39.76
C LEU M 268 22.36 16.76 38.98
N ILE M 269 22.44 15.62 38.30
CA ILE M 269 23.60 15.24 37.49
C ILE M 269 23.12 14.98 36.08
N VAL M 270 23.83 15.53 35.10
CA VAL M 270 23.51 15.32 33.69
C VAL M 270 24.74 14.77 32.99
N PHE M 271 24.57 13.66 32.29
CA PHE M 271 25.64 13.00 31.56
C PHE M 271 25.38 13.14 30.07
N ASP M 272 26.35 13.69 29.34
CA ASP M 272 26.17 13.92 27.92
C ASP M 272 26.04 12.62 27.15
N ASP M 273 26.94 11.68 27.39
CA ASP M 273 26.91 10.40 26.68
C ASP M 273 27.63 9.34 27.50
N LEU M 274 27.21 8.09 27.31
CA LEU M 274 27.83 6.94 27.94
C LEU M 274 28.38 5.93 26.96
N SER M 275 27.88 5.91 25.72
CA SER M 275 28.29 4.90 24.75
C SER M 275 29.78 5.02 24.43
N LYS M 276 30.28 6.25 24.33
CA LYS M 276 31.70 6.45 24.06
C LYS M 276 32.55 5.92 25.21
N GLN M 277 32.07 6.09 26.44
CA GLN M 277 32.76 5.51 27.59
C GLN M 277 32.83 3.99 27.47
N ALA M 278 31.72 3.36 27.07
CA ALA M 278 31.73 1.92 26.88
C ALA M 278 32.69 1.52 25.78
N ASP M 279 32.76 2.31 24.70
CA ASP M 279 33.71 2.04 23.63
C ASP M 279 35.15 2.09 24.14
N ALA M 280 35.47 3.12 24.93
CA ALA M 280 36.81 3.23 25.47
C ALA M 280 37.13 2.06 26.39
N TYR M 281 36.16 1.66 27.22
CA TYR M 281 36.37 0.51 28.09
C TYR M 281 36.62 -0.76 27.28
N ARG M 282 35.85 -0.95 26.21
CA ARG M 282 36.05 -2.12 25.37
C ARG M 282 37.45 -2.12 24.75
N ALA M 283 37.89 -0.97 24.24
CA ALA M 283 39.19 -0.90 23.61
C ALA M 283 40.30 -1.20 24.62
N ILE M 284 40.23 -0.57 25.80
CA ILE M 284 41.30 -0.78 26.77
C ILE M 284 41.28 -2.20 27.30
N SER M 285 40.10 -2.82 27.38
CA SER M 285 40.04 -4.22 27.80
C SER M 285 40.64 -5.14 26.73
N LEU M 286 40.38 -4.84 25.46
CA LEU M 286 40.97 -5.64 24.39
C LEU M 286 42.49 -5.49 24.35
N LEU M 287 43.02 -4.30 24.67
CA LEU M 287 44.46 -4.16 24.79
C LEU M 287 45.04 -5.10 25.83
N LEU M 288 44.24 -5.50 26.82
CA LEU M 288 44.68 -6.37 27.89
C LEU M 288 44.67 -7.85 27.51
N ARG M 289 44.28 -8.18 26.27
CA ARG M 289 44.19 -9.55 25.80
C ARG M 289 43.13 -10.34 26.56
N ARG M 290 42.20 -9.66 27.22
CA ARG M 290 41.10 -10.34 27.89
C ARG M 290 40.19 -10.98 26.85
N PRO M 291 39.71 -12.20 27.10
CA PRO M 291 38.79 -12.85 26.15
C PRO M 291 37.56 -12.02 25.91
N PRO M 292 37.08 -11.94 24.68
CA PRO M 292 35.92 -11.10 24.38
C PRO M 292 34.59 -11.84 24.53
N GLY M 293 33.49 -11.10 24.44
CA GLY M 293 32.15 -11.66 24.55
C GLY M 293 31.30 -11.24 23.36
N ARG M 294 30.01 -11.07 23.64
CA ARG M 294 29.07 -10.68 22.58
C ARG M 294 29.42 -9.30 22.05
N GLU M 295 29.45 -9.18 20.72
CA GLU M 295 29.87 -7.94 20.05
C GLU M 295 31.23 -7.50 20.56
N ALA M 296 32.08 -8.49 20.88
CA ALA M 296 33.39 -8.28 21.49
C ALA M 296 33.31 -7.55 22.83
N PHE M 297 32.11 -7.38 23.38
CA PHE M 297 31.93 -6.63 24.61
C PHE M 297 32.18 -7.54 25.81
N PRO M 298 33.07 -7.19 26.72
CA PRO M 298 33.21 -7.96 27.95
C PRO M 298 31.97 -7.85 28.82
N GLY M 299 31.72 -8.89 29.59
CA GLY M 299 30.54 -8.94 30.43
C GLY M 299 30.56 -8.01 31.63
N ASP M 300 31.70 -7.44 31.95
CA ASP M 300 31.83 -6.53 33.08
C ASP M 300 31.14 -5.19 32.84
N VAL M 301 30.72 -4.91 31.61
CA VAL M 301 30.17 -3.60 31.29
C VAL M 301 28.89 -3.34 32.06
N PHE M 302 28.07 -4.38 32.24
CA PHE M 302 26.85 -4.23 33.02
C PHE M 302 27.17 -3.82 34.44
N TYR M 303 28.14 -4.50 35.06
CA TYR M 303 28.57 -4.15 36.41
C TYR M 303 29.15 -2.74 36.44
N LEU M 304 29.89 -2.36 35.40
CA LEU M 304 30.49 -1.03 35.34
C LEU M 304 29.42 0.05 35.37
N HIS M 305 28.45 -0.04 34.46
CA HIS M 305 27.43 0.99 34.37
C HIS M 305 26.54 0.98 35.59
N SER M 306 26.28 -0.21 36.15
CA SER M 306 25.54 -0.27 37.41
C SER M 306 26.28 0.48 38.51
N ARG M 307 27.53 0.08 38.80
CA ARG M 307 28.28 0.70 39.88
C ARG M 307 28.41 2.20 39.68
N LEU M 308 28.42 2.66 38.42
CA LEU M 308 28.27 4.09 38.18
C LEU M 308 26.89 4.59 38.58
N LEU M 309 25.85 3.78 38.34
CA LEU M 309 24.50 4.32 38.33
C LEU M 309 23.83 4.34 39.70
N GLU M 310 23.69 3.20 40.37
CA GLU M 310 22.86 3.22 41.57
C GLU M 310 23.41 4.05 42.71
N ARG M 311 24.53 4.73 42.51
CA ARG M 311 24.99 5.69 43.52
C ARG M 311 24.03 6.86 43.67
N CYS M 312 23.16 7.10 42.69
CA CYS M 312 22.23 8.23 42.75
C CYS M 312 20.90 7.75 43.33
N ALA M 313 20.59 8.22 44.53
CA ALA M 313 19.33 7.84 45.19
C ALA M 313 19.07 8.81 46.34
N LYS M 314 17.82 8.82 46.79
CA LYS M 314 17.43 9.69 47.89
C LYS M 314 17.71 9.04 49.23
N LEU M 315 18.34 9.80 50.13
CA LEU M 315 18.68 9.29 51.44
C LEU M 315 17.45 9.29 52.36
N SER M 316 17.61 8.62 53.50
CA SER M 316 16.58 8.63 54.52
C SER M 316 16.49 10.00 55.17
N ASP M 317 15.36 10.24 55.84
CA ASP M 317 15.11 11.56 56.43
C ASP M 317 16.13 11.88 57.51
N GLU M 318 16.48 10.89 58.35
CA GLU M 318 17.36 11.14 59.48
C GLU M 318 18.73 11.62 59.03
N LEU M 319 19.31 10.97 58.01
CA LEU M 319 20.65 11.32 57.58
C LEU M 319 20.69 12.69 56.90
N GLY M 320 19.56 13.22 56.48
CA GLY M 320 19.52 14.50 55.82
C GLY M 320 18.53 14.53 54.68
N GLY M 321 18.19 13.35 54.17
CA GLY M 321 17.20 13.25 53.12
C GLY M 321 17.59 13.90 51.82
N GLY M 322 18.87 13.88 51.47
CA GLY M 322 19.31 14.45 50.22
C GLY M 322 18.80 13.66 49.03
N SER M 323 18.71 14.34 47.90
CA SER M 323 18.18 13.71 46.69
C SER M 323 18.90 14.26 45.47
N MET M 324 19.43 13.36 44.65
CA MET M 324 20.03 13.73 43.38
C MET M 324 19.26 13.02 42.27
N THR M 325 19.14 13.69 41.14
CA THR M 325 18.43 13.14 39.99
C THR M 325 19.38 13.03 38.82
N GLY M 326 19.48 11.84 38.23
CA GLY M 326 20.42 11.57 37.17
C GLY M 326 19.75 11.54 35.81
N LEU M 327 20.39 12.21 34.85
CA LEU M 327 19.92 12.28 33.46
C LEU M 327 21.04 11.88 32.53
N PRO M 328 21.17 10.59 32.22
CA PRO M 328 22.05 10.18 31.14
C PRO M 328 21.34 10.32 29.79
N ILE M 329 22.16 10.39 28.73
CA ILE M 329 21.66 10.56 27.37
C ILE M 329 22.25 9.46 26.51
N ILE M 330 21.41 8.78 25.74
CA ILE M 330 21.85 7.69 24.88
C ILE M 330 21.40 7.95 23.46
N GLU M 331 22.33 7.80 22.52
CA GLU M 331 22.05 7.95 21.09
C GLU M 331 22.01 6.58 20.44
N THR M 332 20.91 6.29 19.75
CA THR M 332 20.71 5.01 19.09
C THR M 332 20.69 5.20 17.58
N LYS M 333 21.08 4.14 16.87
CA LYS M 333 21.18 4.15 15.42
C LYS M 333 19.99 3.43 14.81
N ALA M 334 19.34 4.08 13.84
CA ALA M 334 18.20 3.50 13.12
C ALA M 334 17.08 3.10 14.07
N ASN M 335 16.84 3.95 15.07
CA ASN M 335 15.72 3.86 16.01
C ASN M 335 15.35 2.42 16.38
N ASP M 336 16.33 1.70 16.88
CA ASP M 336 16.16 0.31 17.30
C ASP M 336 16.40 0.16 18.80
N ILE M 337 15.36 -0.25 19.53
CA ILE M 337 15.54 -0.57 20.94
C ILE M 337 16.24 -1.91 21.10
N SER M 338 16.25 -2.73 20.06
CA SER M 338 16.89 -4.04 20.11
C SER M 338 18.37 -3.87 19.81
N ALA M 339 19.09 -3.35 20.80
CA ALA M 339 20.54 -3.22 20.72
C ALA M 339 21.10 -3.42 22.12
N PHE M 340 22.34 -3.93 22.18
CA PHE M 340 22.88 -4.42 23.44
C PHE M 340 22.96 -3.31 24.49
N ILE M 341 23.65 -2.22 24.17
CA ILE M 341 23.77 -1.12 25.13
C ILE M 341 22.40 -0.52 25.48
N PRO M 342 21.52 -0.21 24.53
CA PRO M 342 20.17 0.21 24.92
C PRO M 342 19.44 -0.82 25.76
N THR M 343 19.62 -2.11 25.45
CA THR M 343 18.98 -3.15 26.25
C THR M 343 19.41 -3.05 27.71
N ASN M 344 20.73 -2.98 27.93
CA ASN M 344 21.23 -2.90 29.30
C ASN M 344 20.74 -1.64 29.99
N VAL M 345 20.79 -0.50 29.29
CA VAL M 345 20.44 0.74 29.98
C VAL M 345 18.95 0.79 30.31
N ILE M 346 18.08 0.28 29.43
CA ILE M 346 16.67 0.27 29.77
C ILE M 346 16.40 -0.74 30.88
N SER M 347 17.09 -1.87 30.86
CA SER M 347 16.88 -2.87 31.91
C SER M 347 17.29 -2.34 33.28
N ILE M 348 18.41 -1.63 33.33
CA ILE M 348 18.95 -1.26 34.64
C ILE M 348 18.12 -0.18 35.31
N THR M 349 17.52 0.72 34.53
CA THR M 349 16.81 1.86 35.07
C THR M 349 15.30 1.67 35.01
N ASP M 350 14.59 2.69 35.46
CA ASP M 350 13.13 2.73 35.42
C ASP M 350 12.69 4.05 34.80
N GLY M 351 11.79 3.99 33.85
CA GLY M 351 11.27 5.18 33.21
C GLY M 351 12.20 5.72 32.14
N GLN M 352 11.66 6.06 30.98
CA GLN M 352 12.47 6.54 29.87
C GLN M 352 11.60 7.42 28.97
N CYS M 353 12.27 8.20 28.13
CA CYS M 353 11.60 9.05 27.18
C CYS M 353 12.18 8.80 25.79
N PHE M 354 11.30 8.71 24.80
CA PHE M 354 11.67 8.36 23.43
C PHE M 354 11.57 9.58 22.54
N LEU M 355 12.62 9.81 21.76
CA LEU M 355 12.64 10.86 20.74
C LEU M 355 12.97 10.21 19.40
N GLU M 356 12.20 10.54 18.39
CA GLU M 356 12.35 9.96 17.06
C GLU M 356 12.46 11.07 16.03
N SER M 357 13.24 10.81 14.98
CA SER M 357 13.49 11.82 13.97
C SER M 357 12.28 12.09 13.08
N ASP M 358 11.26 11.23 13.14
CA ASP M 358 10.12 11.37 12.26
C ASP M 358 9.38 12.69 12.52
N LEU M 359 8.82 12.83 13.72
CA LEU M 359 8.04 14.02 14.03
C LEU M 359 8.88 15.29 13.91
N PHE M 360 10.17 15.19 14.22
CA PHE M 360 11.06 16.33 13.98
C PHE M 360 11.16 16.64 12.49
N ASN M 361 11.04 15.62 11.63
CA ASN M 361 11.07 15.84 10.20
C ASN M 361 9.78 16.49 9.70
N GLN M 362 8.62 16.02 10.18
CA GLN M 362 7.38 16.64 9.70
C GLN M 362 7.23 18.08 10.17
N GLY M 363 8.00 18.52 11.16
CA GLY M 363 8.02 19.93 11.50
C GLY M 363 7.96 20.25 12.97
N VAL M 364 7.21 19.48 13.75
CA VAL M 364 7.11 19.75 15.18
C VAL M 364 8.45 19.48 15.84
N ARG M 365 8.92 20.42 16.64
CA ARG M 365 10.28 20.32 17.16
C ARG M 365 10.36 19.33 18.31
N PRO M 366 9.53 19.45 19.37
CA PRO M 366 9.56 18.41 20.41
C PRO M 366 8.95 17.11 19.90
N ALA M 367 9.79 16.12 19.61
CA ALA M 367 9.34 14.85 19.05
C ALA M 367 9.34 13.81 20.16
N ILE M 368 8.17 13.63 20.78
CA ILE M 368 8.00 12.69 21.88
C ILE M 368 6.95 11.67 21.47
N ASN M 369 7.30 10.39 21.53
CA ASN M 369 6.34 9.35 21.21
C ASN M 369 5.38 9.12 22.37
N VAL M 370 4.13 8.84 22.03
CA VAL M 370 3.06 8.78 23.02
C VAL M 370 2.62 7.35 23.31
N GLY M 371 3.16 6.34 22.64
CA GLY M 371 2.71 4.98 22.84
C GLY M 371 3.68 4.11 23.62
N VAL M 372 4.98 4.39 23.51
CA VAL M 372 5.98 3.57 24.18
C VAL M 372 6.68 4.31 25.32
N SER M 373 6.91 5.62 25.19
CA SER M 373 7.60 6.38 26.22
C SER M 373 6.74 6.45 27.48
N VAL M 374 7.20 5.83 28.56
CA VAL M 374 6.46 5.75 29.80
C VAL M 374 7.41 6.01 30.97
N SER M 375 6.83 6.24 32.15
CA SER M 375 7.59 6.40 33.38
C SER M 375 6.82 5.75 34.52
N ARG M 376 7.53 5.04 35.39
CA ARG M 376 6.90 4.36 36.51
C ARG M 376 6.73 5.23 37.74
N VAL M 377 7.25 6.46 37.73
CA VAL M 377 7.12 7.31 38.91
C VAL M 377 5.65 7.58 39.19
N GLY M 378 5.27 7.43 40.46
CA GLY M 378 3.89 7.50 40.86
C GLY M 378 3.30 8.88 40.78
N GLY M 379 2.08 9.00 41.32
CA GLY M 379 1.34 10.25 41.29
C GLY M 379 1.80 11.31 42.27
N ALA M 380 2.70 10.96 43.19
CA ALA M 380 3.23 11.96 44.10
C ALA M 380 4.12 12.98 43.42
N ALA M 381 4.55 12.71 42.18
CA ALA M 381 5.37 13.66 41.46
C ALA M 381 4.56 14.90 41.06
N GLN M 382 3.36 14.70 40.51
CA GLN M 382 2.50 15.82 40.18
C GLN M 382 2.02 16.51 41.43
N ILE M 383 1.65 17.79 41.30
CA ILE M 383 0.85 18.44 42.32
C ILE M 383 -0.61 18.04 42.11
N LYS M 384 -1.39 18.07 43.20
CA LYS M 384 -2.78 17.63 43.12
C LYS M 384 -3.55 18.46 42.11
N ALA M 385 -3.20 19.73 41.97
CA ALA M 385 -3.81 20.55 40.93
C ALA M 385 -3.51 19.98 39.55
N MET M 386 -2.26 19.60 39.31
CA MET M 386 -1.91 19.01 38.02
C MET M 386 -2.62 17.69 37.82
N LYS M 387 -2.78 16.91 38.89
CA LYS M 387 -3.47 15.63 38.77
C LYS M 387 -4.95 15.82 38.41
N GLU M 388 -5.61 16.79 39.03
CA GLU M 388 -7.03 16.98 38.73
C GLU M 388 -7.24 17.62 37.37
N VAL M 389 -6.36 18.55 36.97
CA VAL M 389 -6.59 19.26 35.72
C VAL M 389 -6.18 18.39 34.53
N ALA M 390 -5.19 17.52 34.71
CA ALA M 390 -4.65 16.71 33.62
C ALA M 390 -4.99 15.25 33.87
N GLY M 391 -5.64 14.62 32.89
CA GLY M 391 -5.99 13.22 33.00
C GLY M 391 -6.43 12.68 31.67
N SER M 392 -6.14 11.39 31.44
CA SER M 392 -6.52 10.65 30.24
C SER M 392 -5.88 11.23 28.98
N LEU M 393 -4.81 12.00 29.13
CA LEU M 393 -4.16 12.58 27.95
C LEU M 393 -3.45 11.51 27.13
N ARG M 394 -2.75 10.59 27.80
CA ARG M 394 -2.00 9.57 27.08
C ARG M 394 -2.90 8.68 26.26
N LEU M 395 -4.01 8.22 26.85
CA LEU M 395 -4.94 7.36 26.13
C LEU M 395 -5.60 8.11 24.97
N ASP M 396 -5.94 9.38 25.18
CA ASP M 396 -6.52 10.17 24.11
C ASP M 396 -5.55 10.32 22.95
N LEU M 397 -4.28 10.61 23.25
CA LEU M 397 -3.28 10.70 22.19
C LEU M 397 -3.10 9.37 21.49
N SER M 398 -3.10 8.26 22.24
CA SER M 398 -2.95 6.95 21.63
C SER M 398 -4.09 6.64 20.68
N GLN M 399 -5.33 6.85 21.12
CA GLN M 399 -6.47 6.58 20.25
C GLN M 399 -6.51 7.54 19.06
N TYR M 400 -6.02 8.78 19.25
CA TYR M 400 -5.90 9.70 18.14
C TYR M 400 -4.91 9.18 17.10
N ARG M 401 -3.77 8.65 17.56
CA ARG M 401 -2.78 8.06 16.66
C ARG M 401 -3.33 6.82 15.95
N GLU M 402 -4.16 6.04 16.62
CA GLU M 402 -4.79 4.89 15.94
C GLU M 402 -5.80 5.33 14.90
N LEU M 403 -6.68 6.26 15.26
CA LEU M 403 -7.76 6.64 14.37
C LEU M 403 -7.30 7.50 13.20
N GLU M 404 -6.18 8.22 13.34
CA GLU M 404 -5.70 9.00 12.22
C GLU M 404 -5.19 8.13 11.07
N ALA M 405 -5.04 6.82 11.30
CA ALA M 405 -4.63 5.92 10.24
C ALA M 405 -5.71 5.74 9.17
N PHE M 406 -6.96 6.02 9.50
CA PHE M 406 -8.08 5.87 8.57
C PHE M 406 -8.70 7.21 8.19
N ALA M 407 -7.89 8.27 8.13
CA ALA M 407 -8.40 9.57 7.72
C ALA M 407 -8.82 9.60 6.26
N ALA M 408 -8.39 8.61 5.46
CA ALA M 408 -8.68 8.57 4.05
C ALA M 408 -10.10 8.11 3.74
N PHE M 409 -10.86 7.69 4.75
CA PHE M 409 -12.23 7.22 4.57
C PHE M 409 -13.14 7.98 5.53
N ALA M 410 -13.84 8.97 5.01
CA ALA M 410 -14.83 9.72 5.78
C ALA M 410 -16.20 9.04 5.77
N SER M 411 -16.37 7.98 5.00
CA SER M 411 -17.65 7.27 4.96
C SER M 411 -17.88 6.43 6.21
N ASP M 412 -16.86 6.23 7.04
CA ASP M 412 -16.97 5.44 8.26
C ASP M 412 -17.21 6.29 9.50
N LEU M 413 -16.49 7.40 9.64
CA LEU M 413 -16.66 8.28 10.79
C LEU M 413 -18.06 8.89 10.80
N ASP M 414 -18.38 9.69 9.79
CA ASP M 414 -19.71 10.28 9.61
C ASP M 414 -20.15 11.07 10.84
N ALA M 415 -19.39 12.13 11.12
CA ALA M 415 -19.71 13.08 12.20
C ALA M 415 -19.85 12.40 13.55
N ALA M 416 -19.14 11.28 13.76
CA ALA M 416 -19.12 10.60 15.03
C ALA M 416 -17.85 10.83 15.83
N SER M 417 -16.72 11.03 15.15
CA SER M 417 -15.46 11.32 15.82
C SER M 417 -14.82 12.61 15.30
N LYS M 418 -15.60 13.45 14.61
CA LYS M 418 -15.09 14.74 14.17
C LYS M 418 -14.56 15.54 15.34
N ALA M 419 -15.31 15.55 16.45
CA ALA M 419 -14.84 16.24 17.64
C ALA M 419 -13.55 15.63 18.15
N GLN M 420 -13.45 14.30 18.13
CA GLN M 420 -12.23 13.64 18.59
C GLN M 420 -11.05 14.04 17.71
N LEU M 421 -11.24 14.02 16.38
CA LEU M 421 -10.17 14.40 15.47
C LEU M 421 -9.75 15.84 15.67
N ASP M 422 -10.72 16.74 15.78
CA ASP M 422 -10.39 18.15 15.98
C ASP M 422 -9.66 18.38 17.29
N ARG M 423 -10.14 17.76 18.38
CA ARG M 423 -9.49 17.93 19.67
C ARG M 423 -8.07 17.38 19.64
N GLY M 424 -7.87 16.23 19.00
CA GLY M 424 -6.52 15.71 18.86
C GLY M 424 -5.62 16.66 18.09
N ALA M 425 -6.13 17.23 16.99
CA ALA M 425 -5.33 18.16 16.22
C ALA M 425 -4.97 19.40 17.03
N ARG M 426 -5.95 19.96 17.76
CA ARG M 426 -5.67 21.15 18.56
C ARG M 426 -4.65 20.84 19.66
N LEU M 427 -4.78 19.68 20.29
CA LEU M 427 -3.83 19.30 21.34
C LEU M 427 -2.44 19.12 20.76
N VAL M 428 -2.33 18.45 19.61
CA VAL M 428 -1.02 18.27 18.99
C VAL M 428 -0.39 19.60 18.66
N GLU M 429 -1.19 20.52 18.11
CA GLU M 429 -0.68 21.87 17.84
C GLU M 429 -0.31 22.60 19.11
N LEU M 430 -0.92 22.25 20.24
CA LEU M 430 -0.62 22.92 21.51
C LEU M 430 0.72 22.49 22.07
N LEU M 431 1.04 21.20 21.99
CA LEU M 431 2.21 20.65 22.67
C LEU M 431 3.53 21.21 22.16
N LYS M 432 3.57 21.77 20.95
CA LYS M 432 4.82 22.26 20.41
C LYS M 432 5.35 23.43 21.23
N GLN M 433 6.68 23.53 21.31
CA GLN M 433 7.32 24.55 22.10
C GLN M 433 8.41 25.23 21.28
N PRO M 434 8.58 26.53 21.41
CA PRO M 434 9.66 27.24 20.73
C PRO M 434 10.99 27.00 21.44
N GLN M 435 12.04 27.61 20.91
CA GLN M 435 13.41 27.38 21.36
C GLN M 435 13.81 28.47 22.34
N TYR M 436 14.48 28.06 23.42
CA TYR M 436 14.87 28.96 24.51
C TYR M 436 13.67 29.77 25.01
N SER M 437 12.65 29.07 25.48
CA SER M 437 11.41 29.68 25.96
C SER M 437 11.05 29.08 27.32
N PRO M 438 11.73 29.51 28.38
CA PRO M 438 11.39 28.99 29.71
C PRO M 438 9.96 29.33 30.08
N LEU M 439 9.30 28.38 30.75
CA LEU M 439 7.90 28.51 31.10
C LEU M 439 7.68 27.98 32.51
N ALA M 440 6.86 28.68 33.28
CA ALA M 440 6.62 28.32 34.67
C ALA M 440 5.41 27.40 34.79
N VAL M 441 5.24 26.86 36.01
CA VAL M 441 4.15 25.93 36.26
C VAL M 441 2.80 26.62 36.14
N GLU M 442 2.75 27.90 36.49
CA GLU M 442 1.46 28.59 36.58
C GLU M 442 0.81 28.71 35.20
N GLU M 443 1.49 29.38 34.28
CA GLU M 443 0.93 29.57 32.95
C GLU M 443 0.75 28.24 32.21
N GLN M 444 1.61 27.26 32.48
CA GLN M 444 1.48 25.99 31.79
C GLN M 444 0.26 25.21 32.27
N VAL M 445 -0.04 25.26 33.57
CA VAL M 445 -1.26 24.62 34.03
C VAL M 445 -2.47 25.38 33.53
N VAL M 446 -2.36 26.71 33.41
CA VAL M 446 -3.44 27.48 32.77
C VAL M 446 -3.68 26.97 31.35
N ALA M 447 -2.59 26.80 30.59
CA ALA M 447 -2.71 26.37 29.20
C ALA M 447 -3.31 24.98 29.10
N ILE M 448 -2.88 24.06 29.98
CA ILE M 448 -3.41 22.70 29.91
C ILE M 448 -4.89 22.68 30.28
N PHE M 449 -5.30 23.52 31.24
CA PHE M 449 -6.72 23.61 31.56
C PHE M 449 -7.51 24.12 30.37
N LEU M 450 -7.00 25.17 29.71
CA LEU M 450 -7.69 25.72 28.55
C LEU M 450 -7.80 24.70 27.43
N GLY M 451 -6.73 23.93 27.20
CA GLY M 451 -6.77 22.90 26.18
C GLY M 451 -7.75 21.79 26.51
N THR M 452 -7.80 21.38 27.79
CA THR M 452 -8.72 20.32 28.20
C THR M 452 -10.17 20.78 28.06
N GLN M 453 -10.47 22.03 28.41
CA GLN M 453 -11.84 22.49 28.33
C GLN M 453 -12.29 22.80 26.90
N GLY M 454 -11.37 22.80 25.94
CA GLY M 454 -11.74 22.95 24.55
C GLY M 454 -12.31 24.30 24.18
N HIS M 455 -11.98 25.35 24.93
CA HIS M 455 -12.53 26.66 24.65
C HIS M 455 -11.91 27.31 23.42
N LEU M 456 -10.85 26.73 22.86
CA LEU M 456 -10.20 27.24 21.66
C LEU M 456 -10.63 26.47 20.41
N ASP M 457 -11.71 25.69 20.48
CA ASP M 457 -12.14 24.94 19.31
C ASP M 457 -12.54 25.88 18.17
N SER M 458 -13.20 26.99 18.50
CA SER M 458 -13.60 27.94 17.47
C SER M 458 -12.40 28.60 16.82
N VAL M 459 -11.28 28.70 17.54
CA VAL M 459 -10.08 29.37 17.00
C VAL M 459 -9.51 28.54 15.86
N PRO M 460 -9.19 29.14 14.73
CA PRO M 460 -8.59 28.37 13.62
C PRO M 460 -7.20 27.86 13.99
N VAL M 461 -6.84 26.73 13.38
CA VAL M 461 -5.57 26.06 13.68
C VAL M 461 -4.38 26.96 13.34
N GLU M 462 -4.56 27.87 12.38
CA GLU M 462 -3.42 28.61 11.82
C GLU M 462 -2.81 29.61 12.79
N ASP M 463 -3.47 29.96 13.87
CA ASP M 463 -2.93 30.95 14.79
C ASP M 463 -3.12 30.61 16.26
N VAL M 464 -3.68 29.43 16.58
CA VAL M 464 -3.97 29.06 17.98
C VAL M 464 -2.80 29.44 18.88
N GLN M 465 -1.59 29.04 18.48
CA GLN M 465 -0.38 29.35 19.24
C GLN M 465 -0.38 30.80 19.70
N ARG M 466 -0.27 31.72 18.73
CA ARG M 466 -0.13 33.12 19.11
C ARG M 466 -1.32 33.57 19.95
N PHE M 467 -2.50 33.02 19.64
CA PHE M 467 -3.69 33.30 20.44
C PHE M 467 -3.37 33.19 21.92
N GLU M 468 -3.00 31.99 22.36
CA GLU M 468 -2.79 31.80 23.79
C GLU M 468 -1.73 32.77 24.31
N SER M 469 -0.69 33.01 23.50
CA SER M 469 0.35 33.93 23.92
C SER M 469 -0.26 35.27 24.30
N GLU M 470 -1.06 35.85 23.41
CA GLU M 470 -1.74 37.09 23.75
C GLU M 470 -2.55 36.92 25.02
N LEU M 471 -3.40 35.90 25.03
CA LEU M 471 -4.19 35.62 26.23
C LEU M 471 -3.26 35.55 27.44
N LEU M 472 -2.20 34.77 27.32
CA LEU M 472 -1.29 34.59 28.44
C LEU M 472 -0.80 35.93 28.94
N GLU M 473 -0.27 36.77 28.04
CA GLU M 473 0.32 38.01 28.51
C GLU M 473 -0.75 38.92 29.10
N HIS M 474 -1.97 38.86 28.54
CA HIS M 474 -3.05 39.66 29.11
C HIS M 474 -3.31 39.25 30.55
N VAL M 475 -3.33 37.94 30.82
CA VAL M 475 -3.55 37.51 32.19
C VAL M 475 -2.38 37.94 33.05
N LYS M 476 -1.17 38.03 32.47
CA LYS M 476 -0.07 38.63 33.19
C LYS M 476 -0.31 40.12 33.41
N ALA M 477 -0.78 40.82 32.38
CA ALA M 477 -1.11 42.23 32.53
C ALA M 477 -2.31 42.43 33.44
N SER M 478 -3.26 41.50 33.40
CA SER M 478 -4.45 41.59 34.23
C SER M 478 -4.14 41.10 35.64
N HIS M 479 -5.20 40.92 36.44
CA HIS M 479 -5.04 40.46 37.80
C HIS M 479 -4.33 39.11 37.85
N SER M 480 -3.38 39.00 38.78
CA SER M 480 -2.62 37.77 38.98
C SER M 480 -2.98 37.09 40.31
N ASP M 481 -4.13 37.42 40.87
CA ASP M 481 -4.54 36.83 42.13
C ASP M 481 -4.74 35.33 42.00
N ILE M 482 -5.26 34.89 40.86
CA ILE M 482 -5.54 33.46 40.65
C ILE M 482 -4.26 32.66 40.63
N PHE M 483 -3.19 33.22 40.05
CA PHE M 483 -1.90 32.53 40.05
C PHE M 483 -1.40 32.30 41.46
N ASP M 484 -1.44 33.34 42.31
CA ASP M 484 -1.03 33.17 43.70
C ASP M 484 -1.93 32.19 44.43
N GLY M 485 -3.24 32.24 44.16
CA GLY M 485 -4.17 31.35 44.82
C GLY M 485 -3.86 29.89 44.53
N ILE M 486 -3.67 29.56 43.25
CA ILE M 486 -3.37 28.17 42.91
C ILE M 486 -1.92 27.82 43.23
N ARG M 487 -1.07 28.82 43.44
CA ARG M 487 0.29 28.57 43.89
C ARG M 487 0.35 28.25 45.38
N GLU M 488 -0.57 28.80 46.16
CA GLU M 488 -0.54 28.57 47.61
C GLU M 488 -1.21 27.24 47.97
N THR M 489 -2.51 27.13 47.69
CA THR M 489 -3.25 25.92 48.01
C THR M 489 -2.90 24.76 47.09
N LYS M 490 -2.18 25.01 46.01
CA LYS M 490 -1.77 23.98 45.06
C LYS M 490 -2.96 23.23 44.50
N LYS M 491 -4.09 23.93 44.32
CA LYS M 491 -5.27 23.33 43.70
C LYS M 491 -6.07 24.42 43.02
N LEU M 492 -6.89 24.01 42.06
CA LEU M 492 -7.76 24.94 41.34
C LEU M 492 -9.05 25.11 42.13
N SER M 493 -9.19 26.26 42.79
CA SER M 493 -10.47 26.60 43.41
C SER M 493 -11.50 26.92 42.34
N GLU M 494 -12.76 26.64 42.65
CA GLU M 494 -13.82 26.81 41.67
C GLU M 494 -14.02 28.29 41.33
N GLU M 495 -14.05 29.15 42.35
CA GLU M 495 -14.26 30.57 42.11
C GLU M 495 -13.24 31.12 41.13
N ALA M 496 -11.98 30.70 41.25
CA ALA M 496 -10.99 31.03 40.23
C ALA M 496 -11.42 30.48 38.88
N GLU M 497 -12.09 29.34 38.85
CA GLU M 497 -12.49 28.76 37.57
C GLU M 497 -13.53 29.65 36.87
N GLU M 498 -14.56 30.08 37.59
CA GLU M 498 -15.51 31.00 36.94
C GLU M 498 -14.85 32.32 36.57
N LYS M 499 -13.97 32.83 37.43
CA LYS M 499 -13.29 34.08 37.11
C LYS M 499 -12.47 33.95 35.82
N LEU M 500 -11.71 32.85 35.70
CA LEU M 500 -10.85 32.68 34.53
C LEU M 500 -11.67 32.42 33.28
N VAL M 501 -12.77 31.65 33.38
CA VAL M 501 -13.55 31.43 32.16
C VAL M 501 -14.26 32.70 31.73
N SER M 502 -14.70 33.54 32.68
CA SER M 502 -15.26 34.83 32.30
C SER M 502 -14.23 35.71 31.61
N VAL M 503 -13.00 35.73 32.14
CA VAL M 503 -11.94 36.50 31.50
C VAL M 503 -11.62 35.93 30.12
N ILE M 504 -11.69 34.61 29.98
CA ILE M 504 -11.44 33.96 28.69
C ILE M 504 -12.49 34.39 27.68
N ASN M 505 -13.76 34.35 28.07
CA ASN M 505 -14.83 34.77 27.19
C ASN M 505 -14.68 36.24 26.80
N GLU M 506 -14.35 37.09 27.78
CA GLU M 506 -14.15 38.50 27.49
C GLU M 506 -13.01 38.70 26.48
N PHE M 507 -11.90 38.00 26.67
CA PHE M 507 -10.77 38.16 25.77
C PHE M 507 -11.09 37.64 24.37
N LYS M 508 -11.69 36.45 24.28
CA LYS M 508 -11.92 35.86 22.97
C LYS M 508 -13.00 36.58 22.20
N LYS M 509 -13.98 37.17 22.89
CA LYS M 509 -14.94 38.03 22.21
C LYS M 509 -14.24 39.24 21.58
N GLY M 510 -13.27 39.80 22.30
CA GLY M 510 -12.47 40.88 21.77
C GLY M 510 -11.37 40.45 20.83
N PHE M 511 -11.20 39.15 20.64
CA PHE M 511 -10.14 38.64 19.76
C PHE M 511 -10.64 38.53 18.32
N GLN M 512 -9.73 38.76 17.39
CA GLN M 512 -9.95 38.54 15.98
C GLN M 512 -9.03 37.43 15.50
N ALA M 513 -9.49 36.68 14.50
CA ALA M 513 -8.69 35.59 13.97
C ALA M 513 -7.62 36.14 13.03
N SER M 514 -6.83 35.24 12.46
CA SER M 514 -5.82 35.66 11.49
C SER M 514 -6.47 36.29 10.27
N ASP M 515 -7.55 35.71 9.78
CA ASP M 515 -8.28 36.23 8.63
C ASP M 515 -9.30 37.30 9.00
N GLY M 516 -9.40 37.66 10.28
CA GLY M 516 -10.32 38.69 10.69
C GLY M 516 -11.70 38.24 11.06
N SER M 517 -11.89 36.95 11.36
CA SER M 517 -13.19 36.42 11.76
C SER M 517 -13.21 36.23 13.27
N SER M 518 -14.07 37.00 13.95
CA SER M 518 -14.18 36.89 15.40
C SER M 518 -14.79 35.54 15.78
N VAL M 519 -14.38 35.03 16.93
CA VAL M 519 -14.86 33.73 17.41
C VAL M 519 -16.11 33.94 18.26
N VAL M 520 -17.05 32.99 18.14
CA VAL M 520 -18.29 33.06 18.88
C VAL M 520 -18.42 31.87 19.83
N UNK N 12 74.03 -47.25 22.09
CA UNK N 12 73.74 -47.25 23.52
C UNK N 12 72.40 -46.57 23.79
N UNK N 13 71.94 -45.77 22.83
CA UNK N 13 70.67 -45.09 22.96
C UNK N 13 69.51 -46.07 22.84
N UNK N 14 69.67 -47.05 21.97
CA UNK N 14 68.66 -48.08 21.79
C UNK N 14 68.46 -48.88 23.07
N UNK N 15 69.58 -49.18 23.73
CA UNK N 15 69.55 -49.90 24.99
C UNK N 15 68.85 -49.07 26.07
N UNK N 16 69.13 -47.76 26.07
CA UNK N 16 68.48 -46.85 26.99
C UNK N 16 66.97 -46.86 26.79
N UNK N 17 66.55 -46.78 25.54
CA UNK N 17 65.13 -46.80 25.18
C UNK N 17 64.48 -48.11 25.62
N UNK N 18 65.16 -49.22 25.35
CA UNK N 18 64.64 -50.54 25.70
C UNK N 18 64.51 -50.69 27.20
N UNK N 19 65.47 -50.15 27.95
CA UNK N 19 65.41 -50.20 29.41
C UNK N 19 64.30 -49.32 29.94
N UNK N 20 64.07 -48.20 29.27
CA UNK N 20 62.99 -47.30 29.64
C UNK N 20 61.63 -47.93 29.35
N UNK N 21 61.61 -48.83 28.36
CA UNK N 21 60.39 -49.53 28.00
C UNK N 21 59.91 -50.44 29.11
N UNK N 22 60.85 -51.13 29.76
CA UNK N 22 60.52 -52.03 30.85
C UNK N 22 60.19 -51.23 32.12
N GLU N 29 49.55 -55.07 43.21
CA GLU N 29 48.78 -54.78 42.01
C GLU N 29 49.17 -53.43 41.42
N GLU N 30 48.30 -52.43 41.57
CA GLU N 30 48.55 -51.10 41.04
C GLU N 30 47.72 -50.09 41.80
N ILE N 31 48.22 -48.86 41.88
CA ILE N 31 47.48 -47.75 42.47
C ILE N 31 47.77 -46.49 41.65
N GLY N 32 46.76 -45.68 41.41
CA GLY N 32 46.92 -44.41 40.72
C GLY N 32 46.99 -43.26 41.70
N THR N 33 47.03 -42.06 41.14
CA THR N 33 47.05 -40.83 41.94
C THR N 33 46.43 -39.70 41.13
N VAL N 34 45.49 -38.99 41.74
CA VAL N 34 44.83 -37.86 41.10
C VAL N 34 45.81 -36.69 41.07
N ILE N 35 46.26 -36.32 39.88
CA ILE N 35 47.11 -35.14 39.75
C ILE N 35 46.29 -33.89 40.03
N ASP N 36 45.26 -33.65 39.22
CA ASP N 36 44.40 -32.49 39.37
C ASP N 36 42.97 -32.88 39.03
N ALA N 37 42.03 -32.40 39.84
CA ALA N 37 40.62 -32.73 39.66
C ALA N 37 39.77 -31.48 39.80
N GLY N 38 38.64 -31.47 39.10
CA GLY N 38 37.70 -30.37 39.18
C GLY N 38 36.72 -30.37 38.02
N ASP N 39 35.53 -29.82 38.23
CA ASP N 39 34.54 -29.63 37.18
C ASP N 39 34.17 -30.93 36.49
N GLY N 40 34.25 -32.04 37.22
CA GLY N 40 33.92 -33.34 36.67
C GLY N 40 35.02 -34.02 35.88
N ILE N 41 36.21 -33.45 35.84
CA ILE N 41 37.32 -34.04 35.11
C ILE N 41 38.51 -34.21 36.05
N ALA N 42 39.41 -35.12 35.68
CA ALA N 42 40.56 -35.41 36.52
C ALA N 42 41.71 -35.93 35.67
N HIS N 43 42.93 -35.80 36.22
CA HIS N 43 44.15 -36.25 35.57
C HIS N 43 44.90 -37.18 36.51
N VAL N 44 45.42 -38.28 35.98
CA VAL N 44 46.14 -39.28 36.75
C VAL N 44 47.46 -39.58 36.07
N GLU N 45 48.50 -39.80 36.87
CA GLU N 45 49.84 -40.07 36.38
C GLU N 45 50.16 -41.57 36.44
N GLY N 46 51.10 -41.98 35.60
CA GLY N 46 51.58 -43.34 35.63
C GLY N 46 50.52 -44.35 35.23
N LEU N 47 50.69 -45.58 35.73
CA LEU N 47 49.84 -46.72 35.44
C LEU N 47 49.70 -46.89 33.92
N PRO N 48 50.74 -47.36 33.24
CA PRO N 48 50.68 -47.52 31.79
C PRO N 48 49.94 -48.77 31.33
N SER N 49 49.33 -49.53 32.24
CA SER N 49 48.57 -50.71 31.89
C SER N 49 47.10 -50.40 31.63
N VAL N 50 46.73 -49.11 31.64
CA VAL N 50 45.37 -48.69 31.41
C VAL N 50 44.94 -49.05 29.99
N MET N 51 43.62 -49.02 29.74
CA MET N 51 43.07 -49.36 28.44
C MET N 51 42.16 -48.21 28.01
N THR N 52 42.05 -48.00 26.70
CA THR N 52 41.23 -46.90 26.21
C THR N 52 39.77 -47.17 26.53
N GLN N 53 39.10 -46.19 27.14
CA GLN N 53 37.70 -46.29 27.54
C GLN N 53 37.48 -47.48 28.48
N GLU N 54 38.36 -47.64 29.44
CA GLU N 54 38.32 -48.74 30.40
C GLU N 54 37.81 -48.24 31.74
N LEU N 55 37.01 -49.08 32.41
CA LEU N 55 36.49 -48.73 33.72
C LEU N 55 37.63 -48.61 34.74
N LEU N 56 37.57 -47.57 35.55
CA LEU N 56 38.55 -47.32 36.61
C LEU N 56 37.82 -47.03 37.91
N GLU N 57 38.38 -47.52 39.01
CA GLU N 57 37.78 -47.38 40.33
C GLU N 57 38.62 -46.47 41.22
N PHE N 58 37.92 -45.76 42.10
CA PHE N 58 38.45 -44.70 42.96
C PHE N 58 38.03 -44.98 44.40
N PRO N 59 38.75 -44.43 45.38
CA PRO N 59 38.45 -44.77 46.78
C PRO N 59 37.05 -44.38 47.22
N GLY N 60 36.44 -43.40 46.58
CA GLY N 60 35.13 -42.93 46.98
C GLY N 60 33.97 -43.79 46.53
N GLY N 61 34.23 -44.88 45.83
CA GLY N 61 33.18 -45.73 45.32
C GLY N 61 32.64 -45.33 43.97
N VAL N 62 33.10 -44.22 43.42
CA VAL N 62 32.67 -43.76 42.12
C VAL N 62 33.53 -44.42 41.04
N LEU N 63 33.05 -44.37 39.81
CA LEU N 63 33.71 -45.02 38.69
C LEU N 63 34.04 -43.99 37.62
N GLY N 64 35.06 -44.28 36.81
CA GLY N 64 35.48 -43.38 35.77
C GLY N 64 35.86 -44.12 34.51
N VAL N 65 35.96 -43.37 33.41
CA VAL N 65 36.31 -43.91 32.10
C VAL N 65 37.42 -43.06 31.52
N ALA N 66 38.43 -43.72 30.95
CA ALA N 66 39.57 -43.03 30.35
C ALA N 66 39.21 -42.63 28.93
N LEU N 67 39.05 -41.33 28.70
CA LEU N 67 38.68 -40.84 27.38
C LEU N 67 39.89 -40.71 26.47
N ASN N 68 40.86 -39.91 26.85
CA ASN N 68 42.06 -39.69 26.06
C ASN N 68 43.30 -39.96 26.91
N LEU N 69 44.31 -40.55 26.26
CA LEU N 69 45.53 -40.96 26.94
C LEU N 69 46.70 -40.22 26.32
N ASP N 70 47.49 -39.55 27.17
CA ASP N 70 48.61 -38.74 26.70
C ASP N 70 49.94 -39.39 27.09
N GLU N 71 51.03 -38.67 26.83
CA GLU N 71 52.36 -39.24 27.04
C GLU N 71 52.61 -39.60 28.50
N HIS N 72 52.21 -38.71 29.42
CA HIS N 72 52.44 -38.97 30.83
C HIS N 72 51.22 -38.63 31.70
N SER N 73 50.09 -38.29 31.09
CA SER N 73 48.89 -37.98 31.84
C SER N 73 47.70 -38.72 31.23
N VAL N 74 46.76 -39.10 32.09
CA VAL N 74 45.57 -39.82 31.68
C VAL N 74 44.35 -39.04 32.16
N GLY N 75 43.45 -38.74 31.24
CA GLY N 75 42.23 -38.04 31.61
C GLY N 75 41.11 -39.00 31.99
N ALA N 76 40.35 -38.60 33.00
CA ALA N 76 39.22 -39.39 33.47
C ALA N 76 38.06 -38.47 33.81
N VAL N 77 36.85 -39.03 33.74
CA VAL N 77 35.62 -38.32 34.03
C VAL N 77 34.90 -39.05 35.15
N ILE N 78 34.29 -38.29 36.05
CA ILE N 78 33.60 -38.86 37.20
C ILE N 78 32.11 -38.98 36.87
N LEU N 79 31.54 -40.14 37.17
CA LEU N 79 30.14 -40.40 36.82
C LEU N 79 29.19 -39.71 37.81
N GLY N 80 29.34 -40.01 39.10
CA GLY N 80 28.43 -39.49 40.10
C GLY N 80 28.98 -38.32 40.90
N GLU N 81 28.93 -38.42 42.22
CA GLU N 81 29.45 -37.37 43.09
C GLU N 81 30.93 -37.14 42.85
N PHE N 82 31.33 -35.88 42.77
CA PHE N 82 32.73 -35.54 42.51
C PHE N 82 33.22 -34.39 43.39
N GLU N 83 32.52 -34.08 44.47
CA GLU N 83 32.95 -33.05 45.41
C GLU N 83 33.79 -33.61 46.55
N LYS N 84 33.99 -34.92 46.60
CA LYS N 84 34.86 -35.54 47.60
C LYS N 84 36.17 -36.02 47.00
N ILE N 85 36.54 -35.49 45.84
CA ILE N 85 37.72 -35.93 45.12
C ILE N 85 38.83 -34.91 45.38
N GLU N 86 39.99 -35.41 45.83
CA GLU N 86 41.11 -34.57 46.18
C GLU N 86 42.40 -35.19 45.64
N GLU N 87 43.42 -34.35 45.52
CA GLU N 87 44.71 -34.78 44.98
C GLU N 87 45.33 -35.87 45.84
N GLY N 88 45.94 -36.85 45.18
CA GLY N 88 46.68 -37.89 45.86
C GLY N 88 45.93 -39.16 46.16
N GLN N 89 44.74 -39.35 45.60
CA GLN N 89 43.95 -40.54 45.90
C GLN N 89 44.57 -41.74 45.19
N GLN N 90 43.88 -42.88 45.24
CA GLN N 90 44.36 -44.11 44.64
C GLN N 90 43.41 -44.55 43.53
N VAL N 91 43.95 -44.76 42.33
CA VAL N 91 43.16 -45.15 41.17
C VAL N 91 43.57 -46.58 40.80
N LYS N 92 42.58 -47.44 40.59
CA LYS N 92 42.84 -48.84 40.30
C LYS N 92 42.07 -49.28 39.07
N ARG N 93 42.71 -50.08 38.21
CA ARG N 93 42.05 -50.56 37.01
C ARG N 93 41.36 -51.91 37.29
N THR N 94 40.20 -52.09 36.66
CA THR N 94 39.49 -53.36 36.73
C THR N 94 39.83 -54.30 35.59
N GLY N 95 40.60 -53.85 34.61
CA GLY N 95 40.97 -54.71 33.50
C GLY N 95 39.77 -55.19 32.68
N GLU N 96 38.80 -54.31 32.45
CA GLU N 96 37.59 -54.67 31.73
C GLU N 96 36.93 -53.41 31.18
N VAL N 97 36.48 -53.49 29.93
CA VAL N 97 35.82 -52.38 29.25
C VAL N 97 34.36 -52.31 29.69
N LEU N 98 33.77 -51.13 29.56
CA LEU N 98 32.49 -50.83 30.20
C LEU N 98 31.40 -51.81 29.78
N SER N 99 30.67 -52.33 30.77
CA SER N 99 29.62 -53.32 30.55
C SER N 99 28.44 -53.01 31.44
N VAL N 100 27.27 -53.53 31.05
CA VAL N 100 26.04 -53.34 31.80
C VAL N 100 25.35 -54.71 31.93
N PRO N 101 24.76 -55.03 33.08
CA PRO N 101 24.04 -56.30 33.20
C PRO N 101 22.72 -56.26 32.47
N VAL N 102 22.27 -57.44 32.04
CA VAL N 102 21.05 -57.58 31.26
C VAL N 102 20.25 -58.77 31.79
N GLY N 103 18.93 -58.63 31.83
CA GLY N 103 18.07 -59.70 32.28
C GLY N 103 16.63 -59.35 32.00
N ASP N 104 15.77 -60.35 32.22
CA ASP N 104 14.33 -60.16 32.05
C ASP N 104 13.67 -59.61 33.30
N ALA N 105 14.38 -59.56 34.41
CA ALA N 105 13.84 -58.98 35.64
C ALA N 105 13.74 -57.46 35.59
N PHE N 106 14.36 -56.83 34.58
CA PHE N 106 14.28 -55.39 34.44
C PHE N 106 12.89 -54.90 34.05
N LEU N 107 12.01 -55.80 33.63
CA LEU N 107 10.67 -55.42 33.21
C LEU N 107 9.90 -54.78 34.36
N GLY N 108 9.22 -53.68 34.07
CA GLY N 108 8.32 -53.07 35.05
C GLY N 108 8.99 -52.38 36.21
N ARG N 109 10.25 -51.94 36.06
CA ARG N 109 10.96 -51.25 37.12
C ARG N 109 11.83 -50.15 36.52
N VAL N 110 12.50 -49.42 37.40
CA VAL N 110 13.28 -48.24 37.02
C VAL N 110 14.70 -48.41 37.56
N VAL N 111 15.69 -48.19 36.68
CA VAL N 111 17.09 -48.29 37.05
C VAL N 111 17.85 -47.08 36.55
N ASN N 112 18.98 -46.82 37.18
CA ASN N 112 19.89 -45.77 36.74
C ASN N 112 20.60 -46.19 35.46
N PRO N 113 21.19 -45.24 34.74
CA PRO N 113 21.97 -45.60 33.55
C PRO N 113 23.09 -46.58 33.85
N LEU N 114 23.65 -46.55 35.07
CA LEU N 114 24.63 -47.55 35.44
C LEU N 114 24.01 -48.94 35.48
N GLY N 115 22.74 -49.02 35.89
CA GLY N 115 22.03 -50.29 35.84
C GLY N 115 21.62 -50.82 37.20
N GLN N 116 21.36 -49.92 38.14
CA GLN N 116 20.94 -50.33 39.47
C GLN N 116 19.56 -49.73 39.76
N PRO N 117 18.68 -50.46 40.44
CA PRO N 117 17.36 -49.90 40.77
C PRO N 117 17.50 -48.65 41.62
N ILE N 118 16.67 -47.65 41.32
CA ILE N 118 16.74 -46.36 41.99
C ILE N 118 15.45 -46.04 42.73
N ASP N 119 14.30 -46.37 42.15
CA ASP N 119 13.01 -46.05 42.75
C ASP N 119 12.25 -47.28 43.23
N GLY N 120 12.42 -48.42 42.56
CA GLY N 120 11.75 -49.63 42.97
C GLY N 120 12.34 -50.21 44.24
N GLN N 121 11.76 -51.33 44.66
CA GLN N 121 12.18 -52.01 45.88
C GLN N 121 12.75 -53.38 45.54
N GLY N 122 13.95 -53.66 46.04
CA GLY N 122 14.59 -54.94 45.82
C GLY N 122 15.81 -54.86 44.93
N ASP N 123 16.15 -55.97 44.28
CA ASP N 123 17.33 -56.05 43.43
C ASP N 123 17.00 -56.88 42.20
N ILE N 124 17.79 -56.68 41.15
CA ILE N 124 17.56 -57.30 39.85
C ILE N 124 18.60 -58.40 39.64
N ALA N 125 18.12 -59.60 39.28
CA ALA N 125 19.00 -60.72 38.98
C ALA N 125 19.25 -60.76 37.48
N ALA N 126 20.44 -60.36 37.07
CA ALA N 126 20.82 -60.36 35.66
C ALA N 126 21.72 -61.55 35.39
N GLU N 127 21.34 -62.35 34.39
CA GLU N 127 22.10 -63.55 34.08
C GLU N 127 23.48 -63.23 33.52
N THR N 128 23.58 -62.24 32.63
CA THR N 128 24.83 -61.90 31.99
C THR N 128 25.00 -60.39 31.99
N ARG N 129 26.20 -59.95 31.60
CA ARG N 129 26.51 -58.54 31.41
C ARG N 129 27.26 -58.38 30.11
N ARG N 130 26.88 -57.37 29.32
CA ARG N 130 27.45 -57.18 27.99
C ARG N 130 28.11 -55.82 27.88
N ALA N 131 29.17 -55.76 27.07
CA ALA N 131 29.86 -54.51 26.82
C ALA N 131 29.00 -53.58 25.96
N LEU N 132 29.10 -52.28 26.23
CA LEU N 132 28.27 -51.32 25.51
C LEU N 132 28.68 -51.22 24.05
N GLU N 133 29.98 -51.13 23.78
CA GLU N 133 30.47 -51.03 22.42
C GLU N 133 30.44 -52.40 21.74
N LEU N 134 29.87 -52.45 20.54
CA LEU N 134 29.71 -53.70 19.81
C LEU N 134 29.88 -53.42 18.32
N GLN N 135 29.57 -54.42 17.51
CA GLN N 135 29.60 -54.33 16.06
C GLN N 135 28.20 -54.49 15.50
N ALA N 136 27.88 -53.69 14.50
CA ALA N 136 26.57 -53.74 13.90
C ALA N 136 26.46 -54.89 12.90
N PRO N 137 25.27 -55.45 12.72
CA PRO N 137 25.09 -56.51 11.72
C PRO N 137 25.38 -56.00 10.31
N SER N 138 25.89 -56.91 9.48
CA SER N 138 26.24 -56.59 8.11
C SER N 138 25.03 -56.81 7.19
N VAL N 139 25.20 -56.45 5.92
CA VAL N 139 24.10 -56.55 4.96
C VAL N 139 23.72 -58.01 4.75
N VAL N 140 24.69 -58.91 4.78
CA VAL N 140 24.42 -60.32 4.51
C VAL N 140 23.47 -60.91 5.55
N GLN N 141 23.45 -60.33 6.75
CA GLN N 141 22.61 -60.83 7.83
C GLN N 141 21.27 -60.11 7.92
N ARG N 142 20.95 -59.27 6.94
CA ARG N 142 19.74 -58.47 6.98
C ARG N 142 18.67 -59.05 6.05
N GLN N 143 17.46 -58.50 6.16
CA GLN N 143 16.32 -59.01 5.41
C GLN N 143 15.32 -57.88 5.23
N SER N 144 14.41 -58.07 4.28
CA SER N 144 13.41 -57.07 3.98
C SER N 144 12.37 -56.98 5.11
N VAL N 145 11.65 -55.86 5.13
CA VAL N 145 10.69 -55.56 6.19
C VAL N 145 9.32 -55.34 5.57
N SER N 146 8.31 -56.06 6.07
CA SER N 146 6.94 -55.84 5.64
C SER N 146 5.91 -55.88 6.76
N GLU N 147 6.25 -56.36 7.95
CA GLU N 147 5.26 -56.51 9.01
C GLU N 147 4.75 -55.14 9.46
N PRO N 148 3.44 -54.96 9.55
CA PRO N 148 2.89 -53.68 10.02
C PRO N 148 2.93 -53.55 11.53
N LEU N 149 2.99 -52.30 11.98
CA LEU N 149 2.86 -51.95 13.39
C LEU N 149 1.67 -51.02 13.52
N GLN N 150 0.55 -51.57 13.99
CA GLN N 150 -0.68 -50.80 14.07
C GLN N 150 -0.55 -49.68 15.09
N THR N 151 -1.30 -48.61 14.85
CA THR N 151 -1.32 -47.45 15.73
C THR N 151 -2.76 -46.99 15.93
N GLY N 152 -3.00 -46.36 17.07
CA GLY N 152 -4.33 -45.84 17.36
C GLY N 152 -4.69 -44.61 16.56
N ILE N 153 -3.70 -43.90 16.03
CA ILE N 153 -3.94 -42.69 15.25
C ILE N 153 -4.13 -43.07 13.78
N LYS N 154 -5.28 -42.67 13.22
CA LYS N 154 -5.57 -42.99 11.83
C LYS N 154 -4.66 -42.21 10.88
N ALA N 155 -4.23 -41.02 11.27
CA ALA N 155 -3.48 -40.15 10.35
C ALA N 155 -2.13 -40.76 9.98
N ILE N 156 -1.40 -41.28 10.97
CA ILE N 156 -0.04 -41.76 10.70
C ILE N 156 -0.08 -42.91 9.70
N ASP N 157 -0.92 -43.91 9.96
CA ASP N 157 -1.05 -45.01 9.01
C ASP N 157 -1.67 -44.55 7.70
N ALA N 158 -2.51 -43.52 7.75
CA ALA N 158 -3.14 -43.02 6.53
C ALA N 158 -2.10 -42.44 5.57
N MET N 159 -1.16 -41.65 6.08
CA MET N 159 -0.14 -41.06 5.22
C MET N 159 1.15 -41.87 5.22
N THR N 160 1.76 -42.08 6.38
CA THR N 160 3.08 -42.70 6.48
C THR N 160 2.98 -43.99 7.29
N PRO N 161 2.74 -45.13 6.65
CA PRO N 161 2.65 -46.38 7.41
C PRO N 161 3.98 -46.73 8.06
N ILE N 162 3.89 -47.36 9.23
CA ILE N 162 5.06 -47.74 10.00
C ILE N 162 5.14 -49.26 10.03
N GLY N 163 6.27 -49.79 9.58
CA GLY N 163 6.49 -51.22 9.64
C GLY N 163 7.61 -51.57 10.59
N ARG N 164 7.60 -52.81 11.09
CA ARG N 164 8.67 -53.26 11.95
C ARG N 164 9.98 -53.29 11.18
N GLY N 165 11.05 -52.85 11.82
CA GLY N 165 12.36 -52.78 11.20
C GLY N 165 12.73 -51.44 10.60
N GLN N 166 12.01 -50.38 10.90
CA GLN N 166 12.20 -49.09 10.26
C GLN N 166 12.34 -47.98 11.30
N ARG N 167 13.22 -47.03 11.02
CA ARG N 167 13.51 -45.89 11.91
C ARG N 167 12.65 -44.69 11.53
N GLN N 168 11.98 -44.12 12.52
CA GLN N 168 11.12 -42.96 12.29
C GLN N 168 11.58 -41.78 13.13
N LEU N 169 11.60 -40.61 12.51
CA LEU N 169 12.08 -39.38 13.13
C LEU N 169 10.92 -38.39 13.22
N ILE N 170 10.78 -37.79 14.40
CA ILE N 170 9.73 -36.80 14.66
C ILE N 170 10.39 -35.53 15.16
N ILE N 171 9.98 -34.39 14.59
CA ILE N 171 10.48 -33.09 14.98
C ILE N 171 9.31 -32.17 15.28
N GLY N 172 9.57 -31.16 16.08
CA GLY N 172 8.53 -30.21 16.45
C GLY N 172 9.03 -29.24 17.50
N ASP N 173 8.19 -28.25 17.78
CA ASP N 173 8.50 -27.23 18.75
C ASP N 173 7.99 -27.66 20.13
N ARG N 174 8.01 -26.74 21.08
CA ARG N 174 7.44 -26.98 22.39
C ARG N 174 5.92 -26.98 22.33
N LYS N 175 5.32 -27.67 23.30
CA LYS N 175 3.87 -27.73 23.45
C LYS N 175 3.20 -28.28 22.20
N THR N 176 3.84 -29.26 21.56
CA THR N 176 3.36 -29.88 20.33
C THR N 176 2.52 -31.12 20.59
N GLY N 177 2.93 -31.95 21.54
CA GLY N 177 2.21 -33.17 21.82
C GLY N 177 2.88 -34.39 21.23
N LYS N 178 4.19 -34.28 20.97
CA LYS N 178 4.93 -35.39 20.40
C LYS N 178 4.98 -36.58 21.36
N THR N 179 5.14 -36.31 22.65
CA THR N 179 5.19 -37.37 23.64
C THR N 179 3.91 -38.20 23.65
N ALA N 180 2.77 -37.56 23.40
CA ALA N 180 1.49 -38.26 23.43
C ALA N 180 1.42 -39.35 22.37
N VAL N 181 2.10 -39.16 21.23
CA VAL N 181 2.06 -40.17 20.18
C VAL N 181 2.70 -41.46 20.66
N CYS N 182 3.89 -41.36 21.24
CA CYS N 182 4.55 -42.53 21.80
C CYS N 182 3.73 -43.13 22.93
N VAL N 183 3.14 -42.28 23.76
CA VAL N 183 2.30 -42.77 24.86
C VAL N 183 1.15 -43.61 24.32
N ASP N 184 0.45 -43.10 23.32
CA ASP N 184 -0.71 -43.81 22.77
C ASP N 184 -0.29 -45.09 22.07
N THR N 185 0.85 -45.06 21.38
CA THR N 185 1.40 -46.29 20.83
C THR N 185 1.63 -47.32 21.92
N ILE N 186 2.20 -46.89 23.05
CA ILE N 186 2.52 -47.85 24.12
C ILE N 186 1.24 -48.44 24.71
N LEU N 187 0.22 -47.62 24.95
CA LEU N 187 -1.04 -48.19 25.43
C LEU N 187 -1.64 -49.14 24.40
N ASN N 188 -1.62 -48.76 23.12
CA ASN N 188 -2.21 -49.61 22.07
C ASN N 188 -1.48 -50.93 21.92
N GLN N 189 -0.22 -51.00 22.35
CA GLN N 189 0.50 -52.28 22.34
C GLN N 189 -0.10 -53.31 23.29
N ARG N 190 -0.91 -52.90 24.27
CA ARG N 190 -1.39 -53.86 25.27
C ARG N 190 -2.33 -54.88 24.66
N GLU N 191 -3.17 -54.47 23.72
CA GLU N 191 -4.08 -55.42 23.08
C GLU N 191 -3.31 -56.50 22.34
N ALA N 192 -2.24 -56.11 21.64
CA ALA N 192 -1.39 -57.12 20.99
C ALA N 192 -0.70 -58.00 22.04
N TRP N 193 -0.27 -57.39 23.14
CA TRP N 193 0.35 -58.15 24.23
C TRP N 193 -0.63 -59.05 24.95
N LEU N 194 -1.94 -58.88 24.72
CA LEU N 194 -2.92 -59.73 25.39
C LEU N 194 -2.73 -61.20 25.01
N THR N 195 -2.54 -61.46 23.72
CA THR N 195 -2.28 -62.82 23.28
C THR N 195 -0.86 -63.23 23.66
N GLY N 196 -0.70 -64.48 24.08
CA GLY N 196 0.59 -64.96 24.53
C GLY N 196 1.53 -65.42 23.44
N ASP N 197 1.12 -65.35 22.17
CA ASP N 197 1.96 -65.83 21.09
C ASP N 197 3.18 -64.91 20.93
N PRO N 198 4.39 -65.47 20.88
CA PRO N 198 5.59 -64.60 20.75
C PRO N 198 5.59 -63.77 19.49
N LYS N 199 5.04 -64.28 18.39
CA LYS N 199 5.02 -63.55 17.13
C LYS N 199 4.17 -62.29 17.19
N GLN N 200 3.33 -62.15 18.22
CA GLN N 200 2.51 -60.96 18.40
C GLN N 200 2.82 -60.29 19.72
N GLN N 201 4.04 -60.46 20.22
CA GLN N 201 4.48 -59.86 21.47
C GLN N 201 5.47 -58.73 21.18
N VAL N 202 5.17 -57.55 21.67
CA VAL N 202 5.98 -56.36 21.44
C VAL N 202 6.37 -55.77 22.79
N ARG N 203 7.67 -55.56 22.99
CA ARG N 203 8.20 -55.05 24.24
C ARG N 203 8.77 -53.65 24.01
N CYS N 204 8.42 -52.71 24.88
CA CYS N 204 8.82 -51.32 24.75
C CYS N 204 9.67 -50.90 25.95
N VAL N 205 10.66 -50.05 25.67
CA VAL N 205 11.56 -49.53 26.69
C VAL N 205 11.57 -48.00 26.57
N TYR N 206 11.38 -47.32 27.69
CA TYR N 206 11.26 -45.87 27.71
C TYR N 206 12.53 -45.24 28.25
N VAL N 207 13.03 -44.22 27.55
CA VAL N 207 14.25 -43.52 27.93
C VAL N 207 13.95 -42.02 27.97
N ALA N 208 14.22 -41.40 29.12
CA ALA N 208 14.07 -39.96 29.29
C ALA N 208 15.41 -39.36 29.71
N ILE N 209 15.76 -38.23 29.12
CA ILE N 209 17.05 -37.59 29.34
C ILE N 209 16.84 -36.14 29.71
N GLY N 210 17.43 -35.72 30.83
CA GLY N 210 17.43 -34.32 31.23
C GLY N 210 16.06 -33.73 31.39
N GLN N 211 15.15 -34.47 32.01
CA GLN N 211 13.78 -34.02 32.20
C GLN N 211 13.42 -34.07 33.68
N LYS N 212 12.47 -33.23 34.05
CA LYS N 212 12.05 -33.14 35.44
C LYS N 212 11.50 -34.48 35.92
N GLY N 213 11.79 -34.80 37.18
CA GLY N 213 11.26 -36.02 37.76
C GLY N 213 9.74 -36.06 37.76
N THR N 214 9.11 -34.91 37.97
CA THR N 214 7.65 -34.86 38.00
C THR N 214 7.05 -35.26 36.65
N THR N 215 7.73 -34.95 35.55
CA THR N 215 7.27 -35.41 34.25
C THR N 215 7.29 -36.93 34.19
N ILE N 216 8.36 -37.54 34.68
CA ILE N 216 8.44 -39.00 34.71
C ILE N 216 7.35 -39.57 35.60
N ALA N 217 7.07 -38.91 36.71
CA ALA N 217 6.01 -39.37 37.61
C ALA N 217 4.65 -39.32 36.95
N SER N 218 4.35 -38.23 36.25
CA SER N 218 3.08 -38.13 35.54
C SER N 218 2.98 -39.17 34.44
N VAL N 219 4.08 -39.40 33.71
CA VAL N 219 4.08 -40.41 32.65
C VAL N 219 3.85 -41.80 33.24
N LYS N 220 4.52 -42.11 34.35
CA LYS N 220 4.35 -43.41 34.97
C LYS N 220 2.94 -43.58 35.53
N ARG N 221 2.34 -42.51 36.05
CA ARG N 221 0.96 -42.61 36.47
C ARG N 221 0.04 -42.85 35.28
N ALA N 222 0.32 -42.20 34.16
CA ALA N 222 -0.49 -42.41 32.95
C ALA N 222 -0.40 -43.86 32.49
N LEU N 223 0.80 -44.42 32.46
CA LEU N 223 0.93 -45.82 32.03
C LEU N 223 0.34 -46.77 33.06
N GLU N 224 0.39 -46.41 34.35
CA GLU N 224 -0.28 -47.21 35.37
C GLU N 224 -1.78 -47.23 35.14
N GLU N 225 -2.34 -46.08 34.78
CA GLU N 225 -3.75 -46.05 34.41
C GLU N 225 -4.00 -46.90 33.16
N GLY N 226 -3.06 -46.87 32.21
CA GLY N 226 -3.22 -47.61 30.97
C GLY N 226 -3.08 -49.11 31.11
N GLY N 227 -2.44 -49.57 32.18
CA GLY N 227 -2.26 -51.00 32.38
C GLY N 227 -1.15 -51.63 31.57
N ALA N 228 -0.24 -50.84 31.00
CA ALA N 228 0.86 -51.37 30.21
C ALA N 228 2.10 -51.69 31.05
N MET N 229 2.07 -51.38 32.35
CA MET N 229 3.28 -51.47 33.17
C MET N 229 3.85 -52.88 33.16
N GLU N 230 3.03 -53.88 32.84
CA GLU N 230 3.48 -55.26 32.88
C GLU N 230 4.54 -55.54 31.82
N TYR N 231 4.47 -54.87 30.68
CA TYR N 231 5.37 -55.19 29.57
C TYR N 231 6.24 -53.99 29.18
N THR N 232 6.46 -53.07 30.11
CA THR N 232 7.25 -51.88 29.81
C THR N 232 8.37 -51.73 30.82
N THR N 233 9.41 -51.01 30.40
CA THR N 233 10.51 -50.64 31.26
C THR N 233 10.77 -49.15 31.11
N ILE N 234 11.32 -48.54 32.16
CA ILE N 234 11.63 -47.12 32.17
C ILE N 234 13.08 -46.96 32.60
N VAL N 235 13.83 -46.17 31.83
CA VAL N 235 15.21 -45.80 32.17
C VAL N 235 15.23 -44.29 32.35
N ALA N 236 15.73 -43.85 33.50
CA ALA N 236 15.66 -42.45 33.90
C ALA N 236 17.06 -41.86 33.97
N ALA N 237 17.18 -40.60 33.57
CA ALA N 237 18.41 -39.82 33.70
C ALA N 237 18.02 -38.38 33.99
N PRO N 238 17.68 -38.05 35.23
CA PRO N 238 17.29 -36.69 35.56
C PRO N 238 18.44 -35.72 35.34
N ALA N 239 18.08 -34.47 35.01
CA ALA N 239 19.08 -33.46 34.70
C ALA N 239 19.96 -33.12 35.91
N SER N 240 19.53 -33.45 37.11
CA SER N 240 20.37 -33.20 38.29
C SER N 240 21.67 -33.98 38.23
N ASP N 241 21.65 -35.14 37.60
CA ASP N 241 22.83 -35.98 37.54
C ASP N 241 23.90 -35.34 36.67
N ALA N 242 25.12 -35.86 36.78
CA ALA N 242 26.25 -35.33 36.04
C ALA N 242 26.08 -35.63 34.55
N ALA N 243 27.05 -35.17 33.76
CA ALA N 243 26.99 -35.35 32.33
C ALA N 243 27.20 -36.80 31.90
N GLY N 244 27.86 -37.61 32.73
CA GLY N 244 28.18 -38.97 32.32
C GLY N 244 26.95 -39.83 32.10
N PHE N 245 26.01 -39.79 33.04
CA PHE N 245 24.81 -40.61 32.90
C PHE N 245 23.99 -40.18 31.70
N LYS N 246 23.82 -38.87 31.53
CA LYS N 246 23.06 -38.37 30.39
C LYS N 246 23.74 -38.74 29.07
N TRP N 247 25.07 -38.70 29.06
CA TRP N 247 25.83 -38.99 27.85
C TRP N 247 25.89 -40.47 27.55
N LEU N 248 25.64 -41.33 28.55
CA LEU N 248 25.82 -42.76 28.37
C LEU N 248 24.50 -43.55 28.29
N ALA N 249 23.40 -43.03 28.84
CA ALA N 249 22.18 -43.82 28.93
C ALA N 249 21.68 -44.40 27.61
N PRO N 250 21.67 -43.66 26.49
CA PRO N 250 21.16 -44.27 25.25
C PRO N 250 21.90 -45.54 24.85
N TYR N 251 23.21 -45.62 25.11
CA TYR N 251 23.94 -46.83 24.78
C TYR N 251 23.50 -48.00 25.64
N THR N 252 23.24 -47.75 26.93
CA THR N 252 22.71 -48.80 27.79
C THR N 252 21.37 -49.30 27.28
N GLY N 253 20.47 -48.38 26.92
CA GLY N 253 19.19 -48.80 26.37
C GLY N 253 19.36 -49.59 25.08
N SER N 254 20.29 -49.16 24.23
CA SER N 254 20.55 -49.86 22.97
C SER N 254 21.00 -51.28 23.22
N ALA N 255 21.93 -51.48 24.16
CA ALA N 255 22.39 -52.82 24.47
C ALA N 255 21.26 -53.68 25.04
N ILE N 256 20.44 -53.08 25.90
CA ILE N 256 19.34 -53.83 26.51
C ILE N 256 18.38 -54.33 25.44
N GLY N 257 18.02 -53.45 24.50
CA GLY N 257 17.15 -53.89 23.41
C GLY N 257 17.80 -54.93 22.51
N GLN N 258 19.09 -54.75 22.21
CA GLN N 258 19.78 -55.68 21.32
C GLN N 258 19.85 -57.08 21.90
N HIS N 259 19.93 -57.18 23.23
CA HIS N 259 19.91 -58.50 23.86
C HIS N 259 18.62 -59.25 23.53
N TRP N 260 17.46 -58.63 23.80
CA TRP N 260 16.20 -59.30 23.50
C TRP N 260 15.99 -59.50 22.01
N MET N 261 16.69 -58.70 21.18
CA MET N 261 16.68 -58.97 19.75
C MET N 261 17.38 -60.28 19.43
N TYR N 262 18.59 -60.44 19.95
CA TYR N 262 19.33 -61.69 19.77
C TYR N 262 18.60 -62.86 20.40
N ASN N 263 17.71 -62.57 21.37
CA ASN N 263 16.70 -63.51 21.82
C ASN N 263 15.58 -63.70 20.81
N GLY N 264 15.40 -62.77 19.87
CA GLY N 264 14.42 -62.94 18.82
C GLY N 264 13.06 -62.30 19.02
N LYS N 265 12.91 -61.43 20.01
CA LYS N 265 11.63 -60.75 20.26
C LYS N 265 11.62 -59.37 19.60
N HIS N 266 10.42 -58.91 19.26
CA HIS N 266 10.27 -57.56 18.71
C HIS N 266 10.40 -56.53 19.82
N VAL N 267 11.30 -55.57 19.62
CA VAL N 267 11.66 -54.58 20.63
C VAL N 267 11.43 -53.19 20.07
N LEU N 268 10.74 -52.36 20.85
CA LEU N 268 10.50 -50.96 20.49
C LEU N 268 11.20 -50.08 21.52
N ILE N 269 11.77 -48.97 21.05
CA ILE N 269 12.56 -48.08 21.87
C ILE N 269 12.06 -46.65 21.67
N VAL N 270 11.95 -45.90 22.76
CA VAL N 270 11.47 -44.52 22.71
C VAL N 270 12.58 -43.60 23.20
N PHE N 271 12.95 -42.63 22.38
CA PHE N 271 13.88 -41.56 22.76
C PHE N 271 13.11 -40.27 22.94
N ASP N 272 13.28 -39.62 24.09
CA ASP N 272 12.60 -38.34 24.34
C ASP N 272 13.37 -37.18 23.74
N ASP N 273 14.60 -36.95 24.20
CA ASP N 273 15.38 -35.79 23.79
C ASP N 273 16.77 -36.24 23.34
N LEU N 274 17.23 -35.68 22.22
CA LEU N 274 18.55 -36.00 21.70
C LEU N 274 19.50 -34.82 21.69
N SER N 275 18.97 -33.59 21.63
CA SER N 275 19.84 -32.42 21.71
C SER N 275 20.53 -32.31 23.07
N LYS N 276 19.89 -32.83 24.12
CA LYS N 276 20.49 -32.78 25.44
C LYS N 276 21.82 -33.53 25.47
N GLN N 277 21.85 -34.73 24.89
CA GLN N 277 23.10 -35.49 24.84
C GLN N 277 24.14 -34.74 24.02
N ALA N 278 23.72 -34.07 22.94
CA ALA N 278 24.65 -33.29 22.15
C ALA N 278 25.27 -32.18 22.98
N ASP N 279 24.46 -31.50 23.79
CA ASP N 279 24.99 -30.45 24.65
C ASP N 279 25.95 -31.01 25.68
N ALA N 280 25.60 -32.14 26.28
CA ALA N 280 26.52 -32.75 27.25
C ALA N 280 27.84 -33.14 26.60
N TYR N 281 27.76 -33.68 25.39
CA TYR N 281 28.97 -34.09 24.68
C TYR N 281 29.83 -32.90 24.31
N ARG N 282 29.22 -31.81 23.85
CA ARG N 282 29.99 -30.62 23.53
C ARG N 282 30.65 -30.06 24.78
N ALA N 283 29.93 -30.11 25.91
CA ALA N 283 30.50 -29.61 27.16
C ALA N 283 31.71 -30.43 27.57
N ILE N 284 31.57 -31.76 27.53
CA ILE N 284 32.70 -32.61 27.91
C ILE N 284 33.88 -32.40 26.97
N SER N 285 33.60 -32.29 25.67
CA SER N 285 34.66 -32.10 24.69
C SER N 285 35.41 -30.81 24.93
N LEU N 286 34.69 -29.71 25.17
CA LEU N 286 35.36 -28.44 25.42
C LEU N 286 36.12 -28.47 26.73
N LEU N 287 35.59 -29.15 27.75
CA LEU N 287 36.33 -29.27 29.00
C LEU N 287 37.59 -30.11 28.86
N LEU N 288 37.60 -31.07 27.94
CA LEU N 288 38.80 -31.88 27.69
C LEU N 288 39.82 -31.17 26.81
N ARG N 289 39.68 -29.85 26.66
CA ARG N 289 40.60 -29.03 25.87
C ARG N 289 40.67 -29.48 24.41
N ARG N 290 39.63 -30.14 23.93
CA ARG N 290 39.56 -30.51 22.53
C ARG N 290 39.34 -29.25 21.69
N PRO N 291 40.03 -29.11 20.56
CA PRO N 291 39.76 -27.98 19.67
C PRO N 291 38.33 -28.01 19.17
N PRO N 292 37.69 -26.86 19.04
CA PRO N 292 36.27 -26.81 18.69
C PRO N 292 36.06 -26.96 17.20
N GLY N 293 34.79 -26.85 16.80
CA GLY N 293 34.43 -26.92 15.40
C GLY N 293 33.37 -25.90 15.04
N ARG N 294 32.59 -26.17 14.00
CA ARG N 294 31.53 -25.26 13.59
C ARG N 294 30.48 -25.17 14.70
N GLU N 295 30.20 -23.94 15.13
CA GLU N 295 29.34 -23.67 16.29
C GLU N 295 29.85 -24.36 17.54
N ALA N 296 31.15 -24.65 17.59
CA ALA N 296 31.84 -25.26 18.72
C ALA N 296 31.42 -26.70 18.99
N PHE N 297 30.58 -27.29 18.15
CA PHE N 297 30.37 -28.72 18.29
C PHE N 297 31.61 -29.49 17.86
N PRO N 298 31.87 -30.64 18.47
CA PRO N 298 32.94 -31.51 17.98
C PRO N 298 32.60 -32.07 16.62
N GLY N 299 33.64 -32.44 15.86
CA GLY N 299 33.45 -32.87 14.50
C GLY N 299 32.71 -34.19 14.36
N ASP N 300 32.98 -35.14 15.25
CA ASP N 300 32.49 -36.51 15.10
C ASP N 300 31.11 -36.73 15.69
N VAL N 301 30.39 -35.65 16.01
CA VAL N 301 29.13 -35.79 16.75
C VAL N 301 28.14 -36.63 15.96
N PHE N 302 27.98 -36.35 14.67
CA PHE N 302 27.09 -37.16 13.84
C PHE N 302 27.55 -38.61 13.85
N TYR N 303 28.87 -38.82 13.82
CA TYR N 303 29.41 -40.17 13.95
C TYR N 303 28.85 -40.85 15.19
N LEU N 304 28.93 -40.17 16.34
CA LEU N 304 28.31 -40.69 17.54
C LEU N 304 26.83 -40.93 17.30
N HIS N 305 26.13 -39.94 16.75
CA HIS N 305 24.74 -40.15 16.39
C HIS N 305 24.59 -41.28 15.40
N SER N 306 25.47 -41.33 14.39
CA SER N 306 25.42 -42.45 13.48
C SER N 306 25.62 -43.75 14.25
N ARG N 307 26.62 -43.79 15.15
CA ARG N 307 26.88 -45.02 15.87
C ARG N 307 25.75 -45.39 16.80
N LEU N 308 24.82 -44.48 17.05
CA LEU N 308 23.68 -44.86 17.89
C LEU N 308 22.60 -45.56 17.09
N LEU N 309 22.52 -45.35 15.77
CA LEU N 309 21.31 -45.69 15.05
C LEU N 309 21.40 -46.91 14.14
N GLU N 310 22.60 -47.39 13.78
CA GLU N 310 22.62 -48.39 12.72
C GLU N 310 21.99 -49.69 13.20
N ARG N 311 22.15 -49.99 14.48
CA ARG N 311 21.79 -51.30 15.01
C ARG N 311 20.31 -51.58 14.80
N CYS N 312 19.52 -50.55 14.59
CA CYS N 312 18.12 -50.73 14.32
C CYS N 312 17.93 -51.28 12.90
N ALA N 313 17.63 -52.56 12.83
CA ALA N 313 17.42 -53.24 11.56
C ALA N 313 16.67 -54.53 11.87
N LYS N 314 16.33 -55.28 10.83
CA LYS N 314 15.63 -56.54 10.95
C LYS N 314 16.55 -57.66 10.50
N LEU N 315 16.69 -58.68 11.34
CA LEU N 315 17.56 -59.79 11.05
C LEU N 315 16.97 -60.67 9.95
N SER N 316 17.83 -61.51 9.37
CA SER N 316 17.36 -62.53 8.46
C SER N 316 16.80 -63.72 9.25
N ASP N 317 16.17 -64.64 8.51
CA ASP N 317 15.47 -65.74 9.16
C ASP N 317 16.40 -66.61 9.99
N GLU N 318 17.67 -66.69 9.61
CA GLU N 318 18.59 -67.61 10.27
C GLU N 318 18.78 -67.28 11.74
N LEU N 319 18.86 -66.00 12.08
CA LEU N 319 19.08 -65.59 13.46
C LEU N 319 17.80 -65.22 14.18
N GLY N 320 16.65 -65.35 13.54
CA GLY N 320 15.38 -65.07 14.17
C GLY N 320 14.59 -64.00 13.43
N GLY N 321 13.31 -63.92 13.78
CA GLY N 321 12.43 -62.94 13.19
C GLY N 321 12.29 -61.68 14.00
N GLY N 322 13.21 -61.42 14.93
CA GLY N 322 13.13 -60.20 15.72
C GLY N 322 13.22 -58.97 14.83
N SER N 323 12.47 -57.94 15.21
CA SER N 323 12.43 -56.69 14.47
C SER N 323 12.72 -55.52 15.42
N MET N 324 13.37 -54.49 14.88
CA MET N 324 13.80 -53.34 15.65
C MET N 324 13.15 -52.04 15.18
N THR N 325 12.70 -51.23 16.14
CA THR N 325 12.16 -49.93 15.83
C THR N 325 12.55 -48.94 16.93
N GLY N 326 12.70 -47.68 16.53
CA GLY N 326 13.00 -46.62 17.48
C GLY N 326 12.49 -45.32 16.94
N LEU N 327 12.05 -44.44 17.83
CA LEU N 327 11.39 -43.19 17.46
C LEU N 327 12.08 -42.04 18.19
N PRO N 328 13.28 -41.68 17.77
CA PRO N 328 13.95 -40.52 18.36
C PRO N 328 13.20 -39.25 18.00
N ILE N 329 13.25 -38.28 18.91
CA ILE N 329 12.56 -37.01 18.76
C ILE N 329 13.60 -35.90 18.76
N ILE N 330 13.50 -34.99 17.80
CA ILE N 330 14.42 -33.87 17.67
C ILE N 330 13.64 -32.57 17.87
N GLU N 331 14.16 -31.71 18.72
CA GLU N 331 13.52 -30.44 18.99
C GLU N 331 13.90 -29.42 17.92
N THR N 332 13.15 -28.32 17.87
CA THR N 332 13.46 -27.24 16.94
C THR N 332 12.93 -25.94 17.52
N LYS N 333 13.49 -24.84 17.03
CA LYS N 333 13.12 -23.50 17.47
C LYS N 333 12.58 -22.71 16.29
N ALA N 334 11.37 -22.17 16.43
CA ALA N 334 10.73 -21.33 15.42
C ALA N 334 10.59 -22.05 14.08
N ASN N 335 10.45 -23.37 14.12
CA ASN N 335 10.33 -24.20 12.92
C ASN N 335 11.47 -23.93 11.95
N ASP N 336 12.68 -23.84 12.50
CA ASP N 336 13.88 -23.53 11.73
C ASP N 336 14.50 -24.82 11.22
N ILE N 337 14.97 -24.78 9.97
CA ILE N 337 15.58 -25.96 9.35
C ILE N 337 17.05 -25.73 9.01
N SER N 338 17.46 -24.48 8.81
CA SER N 338 18.85 -24.20 8.40
C SER N 338 19.86 -24.66 9.45
N ALA N 339 19.44 -24.88 10.69
CA ALA N 339 20.34 -25.43 11.69
C ALA N 339 20.87 -26.79 11.23
N PHE N 340 22.17 -27.01 11.43
CA PHE N 340 22.80 -28.19 10.89
C PHE N 340 22.50 -29.45 11.68
N ILE N 341 22.08 -29.32 12.94
CA ILE N 341 21.68 -30.50 13.71
C ILE N 341 20.48 -31.21 13.08
N PRO N 342 19.39 -30.51 12.74
CA PRO N 342 18.30 -31.20 12.02
C PRO N 342 18.74 -31.79 10.69
N THR N 343 19.60 -31.09 9.94
CA THR N 343 20.06 -31.63 8.67
C THR N 343 20.83 -32.92 8.87
N ASN N 344 21.70 -32.95 9.89
CA ASN N 344 22.48 -34.14 10.17
C ASN N 344 21.58 -35.29 10.59
N VAL N 345 20.57 -35.01 11.42
CA VAL N 345 19.73 -36.09 11.91
C VAL N 345 18.70 -36.57 10.88
N ILE N 346 18.34 -35.73 9.90
CA ILE N 346 17.36 -36.13 8.90
C ILE N 346 17.95 -37.15 7.94
N SER N 347 19.21 -36.97 7.55
CA SER N 347 19.78 -37.76 6.47
C SER N 347 19.86 -39.25 6.80
N ILE N 348 19.72 -39.64 8.06
CA ILE N 348 19.96 -41.02 8.46
C ILE N 348 18.72 -41.62 9.11
N THR N 349 17.54 -41.18 8.69
CA THR N 349 16.28 -41.76 9.15
C THR N 349 15.52 -42.37 7.99
N ASP N 350 14.57 -43.24 8.33
CA ASP N 350 13.73 -43.90 7.33
C ASP N 350 12.34 -43.27 7.24
N GLY N 351 12.25 -41.97 7.41
CA GLY N 351 10.98 -41.26 7.31
C GLY N 351 10.91 -40.17 8.37
N GLN N 352 10.05 -39.20 8.12
CA GLN N 352 9.87 -38.09 9.05
C GLN N 352 8.49 -37.49 8.86
N CYS N 353 8.06 -36.75 9.88
CA CYS N 353 6.83 -35.98 9.82
C CYS N 353 7.10 -34.59 10.37
N PHE N 354 6.28 -33.63 9.98
CA PHE N 354 6.46 -32.24 10.38
C PHE N 354 5.21 -31.76 11.11
N LEU N 355 5.42 -31.00 12.19
CA LEU N 355 4.34 -30.43 12.98
C LEU N 355 4.59 -28.94 13.13
N GLU N 356 3.55 -28.15 12.89
CA GLU N 356 3.64 -26.69 12.99
C GLU N 356 2.62 -26.18 13.99
N SER N 357 3.05 -25.22 14.81
CA SER N 357 2.11 -24.57 15.72
C SER N 357 0.99 -23.86 14.97
N ASP N 358 1.26 -23.48 13.71
CA ASP N 358 0.20 -22.92 12.88
C ASP N 358 -0.92 -23.95 12.68
N LEU N 359 -0.56 -25.20 12.44
CA LEU N 359 -1.57 -26.25 12.31
C LEU N 359 -2.31 -26.46 13.64
N PHE N 360 -1.56 -26.47 14.75
CA PHE N 360 -2.18 -26.73 16.05
C PHE N 360 -3.18 -25.64 16.40
N ASN N 361 -2.82 -24.38 16.20
CA ASN N 361 -3.73 -23.28 16.49
C ASN N 361 -4.77 -23.10 15.39
N GLN N 362 -4.55 -23.71 14.23
CA GLN N 362 -5.57 -23.73 13.19
C GLN N 362 -6.80 -24.50 13.64
N GLY N 363 -6.60 -25.63 14.31
CA GLY N 363 -7.70 -26.44 14.78
C GLY N 363 -7.43 -27.92 14.63
N VAL N 364 -6.37 -28.26 13.90
CA VAL N 364 -6.01 -29.66 13.69
C VAL N 364 -5.27 -30.14 14.94
N ARG N 365 -5.90 -31.06 15.68
CA ARG N 365 -5.27 -31.57 16.90
C ARG N 365 -3.96 -32.29 16.63
N PRO N 366 -3.86 -33.24 15.70
CA PRO N 366 -2.54 -33.82 15.40
C PRO N 366 -1.54 -32.80 14.90
N ALA N 367 -2.00 -31.85 14.08
CA ALA N 367 -1.16 -30.75 13.58
C ALA N 367 0.08 -31.25 12.83
N ILE N 368 -0.04 -32.38 12.15
CA ILE N 368 1.07 -32.95 11.37
C ILE N 368 1.03 -32.37 9.96
N ASN N 369 2.19 -32.03 9.43
CA ASN N 369 2.31 -31.45 8.09
C ASN N 369 2.41 -32.58 7.07
N VAL N 370 1.31 -32.81 6.34
CA VAL N 370 1.33 -33.81 5.29
C VAL N 370 1.94 -33.29 4.00
N GLY N 371 2.15 -31.98 3.91
CA GLY N 371 2.75 -31.42 2.70
C GLY N 371 4.18 -31.88 2.49
N VAL N 372 4.92 -32.06 3.58
CA VAL N 372 6.31 -32.48 3.50
C VAL N 372 6.51 -33.92 3.95
N SER N 373 5.62 -34.47 4.77
CA SER N 373 5.82 -35.80 5.34
C SER N 373 5.92 -36.85 4.24
N VAL N 374 6.82 -37.82 4.46
CA VAL N 374 7.01 -38.91 3.52
C VAL N 374 7.63 -40.08 4.28
N SER N 375 7.35 -41.30 3.81
CA SER N 375 7.88 -42.51 4.42
C SER N 375 8.68 -43.28 3.38
N ARG N 376 9.85 -43.78 3.80
CA ARG N 376 10.78 -44.40 2.86
C ARG N 376 10.26 -45.75 2.36
N VAL N 377 9.79 -46.59 3.27
CA VAL N 377 9.46 -47.98 2.90
C VAL N 377 8.28 -48.01 1.93
N GLY N 378 7.23 -47.26 2.25
CA GLY N 378 6.04 -47.25 1.41
C GLY N 378 4.91 -48.11 1.95
N GLY N 379 3.98 -48.47 1.07
CA GLY N 379 2.78 -49.19 1.47
C GLY N 379 2.92 -50.66 1.71
N ALA N 380 4.12 -51.22 1.52
CA ALA N 380 4.31 -52.64 1.81
C ALA N 380 4.12 -52.95 3.29
N ALA N 381 4.32 -51.96 4.16
CA ALA N 381 4.08 -52.16 5.58
C ALA N 381 2.60 -52.29 5.89
N GLN N 382 1.78 -51.38 5.36
CA GLN N 382 0.36 -51.38 5.67
C GLN N 382 -0.32 -52.57 5.02
N ILE N 383 -1.49 -52.93 5.56
CA ILE N 383 -2.20 -54.11 5.08
C ILE N 383 -2.67 -53.88 3.65
N LYS N 384 -2.80 -54.99 2.91
CA LYS N 384 -3.19 -54.91 1.50
C LYS N 384 -4.56 -54.26 1.34
N ALA N 385 -5.47 -54.52 2.28
CA ALA N 385 -6.79 -53.90 2.21
C ALA N 385 -6.70 -52.38 2.32
N MET N 386 -5.80 -51.89 3.17
CA MET N 386 -5.64 -50.45 3.33
C MET N 386 -5.16 -49.81 2.03
N LYS N 387 -4.16 -50.42 1.39
CA LYS N 387 -3.64 -49.88 0.14
C LYS N 387 -4.65 -50.01 -0.99
N GLU N 388 -5.51 -51.03 -0.94
CA GLU N 388 -6.57 -51.14 -1.93
C GLU N 388 -7.60 -50.02 -1.75
N VAL N 389 -8.06 -49.84 -0.52
CA VAL N 389 -9.08 -48.83 -0.25
C VAL N 389 -8.50 -47.42 -0.40
N ALA N 390 -7.29 -47.21 0.12
CA ALA N 390 -6.68 -45.90 0.15
C ALA N 390 -5.38 -45.91 -0.64
N GLY N 391 -5.17 -44.85 -1.42
CA GLY N 391 -3.96 -44.69 -2.20
C GLY N 391 -3.93 -43.35 -2.89
N SER N 392 -2.75 -42.72 -2.94
CA SER N 392 -2.56 -41.41 -3.57
C SER N 392 -3.42 -40.32 -2.93
N LEU N 393 -3.88 -40.56 -1.69
CA LEU N 393 -4.73 -39.58 -1.01
C LEU N 393 -3.92 -38.39 -0.51
N ARG N 394 -2.66 -38.60 -0.13
CA ARG N 394 -1.81 -37.47 0.23
C ARG N 394 -1.67 -36.51 -0.94
N LEU N 395 -1.58 -37.05 -2.16
CA LEU N 395 -1.54 -36.20 -3.34
C LEU N 395 -2.83 -35.41 -3.48
N ASP N 396 -3.97 -36.05 -3.23
CA ASP N 396 -5.25 -35.36 -3.32
C ASP N 396 -5.32 -34.20 -2.33
N LEU N 397 -4.89 -34.44 -1.09
CA LEU N 397 -4.91 -33.38 -0.09
C LEU N 397 -3.92 -32.27 -0.41
N SER N 398 -2.75 -32.64 -0.94
CA SER N 398 -1.78 -31.62 -1.33
C SER N 398 -2.35 -30.73 -2.43
N GLN N 399 -3.01 -31.35 -3.43
CA GLN N 399 -3.64 -30.56 -4.48
C GLN N 399 -4.76 -29.70 -3.92
N TYR N 400 -5.52 -30.23 -2.97
CA TYR N 400 -6.61 -29.47 -2.35
C TYR N 400 -6.07 -28.24 -1.64
N ARG N 401 -5.01 -28.40 -0.85
CA ARG N 401 -4.42 -27.26 -0.15
C ARG N 401 -3.79 -26.28 -1.15
N GLU N 402 -3.16 -26.80 -2.19
CA GLU N 402 -2.60 -25.93 -3.22
C GLU N 402 -3.68 -25.07 -3.85
N LEU N 403 -4.81 -25.68 -4.21
CA LEU N 403 -5.87 -24.93 -4.87
C LEU N 403 -6.58 -24.01 -3.88
N GLU N 404 -6.63 -24.38 -2.60
CA GLU N 404 -7.14 -23.45 -1.60
C GLU N 404 -6.26 -22.22 -1.50
N ALA N 405 -4.94 -22.40 -1.53
CA ALA N 405 -4.03 -21.27 -1.43
C ALA N 405 -4.08 -20.40 -2.68
N PHE N 406 -4.04 -21.02 -3.86
CA PHE N 406 -4.02 -20.25 -5.10
C PHE N 406 -5.38 -19.64 -5.43
N ALA N 407 -6.47 -20.26 -5.00
CA ALA N 407 -7.81 -19.80 -5.32
C ALA N 407 -8.54 -19.21 -4.11
N ALA N 408 -7.81 -18.83 -3.07
CA ALA N 408 -8.45 -18.24 -1.90
C ALA N 408 -9.19 -16.96 -2.26
N PHE N 409 -8.72 -16.25 -3.28
CA PHE N 409 -9.37 -15.02 -3.76
C PHE N 409 -9.90 -15.19 -5.18
N ALA N 410 -10.39 -16.38 -5.50
CA ALA N 410 -10.92 -16.64 -6.83
C ALA N 410 -12.16 -15.79 -7.09
N SER N 411 -12.23 -15.22 -8.30
CA SER N 411 -13.40 -14.46 -8.68
C SER N 411 -14.62 -15.35 -8.86
N ASP N 412 -14.46 -16.44 -9.61
CA ASP N 412 -15.52 -17.42 -9.82
C ASP N 412 -14.93 -18.81 -9.70
N LEU N 413 -15.76 -19.74 -9.24
CA LEU N 413 -15.34 -21.12 -9.00
C LEU N 413 -16.02 -22.03 -10.01
N ASP N 414 -15.23 -22.79 -10.74
CA ASP N 414 -15.76 -23.73 -11.71
C ASP N 414 -16.40 -24.92 -11.00
N ALA N 415 -17.19 -25.69 -11.76
CA ALA N 415 -17.87 -26.85 -11.19
C ALA N 415 -16.85 -27.88 -10.68
N ALA N 416 -15.81 -28.15 -11.46
CA ALA N 416 -14.75 -29.03 -11.00
C ALA N 416 -14.04 -28.45 -9.78
N SER N 417 -13.77 -27.14 -9.82
CA SER N 417 -13.11 -26.49 -8.69
C SER N 417 -14.00 -26.55 -7.44
N LYS N 418 -15.29 -26.28 -7.60
CA LYS N 418 -16.19 -26.31 -6.44
C LYS N 418 -16.32 -27.72 -5.88
N ALA N 419 -16.42 -28.72 -6.76
CA ALA N 419 -16.51 -30.10 -6.29
C ALA N 419 -15.24 -30.51 -5.56
N GLN N 420 -14.07 -30.09 -6.07
CA GLN N 420 -12.82 -30.41 -5.39
C GLN N 420 -12.71 -29.70 -4.05
N LEU N 421 -13.20 -28.45 -3.97
CA LEU N 421 -13.26 -27.76 -2.69
C LEU N 421 -14.12 -28.54 -1.70
N ASP N 422 -15.28 -29.00 -2.14
CA ASP N 422 -16.17 -29.75 -1.26
C ASP N 422 -15.50 -31.04 -0.79
N ARG N 423 -14.88 -31.77 -1.72
CA ARG N 423 -14.23 -33.03 -1.37
C ARG N 423 -13.11 -32.79 -0.37
N GLY N 424 -12.29 -31.77 -0.61
CA GLY N 424 -11.21 -31.47 0.31
C GLY N 424 -11.71 -31.05 1.68
N ALA N 425 -12.80 -30.28 1.70
CA ALA N 425 -13.39 -29.90 3.00
C ALA N 425 -13.82 -31.12 3.78
N ARG N 426 -14.54 -32.04 3.12
CA ARG N 426 -14.99 -33.24 3.82
C ARG N 426 -13.80 -34.07 4.29
N LEU N 427 -12.79 -34.23 3.45
CA LEU N 427 -11.64 -35.06 3.82
C LEU N 427 -10.87 -34.45 4.98
N VAL N 428 -10.62 -33.14 4.94
CA VAL N 428 -9.89 -32.50 6.03
C VAL N 428 -10.72 -32.52 7.30
N GLU N 429 -12.05 -32.51 7.19
CA GLU N 429 -12.87 -32.57 8.39
C GLU N 429 -12.86 -33.97 9.00
N LEU N 430 -12.90 -35.01 8.17
CA LEU N 430 -12.96 -36.37 8.68
C LEU N 430 -11.63 -36.84 9.25
N LEU N 431 -10.52 -36.28 8.79
CA LEU N 431 -9.21 -36.73 9.27
C LEU N 431 -8.96 -36.37 10.74
N LYS N 432 -9.78 -35.51 11.33
CA LYS N 432 -9.62 -35.13 12.72
C LYS N 432 -9.91 -36.30 13.64
N GLN N 433 -9.08 -36.46 14.66
CA GLN N 433 -9.28 -37.45 15.71
C GLN N 433 -8.80 -36.84 17.02
N PRO N 434 -9.55 -36.99 18.11
CA PRO N 434 -9.15 -36.41 19.39
C PRO N 434 -8.12 -37.28 20.10
N GLN N 435 -7.54 -36.70 21.15
CA GLN N 435 -6.55 -37.39 21.96
C GLN N 435 -7.19 -38.52 22.77
N TYR N 436 -6.35 -39.48 23.16
CA TYR N 436 -6.77 -40.62 23.97
C TYR N 436 -7.93 -41.36 23.31
N SER N 437 -7.82 -41.56 22.00
CA SER N 437 -8.87 -42.17 21.19
C SER N 437 -8.27 -43.35 20.45
N PRO N 438 -8.15 -44.51 21.10
CA PRO N 438 -7.64 -45.70 20.41
C PRO N 438 -8.57 -46.11 19.29
N LEU N 439 -7.99 -46.67 18.22
CA LEU N 439 -8.76 -47.02 17.04
C LEU N 439 -8.13 -48.22 16.37
N ALA N 440 -8.97 -49.14 15.90
CA ALA N 440 -8.52 -50.37 15.27
C ALA N 440 -8.55 -50.25 13.75
N VAL N 441 -7.93 -51.23 13.10
CA VAL N 441 -7.71 -51.15 11.66
C VAL N 441 -9.03 -51.26 10.89
N GLU N 442 -9.93 -52.13 11.34
CA GLU N 442 -11.19 -52.32 10.62
C GLU N 442 -12.01 -51.05 10.61
N GLU N 443 -12.15 -50.40 11.77
CA GLU N 443 -12.90 -49.16 11.84
C GLU N 443 -12.25 -48.07 11.00
N GLN N 444 -10.92 -48.01 11.01
CA GLN N 444 -10.21 -46.99 10.25
C GLN N 444 -10.43 -47.19 8.74
N VAL N 445 -10.32 -48.44 8.28
CA VAL N 445 -10.52 -48.69 6.86
C VAL N 445 -11.97 -48.46 6.47
N VAL N 446 -12.91 -48.75 7.37
CA VAL N 446 -14.31 -48.44 7.11
C VAL N 446 -14.50 -46.93 6.94
N ALA N 447 -13.91 -46.16 7.85
CA ALA N 447 -14.05 -44.70 7.79
C ALA N 447 -13.45 -44.15 6.51
N ILE N 448 -12.27 -44.63 6.12
CA ILE N 448 -11.66 -44.11 4.91
C ILE N 448 -12.45 -44.54 3.67
N PHE N 449 -13.04 -45.73 3.69
CA PHE N 449 -13.87 -46.16 2.57
C PHE N 449 -15.11 -45.28 2.44
N LEU N 450 -15.72 -44.93 3.58
CA LEU N 450 -16.83 -43.99 3.55
C LEU N 450 -16.40 -42.61 3.03
N GLY N 451 -15.23 -42.14 3.46
CA GLY N 451 -14.79 -40.82 3.04
C GLY N 451 -14.47 -40.75 1.56
N THR N 452 -13.78 -41.74 1.03
CA THR N 452 -13.24 -41.66 -0.32
C THR N 452 -14.30 -41.81 -1.42
N GLN N 453 -15.44 -42.43 -1.13
CA GLN N 453 -16.42 -42.72 -2.15
C GLN N 453 -17.47 -41.63 -2.28
N GLY N 454 -17.36 -40.55 -1.52
CA GLY N 454 -18.33 -39.48 -1.61
C GLY N 454 -19.70 -39.83 -1.10
N HIS N 455 -19.81 -40.80 -0.19
CA HIS N 455 -21.10 -41.16 0.36
C HIS N 455 -21.66 -40.10 1.30
N LEU N 456 -20.82 -39.18 1.77
CA LEU N 456 -21.22 -38.20 2.78
C LEU N 456 -21.30 -36.79 2.21
N ASP N 457 -21.41 -36.66 0.89
CA ASP N 457 -21.36 -35.34 0.27
C ASP N 457 -22.51 -34.46 0.75
N SER N 458 -23.71 -35.02 0.86
CA SER N 458 -24.85 -34.24 1.31
C SER N 458 -24.73 -33.80 2.75
N VAL N 459 -23.88 -34.46 3.55
CA VAL N 459 -23.77 -34.14 4.96
C VAL N 459 -23.15 -32.76 5.12
N PRO N 460 -23.75 -31.86 5.91
CA PRO N 460 -23.12 -30.56 6.16
C PRO N 460 -21.84 -30.74 6.95
N VAL N 461 -20.93 -29.77 6.77
CA VAL N 461 -19.57 -29.91 7.30
C VAL N 461 -19.59 -30.06 8.81
N GLU N 462 -20.34 -29.20 9.49
CA GLU N 462 -20.39 -29.25 10.96
C GLU N 462 -20.93 -30.56 11.48
N ASP N 463 -21.73 -31.26 10.68
CA ASP N 463 -22.29 -32.55 11.07
C ASP N 463 -21.49 -33.74 10.54
N VAL N 464 -20.39 -33.49 9.84
CA VAL N 464 -19.62 -34.61 9.28
C VAL N 464 -19.02 -35.46 10.39
N GLN N 465 -18.44 -34.81 11.41
CA GLN N 465 -17.74 -35.55 12.46
C GLN N 465 -18.70 -36.38 13.28
N ARG N 466 -19.67 -35.71 13.94
CA ARG N 466 -20.57 -36.40 14.86
C ARG N 466 -21.24 -37.60 14.20
N PHE N 467 -21.76 -37.40 12.99
CA PHE N 467 -22.44 -38.48 12.27
C PHE N 467 -21.55 -39.71 12.16
N GLU N 468 -20.27 -39.50 11.84
CA GLU N 468 -19.35 -40.62 11.77
C GLU N 468 -19.31 -41.38 13.09
N SER N 469 -19.15 -40.65 14.19
CA SER N 469 -19.15 -41.29 15.50
C SER N 469 -20.42 -42.09 15.75
N GLU N 470 -21.53 -41.68 15.12
CA GLU N 470 -22.76 -42.46 15.26
C GLU N 470 -22.68 -43.77 14.49
N LEU N 471 -22.23 -43.71 13.23
CA LEU N 471 -22.32 -44.90 12.39
C LEU N 471 -21.44 -46.03 12.93
N LEU N 472 -20.25 -45.67 13.40
CA LEU N 472 -19.35 -46.66 13.99
C LEU N 472 -20.01 -47.39 15.15
N GLU N 473 -20.95 -46.74 15.83
CA GLU N 473 -21.69 -47.43 16.88
C GLU N 473 -22.67 -48.44 16.31
N HIS N 474 -23.42 -48.06 15.27
CA HIS N 474 -24.50 -48.93 14.80
C HIS N 474 -23.97 -50.24 14.27
N VAL N 475 -22.88 -50.20 13.51
CA VAL N 475 -22.31 -51.43 12.96
C VAL N 475 -21.80 -52.33 14.08
N LYS N 476 -21.49 -51.75 15.24
CA LYS N 476 -21.08 -52.55 16.38
C LYS N 476 -22.16 -53.53 16.83
N ALA N 477 -23.43 -53.16 16.68
CA ALA N 477 -24.53 -54.04 17.09
C ALA N 477 -25.17 -54.79 15.94
N SER N 478 -25.03 -54.31 14.71
CA SER N 478 -25.65 -54.94 13.56
C SER N 478 -24.59 -55.24 12.50
N HIS N 479 -24.65 -56.46 11.94
CA HIS N 479 -23.73 -56.90 10.90
C HIS N 479 -22.27 -56.84 11.36
N SER N 480 -22.05 -57.13 12.65
CA SER N 480 -20.69 -57.08 13.18
C SER N 480 -19.82 -58.19 12.59
N ASP N 481 -20.44 -59.25 12.08
CA ASP N 481 -19.70 -60.36 11.50
C ASP N 481 -18.73 -59.90 10.42
N ILE N 482 -19.10 -58.85 9.67
CA ILE N 482 -18.24 -58.34 8.61
C ILE N 482 -16.87 -57.99 9.17
N PHE N 483 -16.84 -57.32 10.34
CA PHE N 483 -15.57 -57.01 10.98
C PHE N 483 -14.76 -58.28 11.19
N ASP N 484 -15.42 -59.32 11.73
CA ASP N 484 -14.76 -60.61 11.88
C ASP N 484 -14.14 -61.06 10.57
N GLY N 485 -14.91 -60.94 9.48
CA GLY N 485 -14.39 -61.33 8.18
C GLY N 485 -13.11 -60.59 7.83
N ILE N 486 -13.06 -59.29 8.10
CA ILE N 486 -11.83 -58.54 7.87
C ILE N 486 -10.69 -59.13 8.69
N ARG N 487 -10.95 -59.36 9.98
CA ARG N 487 -9.93 -59.94 10.83
C ARG N 487 -9.58 -61.36 10.41
N GLU N 488 -10.44 -62.00 9.61
CA GLU N 488 -10.15 -63.32 9.06
C GLU N 488 -9.62 -63.29 7.65
N THR N 489 -9.64 -62.13 6.98
CA THR N 489 -9.22 -62.09 5.59
C THR N 489 -8.18 -61.01 5.33
N LYS N 490 -8.25 -59.92 6.10
CA LYS N 490 -7.40 -58.75 5.88
C LYS N 490 -7.54 -58.21 4.46
N LYS N 491 -8.76 -58.26 3.93
CA LYS N 491 -9.06 -57.78 2.58
C LYS N 491 -10.56 -57.61 2.47
N LEU N 492 -11.00 -57.15 1.30
CA LEU N 492 -12.41 -56.85 1.04
C LEU N 492 -12.98 -57.79 -0.02
N SER N 493 -14.24 -58.13 0.16
CA SER N 493 -15.00 -58.92 -0.81
C SER N 493 -16.15 -58.09 -1.36
N GLU N 494 -16.63 -58.49 -2.54
CA GLU N 494 -17.71 -57.75 -3.19
C GLU N 494 -18.98 -57.81 -2.35
N GLU N 495 -19.33 -58.98 -1.82
CA GLU N 495 -20.54 -59.12 -1.02
C GLU N 495 -20.45 -58.31 0.26
N ALA N 496 -19.28 -58.31 0.90
CA ALA N 496 -19.10 -57.49 2.09
C ALA N 496 -19.32 -56.02 1.80
N GLU N 497 -18.76 -55.53 0.69
CA GLU N 497 -18.95 -54.14 0.31
C GLU N 497 -20.40 -53.84 -0.02
N GLU N 498 -21.08 -54.77 -0.67
CA GLU N 498 -22.49 -54.56 -0.98
C GLU N 498 -23.33 -54.46 0.28
N LYS N 499 -23.09 -55.35 1.25
CA LYS N 499 -23.81 -55.29 2.51
C LYS N 499 -23.49 -54.00 3.26
N LEU N 500 -22.22 -53.60 3.26
CA LEU N 500 -21.83 -52.37 3.94
C LEU N 500 -22.52 -51.16 3.32
N VAL N 501 -22.53 -51.06 1.99
CA VAL N 501 -23.16 -49.91 1.36
C VAL N 501 -24.67 -49.95 1.54
N SER N 502 -25.27 -51.14 1.58
CA SER N 502 -26.70 -51.22 1.85
C SER N 502 -27.02 -50.72 3.26
N VAL N 503 -26.22 -51.11 4.25
CA VAL N 503 -26.43 -50.63 5.61
C VAL N 503 -26.21 -49.12 5.66
N ILE N 504 -25.22 -48.63 4.91
CA ILE N 504 -24.97 -47.19 4.84
C ILE N 504 -26.21 -46.47 4.31
N ASN N 505 -26.77 -46.97 3.22
CA ASN N 505 -27.96 -46.33 2.65
C ASN N 505 -29.13 -46.37 3.62
N GLU N 506 -29.36 -47.52 4.26
CA GLU N 506 -30.48 -47.65 5.18
C GLU N 506 -30.33 -46.69 6.36
N PHE N 507 -29.14 -46.62 6.94
CA PHE N 507 -28.92 -45.74 8.08
C PHE N 507 -29.01 -44.27 7.69
N LYS N 508 -28.36 -43.88 6.58
CA LYS N 508 -28.40 -42.48 6.16
C LYS N 508 -29.81 -42.07 5.76
N LYS N 509 -30.63 -43.02 5.32
CA LYS N 509 -32.04 -42.71 5.12
C LYS N 509 -32.76 -42.54 6.45
N GLY N 510 -32.50 -43.44 7.39
CA GLY N 510 -33.09 -43.30 8.72
C GLY N 510 -32.57 -42.09 9.46
N PHE N 511 -31.29 -41.76 9.27
CA PHE N 511 -30.69 -40.63 9.96
C PHE N 511 -31.31 -39.32 9.49
N GLN N 512 -31.30 -38.34 10.39
CA GLN N 512 -31.85 -37.02 10.12
C GLN N 512 -30.76 -35.97 10.27
N ALA N 513 -30.82 -34.95 9.42
CA ALA N 513 -29.89 -33.83 9.48
C ALA N 513 -30.44 -32.77 10.42
N SER N 514 -29.71 -32.48 11.48
CA SER N 514 -30.16 -31.50 12.47
C SER N 514 -30.01 -30.07 11.98
N ASP N 515 -29.34 -29.84 10.86
CA ASP N 515 -29.10 -28.51 10.33
C ASP N 515 -29.60 -28.44 8.90
N GLY N 516 -30.06 -27.26 8.51
CA GLY N 516 -30.53 -27.03 7.16
C GLY N 516 -32.04 -27.04 7.01
N GLU N 531 -33.97 17.33 1.74
CA GLU N 531 -33.46 15.99 1.44
C GLU N 531 -32.71 15.97 0.11
N ASP N 532 -32.00 14.88 -0.13
CA ASP N 532 -31.27 14.66 -1.37
C ASP N 532 -32.08 13.88 -2.41
N LEU N 533 -33.36 13.63 -2.12
CA LEU N 533 -34.24 12.89 -3.03
C LEU N 533 -34.67 13.84 -4.15
N GLU N 534 -33.90 13.85 -5.23
CA GLU N 534 -34.23 14.67 -6.39
C GLU N 534 -35.51 14.18 -7.04
N LYS N 535 -36.34 15.12 -7.47
CA LYS N 535 -37.59 14.82 -8.17
C LYS N 535 -37.52 15.37 -9.59
N GLU N 536 -37.89 14.53 -10.55
CA GLU N 536 -37.85 14.88 -11.96
C GLU N 536 -39.25 15.25 -12.42
N SER N 537 -39.39 16.45 -12.98
CA SER N 537 -40.70 16.97 -13.35
C SER N 537 -40.72 17.39 -14.82
N VAL N 538 -41.82 18.04 -15.20
CA VAL N 538 -42.10 18.40 -16.59
C VAL N 538 -42.14 19.93 -16.70
N LYS N 539 -41.79 20.44 -17.87
CA LYS N 539 -41.69 21.87 -18.12
C LYS N 539 -42.81 22.30 -19.06
N VAL N 540 -43.77 23.05 -18.55
CA VAL N 540 -44.94 23.47 -19.32
C VAL N 540 -44.96 24.99 -19.38
N ARG N 541 -45.01 25.54 -20.60
CA ARG N 541 -45.02 26.98 -20.81
C ARG N 541 -46.31 27.63 -20.33
N LYS N 542 -47.33 26.86 -20.01
CA LYS N 542 -48.63 27.43 -19.65
C LYS N 542 -48.50 28.27 -18.38
N PRO N 543 -49.22 29.39 -18.29
CA PRO N 543 -49.17 30.19 -17.06
C PRO N 543 -49.69 29.41 -15.86
N ALA N 544 -49.14 29.72 -14.70
CA ALA N 544 -49.49 29.00 -13.48
C ALA N 544 -50.94 29.27 -13.11
N PRO N 545 -51.76 28.22 -12.92
CA PRO N 545 -53.17 28.38 -12.55
C PRO N 545 -53.34 28.91 -11.13
N UNK O 12 93.79 -3.35 26.21
CA UNK O 12 94.00 -4.73 25.79
C UNK O 12 92.71 -5.33 25.26
N UNK O 13 91.65 -4.52 25.23
CA UNK O 13 90.35 -4.97 24.76
C UNK O 13 90.30 -5.02 23.24
N UNK O 14 90.75 -3.95 22.60
CA UNK O 14 90.78 -3.89 21.15
C UNK O 14 91.74 -4.95 20.59
N UNK O 15 92.82 -5.19 21.33
CA UNK O 15 93.79 -6.20 20.94
C UNK O 15 93.17 -7.59 21.02
N UNK O 16 92.42 -7.84 22.10
CA UNK O 16 91.71 -9.10 22.26
C UNK O 16 90.69 -9.27 21.14
N UNK O 17 90.06 -8.16 20.76
CA UNK O 17 89.08 -8.16 19.68
C UNK O 17 89.73 -8.53 18.35
N UNK O 18 90.89 -7.95 18.08
CA UNK O 18 91.63 -8.22 16.86
C UNK O 18 92.11 -9.67 16.84
N UNK O 19 92.46 -10.18 18.02
CA UNK O 19 92.92 -11.57 18.14
C UNK O 19 91.76 -12.55 17.94
N UNK O 20 90.57 -12.13 18.34
CA UNK O 20 89.37 -12.94 18.18
C UNK O 20 88.87 -12.89 16.74
N UNK O 21 89.13 -11.78 16.07
CA UNK O 21 88.69 -11.60 14.69
C UNK O 21 89.43 -12.57 13.78
N UNK O 22 90.70 -12.81 14.08
CA UNK O 22 91.50 -13.74 13.30
C UNK O 22 91.36 -15.15 13.83
N GLU O 29 79.71 -22.94 0.06
CA GLU O 29 79.90 -23.26 1.47
C GLU O 29 78.59 -23.08 2.24
N GLU O 30 77.50 -22.90 1.52
CA GLU O 30 76.19 -22.63 2.10
C GLU O 30 75.26 -23.80 1.81
N ILE O 31 74.49 -24.21 2.82
CA ILE O 31 73.57 -25.32 2.69
C ILE O 31 72.60 -25.29 3.86
N GLY O 32 71.41 -25.90 3.69
CA GLY O 32 70.41 -25.92 4.73
C GLY O 32 69.92 -27.32 5.00
N THR O 33 69.11 -27.44 6.05
CA THR O 33 68.54 -28.70 6.49
C THR O 33 67.02 -28.56 6.63
N VAL O 34 66.29 -29.57 6.19
CA VAL O 34 64.84 -29.59 6.29
C VAL O 34 64.45 -30.24 7.61
N ILE O 35 63.67 -29.52 8.42
CA ILE O 35 63.25 -30.01 9.72
C ILE O 35 61.86 -30.63 9.68
N ASP O 36 60.92 -29.99 9.00
CA ASP O 36 59.56 -30.51 8.91
C ASP O 36 58.94 -30.10 7.60
N ALA O 37 57.91 -30.86 7.20
CA ALA O 37 57.20 -30.60 5.96
C ALA O 37 55.77 -31.12 6.12
N GLY O 38 54.97 -30.90 5.08
CA GLY O 38 53.59 -31.35 5.06
C GLY O 38 52.66 -30.35 4.40
N ASP O 39 51.65 -30.87 3.72
CA ASP O 39 50.62 -30.06 3.06
C ASP O 39 51.22 -29.07 2.08
N GLY O 40 52.30 -29.45 1.41
CA GLY O 40 52.94 -28.59 0.44
C GLY O 40 53.78 -27.49 1.02
N ILE O 41 54.03 -27.49 2.33
CA ILE O 41 54.84 -26.49 3.00
C ILE O 41 55.87 -27.19 3.87
N ALA O 42 57.11 -26.72 3.81
CA ALA O 42 58.20 -27.30 4.56
C ALA O 42 58.96 -26.22 5.31
N HIS O 43 59.60 -26.61 6.40
CA HIS O 43 60.46 -25.74 7.18
C HIS O 43 61.91 -26.13 6.97
N VAL O 44 62.75 -25.17 6.61
CA VAL O 44 64.17 -25.38 6.37
C VAL O 44 64.94 -24.33 7.16
N GLU O 45 66.11 -24.71 7.68
CA GLU O 45 66.93 -23.81 8.47
C GLU O 45 68.39 -23.98 8.10
N GLY O 46 69.17 -22.93 8.36
CA GLY O 46 70.61 -22.97 8.19
C GLY O 46 71.18 -22.00 7.17
N LEU O 47 70.34 -21.28 6.43
CA LEU O 47 70.84 -20.32 5.45
C LEU O 47 71.06 -18.98 6.13
N PRO O 48 72.28 -18.45 6.11
CA PRO O 48 72.58 -17.23 6.88
C PRO O 48 71.84 -16.00 6.37
N SER O 49 71.96 -15.71 5.07
CA SER O 49 71.42 -14.47 4.50
C SER O 49 70.90 -14.76 3.10
N VAL O 50 69.59 -14.65 2.91
CA VAL O 50 68.96 -14.89 1.62
C VAL O 50 67.87 -13.85 1.43
N MET O 51 67.77 -13.32 0.20
CA MET O 51 66.78 -12.30 -0.09
C MET O 51 65.37 -12.89 -0.18
N THR O 52 64.39 -12.01 -0.08
CA THR O 52 62.98 -12.42 -0.15
C THR O 52 62.66 -12.96 -1.54
N GLN O 53 61.70 -13.89 -1.59
CA GLN O 53 61.21 -14.46 -2.84
C GLN O 53 62.33 -15.15 -3.62
N GLU O 54 63.23 -15.81 -2.90
CA GLU O 54 64.34 -16.51 -3.53
C GLU O 54 63.86 -17.82 -4.13
N LEU O 55 64.36 -18.12 -5.32
CA LEU O 55 64.11 -19.40 -5.98
C LEU O 55 65.11 -20.41 -5.45
N LEU O 56 64.66 -21.31 -4.58
CA LEU O 56 65.56 -22.26 -3.95
C LEU O 56 65.72 -23.52 -4.79
N GLU O 57 66.53 -24.44 -4.30
CA GLU O 57 66.85 -25.69 -4.99
C GLU O 57 66.69 -26.86 -4.03
N PHE O 58 66.26 -28.00 -4.57
CA PHE O 58 66.06 -29.20 -3.78
C PHE O 58 66.70 -30.40 -4.47
N PRO O 59 67.18 -31.39 -3.71
CA PRO O 59 67.92 -32.51 -4.32
C PRO O 59 67.08 -33.35 -5.28
N GLY O 60 65.78 -33.44 -5.07
CA GLY O 60 64.93 -34.24 -5.92
C GLY O 60 64.59 -33.62 -7.25
N GLY O 61 65.02 -32.39 -7.49
CA GLY O 61 64.75 -31.68 -8.73
C GLY O 61 63.62 -30.68 -8.65
N VAL O 62 62.76 -30.78 -7.64
CA VAL O 62 61.68 -29.81 -7.50
C VAL O 62 62.24 -28.45 -7.07
N LEU O 63 61.41 -27.44 -7.17
CA LEU O 63 61.77 -26.07 -6.83
C LEU O 63 60.90 -25.57 -5.68
N GLY O 64 61.25 -24.39 -5.19
CA GLY O 64 60.49 -23.77 -4.12
C GLY O 64 60.84 -22.31 -4.00
N VAL O 65 60.03 -21.60 -3.22
CA VAL O 65 60.19 -20.16 -3.01
C VAL O 65 60.05 -19.87 -1.53
N ALA O 66 60.90 -18.99 -1.02
CA ALA O 66 60.89 -18.59 0.38
C ALA O 66 60.05 -17.33 0.55
N LEU O 67 59.12 -17.37 1.50
CA LEU O 67 58.22 -16.24 1.74
C LEU O 67 58.40 -15.65 3.13
N ASN O 68 58.35 -16.47 4.17
CA ASN O 68 58.45 -16.00 5.55
C ASN O 68 59.78 -16.43 6.15
N LEU O 69 60.43 -15.51 6.84
CA LEU O 69 61.71 -15.76 7.50
C LEU O 69 61.52 -15.84 9.00
N ASP O 70 62.64 -16.00 9.71
CA ASP O 70 62.63 -16.04 11.16
C ASP O 70 64.04 -15.83 11.66
N GLU O 71 64.20 -15.79 12.98
CA GLU O 71 65.52 -15.77 13.60
C GLU O 71 66.31 -17.02 13.23
N HIS O 72 65.63 -18.17 13.18
CA HIS O 72 66.31 -19.45 13.02
C HIS O 72 65.66 -20.37 12.00
N SER O 73 64.58 -19.96 11.35
CA SER O 73 63.85 -20.85 10.46
C SER O 73 63.46 -20.13 9.19
N VAL O 74 63.31 -20.91 8.11
CA VAL O 74 62.92 -20.38 6.80
C VAL O 74 61.73 -21.19 6.31
N GLY O 75 60.61 -20.51 6.04
CA GLY O 75 59.49 -21.16 5.41
C GLY O 75 59.58 -21.12 3.90
N ALA O 76 58.83 -22.02 3.26
CA ALA O 76 58.87 -22.11 1.81
C ALA O 76 57.57 -22.72 1.30
N VAL O 77 57.35 -22.59 0.00
CA VAL O 77 56.18 -23.13 -0.68
C VAL O 77 56.64 -24.03 -1.80
N ILE O 78 56.21 -25.30 -1.76
CA ILE O 78 56.55 -26.24 -2.82
C ILE O 78 55.60 -26.05 -3.99
N LEU O 79 56.17 -25.99 -5.20
CA LEU O 79 55.40 -25.68 -6.41
C LEU O 79 54.92 -26.93 -7.11
N GLY O 80 55.85 -27.81 -7.48
CA GLY O 80 55.49 -29.00 -8.23
C GLY O 80 55.10 -30.19 -7.38
N GLU O 81 55.72 -31.34 -7.65
CA GLU O 81 55.44 -32.54 -6.87
C GLU O 81 55.95 -32.39 -5.44
N PHE O 82 55.23 -33.01 -4.49
CA PHE O 82 55.53 -32.84 -3.08
C PHE O 82 55.89 -34.12 -2.35
N GLU O 83 55.56 -35.29 -2.90
CA GLU O 83 55.77 -36.55 -2.18
C GLU O 83 57.25 -36.80 -1.90
N LYS O 84 58.13 -36.51 -2.86
CA LYS O 84 59.54 -36.80 -2.70
C LYS O 84 60.19 -36.07 -1.54
N ILE O 85 59.55 -35.01 -1.03
CA ILE O 85 60.12 -34.25 0.07
C ILE O 85 60.16 -35.12 1.32
N GLU O 86 61.29 -35.06 2.03
CA GLU O 86 61.47 -35.87 3.22
C GLU O 86 62.50 -35.21 4.12
N GLU O 87 62.55 -35.67 5.37
CA GLU O 87 63.51 -35.14 6.33
C GLU O 87 64.92 -35.58 5.95
N GLY O 88 65.89 -34.69 6.21
CA GLY O 88 67.29 -34.96 5.95
C GLY O 88 67.82 -34.40 4.65
N GLN O 89 66.94 -33.91 3.78
CA GLN O 89 67.39 -33.37 2.50
C GLN O 89 68.16 -32.07 2.71
N GLN O 90 68.88 -31.67 1.67
CA GLN O 90 69.73 -30.49 1.69
C GLN O 90 69.26 -29.51 0.63
N VAL O 91 69.20 -28.24 0.99
CA VAL O 91 68.81 -27.20 0.04
C VAL O 91 70.05 -26.40 -0.34
N LYS O 92 70.02 -25.84 -1.55
CA LYS O 92 71.13 -25.06 -2.08
C LYS O 92 70.60 -23.72 -2.57
N ARG O 93 71.20 -22.63 -2.11
CA ARG O 93 70.82 -21.31 -2.57
C ARG O 93 71.32 -21.11 -4.00
N THR O 94 70.39 -20.93 -4.93
CA THR O 94 70.72 -20.85 -6.34
C THR O 94 70.18 -19.55 -6.92
N GLY O 95 71.04 -18.83 -7.63
CA GLY O 95 70.60 -17.65 -8.35
C GLY O 95 70.01 -16.60 -7.42
N GLU O 96 68.86 -16.07 -7.81
CA GLU O 96 68.27 -14.90 -7.18
C GLU O 96 66.76 -15.05 -7.25
N VAL O 97 66.04 -13.94 -7.06
CA VAL O 97 64.60 -13.94 -7.25
C VAL O 97 64.29 -14.43 -8.66
N LEU O 98 63.26 -15.26 -8.77
CA LEU O 98 62.94 -15.91 -10.05
C LEU O 98 62.63 -14.88 -11.13
N SER O 99 63.05 -15.19 -12.35
CA SER O 99 62.78 -14.36 -13.51
C SER O 99 62.21 -15.24 -14.61
N VAL O 100 61.66 -14.59 -15.63
CA VAL O 100 61.04 -15.26 -16.76
C VAL O 100 61.83 -14.93 -18.01
N PRO O 101 62.20 -15.91 -18.83
CA PRO O 101 62.84 -15.62 -20.11
C PRO O 101 61.80 -15.31 -21.18
N VAL O 102 61.80 -14.07 -21.66
CA VAL O 102 60.87 -13.59 -22.67
C VAL O 102 61.59 -13.47 -23.99
N GLY O 103 60.87 -13.79 -25.06
CA GLY O 103 61.40 -13.71 -26.40
C GLY O 103 60.32 -13.29 -27.38
N ASP O 104 60.47 -13.73 -28.62
CA ASP O 104 59.50 -13.45 -29.67
C ASP O 104 58.96 -14.70 -30.35
N ALA O 105 59.44 -15.88 -29.98
CA ALA O 105 59.00 -17.13 -30.57
C ALA O 105 57.85 -17.77 -29.80
N PHE O 106 57.31 -17.07 -28.80
CA PHE O 106 56.23 -17.62 -27.98
C PHE O 106 54.90 -17.68 -28.69
N LEU O 107 54.79 -17.07 -29.88
CA LEU O 107 53.51 -17.00 -30.57
C LEU O 107 53.04 -18.40 -30.97
N GLY O 108 51.74 -18.63 -30.80
CA GLY O 108 51.14 -19.89 -31.20
C GLY O 108 51.65 -21.11 -30.46
N ARG O 109 51.75 -21.01 -29.13
CA ARG O 109 52.18 -22.15 -28.33
C ARG O 109 51.63 -22.01 -26.92
N VAL O 110 51.64 -23.14 -26.21
CA VAL O 110 51.20 -23.20 -24.82
C VAL O 110 52.39 -23.59 -23.96
N VAL O 111 52.70 -22.76 -22.96
CA VAL O 111 53.87 -22.96 -22.12
C VAL O 111 53.43 -23.07 -20.67
N ASN O 112 54.39 -23.46 -19.83
CA ASN O 112 54.14 -23.55 -18.40
C ASN O 112 54.02 -22.15 -17.80
N PRO O 113 53.32 -22.02 -16.67
CA PRO O 113 53.39 -20.76 -15.92
C PRO O 113 54.81 -20.40 -15.51
N LEU O 114 55.67 -21.40 -15.32
CA LEU O 114 57.08 -21.15 -15.04
C LEU O 114 57.93 -20.97 -16.30
N GLY O 115 57.36 -21.22 -17.47
CA GLY O 115 58.09 -21.03 -18.71
C GLY O 115 58.66 -22.30 -19.32
N GLN O 116 57.83 -23.34 -19.41
CA GLN O 116 58.23 -24.60 -20.02
C GLN O 116 57.21 -24.98 -21.09
N PRO O 117 57.66 -25.49 -22.24
CA PRO O 117 56.71 -25.85 -23.29
C PRO O 117 55.92 -27.10 -22.96
N ILE O 118 54.83 -26.94 -22.20
CA ILE O 118 53.97 -28.06 -21.84
C ILE O 118 53.34 -28.70 -23.07
N ASP O 119 53.24 -27.97 -24.17
CA ASP O 119 52.69 -28.52 -25.40
C ASP O 119 53.64 -29.56 -26.01
N GLY O 120 53.15 -30.27 -27.02
CA GLY O 120 53.94 -31.27 -27.70
C GLY O 120 54.98 -30.71 -28.64
N GLN O 121 54.99 -29.40 -28.85
CA GLN O 121 55.98 -28.77 -29.71
C GLN O 121 57.36 -28.82 -29.05
N GLY O 122 58.40 -28.62 -29.87
CA GLY O 122 59.76 -28.62 -29.37
C GLY O 122 60.07 -27.50 -28.41
N ASP O 123 61.30 -27.42 -27.94
CA ASP O 123 61.69 -26.39 -26.98
C ASP O 123 61.61 -25.01 -27.61
N ILE O 124 61.41 -24.00 -26.76
CA ILE O 124 61.32 -22.62 -27.19
C ILE O 124 62.64 -21.92 -26.93
N ALA O 125 62.92 -20.89 -27.72
CA ALA O 125 64.13 -20.10 -27.57
C ALA O 125 63.90 -18.98 -26.55
N ALA O 126 64.94 -18.20 -26.30
CA ALA O 126 64.89 -17.13 -25.31
C ALA O 126 65.58 -15.89 -25.85
N GLU O 127 65.13 -14.71 -25.40
CA GLU O 127 65.75 -13.45 -25.77
C GLU O 127 66.36 -12.72 -24.58
N THR O 128 65.60 -12.48 -23.51
CA THR O 128 66.16 -11.86 -22.32
C THR O 128 65.34 -12.26 -21.11
N ARG O 129 65.98 -12.27 -19.95
CA ARG O 129 65.33 -12.61 -18.69
C ARG O 129 64.88 -11.35 -17.99
N ARG O 130 63.61 -11.31 -17.59
CA ARG O 130 63.03 -10.18 -16.89
C ARG O 130 62.50 -10.63 -15.54
N ALA O 131 62.79 -9.85 -14.50
CA ALA O 131 62.26 -10.15 -13.17
C ALA O 131 60.77 -9.80 -13.11
N LEU O 132 60.03 -10.60 -12.34
CA LEU O 132 58.60 -10.36 -12.20
C LEU O 132 58.32 -9.02 -11.52
N GLU O 133 59.10 -8.68 -10.49
CA GLU O 133 58.88 -7.49 -9.69
C GLU O 133 59.58 -6.31 -10.34
N LEU O 134 58.80 -5.34 -10.80
CA LEU O 134 59.32 -4.07 -11.31
C LEU O 134 58.36 -2.96 -10.94
N GLN O 135 58.87 -1.73 -10.92
CA GLN O 135 58.08 -0.58 -10.54
C GLN O 135 57.11 -0.19 -11.66
N ALA O 136 55.97 0.35 -11.25
CA ALA O 136 54.97 0.80 -12.20
C ALA O 136 55.43 2.07 -12.90
N PRO O 137 54.92 2.34 -14.10
CA PRO O 137 55.26 3.58 -14.78
C PRO O 137 54.81 4.80 -13.99
N SER O 138 55.62 5.85 -14.03
CA SER O 138 55.39 7.04 -13.24
C SER O 138 54.25 7.87 -13.82
N VAL O 139 53.94 8.97 -13.14
CA VAL O 139 52.90 9.89 -13.60
C VAL O 139 53.39 10.83 -14.68
N VAL O 140 54.71 10.89 -14.89
CA VAL O 140 55.29 11.81 -15.87
C VAL O 140 55.53 11.12 -17.21
N GLN O 141 54.93 9.95 -17.43
CA GLN O 141 55.15 9.18 -18.64
C GLN O 141 53.84 8.66 -19.21
N ARG O 142 52.77 9.45 -19.09
CA ARG O 142 51.47 9.06 -19.58
C ARG O 142 50.82 10.23 -20.30
N GLN O 143 49.99 9.91 -21.28
CA GLN O 143 49.29 10.89 -22.09
C GLN O 143 47.77 10.69 -21.93
N SER O 144 47.01 11.44 -22.71
CA SER O 144 45.57 11.24 -22.76
C SER O 144 45.24 10.07 -23.67
N VAL O 145 44.07 9.47 -23.42
CA VAL O 145 43.64 8.28 -24.14
C VAL O 145 42.66 8.70 -25.22
N SER O 146 42.95 8.34 -26.47
CA SER O 146 42.04 8.60 -27.58
C SER O 146 42.38 7.62 -28.70
N GLU O 147 41.57 6.57 -28.82
CA GLU O 147 41.79 5.57 -29.86
C GLU O 147 40.56 4.68 -30.01
N PRO O 148 40.14 4.40 -31.25
CA PRO O 148 38.99 3.51 -31.47
C PRO O 148 39.40 2.03 -31.45
N LEU O 149 39.49 1.47 -30.25
CA LEU O 149 39.84 0.07 -30.08
C LEU O 149 38.58 -0.77 -30.26
N GLN O 150 38.49 -1.47 -31.38
CA GLN O 150 37.26 -2.15 -31.77
C GLN O 150 37.05 -3.42 -30.93
N THR O 151 35.77 -3.83 -30.84
CA THR O 151 35.39 -5.03 -30.12
C THR O 151 34.59 -6.02 -30.95
N GLY O 152 34.00 -5.60 -32.07
CA GLY O 152 33.27 -6.51 -32.93
C GLY O 152 31.86 -6.81 -32.48
N ILE O 153 31.38 -6.18 -31.42
CA ILE O 153 30.04 -6.41 -30.90
C ILE O 153 29.28 -5.10 -30.96
N LYS O 154 28.05 -5.15 -31.47
CA LYS O 154 27.22 -3.95 -31.58
C LYS O 154 26.95 -3.32 -30.22
N ALA O 155 26.62 -4.15 -29.23
CA ALA O 155 26.20 -3.62 -27.93
C ALA O 155 27.34 -2.90 -27.21
N ILE O 156 28.53 -3.51 -27.20
CA ILE O 156 29.62 -2.97 -26.39
C ILE O 156 30.03 -1.58 -26.88
N ASP O 157 30.30 -1.45 -28.17
CA ASP O 157 30.71 -0.15 -28.71
C ASP O 157 29.53 0.77 -28.95
N ALA O 158 28.30 0.25 -28.94
CA ALA O 158 27.12 1.11 -29.03
C ALA O 158 26.83 1.80 -27.72
N MET O 159 27.11 1.13 -26.59
CA MET O 159 26.91 1.74 -25.28
C MET O 159 28.21 2.26 -24.68
N THR O 160 29.21 1.40 -24.53
CA THR O 160 30.44 1.74 -23.82
C THR O 160 31.64 1.69 -24.75
N PRO O 161 32.13 2.84 -25.21
CA PRO O 161 33.31 2.85 -26.07
C PRO O 161 34.54 2.29 -25.35
N ILE O 162 35.41 1.64 -26.11
CA ILE O 162 36.63 1.05 -25.57
C ILE O 162 37.81 1.53 -26.40
N GLY O 163 38.84 2.02 -25.72
CA GLY O 163 40.06 2.48 -26.34
C GLY O 163 41.29 1.83 -25.73
N ARG O 164 42.45 2.21 -26.27
CA ARG O 164 43.70 1.67 -25.77
C ARG O 164 44.03 2.25 -24.40
N GLY O 165 44.57 1.40 -23.52
CA GLY O 165 45.02 1.84 -22.22
C GLY O 165 43.97 1.95 -21.14
N GLN O 166 42.74 1.52 -21.41
CA GLN O 166 41.64 1.63 -20.45
C GLN O 166 41.32 0.25 -19.89
N ARG O 167 41.23 0.17 -18.56
CA ARG O 167 40.94 -1.09 -17.89
C ARG O 167 39.43 -1.27 -17.75
N GLN O 168 38.88 -2.18 -18.55
CA GLN O 168 37.46 -2.50 -18.51
C GLN O 168 37.27 -3.87 -17.87
N LEU O 169 36.38 -3.92 -16.90
CA LEU O 169 36.08 -5.16 -16.19
C LEU O 169 34.75 -5.73 -16.67
N ILE O 170 34.73 -7.04 -16.92
CA ILE O 170 33.50 -7.77 -17.19
C ILE O 170 33.12 -8.51 -15.92
N ILE O 171 31.87 -8.38 -15.53
CA ILE O 171 31.34 -9.04 -14.34
C ILE O 171 30.03 -9.73 -14.72
N GLY O 172 29.92 -11.00 -14.35
CA GLY O 172 28.75 -11.76 -14.76
C GLY O 172 28.49 -12.92 -13.84
N ASP O 173 27.32 -13.52 -14.04
CA ASP O 173 26.91 -14.69 -13.28
C ASP O 173 27.40 -15.97 -13.95
N ARG O 174 26.96 -17.11 -13.44
CA ARG O 174 27.32 -18.39 -14.04
C ARG O 174 26.53 -18.61 -15.33
N LYS O 175 27.17 -19.23 -16.32
CA LYS O 175 26.55 -19.54 -17.61
C LYS O 175 25.99 -18.27 -18.25
N THR O 176 26.89 -17.35 -18.57
CA THR O 176 26.48 -16.02 -19.03
C THR O 176 26.88 -15.73 -20.47
N GLY O 177 28.15 -15.91 -20.82
CA GLY O 177 28.61 -15.61 -22.16
C GLY O 177 29.84 -14.73 -22.20
N LYS O 178 30.54 -14.62 -21.07
CA LYS O 178 31.79 -13.86 -21.05
C LYS O 178 32.84 -14.50 -21.96
N THR O 179 32.90 -15.83 -21.97
CA THR O 179 33.91 -16.51 -22.78
C THR O 179 33.72 -16.23 -24.25
N ALA O 180 32.48 -16.33 -24.74
CA ALA O 180 32.21 -16.07 -26.14
C ALA O 180 32.51 -14.63 -26.50
N VAL O 181 32.12 -13.69 -25.66
CA VAL O 181 32.37 -12.27 -25.93
C VAL O 181 33.87 -12.02 -26.03
N CYS O 182 34.64 -12.52 -25.06
CA CYS O 182 36.08 -12.28 -25.06
C CYS O 182 36.74 -12.93 -26.28
N VAL O 183 36.36 -14.16 -26.62
CA VAL O 183 37.03 -14.84 -27.73
C VAL O 183 36.69 -14.17 -29.05
N ASP O 184 35.45 -13.70 -29.21
CA ASP O 184 35.09 -12.99 -30.42
C ASP O 184 35.83 -11.67 -30.52
N THR O 185 35.97 -10.97 -29.39
CA THR O 185 36.77 -9.74 -29.40
C THR O 185 38.22 -10.03 -29.78
N ILE O 186 38.77 -11.14 -29.30
CA ILE O 186 40.15 -11.49 -29.63
C ILE O 186 40.29 -11.80 -31.11
N LEU O 187 39.39 -12.62 -31.65
CA LEU O 187 39.49 -13.03 -33.04
C LEU O 187 39.07 -11.93 -34.02
N ASN O 188 38.45 -10.86 -33.53
CA ASN O 188 38.04 -9.78 -34.42
C ASN O 188 39.22 -9.02 -35.02
N GLN O 189 40.44 -9.24 -34.53
CA GLN O 189 41.62 -8.51 -34.99
C GLN O 189 42.29 -9.17 -36.18
N ARG O 190 41.56 -10.00 -36.93
CA ARG O 190 42.15 -10.66 -38.09
C ARG O 190 42.55 -9.65 -39.16
N GLU O 191 41.67 -8.66 -39.42
CA GLU O 191 42.00 -7.63 -40.40
C GLU O 191 43.18 -6.79 -39.95
N ALA O 192 43.24 -6.49 -38.64
CA ALA O 192 44.36 -5.71 -38.12
C ALA O 192 45.67 -6.48 -38.28
N TRP O 193 45.66 -7.78 -38.00
CA TRP O 193 46.86 -8.60 -38.18
C TRP O 193 47.25 -8.68 -39.65
N LEU O 194 46.27 -8.84 -40.54
CA LEU O 194 46.58 -8.97 -41.96
C LEU O 194 47.16 -7.68 -42.55
N THR O 195 46.94 -6.54 -41.90
CA THR O 195 47.53 -5.30 -42.36
C THR O 195 49.04 -5.35 -42.15
N GLY O 196 49.79 -4.91 -43.17
CA GLY O 196 51.23 -5.06 -43.19
C GLY O 196 51.99 -4.34 -42.10
N ASP O 197 51.67 -3.07 -41.88
CA ASP O 197 52.36 -2.29 -40.87
C ASP O 197 51.91 -2.71 -39.47
N PRO O 198 52.79 -2.60 -38.47
CA PRO O 198 52.43 -2.98 -37.10
C PRO O 198 51.65 -1.91 -36.33
N LYS O 199 51.30 -0.79 -36.97
CA LYS O 199 50.51 0.23 -36.30
C LYS O 199 49.14 -0.31 -35.92
N GLN O 200 48.52 -1.08 -36.81
CA GLN O 200 47.22 -1.69 -36.53
C GLN O 200 47.36 -3.08 -35.91
N GLN O 201 48.51 -3.72 -36.02
CA GLN O 201 48.67 -5.08 -35.53
C GLN O 201 48.82 -5.10 -34.02
N VAL O 202 48.09 -6.01 -33.37
CA VAL O 202 48.12 -6.19 -31.92
C VAL O 202 48.36 -7.66 -31.62
N ARG O 203 49.11 -7.91 -30.55
CA ARG O 203 49.49 -9.27 -30.16
C ARG O 203 48.85 -9.58 -28.82
N CYS O 204 47.70 -10.24 -28.84
CA CYS O 204 46.99 -10.55 -27.61
C CYS O 204 47.60 -11.77 -26.93
N VAL O 205 47.34 -11.89 -25.63
CA VAL O 205 47.80 -13.00 -24.82
C VAL O 205 46.59 -13.59 -24.11
N TYR O 206 46.69 -14.85 -23.71
CA TYR O 206 45.62 -15.52 -22.99
C TYR O 206 46.20 -16.21 -21.76
N VAL O 207 45.55 -16.02 -20.62
CA VAL O 207 45.94 -16.63 -19.37
C VAL O 207 44.72 -17.31 -18.77
N ALA O 208 44.78 -18.64 -18.66
CA ALA O 208 43.68 -19.43 -18.12
C ALA O 208 44.06 -19.97 -16.75
N ILE O 209 43.16 -19.80 -15.78
CA ILE O 209 43.40 -20.19 -14.40
C ILE O 209 42.26 -21.08 -13.94
N GLY O 210 42.60 -22.26 -13.44
CA GLY O 210 41.62 -23.16 -12.85
C GLY O 210 40.53 -23.60 -13.82
N GLN O 211 40.91 -23.99 -15.02
CA GLN O 211 39.97 -24.45 -16.03
C GLN O 211 40.28 -25.90 -16.43
N LYS O 212 39.24 -26.61 -16.85
CA LYS O 212 39.38 -28.01 -17.21
C LYS O 212 40.19 -28.16 -18.49
N GLY O 213 40.94 -29.26 -18.57
CA GLY O 213 41.78 -29.51 -19.73
C GLY O 213 41.00 -29.64 -21.02
N THR O 214 39.83 -30.28 -20.96
CA THR O 214 38.97 -30.34 -22.15
C THR O 214 38.54 -28.95 -22.59
N THR O 215 38.27 -28.07 -21.64
CA THR O 215 37.95 -26.69 -21.99
C THR O 215 39.12 -26.02 -22.71
N ILE O 216 40.34 -26.24 -22.21
CA ILE O 216 41.52 -25.64 -22.84
C ILE O 216 41.69 -26.17 -24.26
N ALA O 217 41.54 -27.48 -24.45
CA ALA O 217 41.69 -28.06 -25.78
C ALA O 217 40.61 -27.54 -26.73
N SER O 218 39.37 -27.43 -26.24
CA SER O 218 38.30 -26.89 -27.06
C SER O 218 38.56 -25.44 -27.44
N VAL O 219 39.07 -24.65 -26.50
CA VAL O 219 39.41 -23.26 -26.79
C VAL O 219 40.51 -23.20 -27.85
N LYS O 220 41.53 -24.03 -27.72
CA LYS O 220 42.61 -24.05 -28.70
C LYS O 220 42.09 -24.42 -30.08
N ARG O 221 41.22 -25.44 -30.15
CA ARG O 221 40.67 -25.84 -31.44
C ARG O 221 39.82 -24.75 -32.06
N ALA O 222 39.01 -24.07 -31.23
CA ALA O 222 38.18 -22.98 -31.76
C ALA O 222 39.02 -21.83 -32.27
N LEU O 223 40.07 -21.45 -31.52
CA LEU O 223 40.96 -20.39 -31.99
C LEU O 223 41.67 -20.79 -33.28
N GLU O 224 42.13 -22.04 -33.37
CA GLU O 224 42.79 -22.48 -34.59
C GLU O 224 41.84 -22.47 -35.77
N GLU O 225 40.59 -22.89 -35.56
CA GLU O 225 39.60 -22.86 -36.63
C GLU O 225 39.30 -21.43 -37.05
N GLY O 226 39.26 -20.50 -36.09
CA GLY O 226 39.09 -19.11 -36.44
C GLY O 226 40.21 -18.55 -37.29
N GLY O 227 41.42 -19.05 -37.07
CA GLY O 227 42.57 -18.60 -37.83
C GLY O 227 43.35 -17.46 -37.22
N ALA O 228 43.21 -17.22 -35.92
CA ALA O 228 43.97 -16.18 -35.23
C ALA O 228 45.13 -16.75 -34.41
N MET O 229 45.49 -18.01 -34.63
CA MET O 229 46.54 -18.64 -33.83
C MET O 229 47.88 -17.97 -34.05
N GLU O 230 48.07 -17.29 -35.19
CA GLU O 230 49.38 -16.77 -35.56
C GLU O 230 49.91 -15.74 -34.58
N TYR O 231 49.04 -14.92 -33.97
CA TYR O 231 49.48 -13.80 -33.15
C TYR O 231 48.89 -13.91 -31.75
N THR O 232 48.97 -15.10 -31.16
CA THR O 232 48.47 -15.30 -29.81
C THR O 232 49.35 -16.30 -29.08
N THR O 233 49.32 -16.22 -27.75
CA THR O 233 50.00 -17.18 -26.90
C THR O 233 49.06 -17.54 -25.74
N ILE O 234 49.24 -18.74 -25.22
CA ILE O 234 48.39 -19.30 -24.18
C ILE O 234 49.25 -19.70 -23.00
N VAL O 235 48.86 -19.28 -21.80
CA VAL O 235 49.49 -19.71 -20.56
C VAL O 235 48.39 -20.27 -19.68
N ALA O 236 48.48 -21.56 -19.38
CA ALA O 236 47.42 -22.27 -18.67
C ALA O 236 47.93 -22.76 -17.31
N ALA O 237 47.05 -22.70 -16.32
CA ALA O 237 47.29 -23.27 -15.00
C ALA O 237 46.07 -24.10 -14.63
N PRO O 238 45.98 -25.34 -15.13
CA PRO O 238 44.81 -26.17 -14.83
C PRO O 238 44.70 -26.48 -13.34
N ALA O 239 43.50 -26.92 -12.96
CA ALA O 239 43.24 -27.21 -11.54
C ALA O 239 44.13 -28.30 -11.00
N SER O 240 44.73 -29.12 -11.87
CA SER O 240 45.67 -30.13 -11.41
C SER O 240 46.92 -29.52 -10.78
N ASP O 241 47.26 -28.28 -11.14
CA ASP O 241 48.45 -27.66 -10.58
C ASP O 241 48.24 -27.31 -9.11
N ALA O 242 49.36 -27.17 -8.40
CA ALA O 242 49.33 -26.78 -7.00
C ALA O 242 49.05 -25.28 -6.88
N ALA O 243 49.07 -24.79 -5.64
CA ALA O 243 48.74 -23.39 -5.40
C ALA O 243 49.78 -22.44 -5.99
N GLY O 244 51.04 -22.88 -6.06
CA GLY O 244 52.09 -21.98 -6.50
C GLY O 244 51.90 -21.51 -7.93
N PHE O 245 51.61 -22.44 -8.83
CA PHE O 245 51.42 -22.09 -10.23
C PHE O 245 50.19 -21.20 -10.40
N LYS O 246 49.10 -21.54 -9.73
CA LYS O 246 47.88 -20.73 -9.80
C LYS O 246 48.11 -19.34 -9.22
N TRP O 247 49.09 -19.21 -8.33
CA TRP O 247 49.38 -17.91 -7.74
C TRP O 247 50.34 -17.09 -8.59
N LEU O 248 51.25 -17.75 -9.32
CA LEU O 248 52.29 -17.04 -10.06
C LEU O 248 51.93 -16.75 -11.51
N ALA O 249 50.96 -17.49 -12.08
CA ALA O 249 50.67 -17.31 -13.50
C ALA O 249 50.31 -15.88 -13.90
N PRO O 250 49.42 -15.17 -13.20
CA PRO O 250 49.11 -13.80 -13.64
C PRO O 250 50.32 -12.88 -13.69
N TYR O 251 51.24 -13.01 -12.76
CA TYR O 251 52.43 -12.16 -12.75
C TYR O 251 53.30 -12.42 -13.97
N THR O 252 53.48 -13.70 -14.32
CA THR O 252 54.26 -14.04 -15.51
C THR O 252 53.59 -13.51 -16.77
N GLY O 253 52.26 -13.65 -16.86
CA GLY O 253 51.55 -13.09 -18.00
C GLY O 253 51.73 -11.59 -18.12
N SER O 254 51.63 -10.89 -16.97
CA SER O 254 51.82 -9.44 -16.99
C SER O 254 53.22 -9.06 -17.43
N ALA O 255 54.23 -9.80 -16.97
CA ALA O 255 55.60 -9.51 -17.38
C ALA O 255 55.79 -9.73 -18.87
N ILE O 256 55.22 -10.83 -19.40
CA ILE O 256 55.34 -11.12 -20.83
C ILE O 256 54.68 -10.02 -21.65
N GLY O 257 53.50 -9.57 -21.22
CA GLY O 257 52.84 -8.48 -21.92
C GLY O 257 53.62 -7.18 -21.84
N GLN O 258 54.18 -6.88 -20.66
CA GLN O 258 54.91 -5.62 -20.48
C GLN O 258 56.17 -5.58 -21.34
N HIS O 259 56.85 -6.72 -21.48
CA HIS O 259 58.04 -6.75 -22.33
C HIS O 259 57.73 -6.29 -23.74
N TRP O 260 56.67 -6.85 -24.33
CA TRP O 260 56.31 -6.47 -25.70
C TRP O 260 55.79 -5.04 -25.75
N MET O 261 55.04 -4.63 -24.72
CA MET O 261 54.48 -3.28 -24.69
C MET O 261 55.58 -2.24 -24.66
N TYR O 262 56.63 -2.46 -23.87
CA TYR O 262 57.64 -1.45 -23.63
C TYR O 262 58.43 -1.10 -24.90
N ASN O 263 58.50 -2.02 -25.86
CA ASN O 263 59.21 -1.78 -27.10
C ASN O 263 58.34 -1.18 -28.19
N GLY O 264 57.07 -0.91 -27.90
CA GLY O 264 56.17 -0.34 -28.88
C GLY O 264 55.23 -1.30 -29.55
N LYS O 265 55.21 -2.57 -29.12
CA LYS O 265 54.29 -3.56 -29.68
C LYS O 265 52.97 -3.49 -28.94
N HIS O 266 51.91 -3.13 -29.66
CA HIS O 266 50.59 -3.07 -29.06
C HIS O 266 50.10 -4.47 -28.73
N VAL O 267 49.70 -4.67 -27.47
CA VAL O 267 49.28 -5.97 -26.97
C VAL O 267 48.02 -5.77 -26.13
N LEU O 268 47.30 -6.88 -25.93
CA LEU O 268 46.09 -6.88 -25.12
C LEU O 268 46.14 -8.07 -24.17
N ILE O 269 45.69 -7.85 -22.94
CA ILE O 269 45.82 -8.86 -21.88
C ILE O 269 44.43 -9.24 -21.38
N VAL O 270 44.18 -10.54 -21.28
CA VAL O 270 42.93 -11.08 -20.78
C VAL O 270 43.25 -11.97 -19.57
N PHE O 271 42.48 -11.78 -18.49
CA PHE O 271 42.57 -12.62 -17.31
C PHE O 271 41.31 -13.46 -17.21
N ASP O 272 41.48 -14.79 -17.17
CA ASP O 272 40.33 -15.68 -17.21
C ASP O 272 39.51 -15.61 -15.93
N ASP O 273 40.17 -15.70 -14.78
CA ASP O 273 39.48 -15.68 -13.49
C ASP O 273 40.44 -15.23 -12.41
N LEU O 274 39.93 -14.37 -11.51
CA LEU O 274 40.72 -13.86 -10.40
C LEU O 274 40.25 -14.34 -9.03
N SER O 275 39.01 -14.84 -8.91
CA SER O 275 38.53 -15.33 -7.63
C SER O 275 39.36 -16.52 -7.16
N LYS O 276 39.72 -17.41 -8.08
CA LYS O 276 40.53 -18.55 -7.70
C LYS O 276 41.91 -18.12 -7.24
N GLN O 277 42.47 -17.09 -7.84
CA GLN O 277 43.74 -16.55 -7.38
C GLN O 277 43.62 -16.05 -5.94
N ALA O 278 42.53 -15.34 -5.64
CA ALA O 278 42.31 -14.87 -4.27
C ALA O 278 42.17 -16.04 -3.30
N ASP O 279 41.44 -17.07 -3.70
CA ASP O 279 41.29 -18.23 -2.82
C ASP O 279 42.62 -18.92 -2.57
N ALA O 280 43.42 -19.10 -3.62
CA ALA O 280 44.72 -19.74 -3.45
C ALA O 280 45.62 -18.91 -2.53
N TYR O 281 45.62 -17.59 -2.71
CA TYR O 281 46.44 -16.74 -1.85
C TYR O 281 45.96 -16.81 -0.41
N ARG O 282 44.65 -16.82 -0.19
CA ARG O 282 44.12 -16.94 1.16
C ARG O 282 44.52 -18.27 1.79
N ALA O 283 44.42 -19.36 1.02
CA ALA O 283 44.78 -20.67 1.55
C ALA O 283 46.25 -20.74 1.93
N ILE O 284 47.11 -20.23 1.05
CA ILE O 284 48.55 -20.31 1.35
C ILE O 284 48.90 -19.40 2.52
N SER O 285 48.24 -18.25 2.63
CA SER O 285 48.48 -17.37 3.76
C SER O 285 48.06 -18.02 5.08
N LEU O 286 46.88 -18.64 5.09
CA LEU O 286 46.42 -19.30 6.32
C LEU O 286 47.32 -20.47 6.68
N LEU O 287 47.73 -21.27 5.69
CA LEU O 287 48.58 -22.41 5.98
C LEU O 287 50.00 -21.99 6.35
N LEU O 288 50.40 -20.78 5.99
CA LEU O 288 51.66 -20.23 6.47
C LEU O 288 51.57 -19.73 7.91
N ARG O 289 50.41 -19.89 8.55
CA ARG O 289 50.18 -19.45 9.92
C ARG O 289 50.35 -17.93 10.02
N ARG O 290 49.41 -17.25 9.37
CA ARG O 290 49.22 -15.82 9.43
C ARG O 290 47.79 -15.51 9.89
N PRO O 291 47.58 -14.41 10.60
CA PRO O 291 46.26 -14.15 11.19
C PRO O 291 45.20 -13.96 10.13
N PRO O 292 43.96 -14.34 10.42
CA PRO O 292 42.86 -14.13 9.48
C PRO O 292 42.19 -12.78 9.70
N GLY O 293 41.43 -12.37 8.69
CA GLY O 293 40.71 -11.12 8.70
C GLY O 293 39.24 -11.33 8.41
N ARG O 294 38.60 -10.26 7.94
CA ARG O 294 37.20 -10.32 7.56
C ARG O 294 37.01 -11.32 6.43
N GLU O 295 36.02 -12.19 6.58
CA GLU O 295 35.80 -13.33 5.67
C GLU O 295 37.03 -14.21 5.58
N ALA O 296 37.79 -14.29 6.67
CA ALA O 296 39.02 -15.08 6.74
C ALA O 296 39.99 -14.70 5.61
N PHE O 297 40.07 -13.40 5.32
CA PHE O 297 40.89 -12.93 4.24
C PHE O 297 42.00 -12.03 4.75
N PRO O 298 43.22 -12.18 4.24
CA PRO O 298 44.29 -11.26 4.62
C PRO O 298 43.95 -9.85 4.17
N GLY O 299 44.40 -8.87 4.96
CA GLY O 299 44.13 -7.49 4.64
C GLY O 299 44.82 -7.02 3.38
N ASP O 300 45.93 -7.66 3.01
CA ASP O 300 46.76 -7.23 1.90
C ASP O 300 46.29 -7.75 0.55
N VAL O 301 45.24 -8.57 0.51
CA VAL O 301 44.80 -9.14 -0.76
C VAL O 301 44.46 -8.02 -1.75
N PHE O 302 43.80 -6.98 -1.27
CA PHE O 302 43.50 -5.81 -2.10
C PHE O 302 44.80 -5.26 -2.70
N TYR O 303 45.81 -5.05 -1.85
CA TYR O 303 47.10 -4.59 -2.33
C TYR O 303 47.62 -5.50 -3.44
N LEU O 304 47.43 -6.81 -3.30
CA LEU O 304 47.85 -7.74 -4.34
C LEU O 304 47.24 -7.34 -5.67
N HIS O 305 45.92 -7.17 -5.72
CA HIS O 305 45.30 -6.77 -6.98
C HIS O 305 45.79 -5.40 -7.40
N SER O 306 46.07 -4.52 -6.44
CA SER O 306 46.61 -3.21 -6.76
C SER O 306 47.93 -3.32 -7.50
N ARG O 307 48.76 -4.32 -7.16
CA ARG O 307 50.03 -4.46 -7.85
C ARG O 307 49.90 -5.29 -9.12
N LEU O 308 48.71 -5.75 -9.46
CA LEU O 308 48.53 -6.64 -10.60
C LEU O 308 47.80 -5.98 -11.77
N LEU O 309 46.63 -5.41 -11.51
CA LEU O 309 45.81 -4.84 -12.58
C LEU O 309 46.28 -3.46 -13.03
N GLU O 310 47.13 -2.80 -12.24
CA GLU O 310 47.56 -1.45 -12.54
C GLU O 310 48.62 -1.39 -13.64
N ARG O 311 49.15 -2.54 -14.07
CA ARG O 311 50.26 -2.55 -15.02
C ARG O 311 49.88 -1.91 -16.36
N CYS O 312 48.73 -2.28 -16.90
CA CYS O 312 48.37 -1.85 -18.25
C CYS O 312 47.95 -0.40 -18.26
N ALA O 313 48.50 0.37 -19.21
CA ALA O 313 48.22 1.79 -19.33
C ALA O 313 48.76 2.29 -20.66
N LYS O 314 48.41 3.54 -20.98
CA LYS O 314 48.95 4.20 -22.16
C LYS O 314 50.25 4.93 -21.82
N LEU O 315 51.16 4.94 -22.78
CA LEU O 315 52.46 5.58 -22.61
C LEU O 315 52.57 6.82 -23.49
N SER O 316 53.56 7.65 -23.18
CA SER O 316 53.81 8.86 -23.94
C SER O 316 54.72 8.58 -25.13
N ASP O 317 54.81 9.57 -26.03
CA ASP O 317 55.67 9.44 -27.20
C ASP O 317 57.15 9.44 -26.85
N GLU O 318 57.50 9.78 -25.61
CA GLU O 318 58.91 9.76 -25.22
C GLU O 318 59.49 8.35 -25.28
N LEU O 319 58.72 7.35 -24.88
CA LEU O 319 59.19 5.97 -24.82
C LEU O 319 58.66 5.11 -25.96
N GLY O 320 58.08 5.73 -26.98
CA GLY O 320 57.55 5.00 -28.12
C GLY O 320 56.04 4.95 -28.20
N GLY O 321 55.34 5.37 -27.15
CA GLY O 321 53.88 5.40 -27.18
C GLY O 321 53.22 4.04 -27.28
N GLY O 322 53.71 3.06 -26.52
CA GLY O 322 53.07 1.76 -26.49
C GLY O 322 51.78 1.77 -25.70
N SER O 323 51.05 0.66 -25.78
CA SER O 323 49.78 0.54 -25.09
C SER O 323 49.47 -0.93 -24.83
N MET O 324 48.74 -1.18 -23.75
CA MET O 324 48.24 -2.53 -23.45
C MET O 324 47.03 -2.41 -22.55
N THR O 325 46.09 -3.33 -22.73
CA THR O 325 44.77 -3.27 -22.11
C THR O 325 44.49 -4.55 -21.33
N GLY O 326 43.91 -4.40 -20.15
CA GLY O 326 43.53 -5.54 -19.31
C GLY O 326 42.02 -5.70 -19.25
N LEU O 327 41.57 -6.94 -19.35
CA LEU O 327 40.15 -7.29 -19.33
C LEU O 327 39.92 -8.36 -18.27
N PRO O 328 39.82 -7.97 -17.01
CA PRO O 328 39.53 -8.96 -15.96
C PRO O 328 38.12 -9.50 -16.09
N ILE O 329 37.93 -10.72 -15.60
CA ILE O 329 36.63 -11.39 -15.57
C ILE O 329 36.29 -11.72 -14.13
N ILE O 330 35.09 -11.33 -13.70
CA ILE O 330 34.60 -11.59 -12.35
C ILE O 330 33.30 -12.36 -12.44
N GLU O 331 33.17 -13.40 -11.62
CA GLU O 331 31.96 -14.20 -11.51
C GLU O 331 31.25 -13.88 -10.19
N THR O 332 29.92 -13.85 -10.24
CA THR O 332 29.11 -13.53 -9.07
C THR O 332 28.02 -14.58 -8.92
N LYS O 333 27.61 -14.80 -7.67
CA LYS O 333 26.62 -15.80 -7.33
C LYS O 333 25.38 -15.13 -6.74
N ALA O 334 24.21 -15.55 -7.22
CA ALA O 334 22.92 -15.07 -6.73
C ALA O 334 22.80 -13.55 -6.81
N ASN O 335 23.45 -12.95 -7.81
CA ASN O 335 23.38 -11.51 -8.05
C ASN O 335 23.78 -10.72 -6.81
N ASP O 336 24.86 -11.13 -6.17
CA ASP O 336 25.39 -10.46 -5.00
C ASP O 336 26.59 -9.60 -5.39
N ILE O 337 26.51 -8.31 -5.13
CA ILE O 337 27.57 -7.38 -5.48
C ILE O 337 28.34 -6.89 -4.26
N SER O 338 27.71 -6.81 -3.09
CA SER O 338 28.28 -6.24 -1.88
C SER O 338 29.38 -7.09 -1.26
N ALA O 339 29.83 -8.17 -1.89
CA ALA O 339 30.88 -8.98 -1.30
C ALA O 339 32.23 -8.25 -1.35
N PHE O 340 33.18 -8.77 -0.58
CA PHE O 340 34.46 -8.09 -0.40
C PHE O 340 35.20 -7.93 -1.72
N ILE O 341 35.52 -9.05 -2.37
CA ILE O 341 36.29 -8.99 -3.61
C ILE O 341 35.57 -8.21 -4.71
N PRO O 342 34.27 -8.43 -4.98
CA PRO O 342 33.61 -7.64 -6.03
C PRO O 342 33.65 -6.15 -5.77
N THR O 343 33.34 -5.72 -4.54
CA THR O 343 33.36 -4.30 -4.23
C THR O 343 34.77 -3.73 -4.37
N ASN O 344 35.78 -4.46 -3.89
CA ASN O 344 37.15 -3.97 -3.98
C ASN O 344 37.58 -3.81 -5.43
N VAL O 345 37.31 -4.81 -6.27
CA VAL O 345 37.78 -4.74 -7.65
C VAL O 345 36.98 -3.73 -8.44
N ILE O 346 35.70 -3.51 -8.10
CA ILE O 346 34.93 -2.47 -8.77
C ILE O 346 35.48 -1.10 -8.39
N SER O 347 35.72 -0.87 -7.11
CA SER O 347 36.25 0.42 -6.67
C SER O 347 37.68 0.65 -7.15
N ILE O 348 38.41 -0.41 -7.52
CA ILE O 348 39.78 -0.24 -7.99
C ILE O 348 39.86 0.05 -9.48
N THR O 349 38.77 -0.12 -10.22
CA THR O 349 38.77 0.08 -11.67
C THR O 349 37.70 1.09 -12.07
N ASP O 350 37.73 1.48 -13.34
CA ASP O 350 36.75 2.39 -13.92
C ASP O 350 36.04 1.71 -15.08
N GLY O 351 34.72 1.86 -15.13
CA GLY O 351 33.92 1.22 -16.15
C GLY O 351 33.62 -0.23 -15.83
N GLN O 352 32.35 -0.61 -15.94
CA GLN O 352 31.91 -1.97 -15.64
C GLN O 352 30.86 -2.39 -16.66
N CYS O 353 30.68 -3.70 -16.77
CA CYS O 353 29.71 -4.28 -17.71
C CYS O 353 28.94 -5.37 -16.98
N PHE O 354 27.77 -5.02 -16.47
CA PHE O 354 26.90 -5.98 -15.80
C PHE O 354 26.21 -6.86 -16.83
N LEU O 355 26.20 -8.16 -16.57
CA LEU O 355 25.60 -9.15 -17.49
C LEU O 355 24.51 -9.90 -16.73
N GLU O 356 23.27 -9.75 -17.17
CA GLU O 356 22.13 -10.32 -16.46
C GLU O 356 21.73 -11.67 -17.06
N SER O 357 21.44 -12.62 -16.17
CA SER O 357 21.05 -13.96 -16.61
C SER O 357 19.60 -14.02 -17.10
N ASP O 358 18.72 -13.20 -16.52
CA ASP O 358 17.32 -13.21 -16.93
C ASP O 358 17.16 -12.79 -18.38
N LEU O 359 17.93 -11.79 -18.81
CA LEU O 359 17.89 -11.38 -20.21
C LEU O 359 18.40 -12.47 -21.13
N PHE O 360 19.40 -13.24 -20.68
CA PHE O 360 19.90 -14.36 -21.46
C PHE O 360 18.93 -15.53 -21.48
N ASN O 361 18.05 -15.63 -20.48
CA ASN O 361 17.10 -16.74 -20.44
C ASN O 361 16.18 -16.72 -21.65
N GLN O 362 15.71 -15.54 -22.05
CA GLN O 362 14.87 -15.42 -23.23
C GLN O 362 15.10 -14.05 -23.87
N GLY O 363 15.09 -14.03 -25.20
CA GLY O 363 15.23 -12.78 -25.92
C GLY O 363 16.65 -12.47 -26.34
N VAL O 364 17.28 -11.52 -25.65
CA VAL O 364 18.59 -11.04 -26.07
C VAL O 364 19.66 -12.07 -25.76
N ARG O 365 20.49 -12.37 -26.75
CA ARG O 365 21.60 -13.30 -26.59
C ARG O 365 22.81 -12.62 -25.97
N PRO O 366 23.22 -11.43 -26.41
CA PRO O 366 24.29 -10.73 -25.68
C PRO O 366 23.95 -10.46 -24.23
N ALA O 367 22.68 -10.18 -23.93
CA ALA O 367 22.17 -10.11 -22.56
C ALA O 367 22.96 -9.10 -21.72
N ILE O 368 23.33 -7.98 -22.33
CA ILE O 368 24.08 -6.94 -21.63
C ILE O 368 23.11 -5.88 -21.13
N ASN O 369 23.29 -5.48 -19.87
CA ASN O 369 22.44 -4.46 -19.28
C ASN O 369 22.73 -3.08 -19.88
N VAL O 370 21.71 -2.22 -19.87
CA VAL O 370 21.83 -0.86 -20.36
C VAL O 370 21.74 0.15 -19.24
N GLY O 371 20.93 -0.12 -18.22
CA GLY O 371 20.79 0.80 -17.10
C GLY O 371 21.90 0.73 -16.08
N VAL O 372 22.86 -0.18 -16.26
CA VAL O 372 23.94 -0.35 -15.31
C VAL O 372 25.30 -0.05 -15.93
N SER O 373 25.52 -0.48 -17.17
CA SER O 373 26.83 -0.32 -17.80
C SER O 373 27.17 1.16 -17.99
N VAL O 374 28.46 1.47 -17.85
CA VAL O 374 28.94 2.83 -17.99
C VAL O 374 30.40 2.78 -18.44
N SER O 375 30.78 3.75 -19.27
CA SER O 375 32.15 3.88 -19.76
C SER O 375 32.70 5.23 -19.34
N ARG O 376 33.87 5.21 -18.69
CA ARG O 376 34.46 6.45 -18.21
C ARG O 376 35.04 7.27 -19.35
N VAL O 377 35.67 6.60 -20.33
CA VAL O 377 36.29 7.32 -21.44
C VAL O 377 35.24 8.02 -22.28
N GLY O 378 34.18 7.33 -22.64
CA GLY O 378 33.11 7.93 -23.42
C GLY O 378 33.58 8.35 -24.80
N GLY O 379 33.20 9.56 -25.21
CA GLY O 379 33.44 10.03 -26.56
C GLY O 379 34.91 10.13 -26.93
N ALA O 380 35.80 10.13 -25.95
CA ALA O 380 37.23 10.13 -26.25
C ALA O 380 37.67 8.84 -26.92
N ALA O 381 36.89 7.77 -26.80
CA ALA O 381 37.17 6.50 -27.47
C ALA O 381 36.13 6.19 -28.54
N GLN O 382 35.56 7.22 -29.15
CA GLN O 382 34.48 7.08 -30.11
C GLN O 382 34.94 7.51 -31.50
N ILE O 383 34.44 6.83 -32.52
CA ILE O 383 34.61 7.26 -33.89
C ILE O 383 33.62 8.37 -34.19
N LYS O 384 34.08 9.40 -34.89
CA LYS O 384 33.23 10.58 -35.09
C LYS O 384 31.96 10.23 -35.83
N ALA O 385 32.06 9.44 -36.90
CA ALA O 385 30.86 9.03 -37.64
C ALA O 385 29.94 8.20 -36.77
N MET O 386 30.50 7.26 -35.99
CA MET O 386 29.70 6.47 -35.07
C MET O 386 28.98 7.34 -34.05
N LYS O 387 29.70 8.26 -33.40
CA LYS O 387 29.08 9.10 -32.38
C LYS O 387 28.00 9.98 -32.99
N GLU O 388 28.24 10.53 -34.18
CA GLU O 388 27.24 11.38 -34.82
C GLU O 388 25.99 10.58 -35.20
N VAL O 389 26.17 9.43 -35.83
CA VAL O 389 25.03 8.63 -36.26
C VAL O 389 24.25 8.10 -35.06
N ALA O 390 24.93 7.86 -33.93
CA ALA O 390 24.27 7.28 -32.77
C ALA O 390 23.11 8.16 -32.32
N GLY O 391 23.32 9.48 -32.27
CA GLY O 391 22.22 10.37 -31.95
C GLY O 391 21.68 10.24 -30.54
N SER O 392 22.49 9.73 -29.61
CA SER O 392 22.12 9.59 -28.20
C SER O 392 20.82 8.79 -28.06
N LEU O 393 20.86 7.54 -28.51
CA LEU O 393 19.72 6.64 -28.35
C LEU O 393 19.56 6.15 -26.92
N ARG O 394 20.53 6.45 -26.04
CA ARG O 394 20.45 5.97 -24.67
C ARG O 394 19.25 6.54 -23.94
N LEU O 395 19.04 7.85 -24.05
CA LEU O 395 17.84 8.46 -23.47
C LEU O 395 16.57 7.90 -24.10
N ASP O 396 16.63 7.62 -25.41
CA ASP O 396 15.46 7.06 -26.10
C ASP O 396 15.11 5.68 -25.58
N LEU O 397 16.13 4.84 -25.36
CA LEU O 397 15.90 3.51 -24.80
C LEU O 397 15.48 3.57 -23.33
N SER O 398 16.05 4.51 -22.57
CA SER O 398 15.64 4.70 -21.18
C SER O 398 14.17 5.04 -21.08
N GLN O 399 13.74 6.05 -21.85
CA GLN O 399 12.33 6.40 -21.88
C GLN O 399 11.51 5.29 -22.51
N TYR O 400 12.11 4.45 -23.35
CA TYR O 400 11.36 3.31 -23.89
C TYR O 400 11.00 2.32 -22.79
N ARG O 401 11.96 1.96 -21.92
CA ARG O 401 11.57 1.18 -20.73
C ARG O 401 10.59 1.95 -19.85
N GLU O 402 10.82 3.25 -19.66
CA GLU O 402 9.96 4.04 -18.77
C GLU O 402 8.52 4.09 -19.28
N LEU O 403 8.31 3.88 -20.58
CA LEU O 403 6.96 3.84 -21.14
C LEU O 403 6.40 2.42 -21.26
N GLU O 404 7.22 1.44 -21.65
CA GLU O 404 6.71 0.10 -21.87
C GLU O 404 6.45 -0.63 -20.56
N ALA O 405 7.18 -0.31 -19.49
CA ALA O 405 6.91 -0.97 -18.21
C ALA O 405 5.53 -0.58 -17.68
N PHE O 406 5.01 0.57 -18.09
CA PHE O 406 3.70 1.01 -17.64
C PHE O 406 2.61 0.61 -18.62
N ALA O 407 2.77 0.96 -19.89
CA ALA O 407 1.71 0.79 -20.88
C ALA O 407 1.69 -0.61 -21.50
N ALA O 408 2.12 -1.63 -20.76
CA ALA O 408 2.08 -2.98 -21.29
C ALA O 408 0.64 -3.44 -21.53
N PHE O 409 -0.31 -2.94 -20.73
CA PHE O 409 -1.71 -3.31 -20.84
C PHE O 409 -2.58 -2.14 -21.28
N ALA O 410 -2.04 -1.25 -22.10
CA ALA O 410 -2.78 -0.06 -22.55
C ALA O 410 -3.11 -0.19 -24.03
N SER O 411 -4.38 0.03 -24.38
CA SER O 411 -4.85 -0.02 -25.75
C SER O 411 -4.91 1.35 -26.41
N ASP O 412 -5.34 2.37 -25.67
CA ASP O 412 -5.38 3.74 -26.17
C ASP O 412 -4.25 4.53 -25.54
N LEU O 413 -3.44 5.17 -26.38
CA LEU O 413 -2.27 5.91 -25.93
C LEU O 413 -2.15 7.19 -26.74
N ASP O 414 -1.30 8.09 -26.26
CA ASP O 414 -0.89 9.21 -27.08
C ASP O 414 -0.13 8.70 -28.29
N ALA O 415 -0.35 9.35 -29.44
CA ALA O 415 0.29 8.90 -30.67
C ALA O 415 1.81 8.95 -30.58
N ALA O 416 2.34 10.03 -30.00
CA ALA O 416 3.79 10.12 -29.81
C ALA O 416 4.29 9.03 -28.87
N SER O 417 3.53 8.74 -27.81
CA SER O 417 3.93 7.69 -26.87
C SER O 417 3.97 6.33 -27.57
N LYS O 418 2.94 6.01 -28.36
CA LYS O 418 2.93 4.73 -29.06
C LYS O 418 4.06 4.65 -30.09
N ALA O 419 4.30 5.75 -30.82
CA ALA O 419 5.38 5.74 -31.80
C ALA O 419 6.74 5.55 -31.11
N GLN O 420 6.96 6.22 -29.98
CA GLN O 420 8.21 6.06 -29.25
C GLN O 420 8.36 4.64 -28.71
N LEU O 421 7.26 4.06 -28.22
CA LEU O 421 7.29 2.68 -27.78
C LEU O 421 7.66 1.74 -28.92
N ASP O 422 7.07 1.99 -30.10
CA ASP O 422 7.39 1.19 -31.28
C ASP O 422 8.86 1.32 -31.65
N ARG O 423 9.39 2.54 -31.62
CA ARG O 423 10.80 2.77 -31.93
C ARG O 423 11.70 2.04 -30.95
N GLY O 424 11.41 2.14 -29.65
CA GLY O 424 12.21 1.46 -28.66
C GLY O 424 12.17 -0.06 -28.81
N ALA O 425 10.99 -0.61 -29.04
CA ALA O 425 10.87 -2.05 -29.24
C ALA O 425 11.63 -2.49 -30.48
N ARG O 426 11.53 -1.71 -31.56
CA ARG O 426 12.25 -2.04 -32.79
C ARG O 426 13.75 -2.02 -32.55
N LEU O 427 14.25 -1.01 -31.82
CA LEU O 427 15.68 -0.94 -31.55
C LEU O 427 16.16 -2.10 -30.68
N VAL O 428 15.37 -2.46 -29.66
CA VAL O 428 15.72 -3.58 -28.80
C VAL O 428 15.76 -4.87 -29.60
N GLU O 429 14.80 -5.06 -30.50
CA GLU O 429 14.83 -6.21 -31.38
C GLU O 429 16.06 -6.18 -32.29
N LEU O 430 16.42 -4.99 -32.78
CA LEU O 430 17.49 -4.88 -33.76
C LEU O 430 18.86 -5.13 -33.15
N LEU O 431 19.07 -4.75 -31.89
CA LEU O 431 20.41 -4.88 -31.31
C LEU O 431 20.86 -6.32 -31.11
N LYS O 432 19.96 -7.29 -31.26
CA LYS O 432 20.32 -8.69 -31.05
C LYS O 432 21.30 -9.17 -32.12
N GLN O 433 22.18 -10.11 -31.73
CA GLN O 433 23.26 -10.55 -32.59
C GLN O 433 23.67 -11.97 -32.24
N PRO O 434 23.92 -12.83 -33.21
CA PRO O 434 24.30 -14.22 -32.94
C PRO O 434 25.77 -14.32 -32.51
N GLN O 435 26.18 -15.52 -32.14
CA GLN O 435 27.53 -15.78 -31.68
C GLN O 435 28.44 -16.14 -32.85
N TYR O 436 29.75 -16.10 -32.59
CA TYR O 436 30.77 -16.38 -33.60
C TYR O 436 30.60 -15.53 -34.85
N SER O 437 30.04 -14.33 -34.69
CA SER O 437 29.71 -13.46 -35.81
C SER O 437 30.31 -12.08 -35.55
N PRO O 438 31.60 -11.90 -35.84
CA PRO O 438 32.19 -10.57 -35.74
C PRO O 438 31.62 -9.63 -36.79
N LEU O 439 31.59 -8.35 -36.45
CA LEU O 439 31.10 -7.30 -37.33
C LEU O 439 32.16 -6.22 -37.49
N ALA O 440 32.24 -5.65 -38.69
CA ALA O 440 33.11 -4.51 -38.94
C ALA O 440 32.37 -3.21 -38.67
N VAL O 441 33.12 -2.11 -38.63
CA VAL O 441 32.55 -0.83 -38.21
C VAL O 441 31.56 -0.30 -39.23
N GLU O 442 31.84 -0.49 -40.52
CA GLU O 442 31.02 0.13 -41.56
C GLU O 442 29.60 -0.42 -41.58
N GLU O 443 29.45 -1.75 -41.49
CA GLU O 443 28.11 -2.33 -41.50
C GLU O 443 27.36 -2.00 -40.22
N GLN O 444 28.07 -1.89 -39.10
CA GLN O 444 27.43 -1.43 -37.87
C GLN O 444 26.91 -0.01 -38.01
N VAL O 445 27.70 0.85 -38.65
CA VAL O 445 27.25 2.23 -38.89
C VAL O 445 26.01 2.23 -39.78
N VAL O 446 26.00 1.39 -40.82
CA VAL O 446 24.83 1.29 -41.69
C VAL O 446 23.61 0.84 -40.89
N ALA O 447 23.77 -0.18 -40.06
CA ALA O 447 22.65 -0.71 -39.29
C ALA O 447 22.12 0.33 -38.30
N ILE O 448 23.02 1.03 -37.61
CA ILE O 448 22.61 2.04 -36.65
C ILE O 448 21.92 3.20 -37.34
N PHE O 449 22.43 3.61 -38.50
CA PHE O 449 21.75 4.66 -39.26
C PHE O 449 20.37 4.21 -39.69
N LEU O 450 20.23 2.96 -40.13
CA LEU O 450 18.91 2.45 -40.52
C LEU O 450 17.96 2.44 -39.34
N GLY O 451 18.45 2.05 -38.16
CA GLY O 451 17.61 2.03 -36.98
C GLY O 451 17.19 3.43 -36.53
N THR O 452 18.12 4.38 -36.57
CA THR O 452 17.85 5.71 -36.01
C THR O 452 16.82 6.47 -36.84
N GLN O 453 16.97 6.46 -38.16
CA GLN O 453 16.15 7.31 -39.01
C GLN O 453 14.69 6.89 -39.04
N GLY O 454 14.35 5.72 -38.52
CA GLY O 454 12.98 5.27 -38.53
C GLY O 454 12.50 4.71 -39.85
N HIS O 455 13.41 4.45 -40.79
CA HIS O 455 13.00 3.87 -42.05
C HIS O 455 12.47 2.45 -41.88
N LEU O 456 12.76 1.83 -40.74
CA LEU O 456 12.34 0.46 -40.44
C LEU O 456 11.05 0.39 -39.65
N ASP O 457 10.41 1.53 -39.36
CA ASP O 457 9.21 1.52 -38.54
C ASP O 457 8.07 0.76 -39.19
N SER O 458 8.02 0.74 -40.53
CA SER O 458 6.97 0.03 -41.23
C SER O 458 7.18 -1.48 -41.25
N VAL O 459 8.42 -1.93 -41.16
CA VAL O 459 8.73 -3.37 -41.24
C VAL O 459 8.09 -4.09 -40.06
N PRO O 460 7.47 -5.25 -40.27
CA PRO O 460 6.92 -6.00 -39.13
C PRO O 460 8.01 -6.36 -38.13
N VAL O 461 7.67 -6.27 -36.84
CA VAL O 461 8.66 -6.42 -35.79
C VAL O 461 9.13 -7.87 -35.63
N GLU O 462 8.46 -8.82 -36.26
CA GLU O 462 8.85 -10.22 -36.10
C GLU O 462 9.91 -10.67 -37.11
N ASP O 463 10.19 -9.87 -38.13
CA ASP O 463 11.15 -10.26 -39.16
C ASP O 463 12.07 -9.11 -39.52
N VAL O 464 12.62 -8.44 -38.51
CA VAL O 464 13.51 -7.32 -38.78
C VAL O 464 14.94 -7.81 -39.04
N GLN O 465 15.50 -8.61 -38.13
CA GLN O 465 16.92 -8.95 -38.18
C GLN O 465 17.30 -9.55 -39.52
N ARG O 466 16.66 -10.68 -39.86
CA ARG O 466 16.89 -11.31 -41.16
C ARG O 466 16.77 -10.30 -42.27
N PHE O 467 15.70 -9.49 -42.23
CA PHE O 467 15.52 -8.44 -43.22
C PHE O 467 16.76 -7.57 -43.32
N GLU O 468 17.21 -7.03 -42.19
CA GLU O 468 18.40 -6.20 -42.20
C GLU O 468 19.58 -6.99 -42.75
N SER O 469 19.72 -8.25 -42.31
CA SER O 469 20.76 -9.10 -42.84
C SER O 469 20.68 -9.14 -44.37
N GLU O 470 19.49 -9.44 -44.90
CA GLU O 470 19.32 -9.44 -46.35
C GLU O 470 19.77 -8.12 -46.92
N LEU O 471 19.27 -7.01 -46.36
CA LEU O 471 19.68 -5.69 -46.81
C LEU O 471 21.20 -5.57 -46.82
N LEU O 472 21.83 -5.94 -45.70
CA LEU O 472 23.29 -5.85 -45.61
C LEU O 472 23.93 -6.64 -46.73
N GLU O 473 23.44 -7.86 -46.97
CA GLU O 473 24.01 -8.66 -48.05
C GLU O 473 23.83 -7.95 -49.37
N HIS O 474 22.63 -7.45 -49.64
CA HIS O 474 22.42 -6.65 -50.84
C HIS O 474 23.30 -5.41 -50.81
N VAL O 475 23.43 -4.80 -49.63
CA VAL O 475 24.34 -3.66 -49.49
C VAL O 475 25.75 -4.07 -49.85
N LYS O 476 26.15 -5.28 -49.46
CA LYS O 476 27.49 -5.74 -49.80
C LYS O 476 27.58 -6.20 -51.25
N ALA O 477 26.45 -6.51 -51.88
CA ALA O 477 26.50 -7.13 -53.19
C ALA O 477 26.71 -6.10 -54.30
N SER O 478 25.76 -5.19 -54.48
CA SER O 478 25.76 -4.26 -55.60
C SER O 478 26.25 -2.87 -55.25
N HIS O 479 26.81 -2.67 -54.06
CA HIS O 479 27.25 -1.34 -53.66
C HIS O 479 28.50 -1.45 -52.81
N SER O 480 29.51 -0.63 -53.12
CA SER O 480 30.73 -0.56 -52.34
C SER O 480 31.25 0.85 -52.13
N ASP O 481 30.60 1.87 -52.71
CA ASP O 481 31.11 3.23 -52.60
C ASP O 481 31.08 3.75 -51.17
N ILE O 482 29.99 3.49 -50.46
CA ILE O 482 29.84 4.03 -49.10
C ILE O 482 30.85 3.40 -48.16
N PHE O 483 31.18 2.12 -48.35
CA PHE O 483 32.19 1.47 -47.53
C PHE O 483 33.55 2.15 -47.70
N ASP O 484 33.94 2.38 -48.95
CA ASP O 484 35.21 3.05 -49.21
C ASP O 484 35.20 4.47 -48.64
N GLY O 485 34.09 5.17 -48.80
CA GLY O 485 34.01 6.53 -48.28
C GLY O 485 34.14 6.61 -46.78
N ILE O 486 33.40 5.76 -46.07
CA ILE O 486 33.48 5.78 -44.61
C ILE O 486 34.84 5.28 -44.15
N ARG O 487 35.45 4.37 -44.89
CA ARG O 487 36.78 3.89 -44.52
C ARG O 487 37.83 4.99 -44.70
N GLU O 488 37.67 5.82 -45.74
CA GLU O 488 38.68 6.82 -46.06
C GLU O 488 38.52 8.12 -45.28
N THR O 489 37.29 8.55 -45.00
CA THR O 489 37.07 9.83 -44.33
C THR O 489 36.51 9.69 -42.92
N LYS O 490 36.04 8.50 -42.54
CA LYS O 490 35.47 8.27 -41.20
C LYS O 490 34.31 9.24 -40.94
N LYS O 491 33.52 9.49 -41.99
CA LYS O 491 32.43 10.45 -41.91
C LYS O 491 31.38 10.09 -42.95
N LEU O 492 30.12 10.32 -42.61
CA LEU O 492 29.00 10.05 -43.50
C LEU O 492 28.61 11.33 -44.23
N SER O 493 28.53 11.26 -45.55
CA SER O 493 28.24 12.42 -46.38
C SER O 493 26.77 12.45 -46.78
N GLU O 494 26.31 13.66 -47.12
CA GLU O 494 24.92 13.84 -47.51
C GLU O 494 24.59 13.08 -48.79
N GLU O 495 25.50 13.10 -49.77
CA GLU O 495 25.26 12.35 -51.00
C GLU O 495 25.22 10.84 -50.72
N ALA O 496 26.12 10.35 -49.87
CA ALA O 496 26.07 8.95 -49.47
C ALA O 496 24.78 8.64 -48.72
N GLU O 497 24.32 9.58 -47.90
CA GLU O 497 23.06 9.38 -47.19
C GLU O 497 21.90 9.27 -48.16
N GLU O 498 21.87 10.13 -49.18
CA GLU O 498 20.80 10.08 -50.17
C GLU O 498 20.85 8.77 -50.97
N LYS O 499 22.06 8.34 -51.34
CA LYS O 499 22.20 7.07 -52.04
C LYS O 499 21.72 5.91 -51.18
N LEU O 500 22.07 5.93 -49.89
CA LEU O 500 21.62 4.88 -48.99
C LEU O 500 20.11 4.90 -48.82
N VAL O 501 19.51 6.08 -48.77
CA VAL O 501 18.06 6.18 -48.68
C VAL O 501 17.40 5.61 -49.93
N SER O 502 17.96 5.92 -51.11
CA SER O 502 17.41 5.37 -52.35
C SER O 502 17.52 3.85 -52.37
N VAL O 503 18.67 3.32 -51.94
CA VAL O 503 18.86 1.87 -51.90
C VAL O 503 17.87 1.24 -50.92
N ILE O 504 17.68 1.87 -49.76
CA ILE O 504 16.74 1.36 -48.78
C ILE O 504 15.33 1.31 -49.34
N ASN O 505 14.92 2.39 -50.01
CA ASN O 505 13.57 2.45 -50.56
C ASN O 505 13.37 1.39 -51.63
N GLU O 506 14.34 1.26 -52.55
CA GLU O 506 14.19 0.28 -53.62
C GLU O 506 14.21 -1.15 -53.09
N PHE O 507 15.00 -1.42 -52.04
CA PHE O 507 15.02 -2.75 -51.47
C PHE O 507 13.73 -3.06 -50.72
N LYS O 508 13.24 -2.10 -49.93
CA LYS O 508 12.04 -2.32 -49.14
C LYS O 508 10.79 -2.37 -50.01
N LYS O 509 10.85 -1.78 -51.21
CA LYS O 509 9.69 -1.82 -52.10
C LYS O 509 9.32 -3.25 -52.47
N GLY O 510 10.31 -4.10 -52.75
CA GLY O 510 10.03 -5.43 -53.26
C GLY O 510 10.33 -6.56 -52.29
N PHE O 511 10.00 -6.39 -51.02
CA PHE O 511 10.15 -7.44 -50.03
C PHE O 511 8.79 -7.84 -49.47
N GLN O 512 8.67 -9.13 -49.14
CA GLN O 512 7.41 -9.65 -48.58
C GLN O 512 7.74 -10.90 -47.79
N ALA O 513 7.54 -10.84 -46.46
CA ALA O 513 7.77 -11.99 -45.59
C ALA O 513 6.46 -12.58 -45.08
N SER O 514 5.62 -11.75 -44.48
CA SER O 514 4.33 -12.22 -43.94
C SER O 514 3.35 -11.06 -43.96
N ASP O 515 2.38 -11.11 -44.88
CA ASP O 515 1.33 -10.12 -45.07
C ASP O 515 1.84 -8.68 -44.95
N GLY O 516 3.03 -8.41 -45.47
CA GLY O 516 3.59 -7.08 -45.42
C GLY O 516 3.02 -6.19 -46.50
N SER O 517 3.44 -4.92 -46.47
CA SER O 517 3.00 -3.94 -47.45
C SER O 517 4.09 -2.91 -47.64
N SER O 518 4.49 -2.70 -48.89
CA SER O 518 5.47 -1.66 -49.20
C SER O 518 4.81 -0.29 -49.12
N VAL O 519 5.44 0.63 -48.39
CA VAL O 519 4.94 1.97 -48.19
C VAL O 519 6.09 2.94 -48.39
N VAL O 520 5.75 4.20 -48.66
CA VAL O 520 6.74 5.23 -48.92
C VAL O 520 7.61 5.49 -47.68
N THR P 14 49.17 -24.31 59.97
CA THR P 14 48.46 -24.08 58.72
C THR P 14 48.26 -22.59 58.46
N ALA P 15 48.90 -22.08 57.41
CA ALA P 15 48.81 -20.68 57.02
C ALA P 15 48.81 -20.58 55.51
N GLY P 16 48.06 -19.63 54.98
CA GLY P 16 48.02 -19.42 53.55
C GLY P 16 48.61 -18.10 53.11
N ARG P 17 49.22 -18.07 51.93
CA ARG P 17 49.87 -16.87 51.42
C ARG P 17 49.34 -16.55 50.03
N VAL P 18 49.01 -15.28 49.82
CA VAL P 18 48.50 -14.84 48.52
C VAL P 18 49.66 -14.69 47.56
N VAL P 19 49.57 -15.34 46.41
CA VAL P 19 50.63 -15.35 45.42
C VAL P 19 50.29 -14.52 44.20
N ARG P 20 49.04 -14.55 43.76
CA ARG P 20 48.63 -13.81 42.57
C ARG P 20 47.13 -13.57 42.62
N ILE P 21 46.71 -12.37 42.25
CA ILE P 21 45.31 -12.02 42.22
C ILE P 21 45.03 -11.20 40.96
N THR P 22 43.81 -11.34 40.44
CA THR P 22 43.35 -10.51 39.33
C THR P 22 41.83 -10.59 39.30
N GLY P 23 41.17 -9.45 39.11
CA GLY P 23 39.73 -9.37 39.19
C GLY P 23 39.25 -9.79 40.57
N PRO P 24 38.01 -10.28 40.65
CA PRO P 24 37.52 -10.81 41.93
C PRO P 24 38.06 -12.19 42.28
N VAL P 25 38.81 -12.82 41.39
CA VAL P 25 39.31 -14.17 41.58
C VAL P 25 40.68 -14.10 42.25
N VAL P 26 40.97 -15.07 43.12
CA VAL P 26 42.21 -15.07 43.90
C VAL P 26 42.83 -16.47 43.82
N ASP P 27 44.15 -16.51 43.63
CA ASP P 27 44.89 -17.76 43.71
C ASP P 27 45.79 -17.77 44.95
N VAL P 28 45.75 -18.88 45.68
CA VAL P 28 46.46 -18.97 46.95
C VAL P 28 47.27 -20.27 46.96
N GLU P 29 48.31 -20.29 47.79
CA GLU P 29 49.19 -21.44 47.95
C GLU P 29 49.20 -21.87 49.41
N PHE P 30 49.23 -23.18 49.63
CA PHE P 30 49.11 -23.79 50.95
C PHE P 30 50.23 -24.77 51.19
N PRO P 31 50.57 -25.06 52.45
CA PRO P 31 51.56 -26.09 52.73
C PRO P 31 51.04 -27.47 52.37
N ARG P 32 51.99 -28.40 52.22
CA ARG P 32 51.65 -29.78 51.88
C ARG P 32 50.83 -30.45 52.97
N GLY P 33 51.05 -30.07 54.23
CA GLY P 33 50.47 -30.82 55.34
C GLY P 33 48.95 -30.83 55.32
N SER P 34 48.34 -29.67 55.11
CA SER P 34 46.89 -29.53 55.19
C SER P 34 46.38 -28.77 53.98
N VAL P 35 45.35 -29.33 53.33
CA VAL P 35 44.68 -28.67 52.22
C VAL P 35 43.17 -28.87 52.38
N PRO P 36 42.41 -27.80 52.61
CA PRO P 36 40.97 -27.96 52.78
C PRO P 36 40.28 -28.40 51.50
N GLU P 37 39.14 -29.07 51.67
CA GLU P 37 38.40 -29.62 50.55
C GLU P 37 37.56 -28.52 49.90
N LEU P 38 36.74 -28.90 48.92
CA LEU P 38 35.97 -27.91 48.17
C LEU P 38 34.87 -27.30 49.05
N PHE P 39 34.49 -26.07 48.71
CA PHE P 39 33.41 -25.34 49.39
C PHE P 39 33.71 -25.18 50.88
N ASN P 40 34.76 -24.43 51.18
CA ASN P 40 35.16 -24.15 52.55
C ASN P 40 35.47 -22.67 52.71
N ALA P 41 35.18 -22.15 53.91
CA ALA P 41 35.36 -20.73 54.19
C ALA P 41 36.82 -20.43 54.55
N LEU P 42 37.35 -19.37 53.95
CA LEU P 42 38.71 -18.90 54.21
C LEU P 42 38.68 -17.44 54.63
N HIS P 43 39.45 -17.11 55.66
CA HIS P 43 39.47 -15.77 56.23
C HIS P 43 40.78 -15.06 55.91
N ALA P 44 40.66 -13.82 55.45
CA ALA P 44 41.78 -12.92 55.27
C ALA P 44 41.33 -11.52 55.66
N GLU P 45 42.27 -10.57 55.69
CA GLU P 45 41.94 -9.24 56.15
C GLU P 45 42.60 -8.21 55.26
N ILE P 46 42.19 -6.95 55.43
CA ILE P 46 42.81 -5.82 54.77
C ILE P 46 43.42 -4.92 55.83
N THR P 47 44.71 -4.63 55.69
CA THR P 47 45.44 -3.83 56.66
C THR P 47 45.36 -2.33 56.38
N PHE P 48 44.74 -1.92 55.29
CA PHE P 48 44.63 -0.51 54.98
C PHE P 48 43.70 0.18 55.98
N GLY P 49 43.98 1.45 56.23
CA GLY P 49 43.22 2.21 57.20
C GLY P 49 41.79 2.50 56.80
N ALA P 50 41.61 3.27 55.73
CA ALA P 50 40.28 3.73 55.36
C ALA P 50 39.37 2.57 54.97
N LEU P 51 39.90 1.60 54.24
CA LEU P 51 39.11 0.48 53.71
C LEU P 51 39.33 -0.80 54.52
N ALA P 52 39.43 -0.66 55.84
CA ALA P 52 39.62 -1.82 56.70
C ALA P 52 38.40 -2.74 56.63
N LYS P 53 38.66 -4.02 56.35
CA LYS P 53 37.60 -5.01 56.16
C LYS P 53 38.22 -6.40 56.11
N THR P 54 37.50 -7.37 56.65
CA THR P 54 37.88 -8.77 56.54
C THR P 54 37.06 -9.43 55.44
N LEU P 55 37.70 -10.34 54.72
CA LEU P 55 37.10 -10.99 53.56
C LEU P 55 37.15 -12.50 53.71
N THR P 56 36.22 -13.17 53.04
CA THR P 56 36.11 -14.62 53.06
C THR P 56 36.04 -15.17 51.64
N LEU P 57 36.80 -16.22 51.41
CA LEU P 57 36.91 -16.90 50.13
C LEU P 57 36.35 -18.31 50.22
N GLU P 58 35.84 -18.79 49.09
CA GLU P 58 35.28 -20.13 48.98
C GLU P 58 36.10 -20.94 47.99
N VAL P 59 36.29 -22.22 48.28
CA VAL P 59 37.12 -23.06 47.44
C VAL P 59 36.42 -23.31 46.12
N ALA P 60 37.11 -23.00 45.03
CA ALA P 60 36.57 -23.17 43.68
C ALA P 60 37.16 -24.38 42.98
N GLN P 61 38.48 -24.45 42.87
CA GLN P 61 39.13 -25.56 42.18
C GLN P 61 40.59 -25.64 42.61
N HIS P 62 41.17 -26.81 42.37
CA HIS P 62 42.58 -27.07 42.64
C HIS P 62 43.38 -26.89 41.36
N LEU P 63 44.62 -26.43 41.50
CA LEU P 63 45.49 -26.20 40.36
C LEU P 63 46.80 -26.98 40.47
N GLY P 64 46.91 -27.91 41.42
CA GLY P 64 48.14 -28.63 41.63
C GLY P 64 49.15 -27.80 42.40
N ASP P 65 50.17 -28.49 42.89
CA ASP P 65 51.24 -27.87 43.70
C ASP P 65 50.66 -27.11 44.89
N SER P 66 49.55 -27.61 45.43
CA SER P 66 48.83 -26.95 46.53
C SER P 66 48.45 -25.51 46.17
N LEU P 67 48.01 -25.31 44.94
CA LEU P 67 47.44 -24.04 44.50
C LEU P 67 45.93 -24.17 44.40
N VAL P 68 45.22 -23.19 44.98
CA VAL P 68 43.77 -23.21 45.03
C VAL P 68 43.24 -21.90 44.47
N ARG P 69 42.25 -22.01 43.58
CA ARG P 69 41.52 -20.87 43.06
C ARG P 69 40.29 -20.63 43.92
N CYS P 70 39.97 -19.36 44.15
CA CYS P 70 38.86 -19.01 45.02
C CYS P 70 38.21 -17.71 44.55
N ILE P 71 36.98 -17.50 45.00
CA ILE P 71 36.14 -16.39 44.58
C ILE P 71 35.79 -15.54 45.81
N SER P 72 35.75 -14.22 45.62
CA SER P 72 35.36 -13.31 46.68
C SER P 72 33.93 -12.82 46.48
N MET P 73 33.27 -12.45 47.59
CA MET P 73 31.99 -11.76 47.52
C MET P 73 32.07 -10.32 48.03
N GLN P 74 33.25 -9.84 48.38
CA GLN P 74 33.49 -8.43 48.65
C GLN P 74 34.42 -7.90 47.56
N PRO P 75 34.40 -6.60 47.29
CA PRO P 75 35.36 -6.04 46.33
C PRO P 75 36.80 -6.26 46.79
N THR P 76 37.67 -6.55 45.83
CA THR P 76 39.04 -6.99 46.13
C THR P 76 40.04 -5.85 46.24
N ASP P 77 39.61 -4.60 46.11
CA ASP P 77 40.53 -3.47 46.20
C ASP P 77 41.09 -3.33 47.61
N GLY P 78 42.38 -3.05 47.70
CA GLY P 78 43.05 -2.89 48.96
C GLY P 78 43.83 -4.08 49.45
N LEU P 79 43.94 -5.14 48.65
CA LEU P 79 44.67 -6.32 49.08
C LEU P 79 46.18 -6.09 48.96
N VAL P 80 46.95 -7.00 49.56
CA VAL P 80 48.39 -7.02 49.40
C VAL P 80 48.87 -8.46 49.58
N ARG P 81 49.93 -8.81 48.87
CA ARG P 81 50.39 -10.19 48.84
C ARG P 81 51.02 -10.58 50.17
N GLY P 82 50.98 -11.88 50.46
CA GLY P 82 51.58 -12.43 51.66
C GLY P 82 50.70 -12.44 52.89
N VAL P 83 49.48 -11.92 52.80
CA VAL P 83 48.60 -11.89 53.96
C VAL P 83 48.23 -13.31 54.35
N GLU P 84 48.27 -13.58 55.66
CA GLU P 84 47.95 -14.91 56.17
C GLU P 84 46.50 -15.26 55.87
N VAL P 85 46.27 -16.52 55.52
CA VAL P 85 44.94 -17.03 55.19
C VAL P 85 44.61 -18.16 56.17
N THR P 86 43.44 -18.07 56.79
CA THR P 86 43.00 -19.07 57.76
C THR P 86 41.68 -19.68 57.30
N ASP P 87 41.49 -20.94 57.68
CA ASP P 87 40.31 -21.70 57.28
C ASP P 87 39.47 -22.07 58.49
N THR P 88 38.20 -22.37 58.23
CA THR P 88 37.28 -22.86 59.26
C THR P 88 37.00 -24.34 59.15
N GLY P 89 37.40 -24.99 58.06
CA GLY P 89 37.13 -26.40 57.87
C GLY P 89 35.66 -26.72 57.75
N ALA P 90 34.88 -25.86 57.09
CA ALA P 90 33.46 -26.10 56.92
C ALA P 90 32.95 -25.28 55.75
N SER P 91 31.78 -25.66 55.25
CA SER P 91 31.12 -24.91 54.21
C SER P 91 30.46 -23.67 54.80
N ILE P 92 29.63 -23.00 53.99
CA ILE P 92 28.98 -21.79 54.45
C ILE P 92 27.73 -22.16 55.25
N SER P 93 27.68 -21.73 56.50
CA SER P 93 26.54 -21.97 57.37
C SER P 93 25.71 -20.70 57.50
N VAL P 94 24.40 -20.88 57.59
CA VAL P 94 23.46 -19.78 57.67
C VAL P 94 22.49 -20.02 58.82
N PRO P 95 21.96 -18.97 59.44
CA PRO P 95 21.09 -19.16 60.60
C PRO P 95 19.69 -19.61 60.19
N VAL P 96 19.15 -20.51 60.98
CA VAL P 96 17.78 -21.01 60.82
C VAL P 96 17.13 -21.06 62.20
N GLY P 97 15.88 -20.64 62.27
CA GLY P 97 15.16 -20.61 63.53
C GLY P 97 13.74 -20.13 63.30
N ASP P 98 12.97 -20.11 64.39
CA ASP P 98 11.56 -19.74 64.30
C ASP P 98 11.39 -18.23 64.21
N GLY P 99 12.26 -17.46 64.85
CA GLY P 99 12.12 -16.02 64.89
C GLY P 99 12.81 -15.32 63.75
N VAL P 100 13.16 -16.07 62.70
CA VAL P 100 13.86 -15.49 61.55
C VAL P 100 12.98 -14.45 60.87
N LYS P 101 11.70 -14.75 60.70
CA LYS P 101 10.81 -13.85 60.00
C LYS P 101 10.70 -12.50 60.72
N GLY P 102 10.38 -11.47 59.96
CA GLY P 102 10.25 -10.13 60.48
C GLY P 102 11.52 -9.32 60.48
N HIS P 103 12.57 -9.78 59.79
CA HIS P 103 13.83 -9.06 59.74
C HIS P 103 14.41 -9.16 58.34
N VAL P 104 15.21 -8.16 57.98
CA VAL P 104 15.88 -8.11 56.69
C VAL P 104 17.29 -8.68 56.85
N PHE P 105 17.75 -9.38 55.82
CA PHE P 105 19.01 -10.11 55.89
C PHE P 105 19.88 -9.78 54.69
N ASN P 106 21.19 -9.97 54.87
CA ASN P 106 22.17 -9.75 53.84
C ASN P 106 22.61 -11.07 53.25
N ALA P 107 23.64 -11.02 52.39
CA ALA P 107 24.21 -12.25 51.85
C ALA P 107 24.81 -13.10 52.95
N LEU P 108 25.50 -12.48 53.90
CA LEU P 108 26.11 -13.20 55.00
C LEU P 108 25.08 -13.80 55.95
N GLY P 109 23.85 -13.31 55.94
CA GLY P 109 22.85 -13.72 56.90
C GLY P 109 22.81 -12.90 58.16
N ASP P 110 23.75 -11.98 58.36
CA ASP P 110 23.69 -11.06 59.48
C ASP P 110 22.54 -10.09 59.30
N CYS P 111 21.82 -9.83 60.38
CA CYS P 111 20.66 -8.94 60.31
C CYS P 111 21.09 -7.54 59.92
N LEU P 112 20.28 -6.91 59.08
CA LEU P 112 20.53 -5.55 58.61
C LEU P 112 19.81 -4.49 59.43
N ASP P 113 18.55 -4.71 59.76
CA ASP P 113 17.81 -3.73 60.55
C ASP P 113 18.33 -3.64 61.98
N ASP P 114 18.64 -4.79 62.59
CA ASP P 114 19.12 -4.84 63.96
C ASP P 114 20.50 -5.49 63.96
N PRO P 115 21.58 -4.69 63.94
CA PRO P 115 22.92 -5.28 63.96
C PRO P 115 23.16 -6.09 65.22
N GLY P 116 23.84 -7.22 65.07
CA GLY P 116 24.10 -8.12 66.16
C GLY P 116 22.97 -9.07 66.49
N TYR P 117 21.84 -8.95 65.80
CA TYR P 117 20.70 -9.82 66.08
C TYR P 117 20.94 -11.21 65.52
N GLY P 118 20.90 -12.21 66.38
CA GLY P 118 21.15 -13.57 65.95
C GLY P 118 22.38 -14.19 66.58
N LYS P 119 23.05 -15.06 65.83
CA LYS P 119 24.18 -15.84 66.32
C LYS P 119 23.81 -16.66 67.55
N ASP P 120 22.54 -17.06 67.64
CA ASP P 120 22.08 -17.91 68.72
C ASP P 120 21.10 -18.97 68.25
N PHE P 121 20.82 -19.04 66.96
CA PHE P 121 19.88 -20.01 66.40
C PHE P 121 20.67 -21.15 65.76
N GLU P 122 19.95 -22.06 65.10
CA GLU P 122 20.63 -23.18 64.48
C GLU P 122 21.36 -22.70 63.23
N HIS P 123 22.31 -23.51 62.78
CA HIS P 123 23.08 -23.19 61.58
C HIS P 123 23.04 -24.37 60.62
N TRP P 124 22.71 -24.09 59.37
CA TRP P 124 22.65 -25.13 58.34
C TRP P 124 23.49 -24.70 57.13
N SER P 125 24.06 -25.68 56.45
CA SER P 125 24.81 -25.38 55.24
C SER P 125 23.87 -24.99 54.11
N ILE P 126 24.44 -24.42 53.06
CA ILE P 126 23.69 -24.01 51.89
C ILE P 126 23.86 -24.97 50.73
N HIS P 127 24.63 -26.04 50.92
CA HIS P 127 24.83 -27.06 49.90
C HIS P 127 24.14 -28.33 50.36
N ARG P 128 23.02 -28.64 49.72
CA ARG P 128 22.21 -29.80 50.08
C ARG P 128 22.00 -30.64 48.82
N LYS P 129 21.17 -31.67 48.95
CA LYS P 129 20.91 -32.59 47.87
C LYS P 129 19.42 -32.70 47.61
N PRO P 130 19.03 -32.97 46.36
CA PRO P 130 17.60 -33.06 46.04
C PRO P 130 16.98 -34.26 46.72
N PRO P 131 15.67 -34.23 46.96
CA PRO P 131 15.01 -35.36 47.62
C PRO P 131 14.97 -36.59 46.72
N ALA P 132 14.76 -37.73 47.35
CA ALA P 132 14.71 -39.00 46.63
C ALA P 132 13.45 -39.05 45.75
N PHE P 133 13.52 -39.90 44.72
CA PHE P 133 12.43 -40.00 43.76
C PHE P 133 11.22 -40.70 44.35
N SER P 134 11.41 -41.57 45.34
CA SER P 134 10.29 -42.28 45.94
C SER P 134 9.29 -41.34 46.60
N ASP P 135 9.74 -40.20 47.08
CA ASP P 135 8.88 -39.25 47.77
C ASP P 135 8.21 -38.27 46.81
N LEU P 136 8.48 -38.39 45.51
CA LEU P 136 7.88 -37.50 44.53
C LEU P 136 6.41 -37.82 44.34
N GLU P 137 5.63 -36.79 44.02
CA GLU P 137 4.21 -36.97 43.75
C GLU P 137 3.68 -35.85 42.85
N PRO P 138 2.96 -36.19 41.78
CA PRO P 138 2.36 -35.16 40.93
C PRO P 138 1.13 -34.55 41.60
N ARG P 139 0.79 -33.34 41.16
CA ARG P 139 -0.32 -32.61 41.73
C ARG P 139 -1.19 -32.00 40.64
N THR P 140 -2.47 -31.78 40.98
CA THR P 140 -3.42 -31.16 40.07
C THR P 140 -4.33 -30.17 40.78
N GLU P 141 -3.98 -29.74 41.99
CA GLU P 141 -4.84 -28.85 42.76
C GLU P 141 -4.97 -27.51 42.06
N MET P 142 -6.17 -27.23 41.56
CA MET P 142 -6.41 -26.00 40.81
C MET P 142 -6.43 -24.80 41.74
N LEU P 143 -5.90 -23.68 41.25
CA LEU P 143 -5.86 -22.42 41.98
C LEU P 143 -6.54 -21.35 41.14
N GLU P 144 -7.34 -20.51 41.79
CA GLU P 144 -8.10 -19.48 41.11
C GLU P 144 -7.64 -18.10 41.58
N THR P 145 -7.72 -17.13 40.67
CA THR P 145 -7.32 -15.76 40.92
C THR P 145 -8.37 -14.82 40.36
N GLY P 146 -8.53 -13.66 41.00
CA GLY P 146 -9.59 -12.74 40.60
C GLY P 146 -9.47 -12.24 39.18
N LEU P 147 -8.24 -12.10 38.68
CA LEU P 147 -8.05 -11.70 37.29
C LEU P 147 -8.68 -12.73 36.35
N LYS P 148 -9.43 -12.23 35.37
CA LYS P 148 -10.19 -13.12 34.49
C LYS P 148 -9.30 -13.83 33.50
N VAL P 149 -8.28 -13.14 32.96
CA VAL P 149 -7.50 -13.71 31.87
C VAL P 149 -6.70 -14.92 32.33
N VAL P 150 -6.12 -14.85 33.52
CA VAL P 150 -5.33 -15.97 34.01
C VAL P 150 -6.20 -17.19 34.27
N ASP P 151 -7.43 -16.97 34.74
CA ASP P 151 -8.31 -18.09 35.05
C ASP P 151 -8.91 -18.69 33.79
N LEU P 152 -9.22 -17.87 32.79
CA LEU P 152 -9.88 -18.40 31.59
C LEU P 152 -8.91 -19.15 30.68
N LEU P 153 -7.68 -18.66 30.57
CA LEU P 153 -6.74 -19.25 29.61
C LEU P 153 -5.85 -20.30 30.25
N THR P 154 -5.09 -19.92 31.28
CA THR P 154 -4.11 -20.79 31.91
C THR P 154 -4.41 -20.84 33.39
N PRO P 155 -5.40 -21.62 33.80
CA PRO P 155 -5.74 -21.72 35.22
C PRO P 155 -4.55 -22.22 36.03
N TYR P 156 -4.40 -21.66 37.23
CA TYR P 156 -3.24 -21.93 38.05
C TYR P 156 -3.43 -23.20 38.86
N VAL P 157 -2.35 -23.94 39.03
CA VAL P 157 -2.36 -25.21 39.74
C VAL P 157 -1.47 -25.09 40.97
N ARG P 158 -1.98 -25.56 42.11
CA ARG P 158 -1.22 -25.51 43.34
C ARG P 158 -0.10 -26.54 43.33
N GLY P 159 0.97 -26.20 44.05
CA GLY P 159 2.12 -27.09 44.14
C GLY P 159 3.01 -27.12 42.92
N GLY P 160 2.84 -26.19 41.99
CA GLY P 160 3.63 -26.20 40.77
C GLY P 160 4.56 -25.03 40.62
N LYS P 161 5.00 -24.76 39.40
CA LYS P 161 5.92 -23.68 39.10
C LYS P 161 5.27 -22.72 38.12
N ILE P 162 5.53 -21.42 38.31
CA ILE P 162 4.89 -20.36 37.55
C ILE P 162 5.97 -19.55 36.83
N ALA P 163 5.75 -19.29 35.55
CA ALA P 163 6.71 -18.57 34.72
C ALA P 163 6.05 -17.31 34.16
N LEU P 164 6.75 -16.19 34.26
CA LEU P 164 6.31 -14.91 33.73
C LEU P 164 7.36 -14.41 32.74
N PHE P 165 7.12 -14.65 31.46
CA PHE P 165 8.08 -14.33 30.42
C PHE P 165 7.74 -13.03 29.72
N GLY P 166 8.79 -12.31 29.33
CA GLY P 166 8.63 -11.05 28.63
C GLY P 166 9.98 -10.39 28.44
N GLY P 167 9.94 -9.20 27.87
CA GLY P 167 11.13 -8.41 27.61
C GLY P 167 11.51 -7.52 28.77
N ALA P 168 11.79 -6.27 28.45
CA ALA P 168 12.16 -5.26 29.44
C ALA P 168 11.06 -4.23 29.58
N GLY P 169 10.69 -3.93 30.81
CA GLY P 169 9.68 -2.91 31.05
C GLY P 169 8.30 -3.24 30.53
N VAL P 170 7.83 -4.46 30.78
CA VAL P 170 6.56 -4.90 30.24
C VAL P 170 5.63 -5.21 31.41
N GLY P 171 5.80 -4.47 32.50
CA GLY P 171 4.88 -4.58 33.63
C GLY P 171 4.98 -5.83 34.46
N LYS P 172 6.14 -6.49 34.44
CA LYS P 172 6.31 -7.70 35.26
C LYS P 172 6.18 -7.38 36.74
N THR P 173 6.86 -6.32 37.18
CA THR P 173 6.86 -6.00 38.61
C THR P 173 5.45 -5.71 39.10
N VAL P 174 4.68 -4.93 38.34
CA VAL P 174 3.35 -4.52 38.77
C VAL P 174 2.46 -5.74 39.02
N LEU P 175 2.41 -6.66 38.06
CA LEU P 175 1.64 -7.87 38.25
C LEU P 175 2.20 -8.71 39.39
N ILE P 176 3.52 -8.61 39.64
CA ILE P 176 4.10 -9.35 40.75
C ILE P 176 3.48 -8.90 42.07
N GLN P 177 3.47 -7.58 42.32
CA GLN P 177 2.87 -7.15 43.59
C GLN P 177 1.36 -7.32 43.56
N GLU P 178 0.73 -7.25 42.39
CA GLU P 178 -0.71 -7.52 42.31
C GLU P 178 -1.03 -8.92 42.82
N MET P 179 -0.33 -9.92 42.28
CA MET P 179 -0.58 -11.30 42.69
C MET P 179 -0.20 -11.50 44.15
N ILE P 180 0.90 -10.88 44.61
CA ILE P 180 1.31 -11.10 45.99
C ILE P 180 0.30 -10.48 46.94
N ASN P 181 -0.28 -9.34 46.57
CA ASN P 181 -1.35 -8.75 47.39
C ASN P 181 -2.58 -9.65 47.42
N ARG P 182 -2.96 -10.18 46.25
CA ARG P 182 -4.12 -11.08 46.21
C ARG P 182 -3.90 -12.29 47.11
N ILE P 183 -2.73 -12.90 47.01
CA ILE P 183 -2.44 -14.10 47.80
C ILE P 183 -2.40 -13.76 49.29
N ALA P 184 -1.75 -12.65 49.65
CA ALA P 184 -1.65 -12.28 51.06
C ALA P 184 -3.01 -12.00 51.66
N ARG P 185 -3.88 -11.31 50.93
CA ARG P 185 -5.22 -11.04 51.46
C ARG P 185 -6.03 -12.32 51.56
N ASN P 186 -5.98 -13.18 50.54
CA ASN P 186 -6.76 -14.41 50.56
C ASN P 186 -6.17 -15.42 51.55
N PHE P 187 -4.86 -15.60 51.53
CA PHE P 187 -4.21 -16.70 52.23
C PHE P 187 -3.18 -16.17 53.21
N GLY P 188 -3.10 -16.83 54.37
CA GLY P 188 -2.12 -16.48 55.37
C GLY P 188 -0.90 -17.38 55.32
N GLY P 189 -0.48 -17.89 56.47
CA GLY P 189 0.64 -18.79 56.54
C GLY P 189 1.98 -18.07 56.46
N THR P 190 3.04 -18.87 56.38
CA THR P 190 4.39 -18.34 56.26
C THR P 190 4.75 -18.11 54.80
N SER P 191 5.42 -16.97 54.54
CA SER P 191 5.80 -16.61 53.18
C SER P 191 7.22 -16.06 53.16
N VAL P 192 7.88 -16.25 52.03
CA VAL P 192 9.26 -15.82 51.83
C VAL P 192 9.34 -15.11 50.48
N PHE P 193 9.85 -13.88 50.49
CA PHE P 193 10.16 -13.13 49.29
C PHE P 193 11.66 -12.97 49.17
N ALA P 194 12.18 -13.17 47.96
CA ALA P 194 13.59 -12.95 47.69
C ALA P 194 13.75 -12.72 46.20
N GLY P 195 14.93 -12.25 45.83
CA GLY P 195 15.23 -12.05 44.43
C GLY P 195 16.60 -11.44 44.26
N VAL P 196 17.09 -11.49 43.02
CA VAL P 196 18.34 -10.87 42.63
C VAL P 196 18.07 -10.02 41.40
N GLY P 197 18.67 -8.85 41.35
CA GLY P 197 18.47 -7.95 40.23
C GLY P 197 17.31 -7.00 40.46
N GLU P 198 17.22 -6.45 41.66
CA GLU P 198 16.16 -5.54 42.02
C GLU P 198 16.75 -4.27 42.63
N ARG P 199 16.07 -3.16 42.41
CA ARG P 199 16.60 -1.87 42.79
C ARG P 199 16.32 -1.57 44.26
N THR P 200 17.07 -0.61 44.80
CA THR P 200 16.87 -0.21 46.19
C THR P 200 15.53 0.46 46.40
N ARG P 201 15.14 1.35 45.47
CA ARG P 201 13.92 2.12 45.64
C ARG P 201 12.70 1.21 45.73
N GLU P 202 12.60 0.24 44.84
CA GLU P 202 11.47 -0.68 44.89
C GLU P 202 11.50 -1.50 46.17
N GLY P 203 12.70 -1.84 46.66
CA GLY P 203 12.78 -2.61 47.89
C GLY P 203 12.27 -1.83 49.08
N ASN P 204 12.64 -0.55 49.18
CA ASN P 204 12.12 0.28 50.25
C ASN P 204 10.62 0.46 50.13
N ASP P 205 10.12 0.64 48.90
CA ASP P 205 8.67 0.75 48.70
C ASP P 205 7.96 -0.52 49.11
N LEU P 206 8.54 -1.68 48.77
CA LEU P 206 7.97 -2.96 49.17
C LEU P 206 7.96 -3.10 50.68
N TRP P 207 9.04 -2.70 51.34
CA TRP P 207 9.07 -2.74 52.80
C TRP P 207 7.99 -1.85 53.39
N VAL P 208 7.82 -0.65 52.85
CA VAL P 208 6.81 0.26 53.38
C VAL P 208 5.41 -0.31 53.19
N GLU P 209 5.12 -0.82 52.00
CA GLU P 209 3.81 -1.39 51.74
C GLU P 209 3.56 -2.63 52.60
N LEU P 210 4.59 -3.45 52.79
CA LEU P 210 4.46 -4.65 53.60
C LEU P 210 4.19 -4.29 55.06
N ALA P 211 4.86 -3.25 55.57
CA ALA P 211 4.55 -2.75 56.89
C ALA P 211 3.12 -2.22 56.96
N ASP P 212 2.67 -1.56 55.89
CA ASP P 212 1.30 -1.06 55.85
C ASP P 212 0.30 -2.20 55.95
N ALA P 213 0.57 -3.31 55.26
CA ALA P 213 -0.36 -4.44 55.24
C ALA P 213 -0.41 -5.20 56.56
N ASN P 214 0.50 -4.92 57.49
CA ASN P 214 0.57 -5.63 58.77
C ASN P 214 0.72 -7.14 58.58
N VAL P 215 1.47 -7.55 57.57
CA VAL P 215 1.78 -8.95 57.32
C VAL P 215 3.27 -9.22 57.27
N LEU P 216 4.11 -8.21 57.53
CA LEU P 216 5.55 -8.38 57.51
C LEU P 216 6.05 -9.29 58.63
N LYS P 217 5.22 -9.57 59.63
CA LYS P 217 5.67 -10.36 60.77
C LYS P 217 5.97 -11.80 60.36
N ASP P 218 5.27 -12.32 59.37
CA ASP P 218 5.44 -13.70 58.93
C ASP P 218 6.18 -13.83 57.61
N THR P 219 6.70 -12.73 57.07
CA THR P 219 7.34 -12.72 55.76
C THR P 219 8.85 -12.66 55.93
N ALA P 220 9.57 -13.50 55.18
CA ALA P 220 11.02 -13.47 55.18
C ALA P 220 11.55 -12.64 54.02
N LEU P 221 12.47 -11.73 54.32
CA LEU P 221 12.97 -10.76 53.34
C LEU P 221 14.49 -10.83 53.30
N VAL P 222 15.03 -11.06 52.11
CA VAL P 222 16.47 -10.97 51.86
C VAL P 222 16.67 -10.92 50.35
N PHE P 223 17.57 -10.06 49.90
CA PHE P 223 17.79 -9.89 48.47
C PHE P 223 19.08 -9.10 48.24
N GLY P 224 19.57 -9.16 47.00
CA GLY P 224 20.78 -8.48 46.62
C GLY P 224 20.53 -7.22 45.81
N GLN P 225 21.61 -6.62 45.34
CA GLN P 225 21.57 -5.39 44.56
C GLN P 225 22.59 -5.49 43.43
N MET P 226 22.62 -4.47 42.57
CA MET P 226 23.56 -4.48 41.45
C MET P 226 24.97 -4.25 41.93
N ASP P 227 25.18 -3.19 42.73
CA ASP P 227 26.51 -2.78 43.15
C ASP P 227 27.02 -3.75 44.21
N GLU P 228 27.32 -4.97 43.76
CA GLU P 228 27.87 -6.00 44.62
C GLU P 228 28.67 -6.96 43.77
N PRO P 229 29.70 -7.60 44.32
CA PRO P 229 30.38 -8.65 43.58
C PRO P 229 29.43 -9.79 43.29
N PRO P 230 29.64 -10.50 42.17
CA PRO P 230 28.68 -11.55 41.78
C PRO P 230 28.56 -12.71 42.77
N GLY P 231 29.54 -12.90 43.66
CA GLY P 231 29.47 -14.03 44.58
C GLY P 231 28.19 -14.01 45.40
N THR P 232 27.89 -12.84 45.98
CA THR P 232 26.59 -12.67 46.61
C THR P 232 25.46 -12.92 45.63
N ARG P 233 25.67 -12.54 44.37
CA ARG P 233 24.60 -12.65 43.38
C ARG P 233 24.17 -14.09 43.16
N MET P 234 25.11 -15.03 43.13
CA MET P 234 24.66 -16.42 43.00
C MET P 234 24.62 -17.17 44.33
N ARG P 235 24.89 -16.51 45.46
CA ARG P 235 24.74 -17.22 46.72
C ARG P 235 23.48 -16.85 47.51
N VAL P 236 22.94 -15.65 47.33
CA VAL P 236 21.77 -15.26 48.11
C VAL P 236 20.57 -16.13 47.73
N ALA P 237 20.46 -16.50 46.46
CA ALA P 237 19.36 -17.37 46.05
C ALA P 237 19.46 -18.73 46.73
N LEU P 238 20.67 -19.27 46.82
CA LEU P 238 20.87 -20.53 47.53
C LEU P 238 20.49 -20.39 49.00
N SER P 239 20.84 -19.25 49.61
CA SER P 239 20.44 -19.02 50.99
C SER P 239 18.93 -18.99 51.13
N ALA P 240 18.25 -18.33 50.20
CA ALA P 240 16.79 -18.26 50.25
C ALA P 240 16.16 -19.63 50.12
N LEU P 241 16.69 -20.45 49.20
CA LEU P 241 16.16 -21.81 49.04
C LEU P 241 16.41 -22.64 50.30
N THR P 242 17.57 -22.43 50.94
CA THR P 242 17.83 -23.15 52.19
C THR P 242 16.83 -22.76 53.27
N MET P 243 16.53 -21.45 53.38
CA MET P 243 15.48 -21.01 54.29
C MET P 243 14.15 -21.69 53.97
N ALA P 244 13.81 -21.75 52.68
CA ALA P 244 12.55 -22.35 52.28
C ALA P 244 12.48 -23.81 52.68
N GLU P 245 13.55 -24.57 52.43
CA GLU P 245 13.56 -25.98 52.79
C GLU P 245 13.51 -26.17 54.30
N PHE P 246 14.22 -25.34 55.05
CA PHE P 246 14.19 -25.44 56.51
C PHE P 246 12.79 -25.21 57.04
N PHE P 247 12.10 -24.18 56.52
CA PHE P 247 10.73 -23.94 56.94
C PHE P 247 9.80 -25.07 56.50
N ARG P 248 10.00 -25.61 55.31
CA ARG P 248 9.09 -26.63 54.80
C ARG P 248 9.23 -27.94 55.56
N ASP P 249 10.46 -28.36 55.84
CA ASP P 249 10.67 -29.71 56.38
C ASP P 249 10.22 -29.81 57.83
N GLU P 250 10.84 -29.04 58.71
CA GLU P 250 10.57 -29.18 60.14
C GLU P 250 9.17 -28.67 60.49
N GLN P 251 8.80 -27.51 59.99
CA GLN P 251 7.51 -26.93 60.35
C GLN P 251 6.35 -27.73 59.75
N GLY P 252 6.55 -28.27 58.55
CA GLY P 252 5.50 -29.02 57.87
C GLY P 252 4.30 -28.19 57.50
N GLN P 253 4.52 -26.91 57.19
CA GLN P 253 3.46 -25.99 56.81
C GLN P 253 3.71 -25.47 55.41
N ASP P 254 2.63 -25.25 54.66
CA ASP P 254 2.76 -24.70 53.31
C ASP P 254 3.37 -23.31 53.36
N VAL P 255 4.37 -23.08 52.51
CA VAL P 255 5.09 -21.82 52.48
C VAL P 255 5.01 -21.24 51.08
N LEU P 256 4.67 -19.96 50.99
CA LEU P 256 4.68 -19.26 49.72
C LEU P 256 6.10 -18.79 49.42
N LEU P 257 6.55 -19.01 48.18
CA LEU P 257 7.88 -18.61 47.76
C LEU P 257 7.78 -17.63 46.60
N PHE P 258 8.55 -16.56 46.67
CA PHE P 258 8.55 -15.55 45.61
C PHE P 258 9.98 -15.24 45.22
N ILE P 259 10.28 -15.37 43.92
CA ILE P 259 11.61 -15.16 43.37
C ILE P 259 11.47 -14.34 42.09
N ASP P 260 12.35 -13.36 41.92
CA ASP P 260 12.24 -12.41 40.81
C ASP P 260 13.57 -12.27 40.10
N ASN P 261 13.51 -12.16 38.77
CA ASN P 261 14.66 -11.85 37.92
C ASN P 261 15.82 -12.82 38.18
N ILE P 262 15.55 -14.09 37.90
CA ILE P 262 16.59 -15.11 37.98
C ILE P 262 17.64 -14.94 36.89
N PHE P 263 17.31 -14.20 35.83
CA PHE P 263 18.21 -14.10 34.68
C PHE P 263 19.58 -13.56 35.09
N ARG P 264 19.60 -12.52 35.92
CA ARG P 264 20.86 -11.97 36.41
C ARG P 264 21.74 -13.07 36.98
N PHE P 265 21.14 -13.96 37.77
CA PHE P 265 21.84 -15.14 38.28
C PHE P 265 22.71 -15.76 37.20
N THR P 266 22.07 -16.21 36.12
CA THR P 266 22.81 -16.84 35.04
C THR P 266 23.92 -15.93 34.55
N GLN P 267 23.58 -14.68 34.27
CA GLN P 267 24.59 -13.73 33.79
C GLN P 267 25.76 -13.68 34.75
N ALA P 268 25.48 -13.63 36.05
CA ALA P 268 26.54 -13.59 37.04
C ALA P 268 27.53 -14.73 36.80
N GLY P 269 27.01 -15.96 36.67
CA GLY P 269 27.89 -17.08 36.44
C GLY P 269 28.77 -16.86 35.23
N SER P 270 28.17 -16.39 34.12
CA SER P 270 28.94 -16.13 32.92
C SER P 270 30.16 -15.29 33.24
N GLU P 271 29.96 -14.20 33.99
CA GLU P 271 31.05 -13.31 34.32
C GLU P 271 32.21 -14.08 34.94
N VAL P 272 31.92 -14.86 35.99
CA VAL P 272 33.03 -15.50 36.69
C VAL P 272 33.71 -16.51 35.78
N SER P 273 32.93 -17.18 34.91
CA SER P 273 33.55 -18.12 33.99
C SER P 273 34.53 -17.40 33.07
N THR P 274 34.16 -16.21 32.60
CA THR P 274 35.06 -15.43 31.79
C THR P 274 36.37 -15.14 32.52
N LEU P 275 36.29 -14.97 33.84
CA LEU P 275 37.49 -14.72 34.63
C LEU P 275 38.31 -15.98 34.83
N LEU P 276 37.66 -17.15 34.81
CA LEU P 276 38.38 -18.39 35.11
C LEU P 276 39.38 -18.73 34.01
N GLY P 277 39.06 -18.40 32.76
CA GLY P 277 39.90 -18.76 31.64
C GLY P 277 39.47 -20.02 30.91
N ARG P 278 38.32 -20.59 31.26
CA ARG P 278 37.82 -21.76 30.57
C ARG P 278 37.40 -21.38 29.15
N MET P 279 37.30 -22.39 28.29
CA MET P 279 36.95 -22.15 26.91
C MET P 279 35.54 -21.59 26.80
N PRO P 280 35.31 -20.54 26.01
CA PRO P 280 33.98 -19.96 25.91
C PRO P 280 33.02 -20.90 25.19
N SER P 281 31.73 -20.61 25.34
CA SER P 281 30.66 -21.39 24.74
C SER P 281 29.89 -20.51 23.77
N ALA P 282 28.76 -21.02 23.29
CA ALA P 282 27.93 -20.27 22.36
C ALA P 282 27.47 -18.96 23.00
N VAL P 283 27.59 -17.88 22.23
CA VAL P 283 27.20 -16.53 22.65
C VAL P 283 28.03 -16.17 23.88
N GLY P 284 29.21 -16.76 24.00
CA GLY P 284 30.09 -16.43 25.11
C GLY P 284 29.52 -16.75 26.47
N TYR P 285 28.97 -17.93 26.64
CA TYR P 285 28.30 -18.30 27.89
C TYR P 285 29.17 -19.31 28.66
N GLN P 286 28.62 -19.80 29.77
CA GLN P 286 29.36 -20.71 30.62
C GLN P 286 29.61 -22.04 29.91
N PRO P 287 30.72 -22.71 30.23
CA PRO P 287 30.94 -24.05 29.66
C PRO P 287 29.84 -25.03 30.03
N THR P 288 29.32 -24.93 31.25
CA THR P 288 28.20 -25.75 31.69
C THR P 288 27.23 -24.85 32.45
N LEU P 289 25.99 -24.80 31.99
CA LEU P 289 24.96 -23.97 32.62
C LEU P 289 23.73 -24.79 32.90
N ALA P 290 23.48 -25.80 32.06
CA ALA P 290 22.27 -26.61 32.20
C ALA P 290 22.26 -27.38 33.51
N ASP P 291 23.40 -27.94 33.90
CA ASP P 291 23.46 -28.73 35.13
C ASP P 291 23.13 -27.87 36.35
N GLU P 292 23.72 -26.68 36.42
CA GLU P 292 23.45 -25.79 37.53
C GLU P 292 21.99 -25.33 37.51
N MET P 293 21.46 -25.07 36.32
CA MET P 293 20.06 -24.69 36.20
C MET P 293 19.15 -25.80 36.74
N GLY P 294 19.43 -27.05 36.37
CA GLY P 294 18.63 -28.15 36.86
C GLY P 294 18.76 -28.35 38.36
N GLU P 295 19.98 -28.17 38.88
CA GLU P 295 20.18 -28.25 40.33
C GLU P 295 19.36 -27.18 41.04
N LEU P 296 19.36 -25.96 40.51
CA LEU P 296 18.58 -24.89 41.12
C LEU P 296 17.08 -25.17 41.05
N GLN P 297 16.62 -25.67 39.91
CA GLN P 297 15.18 -25.88 39.74
C GLN P 297 14.68 -27.04 40.59
N GLU P 298 15.38 -28.17 40.55
CA GLU P 298 14.93 -29.36 41.26
C GLU P 298 14.99 -29.21 42.77
N ARG P 299 15.67 -28.18 43.28
CA ARG P 299 15.61 -27.89 44.70
C ARG P 299 14.18 -27.56 45.14
N ILE P 300 13.36 -27.09 44.22
CA ILE P 300 11.97 -26.77 44.51
C ILE P 300 11.11 -27.96 44.16
N THR P 301 10.41 -28.51 45.15
CA THR P 301 9.57 -29.69 44.94
C THR P 301 8.62 -29.83 46.11
N SER P 302 7.33 -29.92 45.82
CA SER P 302 6.33 -30.12 46.86
C SER P 302 6.27 -31.60 47.21
N THR P 303 6.46 -31.90 48.50
CA THR P 303 6.41 -33.28 48.96
C THR P 303 4.95 -33.68 49.20
N ARG P 304 4.73 -34.99 49.43
CA ARG P 304 3.39 -35.48 49.71
C ARG P 304 2.77 -34.75 50.90
N GLY P 305 3.52 -34.61 51.98
CA GLY P 305 3.06 -33.86 53.13
C GLY P 305 3.42 -32.40 53.14
N ARG P 306 4.07 -31.90 52.10
CA ARG P 306 4.55 -30.52 52.05
C ARG P 306 4.14 -29.90 50.72
N SER P 307 3.16 -29.01 50.76
CA SER P 307 2.69 -28.32 49.56
C SER P 307 3.46 -27.00 49.43
N ILE P 308 4.17 -26.85 48.31
CA ILE P 308 4.99 -25.68 48.08
C ILE P 308 4.63 -25.09 46.73
N THR P 309 4.35 -23.77 46.72
CA THR P 309 4.03 -23.04 45.51
C THR P 309 5.05 -21.94 45.31
N SER P 310 5.57 -21.81 44.09
CA SER P 310 6.55 -20.80 43.77
C SER P 310 6.22 -20.13 42.45
N MET P 311 6.66 -18.88 42.31
CA MET P 311 6.51 -18.12 41.09
C MET P 311 7.88 -17.57 40.70
N GLN P 312 8.13 -17.50 39.39
CA GLN P 312 9.43 -17.07 38.88
C GLN P 312 9.25 -15.97 37.85
N ALA P 313 10.00 -14.89 38.01
CA ALA P 313 10.07 -13.81 37.04
C ALA P 313 11.38 -13.93 36.27
N VAL P 314 11.29 -13.98 34.95
CA VAL P 314 12.44 -14.21 34.09
C VAL P 314 12.57 -13.04 33.13
N TYR P 315 13.81 -12.61 32.89
CA TYR P 315 14.11 -11.56 31.93
C TYR P 315 14.70 -12.13 30.66
N VAL P 316 14.15 -11.71 29.52
CA VAL P 316 14.64 -12.10 28.21
C VAL P 316 15.57 -11.00 27.71
N PRO P 317 16.84 -11.28 27.46
CA PRO P 317 17.75 -10.24 26.97
C PRO P 317 17.50 -9.91 25.51
N ALA P 318 17.59 -8.62 25.19
CA ALA P 318 17.58 -8.09 23.83
C ALA P 318 16.30 -8.41 23.07
N ASP P 319 15.22 -8.79 23.76
CA ASP P 319 13.94 -9.10 23.13
C ASP P 319 14.11 -10.18 22.05
N ASP P 320 14.96 -11.16 22.34
CA ASP P 320 15.22 -12.27 21.43
C ASP P 320 15.08 -13.57 22.20
N TYR P 321 14.28 -14.48 21.66
CA TYR P 321 14.09 -15.80 22.27
C TYR P 321 15.02 -16.85 21.70
N THR P 322 15.88 -16.49 20.75
CA THR P 322 16.87 -17.42 20.24
C THR P 322 17.92 -17.73 21.31
N ASP P 323 18.09 -16.85 22.28
CA ASP P 323 19.01 -17.08 23.37
C ASP P 323 18.62 -18.35 24.12
N PRO P 324 19.56 -19.28 24.30
CA PRO P 324 19.26 -20.46 25.14
C PRO P 324 19.10 -20.16 26.61
N ALA P 325 19.32 -18.91 27.05
CA ALA P 325 19.18 -18.59 28.46
C ALA P 325 17.77 -18.85 28.98
N PRO P 326 16.68 -18.40 28.32
CA PRO P 326 15.35 -18.81 28.78
C PRO P 326 14.91 -20.12 28.14
N ALA P 327 15.56 -20.50 27.04
CA ALA P 327 15.22 -21.76 26.39
C ALA P 327 15.50 -22.94 27.31
N THR P 328 16.62 -22.88 28.06
CA THR P 328 16.94 -23.92 29.02
C THR P 328 15.88 -23.99 30.12
N THR P 329 15.42 -22.83 30.60
CA THR P 329 14.42 -22.81 31.64
C THR P 329 13.07 -23.31 31.14
N PHE P 330 12.81 -23.18 29.84
CA PHE P 330 11.55 -23.65 29.27
C PHE P 330 11.27 -25.12 29.60
N ALA P 331 12.33 -25.92 29.76
CA ALA P 331 12.15 -27.34 29.99
C ALA P 331 11.87 -27.69 31.44
N HIS P 332 11.81 -26.70 32.34
CA HIS P 332 11.63 -26.95 33.76
C HIS P 332 10.35 -26.31 34.31
N LEU P 333 9.42 -25.94 33.44
CA LEU P 333 8.24 -25.19 33.85
C LEU P 333 6.97 -25.91 33.41
N ASP P 334 5.86 -25.60 34.08
CA ASP P 334 4.56 -26.18 33.80
C ASP P 334 3.51 -25.16 33.39
N ALA P 335 3.41 -24.03 34.09
CA ALA P 335 2.47 -22.97 33.75
C ALA P 335 3.25 -21.71 33.40
N THR P 336 3.03 -21.19 32.20
CA THR P 336 3.78 -20.06 31.68
C THR P 336 2.83 -19.01 31.12
N THR P 337 3.15 -17.75 31.39
CA THR P 337 2.41 -16.61 30.84
C THR P 337 3.41 -15.63 30.25
N GLU P 338 3.23 -15.27 28.99
CA GLU P 338 4.20 -14.48 28.25
C GLU P 338 3.63 -13.11 27.90
N LEU P 339 4.54 -12.15 27.73
CA LEU P 339 4.20 -10.77 27.42
C LEU P 339 4.97 -10.33 26.18
N SER P 340 4.43 -9.34 25.48
CA SER P 340 5.03 -8.83 24.25
C SER P 340 4.98 -7.31 24.21
N ARG P 341 5.87 -6.73 23.41
CA ARG P 341 5.96 -5.27 23.33
C ARG P 341 4.81 -4.68 22.52
N ALA P 342 4.37 -5.37 21.47
CA ALA P 342 3.31 -4.84 20.62
C ALA P 342 2.01 -4.70 21.39
N VAL P 343 1.68 -5.67 22.24
CA VAL P 343 0.45 -5.59 23.03
C VAL P 343 0.49 -4.38 23.95
N PHE P 344 1.64 -4.13 24.57
CA PHE P 344 1.80 -2.95 25.40
C PHE P 344 1.64 -1.67 24.58
N SER P 345 2.24 -1.64 23.39
CA SER P 345 2.13 -0.46 22.54
C SER P 345 0.69 -0.23 22.10
N LYS P 346 -0.11 -1.29 22.01
CA LYS P 346 -1.51 -1.13 21.67
C LYS P 346 -2.25 -0.30 22.72
N GLY P 347 -1.96 -0.54 23.99
CA GLY P 347 -2.55 0.27 25.04
C GLY P 347 -2.98 -0.51 26.26
N ILE P 348 -3.36 -1.77 26.09
CA ILE P 348 -3.84 -2.55 27.22
C ILE P 348 -2.66 -2.93 28.12
N PHE P 349 -2.76 -2.59 29.40
CA PHE P 349 -1.68 -2.84 30.35
C PHE P 349 -1.45 -4.33 30.59
N PRO P 350 -2.49 -5.17 30.81
CA PRO P 350 -2.23 -6.61 30.95
C PRO P 350 -1.80 -7.23 29.64
N ALA P 351 -0.62 -6.83 29.15
CA ALA P 351 -0.14 -7.25 27.83
C ALA P 351 0.34 -8.69 27.91
N VAL P 352 -0.63 -9.61 27.96
CA VAL P 352 -0.37 -11.04 28.03
C VAL P 352 -0.78 -11.65 26.69
N ASP P 353 0.16 -12.32 26.05
CA ASP P 353 -0.12 -12.92 24.75
C ASP P 353 -0.97 -14.18 24.94
N PRO P 354 -2.17 -14.23 24.38
CA PRO P 354 -2.98 -15.45 24.50
C PRO P 354 -2.50 -16.54 23.56
N LEU P 355 -2.03 -16.14 22.39
CA LEU P 355 -1.60 -17.10 21.38
C LEU P 355 -0.42 -17.93 21.87
N ALA P 356 0.60 -17.27 22.41
CA ALA P 356 1.79 -17.99 22.86
C ALA P 356 1.57 -18.70 24.19
N SER P 357 0.76 -18.12 25.08
CA SER P 357 0.61 -18.67 26.41
C SER P 357 -0.11 -20.01 26.37
N SER P 358 0.30 -20.91 27.27
CA SER P 358 -0.31 -22.22 27.40
C SER P 358 -0.02 -22.76 28.80
N SER P 359 -0.79 -23.77 29.19
CA SER P 359 -0.57 -24.46 30.45
C SER P 359 -0.85 -25.93 30.25
N THR P 360 -0.27 -26.75 31.13
CA THR P 360 -0.43 -28.19 31.05
C THR P 360 -1.61 -28.70 31.87
N ILE P 361 -2.27 -27.84 32.64
CA ILE P 361 -3.39 -28.27 33.45
C ILE P 361 -4.70 -28.27 32.67
N LEU P 362 -4.78 -27.49 31.59
CA LEU P 362 -6.03 -27.34 30.84
C LEU P 362 -6.34 -28.65 30.12
N ASP P 363 -7.41 -29.33 30.56
CA ASP P 363 -7.81 -30.61 30.00
C ASP P 363 -9.26 -30.87 30.34
N PRO P 364 -10.06 -31.45 29.44
CA PRO P 364 -11.46 -31.75 29.77
C PRO P 364 -11.62 -32.72 30.93
N ALA P 365 -10.62 -33.56 31.21
CA ALA P 365 -10.71 -34.44 32.36
C ALA P 365 -10.69 -33.65 33.67
N ILE P 366 -9.97 -32.53 33.70
CA ILE P 366 -9.88 -31.73 34.91
C ILE P 366 -11.01 -30.71 35.00
N VAL P 367 -11.33 -30.05 33.90
CA VAL P 367 -12.33 -28.99 33.87
C VAL P 367 -13.41 -29.37 32.88
N GLY P 368 -14.63 -28.88 33.13
CA GLY P 368 -15.75 -29.24 32.29
C GLY P 368 -15.55 -28.87 30.84
N ASP P 369 -16.36 -29.50 29.99
CA ASP P 369 -16.17 -29.37 28.54
C ASP P 369 -16.52 -27.98 28.03
N GLU P 370 -17.40 -27.25 28.72
CA GLU P 370 -17.76 -25.92 28.27
C GLU P 370 -16.57 -24.97 28.28
N HIS P 371 -15.77 -25.04 29.33
CA HIS P 371 -14.57 -24.20 29.41
C HIS P 371 -13.59 -24.57 28.30
N TYR P 372 -13.44 -25.87 28.04
CA TYR P 372 -12.57 -26.33 26.96
C TYR P 372 -13.04 -25.80 25.61
N ARG P 373 -14.34 -25.88 25.35
CA ARG P 373 -14.88 -25.38 24.09
C ARG P 373 -14.67 -23.88 23.96
N VAL P 374 -14.89 -23.14 25.05
CA VAL P 374 -14.72 -21.69 25.02
C VAL P 374 -13.28 -21.34 24.70
N ALA P 375 -12.33 -22.01 25.36
CA ALA P 375 -10.93 -21.74 25.11
C ALA P 375 -10.54 -22.08 23.67
N GLN P 376 -11.01 -23.22 23.17
CA GLN P 376 -10.69 -23.59 21.79
C GLN P 376 -11.24 -22.58 20.80
N GLU P 377 -12.48 -22.12 21.02
CA GLU P 377 -13.08 -21.16 20.11
C GLU P 377 -12.32 -19.84 20.12
N VAL P 378 -11.95 -19.36 21.32
CA VAL P 378 -11.20 -18.11 21.40
C VAL P 378 -9.86 -18.26 20.70
N ILE P 379 -9.19 -19.39 20.91
CA ILE P 379 -7.89 -19.63 20.29
C ILE P 379 -8.02 -19.62 18.78
N ARG P 380 -9.03 -20.31 18.25
CA ARG P 380 -9.20 -20.35 16.80
C ARG P 380 -9.52 -18.98 16.24
N ILE P 381 -10.34 -18.20 16.95
CA ILE P 381 -10.68 -16.86 16.47
C ILE P 381 -9.45 -15.98 16.41
N LEU P 382 -8.63 -16.00 17.46
CA LEU P 382 -7.43 -15.17 17.45
C LEU P 382 -6.44 -15.65 16.39
N GLN P 383 -6.35 -16.96 16.18
CA GLN P 383 -5.47 -17.48 15.15
C GLN P 383 -5.91 -17.01 13.77
N ARG P 384 -7.21 -17.05 13.50
CA ARG P 384 -7.72 -16.56 12.22
C ARG P 384 -7.47 -15.07 12.05
N TYR P 385 -7.66 -14.30 13.13
CA TYR P 385 -7.40 -12.87 13.06
C TYR P 385 -5.94 -12.59 12.71
N LYS P 386 -5.02 -13.30 13.36
CA LYS P 386 -3.61 -13.09 13.06
C LYS P 386 -3.30 -13.50 11.63
N ASP P 387 -3.91 -14.60 11.16
CA ASP P 387 -3.69 -15.04 9.80
C ASP P 387 -4.13 -13.99 8.79
N LEU P 388 -5.29 -13.37 9.02
CA LEU P 388 -5.77 -12.34 8.10
C LEU P 388 -5.07 -11.00 8.29
N GLN P 389 -4.35 -10.82 9.39
CA GLN P 389 -3.68 -9.54 9.63
C GLN P 389 -2.74 -9.15 8.51
N ASP P 390 -2.06 -10.14 7.91
CA ASP P 390 -1.10 -9.85 6.84
C ASP P 390 -1.80 -9.22 5.63
N ILE P 391 -2.93 -9.77 5.22
CA ILE P 391 -3.65 -9.23 4.08
C ILE P 391 -4.28 -7.88 4.43
N ILE P 392 -4.91 -7.79 5.61
CA ILE P 392 -5.55 -6.53 6.00
C ILE P 392 -4.55 -5.42 6.25
N ALA P 393 -3.26 -5.75 6.39
CA ALA P 393 -2.25 -4.75 6.72
C ALA P 393 -2.14 -3.65 5.67
N ILE P 394 -2.47 -3.95 4.41
CA ILE P 394 -2.35 -2.96 3.36
C ILE P 394 -3.71 -2.70 2.74
N LEU P 395 -4.35 -3.74 2.22
CA LEU P 395 -5.59 -3.57 1.47
C LEU P 395 -6.75 -3.22 2.39
N GLY P 396 -7.06 -4.09 3.35
CA GLY P 396 -8.08 -3.82 4.34
C GLY P 396 -9.28 -4.74 4.18
N ILE P 397 -10.45 -4.23 4.58
CA ILE P 397 -11.68 -5.02 4.58
C ILE P 397 -12.52 -4.85 3.32
N ASP P 398 -12.25 -3.82 2.51
CA ASP P 398 -13.02 -3.63 1.29
C ASP P 398 -12.83 -4.80 0.33
N GLU P 399 -11.59 -5.24 0.14
CA GLU P 399 -11.34 -6.42 -0.67
C GLU P 399 -11.91 -7.68 -0.01
N LEU P 400 -11.82 -7.76 1.31
CA LEU P 400 -12.24 -8.95 2.04
C LEU P 400 -13.76 -9.08 2.05
N SER P 401 -14.22 -10.31 2.28
CA SER P 401 -15.64 -10.60 2.32
C SER P 401 -16.22 -10.30 3.70
N GLU P 402 -17.55 -10.17 3.73
CA GLU P 402 -18.24 -9.90 4.99
C GLU P 402 -18.16 -11.10 5.94
N GLU P 403 -18.16 -12.32 5.39
CA GLU P 403 -18.03 -13.50 6.23
C GLU P 403 -16.78 -13.45 7.09
N ASP P 404 -15.73 -12.78 6.60
CA ASP P 404 -14.54 -12.55 7.40
C ASP P 404 -14.55 -11.20 8.07
N LYS P 405 -15.34 -10.24 7.57
CA LYS P 405 -15.46 -8.96 8.26
C LYS P 405 -16.08 -9.13 9.64
N GLN P 406 -17.10 -9.97 9.74
CA GLN P 406 -17.69 -10.26 11.04
C GLN P 406 -16.68 -10.91 11.96
N LEU P 407 -15.86 -11.82 11.43
CA LEU P 407 -14.82 -12.44 12.22
C LEU P 407 -13.82 -11.41 12.71
N VAL P 408 -13.45 -10.46 11.85
CA VAL P 408 -12.54 -9.39 12.24
C VAL P 408 -13.13 -8.58 13.38
N ASN P 409 -14.40 -8.22 13.25
CA ASN P 409 -15.06 -7.45 14.30
C ASN P 409 -15.08 -8.22 15.61
N ARG P 410 -15.49 -9.49 15.57
CA ARG P 410 -15.56 -10.28 16.79
C ARG P 410 -14.20 -10.43 17.44
N ALA P 411 -13.15 -10.65 16.63
CA ALA P 411 -11.80 -10.76 17.16
C ALA P 411 -11.38 -9.47 17.84
N ARG P 412 -11.66 -8.32 17.22
CA ARG P 412 -11.30 -7.05 17.83
C ARG P 412 -12.02 -6.85 19.16
N ARG P 413 -13.31 -7.15 19.20
CA ARG P 413 -14.06 -6.97 20.44
C ARG P 413 -13.57 -7.91 21.54
N ILE P 414 -13.34 -9.18 21.22
CA ILE P 414 -12.90 -10.11 22.26
C ILE P 414 -11.50 -9.74 22.74
N GLU P 415 -10.65 -9.25 21.83
CA GLU P 415 -9.31 -8.82 22.24
C GLU P 415 -9.39 -7.61 23.17
N ARG P 416 -10.25 -6.65 22.85
CA ARG P 416 -10.35 -5.46 23.70
C ARG P 416 -11.01 -5.78 25.04
N PHE P 417 -11.84 -6.83 25.08
CA PHE P 417 -12.54 -7.16 26.32
C PHE P 417 -11.61 -7.68 27.41
N LEU P 418 -10.53 -8.35 27.05
CA LEU P 418 -9.63 -8.93 28.06
C LEU P 418 -8.99 -7.89 28.97
N SER P 419 -9.01 -6.62 28.58
CA SER P 419 -8.44 -5.57 29.41
C SER P 419 -9.16 -5.50 30.74
N GLN P 420 -8.38 -5.24 31.80
CA GLN P 420 -8.93 -5.20 33.14
C GLN P 420 -8.20 -4.13 33.95
N ASN P 421 -8.84 -3.70 35.03
CA ASN P 421 -8.34 -2.65 35.90
C ASN P 421 -8.01 -3.21 37.29
N MET P 422 -6.79 -3.70 37.46
CA MET P 422 -6.36 -4.20 38.75
C MET P 422 -6.14 -3.06 39.74
N MET P 423 -6.19 -3.40 41.02
CA MET P 423 -6.05 -2.40 42.07
C MET P 423 -4.62 -1.90 42.24
N ALA P 424 -3.64 -2.65 41.72
CA ALA P 424 -2.24 -2.22 41.84
C ALA P 424 -1.99 -0.90 41.11
N ALA P 425 -2.77 -0.60 40.07
CA ALA P 425 -2.68 0.67 39.37
C ALA P 425 -3.36 1.81 40.13
N GLU P 426 -3.73 1.57 41.40
CA GLU P 426 -4.37 2.60 42.19
C GLU P 426 -3.49 3.83 42.34
N GLN P 427 -2.18 3.64 42.33
CA GLN P 427 -1.22 4.73 42.43
C GLN P 427 -0.96 5.42 41.10
N PHE P 428 -1.56 4.94 40.01
CA PHE P 428 -1.42 5.57 38.71
C PHE P 428 -2.75 6.06 38.15
N THR P 429 -3.77 5.21 38.10
CA THR P 429 -5.05 5.58 37.50
C THR P 429 -6.02 6.23 38.48
N GLY P 430 -5.78 6.12 39.78
CA GLY P 430 -6.68 6.70 40.76
C GLY P 430 -8.07 6.12 40.74
N GLN P 431 -8.18 4.82 40.49
CA GLN P 431 -9.46 4.13 40.47
C GLN P 431 -9.31 2.77 41.16
N PRO P 432 -10.38 2.26 41.77
CA PRO P 432 -10.28 0.96 42.45
C PRO P 432 -10.24 -0.19 41.47
N GLY P 433 -9.75 -1.33 41.96
CA GLY P 433 -9.68 -2.54 41.17
C GLY P 433 -11.00 -3.28 41.15
N SER P 434 -11.01 -4.38 40.40
CA SER P 434 -12.22 -5.18 40.26
C SER P 434 -11.85 -6.65 40.27
N THR P 435 -12.81 -7.48 40.67
CA THR P 435 -12.65 -8.93 40.68
C THR P 435 -13.95 -9.57 40.22
N VAL P 436 -13.83 -10.71 39.53
CA VAL P 436 -14.98 -11.41 38.97
C VAL P 436 -14.84 -12.91 39.20
N PRO P 437 -15.89 -13.59 39.65
CA PRO P 437 -15.84 -15.05 39.75
C PRO P 437 -15.76 -15.71 38.38
N LEU P 438 -15.26 -16.94 38.36
CA LEU P 438 -15.03 -17.64 37.10
C LEU P 438 -16.32 -17.91 36.35
N LYS P 439 -17.41 -18.22 37.07
CA LYS P 439 -18.67 -18.53 36.41
C LYS P 439 -19.19 -17.33 35.63
N GLU P 440 -19.13 -16.15 36.23
CA GLU P 440 -19.53 -14.94 35.51
C GLU P 440 -18.63 -14.69 34.32
N THR P 441 -17.32 -14.93 34.47
CA THR P 441 -16.38 -14.70 33.38
C THR P 441 -16.72 -15.60 32.19
N ILE P 442 -16.89 -16.89 32.44
CA ILE P 442 -17.16 -17.81 31.34
C ILE P 442 -18.52 -17.53 30.72
N GLU P 443 -19.51 -17.15 31.55
CA GLU P 443 -20.82 -16.83 31.01
C GLU P 443 -20.75 -15.61 30.10
N ALA P 444 -20.05 -14.55 30.55
CA ALA P 444 -19.92 -13.35 29.73
C ALA P 444 -19.16 -13.63 28.45
N PHE P 445 -18.11 -14.45 28.53
CA PHE P 445 -17.35 -14.76 27.32
C PHE P 445 -18.15 -15.59 26.34
N ASP P 446 -18.94 -16.54 26.83
CA ASP P 446 -19.82 -17.29 25.94
C ASP P 446 -20.85 -16.38 25.29
N LYS P 447 -21.42 -15.45 26.08
CA LYS P 447 -22.38 -14.50 25.52
C LYS P 447 -21.74 -13.65 24.44
N LEU P 448 -20.51 -13.19 24.66
CA LEU P 448 -19.82 -12.41 23.64
C LEU P 448 -19.57 -13.23 22.39
N THR P 449 -19.14 -14.49 22.56
CA THR P 449 -18.89 -15.35 21.40
C THR P 449 -20.17 -15.69 20.66
N LYS P 450 -21.33 -15.59 21.32
CA LYS P 450 -22.59 -15.68 20.59
C LYS P 450 -22.77 -14.52 19.62
N GLY P 451 -22.01 -13.44 19.80
CA GLY P 451 -22.08 -12.30 18.91
C GLY P 451 -23.19 -11.32 19.20
N GLU P 452 -23.89 -11.47 20.32
CA GLU P 452 -24.99 -10.55 20.64
C GLU P 452 -24.48 -9.13 20.79
N PHE P 453 -23.27 -8.95 21.31
CA PHE P 453 -22.72 -7.65 21.64
C PHE P 453 -22.12 -6.94 20.43
N ASP P 454 -22.43 -7.39 19.21
CA ASP P 454 -21.91 -6.76 18.01
C ASP P 454 -22.39 -5.32 17.87
N HIS P 455 -23.59 -5.00 18.36
CA HIS P 455 -24.12 -3.65 18.26
C HIS P 455 -23.34 -2.65 19.10
N LEU P 456 -22.68 -3.10 20.16
CA LEU P 456 -22.03 -2.19 21.08
C LEU P 456 -20.75 -1.62 20.46
N PRO P 457 -20.41 -0.37 20.79
CA PRO P 457 -19.15 0.20 20.31
C PRO P 457 -17.95 -0.50 20.92
N GLU P 458 -16.83 -0.46 20.20
CA GLU P 458 -15.62 -1.15 20.65
C GLU P 458 -15.00 -0.46 21.86
N GLN P 459 -14.96 0.88 21.85
CA GLN P 459 -14.26 1.61 22.91
C GLN P 459 -14.84 1.34 24.29
N ALA P 460 -16.12 0.96 24.37
CA ALA P 460 -16.72 0.65 25.66
C ALA P 460 -16.04 -0.53 26.34
N PHE P 461 -15.50 -1.45 25.56
CA PHE P 461 -14.82 -2.61 26.12
C PHE P 461 -13.46 -2.26 26.71
N PHE P 462 -12.97 -1.04 26.50
CA PHE P 462 -11.65 -0.67 26.98
C PHE P 462 -11.68 -0.44 28.49
N LEU P 463 -10.93 -1.27 29.22
CA LEU P 463 -10.75 -1.14 30.67
C LEU P 463 -12.10 -1.11 31.40
N ILE P 464 -12.80 -2.23 31.31
CA ILE P 464 -14.10 -2.40 31.95
C ILE P 464 -13.96 -3.50 33.01
N GLY P 465 -14.85 -3.44 34.01
CA GLY P 465 -14.84 -4.41 35.09
C GLY P 465 -15.64 -5.66 34.80
N GLY P 466 -16.94 -5.51 34.52
CA GLY P 466 -17.82 -6.64 34.33
C GLY P 466 -18.92 -6.32 33.35
N LEU P 467 -19.77 -7.32 33.10
CA LEU P 467 -20.82 -7.16 32.11
C LEU P 467 -21.84 -6.11 32.53
N ASP P 468 -22.12 -6.02 33.83
CA ASP P 468 -22.99 -4.95 34.32
C ASP P 468 -22.37 -3.59 34.07
N ASP P 469 -21.10 -3.43 34.43
CA ASP P 469 -20.38 -2.20 34.13
C ASP P 469 -20.26 -2.00 32.63
N LEU P 470 -20.11 -3.10 31.88
CA LEU P 470 -20.09 -3.01 30.43
C LEU P 470 -21.35 -2.35 29.91
N ALA P 471 -22.51 -2.85 30.33
CA ALA P 471 -23.78 -2.29 29.87
C ALA P 471 -23.94 -0.85 30.34
N LYS P 472 -23.57 -0.56 31.59
CA LYS P 472 -23.71 0.80 32.11
C LYS P 472 -22.86 1.77 31.31
N LYS P 473 -21.59 1.42 31.06
CA LYS P 473 -20.72 2.28 30.28
C LYS P 473 -21.23 2.44 28.85
N ALA P 474 -21.65 1.34 28.22
CA ALA P 474 -22.10 1.40 26.84
C ALA P 474 -23.33 2.29 26.70
N GLU P 475 -24.30 2.15 27.62
CA GLU P 475 -25.50 2.96 27.54
C GLU P 475 -25.27 4.37 28.05
N SER P 476 -24.17 4.63 28.74
CA SER P 476 -23.82 5.98 29.16
C SER P 476 -23.35 6.85 28.01
N LEU P 477 -23.10 6.26 26.83
CA LEU P 477 -22.66 7.02 25.67
C LEU P 477 -23.57 6.77 24.47
N THR Q 14 63.11 -52.62 13.05
CA THR Q 14 62.88 -51.45 13.88
C THR Q 14 61.41 -51.05 13.87
N ALA Q 15 61.03 -50.20 14.84
CA ALA Q 15 59.65 -49.75 14.95
C ALA Q 15 59.62 -48.49 15.81
N GLY Q 16 58.46 -47.86 15.85
CA GLY Q 16 58.24 -46.70 16.69
C GLY Q 16 57.24 -46.99 17.80
N ARG Q 17 56.89 -45.97 18.58
CA ARG Q 17 55.94 -46.13 19.67
C ARG Q 17 54.82 -45.10 19.53
N VAL Q 18 53.85 -45.20 20.42
CA VAL Q 18 52.70 -44.29 20.46
C VAL Q 18 52.84 -43.39 21.68
N VAL Q 19 52.56 -42.10 21.49
CA VAL Q 19 52.74 -41.09 22.52
C VAL Q 19 51.40 -40.59 23.06
N ARG Q 20 50.48 -40.25 22.17
CA ARG Q 20 49.16 -39.77 22.56
C ARG Q 20 48.10 -40.38 21.65
N ILE Q 21 46.92 -40.63 22.24
CA ILE Q 21 45.77 -41.11 21.50
C ILE Q 21 44.59 -40.20 21.80
N THR Q 22 43.94 -39.71 20.75
CA THR Q 22 42.77 -38.84 20.89
C THR Q 22 41.98 -38.93 19.60
N GLY Q 23 40.80 -39.52 19.67
CA GLY Q 23 40.00 -39.76 18.48
C GLY Q 23 40.70 -40.71 17.53
N PRO Q 24 40.51 -40.52 16.23
CA PRO Q 24 41.08 -41.45 15.25
C PRO Q 24 42.51 -41.10 14.85
N VAL Q 25 42.97 -39.90 15.19
CA VAL Q 25 44.33 -39.49 14.85
C VAL Q 25 45.30 -40.03 15.89
N VAL Q 26 46.43 -40.56 15.42
CA VAL Q 26 47.46 -41.12 16.29
C VAL Q 26 48.81 -40.58 15.85
N ASP Q 27 49.60 -40.13 16.82
CA ASP Q 27 50.97 -39.70 16.58
C ASP Q 27 51.93 -40.79 17.06
N VAL Q 28 52.94 -41.08 16.26
CA VAL Q 28 53.90 -42.12 16.59
C VAL Q 28 55.32 -41.58 16.43
N GLU Q 29 56.25 -42.30 17.05
CA GLU Q 29 57.64 -41.88 17.14
C GLU Q 29 58.55 -42.98 16.57
N PHE Q 30 59.63 -42.56 15.94
CA PHE Q 30 60.61 -43.42 15.30
C PHE Q 30 62.01 -43.02 15.73
N PRO Q 31 62.97 -43.94 15.68
CA PRO Q 31 64.36 -43.58 15.96
C PRO Q 31 64.95 -42.79 14.78
N ARG Q 32 66.24 -42.47 14.91
CA ARG Q 32 66.92 -41.74 13.84
C ARG Q 32 67.03 -42.59 12.58
N GLY Q 33 66.81 -41.96 11.44
CA GLY Q 33 66.88 -42.66 10.17
C GLY Q 33 65.85 -43.75 10.00
N SER Q 34 64.65 -43.53 10.54
CA SER Q 34 63.59 -44.53 10.43
C SER Q 34 62.24 -43.96 10.04
N VAL Q 35 62.13 -42.66 9.83
CA VAL Q 35 60.84 -42.06 9.46
C VAL Q 35 60.54 -42.36 7.99
N PRO Q 36 59.35 -42.83 7.66
CA PRO Q 36 59.00 -43.10 6.27
C PRO Q 36 58.44 -41.85 5.58
N GLU Q 37 58.03 -42.04 4.33
CA GLU Q 37 57.48 -40.96 3.53
C GLU Q 37 55.97 -40.88 3.70
N LEU Q 38 55.35 -39.92 3.01
CA LEU Q 38 53.93 -39.72 3.09
C LEU Q 38 53.18 -40.81 2.32
N PHE Q 39 51.92 -41.03 2.70
CA PHE Q 39 51.05 -42.02 2.07
C PHE Q 39 51.65 -43.42 2.16
N ASN Q 40 51.84 -43.87 3.40
CA ASN Q 40 52.42 -45.18 3.67
C ASN Q 40 51.53 -45.96 4.62
N ALA Q 41 51.59 -47.28 4.53
CA ALA Q 41 50.77 -48.14 5.37
C ALA Q 41 51.55 -48.58 6.61
N LEU Q 42 50.91 -48.46 7.76
CA LEU Q 42 51.48 -48.87 9.04
C LEU Q 42 50.51 -49.85 9.70
N HIS Q 43 51.07 -50.82 10.41
CA HIS Q 43 50.27 -51.86 11.06
C HIS Q 43 50.53 -51.85 12.56
N ALA Q 44 49.48 -52.03 13.33
CA ALA Q 44 49.58 -52.07 14.78
C ALA Q 44 48.73 -53.21 15.31
N GLU Q 45 49.19 -53.82 16.40
CA GLU Q 45 48.52 -54.98 16.99
C GLU Q 45 47.78 -54.56 18.25
N ILE Q 46 46.52 -54.94 18.35
CA ILE Q 46 45.67 -54.63 19.49
C ILE Q 46 45.15 -55.94 20.08
N THR Q 47 45.27 -56.07 21.40
CA THR Q 47 44.87 -57.29 22.10
C THR Q 47 43.92 -56.96 23.24
N PHE Q 48 42.94 -57.85 23.44
CA PHE Q 48 42.02 -57.79 24.57
C PHE Q 48 41.26 -59.10 24.60
N GLY Q 49 40.58 -59.34 25.72
CA GLY Q 49 39.81 -60.56 25.86
C GLY Q 49 38.65 -60.66 24.89
N ALA Q 50 38.02 -59.53 24.58
CA ALA Q 50 36.87 -59.51 23.68
C ALA Q 50 37.04 -58.60 22.48
N LEU Q 51 38.10 -57.81 22.42
CA LEU Q 51 38.32 -56.85 21.33
C LEU Q 51 39.77 -56.96 20.87
N ALA Q 52 40.02 -57.84 19.91
CA ALA Q 52 41.33 -58.00 19.30
C ALA Q 52 41.20 -57.85 17.79
N LYS Q 53 42.05 -57.01 17.21
CA LYS Q 53 41.96 -56.69 15.78
C LYS Q 53 43.37 -56.35 15.29
N THR Q 54 43.43 -55.66 14.15
CA THR Q 54 44.70 -55.23 13.56
C THR Q 54 44.51 -53.84 12.98
N LEU Q 55 45.06 -52.83 13.64
CA LEU Q 55 44.89 -51.46 13.17
C LEU Q 55 45.75 -51.19 11.95
N THR Q 56 45.16 -50.60 10.93
CA THR Q 56 45.84 -50.12 9.73
C THR Q 56 45.81 -48.60 9.75
N LEU Q 57 46.97 -47.98 9.53
CA LEU Q 57 47.10 -46.53 9.62
C LEU Q 57 47.81 -45.99 8.39
N GLU Q 58 47.44 -44.77 8.02
CA GLU Q 58 48.00 -44.09 6.86
C GLU Q 58 48.64 -42.79 7.33
N VAL Q 59 49.92 -42.60 7.01
CA VAL Q 59 50.65 -41.45 7.52
C VAL Q 59 50.05 -40.16 6.96
N ALA Q 60 49.80 -39.20 7.84
CA ALA Q 60 49.17 -37.95 7.46
C ALA Q 60 50.17 -36.81 7.27
N GLN Q 61 51.01 -36.54 8.27
CA GLN Q 61 51.96 -35.44 8.19
C GLN Q 61 53.08 -35.66 9.18
N HIS Q 62 54.13 -34.86 9.02
CA HIS Q 62 55.31 -34.90 9.88
C HIS Q 62 55.22 -33.77 10.89
N LEU Q 63 55.45 -34.10 12.16
CA LEU Q 63 55.49 -33.10 13.22
C LEU Q 63 56.91 -32.74 13.64
N GLY Q 64 57.93 -33.34 13.01
CA GLY Q 64 59.30 -33.14 13.43
C GLY Q 64 59.63 -33.94 14.67
N ASP Q 65 60.90 -33.84 15.08
CA ASP Q 65 61.41 -34.53 16.27
C ASP Q 65 61.10 -36.02 16.21
N SER Q 66 61.21 -36.59 14.99
CA SER Q 66 60.92 -38.00 14.75
C SER Q 66 59.52 -38.37 15.22
N LEU Q 67 58.56 -37.46 15.01
CA LEU Q 67 57.17 -37.70 15.31
C LEU Q 67 56.35 -37.48 14.05
N VAL Q 68 55.50 -38.46 13.72
CA VAL Q 68 54.62 -38.36 12.56
C VAL Q 68 53.20 -38.64 13.01
N ARG Q 69 52.27 -37.78 12.58
CA ARG Q 69 50.86 -37.90 12.91
C ARG Q 69 50.12 -38.53 11.74
N CYS Q 70 49.18 -39.40 12.04
CA CYS Q 70 48.52 -40.21 11.01
C CYS Q 70 47.09 -40.50 11.43
N ILE Q 71 46.35 -41.11 10.51
CA ILE Q 71 44.95 -41.48 10.73
C ILE Q 71 44.82 -42.99 10.65
N SER Q 72 43.82 -43.52 11.33
CA SER Q 72 43.48 -44.93 11.30
C SER Q 72 42.09 -45.11 10.72
N MET Q 73 41.87 -46.26 10.08
CA MET Q 73 40.61 -46.57 9.44
C MET Q 73 39.72 -47.49 10.27
N GLN Q 74 40.10 -47.77 11.51
CA GLN Q 74 39.31 -48.59 12.41
C GLN Q 74 39.08 -47.84 13.71
N PRO Q 75 38.02 -48.17 14.44
CA PRO Q 75 37.81 -47.57 15.76
C PRO Q 75 39.00 -47.83 16.67
N THR Q 76 39.37 -46.79 17.43
CA THR Q 76 40.57 -46.83 18.27
C THR Q 76 40.29 -47.33 19.68
N ASP Q 77 39.07 -47.79 19.95
CA ASP Q 77 38.74 -48.28 21.28
C ASP Q 77 39.54 -49.54 21.60
N GLY Q 78 39.98 -49.65 22.84
CA GLY Q 78 40.75 -50.80 23.28
C GLY Q 78 42.24 -50.68 23.10
N LEU Q 79 42.77 -49.46 23.05
CA LEU Q 79 44.19 -49.26 22.79
C LEU Q 79 44.95 -48.96 24.08
N VAL Q 80 46.25 -49.22 24.04
CA VAL Q 80 47.13 -49.03 25.20
C VAL Q 80 48.44 -48.41 24.72
N ARG Q 81 49.00 -47.53 25.52
CA ARG Q 81 50.23 -46.84 25.14
C ARG Q 81 51.43 -47.79 25.20
N GLY Q 82 52.50 -47.41 24.51
CA GLY Q 82 53.72 -48.16 24.51
C GLY Q 82 53.80 -49.30 23.52
N VAL Q 83 52.75 -49.54 22.75
CA VAL Q 83 52.74 -50.65 21.81
C VAL Q 83 53.52 -50.26 20.56
N GLU Q 84 54.47 -51.09 20.16
CA GLU Q 84 55.25 -50.84 18.95
C GLU Q 84 54.36 -50.96 17.72
N VAL Q 85 54.73 -50.25 16.66
CA VAL Q 85 53.98 -50.24 15.42
C VAL Q 85 54.93 -50.62 14.29
N THR Q 86 54.55 -51.61 13.49
CA THR Q 86 55.37 -52.08 12.40
C THR Q 86 55.00 -51.35 11.11
N ASP Q 87 55.94 -51.32 10.17
CA ASP Q 87 55.76 -50.60 8.92
C ASP Q 87 56.02 -51.53 7.73
N THR Q 88 55.15 -51.45 6.74
CA THR Q 88 55.33 -52.20 5.50
C THR Q 88 56.14 -51.43 4.46
N GLY Q 89 56.40 -50.15 4.70
CA GLY Q 89 57.13 -49.34 3.73
C GLY Q 89 56.41 -49.23 2.41
N ALA Q 90 55.07 -49.17 2.43
CA ALA Q 90 54.29 -49.15 1.21
C ALA Q 90 52.99 -48.39 1.46
N SER Q 91 52.39 -47.95 0.36
CA SER Q 91 51.10 -47.28 0.41
C SER Q 91 49.98 -48.31 0.48
N ILE Q 92 48.75 -47.86 0.27
CA ILE Q 92 47.60 -48.76 0.26
C ILE Q 92 47.46 -49.39 -1.12
N SER Q 93 47.18 -50.69 -1.14
CA SER Q 93 47.04 -51.41 -2.40
C SER Q 93 45.86 -52.37 -2.31
N VAL Q 94 45.30 -52.68 -3.48
CA VAL Q 94 44.15 -53.57 -3.58
C VAL Q 94 44.37 -54.51 -4.76
N PRO Q 95 44.05 -55.80 -4.65
CA PRO Q 95 44.20 -56.69 -5.80
C PRO Q 95 43.21 -56.36 -6.90
N VAL Q 96 43.62 -56.66 -8.14
CA VAL Q 96 42.78 -56.44 -9.32
C VAL Q 96 42.82 -57.70 -10.17
N GLY Q 97 41.83 -57.83 -11.03
CA GLY Q 97 41.78 -58.97 -11.93
C GLY Q 97 40.40 -59.15 -12.52
N ASP Q 98 40.29 -60.20 -13.34
CA ASP Q 98 39.01 -60.52 -13.97
C ASP Q 98 38.04 -61.17 -12.98
N GLY Q 99 38.55 -61.84 -11.94
CA GLY Q 99 37.69 -62.45 -10.96
C GLY Q 99 37.04 -61.47 -10.00
N VAL Q 100 37.42 -60.20 -10.07
CA VAL Q 100 36.79 -59.18 -9.22
C VAL Q 100 35.31 -59.05 -9.54
N LYS Q 101 34.94 -59.21 -10.81
CA LYS Q 101 33.55 -59.10 -11.20
C LYS Q 101 32.70 -60.15 -10.48
N GLY Q 102 31.48 -59.76 -10.15
CA GLY Q 102 30.60 -60.64 -9.38
C GLY Q 102 31.07 -60.89 -7.97
N HIS Q 103 31.62 -59.87 -7.31
CA HIS Q 103 32.09 -60.02 -5.94
C HIS Q 103 31.93 -58.68 -5.23
N VAL Q 104 31.98 -58.73 -3.90
CA VAL Q 104 31.80 -57.56 -3.06
C VAL Q 104 33.06 -57.38 -2.21
N PHE Q 105 33.60 -56.17 -2.22
CA PHE Q 105 34.84 -55.87 -1.51
C PHE Q 105 34.65 -54.64 -0.63
N ASN Q 106 35.46 -54.54 0.41
CA ASN Q 106 35.42 -53.42 1.33
C ASN Q 106 36.47 -52.40 0.92
N ALA Q 107 36.70 -51.41 1.79
CA ALA Q 107 37.69 -50.38 1.51
C ALA Q 107 39.09 -50.98 1.38
N LEU Q 108 39.43 -51.93 2.26
CA LEU Q 108 40.69 -52.64 2.13
C LEU Q 108 40.71 -53.60 0.95
N GLY Q 109 39.56 -53.83 0.31
CA GLY Q 109 39.49 -54.76 -0.80
C GLY Q 109 39.32 -56.20 -0.41
N ASP Q 110 38.95 -56.48 0.83
CA ASP Q 110 38.62 -57.85 1.23
C ASP Q 110 37.28 -58.25 0.65
N CYS Q 111 37.24 -59.43 0.03
CA CYS Q 111 36.00 -59.95 -0.52
C CYS Q 111 35.00 -60.20 0.60
N LEU Q 112 33.87 -59.51 0.56
CA LEU Q 112 32.84 -59.73 1.56
C LEU Q 112 32.14 -61.07 1.35
N ASP Q 113 32.07 -61.54 0.10
CA ASP Q 113 31.42 -62.81 -0.18
C ASP Q 113 32.21 -63.97 0.43
N ASP Q 114 33.51 -64.04 0.17
CA ASP Q 114 34.37 -65.10 0.68
C ASP Q 114 35.54 -64.49 1.43
N PRO Q 115 35.79 -64.90 2.68
CA PRO Q 115 36.94 -64.34 3.43
C PRO Q 115 38.27 -64.58 2.76
N GLY Q 116 38.47 -65.73 2.13
CA GLY Q 116 39.72 -66.07 1.50
C GLY Q 116 39.84 -65.68 0.05
N TYR Q 117 38.88 -64.93 -0.49
CA TYR Q 117 38.91 -64.57 -1.91
C TYR Q 117 39.70 -63.29 -2.12
N GLY Q 118 40.31 -63.18 -3.30
CA GLY Q 118 41.06 -62.00 -3.66
C GLY Q 118 42.32 -61.76 -2.85
N LYS Q 119 43.12 -62.81 -2.62
CA LYS Q 119 44.39 -62.67 -1.91
C LYS Q 119 45.55 -63.24 -2.71
N ASP Q 120 45.41 -63.33 -4.03
CA ASP Q 120 46.45 -63.88 -4.88
C ASP Q 120 46.71 -63.08 -6.15
N PHE Q 121 45.87 -62.11 -6.47
CA PHE Q 121 46.00 -61.38 -7.72
C PHE Q 121 46.99 -60.22 -7.55
N GLU Q 122 47.30 -59.57 -8.68
CA GLU Q 122 48.25 -58.47 -8.66
C GLU Q 122 47.65 -57.28 -7.94
N HIS Q 123 48.53 -56.48 -7.33
CA HIS Q 123 48.14 -55.33 -6.52
C HIS Q 123 48.77 -54.07 -7.09
N TRP Q 124 48.02 -52.98 -7.08
CA TRP Q 124 48.49 -51.71 -7.59
C TRP Q 124 48.41 -50.64 -6.49
N SER Q 125 49.27 -49.63 -6.60
CA SER Q 125 49.25 -48.52 -5.66
C SER Q 125 47.94 -47.76 -5.79
N ILE Q 126 47.37 -47.37 -4.65
CA ILE Q 126 46.12 -46.64 -4.66
C ILE Q 126 46.32 -45.26 -5.29
N HIS Q 127 47.48 -44.65 -5.07
CA HIS Q 127 47.78 -43.36 -5.66
C HIS Q 127 48.20 -43.52 -7.10
N ARG Q 128 47.70 -42.63 -7.97
CA ARG Q 128 48.06 -42.63 -9.37
C ARG Q 128 48.29 -41.17 -9.79
N LYS Q 129 48.44 -40.96 -11.09
CA LYS Q 129 48.67 -39.62 -11.61
C LYS Q 129 47.69 -39.33 -12.73
N PRO Q 130 47.11 -38.13 -12.75
CA PRO Q 130 46.13 -37.82 -13.79
C PRO Q 130 46.77 -37.82 -15.16
N PRO Q 131 46.00 -38.13 -16.20
CA PRO Q 131 46.57 -38.13 -17.56
C PRO Q 131 46.99 -36.74 -18.00
N ALA Q 132 47.98 -36.71 -18.89
CA ALA Q 132 48.49 -35.46 -19.41
C ALA Q 132 47.49 -34.81 -20.36
N PHE Q 133 47.67 -33.50 -20.57
CA PHE Q 133 46.79 -32.75 -21.45
C PHE Q 133 47.00 -33.09 -22.92
N SER Q 134 48.18 -33.56 -23.29
CA SER Q 134 48.49 -33.82 -24.70
C SER Q 134 47.66 -34.95 -25.28
N ASP Q 135 46.97 -35.75 -24.47
CA ASP Q 135 46.16 -36.86 -24.93
C ASP Q 135 44.68 -36.61 -24.65
N LEU Q 136 44.24 -35.37 -24.82
CA LEU Q 136 42.87 -34.97 -24.57
C LEU Q 136 42.19 -34.59 -25.88
N GLU Q 137 40.91 -34.95 -26.01
CA GLU Q 137 40.20 -34.75 -27.25
C GLU Q 137 38.70 -34.60 -26.97
N PRO Q 138 38.05 -33.60 -27.54
CA PRO Q 138 36.59 -33.46 -27.34
C PRO Q 138 35.83 -34.62 -27.94
N ARG Q 139 34.75 -35.00 -27.25
CA ARG Q 139 33.91 -36.11 -27.67
C ARG Q 139 32.49 -35.60 -27.93
N THR Q 140 31.92 -35.99 -29.06
CA THR Q 140 30.56 -35.61 -29.43
C THR Q 140 29.81 -36.83 -29.91
N GLU Q 141 28.72 -37.17 -29.23
CA GLU Q 141 27.89 -38.31 -29.61
C GLU Q 141 26.48 -38.09 -29.08
N MET Q 142 25.50 -38.53 -29.86
CA MET Q 142 24.09 -38.39 -29.50
C MET Q 142 23.65 -39.66 -28.79
N LEU Q 143 23.52 -39.58 -27.47
CA LEU Q 143 23.04 -40.69 -26.65
C LEU Q 143 21.63 -40.36 -26.17
N GLU Q 144 20.69 -41.25 -26.44
CA GLU Q 144 19.28 -41.04 -26.13
C GLU Q 144 18.74 -42.20 -25.31
N THR Q 145 17.98 -41.89 -24.27
CA THR Q 145 17.24 -42.87 -23.50
C THR Q 145 15.79 -42.90 -23.97
N GLY Q 146 14.94 -43.59 -23.21
CA GLY Q 146 13.52 -43.70 -23.51
C GLY Q 146 12.61 -42.76 -22.73
N LEU Q 147 13.14 -41.67 -22.17
CA LEU Q 147 12.36 -40.73 -21.38
C LEU Q 147 12.28 -39.40 -22.12
N LYS Q 148 11.07 -38.82 -22.14
CA LYS Q 148 10.81 -37.65 -22.99
C LYS Q 148 11.58 -36.42 -22.52
N VAL Q 149 11.55 -36.15 -21.21
CA VAL Q 149 12.09 -34.90 -20.69
C VAL Q 149 13.58 -34.80 -20.96
N VAL Q 150 14.32 -35.86 -20.66
CA VAL Q 150 15.76 -35.85 -20.91
C VAL Q 150 16.05 -35.81 -22.41
N ASP Q 151 15.24 -36.50 -23.21
CA ASP Q 151 15.45 -36.50 -24.65
C ASP Q 151 15.31 -35.10 -25.23
N LEU Q 152 14.30 -34.36 -24.77
CA LEU Q 152 14.08 -33.01 -25.28
C LEU Q 152 15.11 -32.03 -24.74
N LEU Q 153 15.15 -31.88 -23.42
CA LEU Q 153 15.89 -30.76 -22.83
C LEU Q 153 17.39 -30.97 -22.88
N THR Q 154 17.88 -32.01 -22.19
CA THR Q 154 19.31 -32.23 -22.02
C THR Q 154 19.66 -33.66 -22.42
N PRO Q 155 19.84 -33.91 -23.71
CA PRO Q 155 20.29 -35.24 -24.14
C PRO Q 155 21.66 -35.57 -23.58
N TYR Q 156 21.91 -36.86 -23.35
CA TYR Q 156 23.16 -37.30 -22.77
C TYR Q 156 24.28 -37.34 -23.81
N VAL Q 157 25.51 -37.33 -23.30
CA VAL Q 157 26.72 -37.31 -24.13
C VAL Q 157 27.54 -38.54 -23.78
N ARG Q 158 27.97 -39.26 -24.80
CA ARG Q 158 28.80 -40.44 -24.58
C ARG Q 158 30.23 -40.03 -24.30
N GLY Q 159 30.83 -40.62 -23.26
CA GLY Q 159 32.18 -40.26 -22.87
C GLY Q 159 32.29 -38.93 -22.17
N GLY Q 160 31.18 -38.37 -21.70
CA GLY Q 160 31.20 -37.09 -21.03
C GLY Q 160 30.94 -37.20 -19.53
N LYS Q 161 30.59 -36.08 -18.91
CA LYS Q 161 30.35 -36.04 -17.48
C LYS Q 161 28.89 -35.70 -17.21
N ILE Q 162 28.23 -36.51 -16.39
CA ILE Q 162 26.82 -36.35 -16.07
C ILE Q 162 26.65 -36.35 -14.56
N ALA Q 163 25.95 -35.35 -14.04
CA ALA Q 163 25.69 -35.27 -12.60
C ALA Q 163 24.26 -34.84 -12.36
N LEU Q 164 23.76 -35.20 -11.19
CA LEU Q 164 22.41 -34.84 -10.75
C LEU Q 164 22.49 -33.97 -9.50
N PHE Q 165 21.53 -33.06 -9.37
CA PHE Q 165 21.50 -32.11 -8.26
C PHE Q 165 20.13 -32.13 -7.61
N GLY Q 166 20.13 -31.94 -6.30
CA GLY Q 166 18.91 -31.97 -5.52
C GLY Q 166 19.21 -32.33 -4.08
N GLY Q 167 18.20 -32.12 -3.24
CA GLY Q 167 18.32 -32.38 -1.81
C GLY Q 167 17.88 -33.78 -1.45
N ALA Q 168 17.44 -33.94 -0.21
CA ALA Q 168 17.01 -35.22 0.29
C ALA Q 168 15.52 -35.44 0.03
N GLY Q 169 15.11 -36.70 0.02
CA GLY Q 169 13.70 -37.04 -0.18
C GLY Q 169 13.15 -36.62 -1.51
N VAL Q 170 13.94 -36.77 -2.57
CA VAL Q 170 13.53 -36.40 -3.92
C VAL Q 170 13.22 -37.63 -4.77
N GLY Q 171 14.16 -38.58 -4.84
CA GLY Q 171 13.94 -39.77 -5.62
C GLY Q 171 15.03 -40.07 -6.62
N LYS Q 172 16.20 -39.45 -6.47
CA LYS Q 172 17.26 -39.65 -7.45
C LYS Q 172 17.76 -41.07 -7.44
N THR Q 173 17.70 -41.76 -6.29
CA THR Q 173 18.12 -43.15 -6.24
C THR Q 173 17.26 -44.03 -7.14
N VAL Q 174 15.94 -43.79 -7.14
CA VAL Q 174 15.04 -44.55 -7.98
C VAL Q 174 15.34 -44.31 -9.46
N LEU Q 175 15.57 -43.03 -9.83
CA LEU Q 175 15.90 -42.71 -11.20
C LEU Q 175 17.23 -43.36 -11.61
N ILE Q 176 18.20 -43.35 -10.72
CA ILE Q 176 19.49 -43.99 -11.00
C ILE Q 176 19.30 -45.49 -11.22
N GLN Q 177 18.49 -46.11 -10.37
CA GLN Q 177 18.18 -47.53 -10.51
C GLN Q 177 17.56 -47.82 -11.88
N GLU Q 178 16.57 -47.01 -12.27
CA GLU Q 178 15.91 -47.22 -13.55
C GLU Q 178 16.88 -47.01 -14.71
N MET Q 179 17.73 -46.00 -14.61
CA MET Q 179 18.64 -45.69 -15.72
C MET Q 179 19.67 -46.80 -15.90
N ILE Q 180 20.27 -47.26 -14.81
CA ILE Q 180 21.21 -48.37 -14.93
C ILE Q 180 20.50 -49.63 -15.42
N ASN Q 181 19.25 -49.83 -14.96
CA ASN Q 181 18.51 -51.02 -15.39
C ASN Q 181 18.25 -51.00 -16.89
N ARG Q 182 17.88 -49.83 -17.43
CA ARG Q 182 17.63 -49.73 -18.86
C ARG Q 182 18.91 -49.82 -19.67
N ILE Q 183 20.01 -49.29 -19.14
CA ILE Q 183 21.25 -49.24 -19.90
C ILE Q 183 21.98 -50.59 -19.91
N ALA Q 184 22.11 -51.24 -18.75
CA ALA Q 184 22.92 -52.45 -18.66
C ALA Q 184 22.41 -53.56 -19.57
N ARG Q 185 21.10 -53.59 -19.83
CA ARG Q 185 20.56 -54.62 -20.70
C ARG Q 185 21.01 -54.44 -22.15
N ASN Q 186 21.51 -53.27 -22.50
CA ASN Q 186 21.87 -52.95 -23.88
C ASN Q 186 23.34 -52.56 -23.99
N PHE Q 187 24.15 -52.97 -23.01
CA PHE Q 187 25.56 -52.61 -22.97
C PHE Q 187 26.41 -53.86 -22.89
N GLY Q 188 27.52 -53.86 -23.62
CA GLY Q 188 28.47 -54.95 -23.62
C GLY Q 188 29.73 -54.74 -22.80
N GLY Q 189 29.95 -53.53 -22.31
CA GLY Q 189 31.13 -53.21 -21.54
C GLY Q 189 30.98 -53.61 -20.09
N THR Q 190 31.91 -53.11 -19.26
CA THR Q 190 31.96 -53.43 -17.84
C THR Q 190 31.44 -52.26 -17.03
N SER Q 191 30.57 -52.55 -16.07
CA SER Q 191 30.00 -51.55 -15.18
C SER Q 191 30.45 -51.82 -13.75
N VAL Q 192 30.89 -50.77 -13.06
CA VAL Q 192 31.39 -50.87 -11.69
C VAL Q 192 30.61 -49.88 -10.83
N PHE Q 193 30.07 -50.35 -9.72
CA PHE Q 193 29.34 -49.48 -8.81
C PHE Q 193 30.11 -49.32 -7.50
N ALA Q 194 30.13 -48.08 -7.01
CA ALA Q 194 30.79 -47.74 -5.76
C ALA Q 194 29.80 -46.95 -4.91
N GLY Q 195 29.69 -47.34 -3.65
CA GLY Q 195 28.82 -46.67 -2.71
C GLY Q 195 29.59 -45.93 -1.64
N VAL Q 196 29.56 -44.60 -1.69
CA VAL Q 196 30.33 -43.81 -0.73
C VAL Q 196 29.61 -43.76 0.62
N GLY Q 197 28.38 -43.30 0.64
CA GLY Q 197 27.62 -43.27 1.87
C GLY Q 197 26.14 -43.51 1.65
N GLU Q 198 25.60 -44.54 2.31
CA GLU Q 198 24.20 -44.92 2.15
C GLU Q 198 23.86 -45.94 3.21
N ARG Q 199 22.57 -46.16 3.40
CA ARG Q 199 22.11 -47.10 4.41
C ARG Q 199 22.37 -48.53 3.95
N THR Q 200 22.47 -49.44 4.92
CA THR Q 200 22.65 -50.85 4.61
C THR Q 200 21.44 -51.42 3.88
N ARG Q 201 20.25 -50.88 4.15
CA ARG Q 201 19.05 -51.42 3.52
C ARG Q 201 19.09 -51.26 2.00
N GLU Q 202 19.52 -50.08 1.53
CA GLU Q 202 19.59 -49.85 0.09
C GLU Q 202 20.60 -50.80 -0.56
N GLY Q 203 21.76 -50.97 0.06
CA GLY Q 203 22.74 -51.88 -0.49
C GLY Q 203 22.25 -53.30 -0.55
N ASN Q 204 21.60 -53.76 0.53
CA ASN Q 204 21.04 -55.11 0.56
C ASN Q 204 19.99 -55.29 -0.53
N ASP Q 205 19.09 -54.31 -0.68
CA ASP Q 205 18.03 -54.42 -1.68
C ASP Q 205 18.59 -54.42 -3.09
N LEU Q 206 19.55 -53.54 -3.38
CA LEU Q 206 20.12 -53.50 -4.72
C LEU Q 206 20.92 -54.77 -5.02
N TRP Q 207 21.60 -55.31 -4.00
CA TRP Q 207 22.29 -56.59 -4.18
C TRP Q 207 21.30 -57.70 -4.51
N VAL Q 208 20.17 -57.73 -3.81
CA VAL Q 208 19.14 -58.72 -4.10
C VAL Q 208 18.62 -58.55 -5.52
N GLU Q 209 18.35 -57.30 -5.93
CA GLU Q 209 17.83 -57.05 -7.26
C GLU Q 209 18.82 -57.48 -8.34
N LEU Q 210 20.10 -57.18 -8.15
CA LEU Q 210 21.11 -57.55 -9.14
C LEU Q 210 21.32 -59.06 -9.18
N ALA Q 211 21.26 -59.71 -8.02
CA ALA Q 211 21.34 -61.18 -8.01
C ALA Q 211 20.12 -61.79 -8.68
N ASP Q 212 18.98 -61.10 -8.65
CA ASP Q 212 17.79 -61.59 -9.33
C ASP Q 212 17.96 -61.61 -10.85
N ALA Q 213 18.92 -60.88 -11.39
CA ALA Q 213 19.20 -60.84 -12.81
C ALA Q 213 20.57 -61.42 -13.10
N ASN Q 214 20.92 -61.49 -14.38
CA ASN Q 214 22.19 -62.03 -14.82
C ASN Q 214 23.29 -60.98 -14.89
N VAL Q 215 22.97 -59.72 -14.64
CA VAL Q 215 23.95 -58.65 -14.80
C VAL Q 215 24.99 -58.64 -13.69
N LEU Q 216 24.71 -59.29 -12.56
CA LEU Q 216 25.62 -59.20 -11.42
C LEU Q 216 26.98 -59.81 -11.74
N LYS Q 217 26.99 -60.89 -12.53
CA LYS Q 217 28.26 -61.48 -12.94
C LYS Q 217 29.10 -60.52 -13.78
N ASP Q 218 28.46 -59.58 -14.48
CA ASP Q 218 29.15 -58.66 -15.36
C ASP Q 218 29.53 -57.35 -14.68
N THR Q 219 29.19 -57.16 -13.42
CA THR Q 219 29.45 -55.91 -12.71
C THR Q 219 30.17 -56.20 -11.41
N ALA Q 220 30.79 -55.16 -10.86
CA ALA Q 220 31.55 -55.25 -9.62
C ALA Q 220 31.07 -54.19 -8.63
N LEU Q 221 30.81 -54.63 -7.40
CA LEU Q 221 30.23 -53.79 -6.36
C LEU Q 221 31.25 -53.55 -5.26
N VAL Q 222 31.47 -52.29 -4.92
CA VAL Q 222 32.28 -51.93 -3.76
C VAL Q 222 31.61 -50.75 -3.07
N PHE Q 223 31.58 -50.76 -1.74
CA PHE Q 223 30.87 -49.71 -1.03
C PHE Q 223 31.28 -49.68 0.43
N GLY Q 224 30.95 -48.56 1.09
CA GLY Q 224 31.16 -48.42 2.52
C GLY Q 224 30.05 -47.57 3.12
N GLN Q 225 29.82 -47.79 4.41
CA GLN Q 225 28.73 -47.14 5.12
C GLN Q 225 29.23 -45.90 5.85
N MET Q 226 28.33 -45.29 6.63
CA MET Q 226 28.66 -44.09 7.40
C MET Q 226 29.02 -44.39 8.84
N ASP Q 227 28.59 -45.53 9.38
CA ASP Q 227 28.94 -45.89 10.76
C ASP Q 227 30.43 -46.08 10.94
N GLU Q 228 31.16 -46.33 9.86
CA GLU Q 228 32.60 -46.50 9.94
C GLU Q 228 33.28 -45.16 10.18
N PRO Q 229 34.53 -45.16 10.65
CA PRO Q 229 35.24 -43.91 10.83
C PRO Q 229 35.42 -43.20 9.49
N PRO Q 230 35.48 -41.88 9.50
CA PRO Q 230 35.53 -41.13 8.23
C PRO Q 230 36.76 -41.44 7.38
N GLY Q 231 37.84 -41.95 7.96
CA GLY Q 231 39.00 -42.31 7.16
C GLY Q 231 38.67 -43.35 6.11
N THR Q 232 37.80 -44.30 6.45
CA THR Q 232 37.34 -45.27 5.47
C THR Q 232 36.55 -44.61 4.35
N ARG Q 233 35.72 -43.62 4.69
CA ARG Q 233 34.80 -43.02 3.74
C ARG Q 233 35.50 -42.18 2.68
N MET Q 234 36.80 -41.93 2.82
CA MET Q 234 37.54 -41.14 1.85
C MET Q 234 38.23 -42.00 0.78
N ARG Q 235 38.61 -43.23 1.12
CA ARG Q 235 39.46 -44.03 0.26
C ARG Q 235 38.71 -44.95 -0.68
N VAL Q 236 37.42 -45.20 -0.43
CA VAL Q 236 36.65 -46.10 -1.29
C VAL Q 236 36.57 -45.53 -2.70
N ALA Q 237 36.39 -44.20 -2.80
CA ALA Q 237 36.36 -43.57 -4.12
C ALA Q 237 37.68 -43.76 -4.86
N LEU Q 238 38.79 -43.66 -4.14
CA LEU Q 238 40.09 -43.89 -4.76
C LEU Q 238 40.21 -45.33 -5.28
N SER Q 239 39.74 -46.29 -4.50
CA SER Q 239 39.78 -47.69 -4.94
C SER Q 239 38.91 -47.90 -6.17
N ALA Q 240 37.72 -47.29 -6.19
CA ALA Q 240 36.84 -47.42 -7.35
C ALA Q 240 37.48 -46.80 -8.58
N LEU Q 241 38.09 -45.62 -8.44
CA LEU Q 241 38.75 -45.00 -9.57
C LEU Q 241 39.93 -45.84 -10.05
N THR Q 242 40.66 -46.46 -9.12
CA THR Q 242 41.75 -47.34 -9.50
C THR Q 242 41.25 -48.53 -10.29
N MET Q 243 40.14 -49.13 -9.84
CA MET Q 243 39.53 -50.24 -10.58
C MET Q 243 39.15 -49.80 -11.98
N ALA Q 244 38.50 -48.64 -12.09
CA ALA Q 244 38.09 -48.14 -13.39
C ALA Q 244 39.29 -47.91 -14.30
N GLU Q 245 40.34 -47.31 -13.76
CA GLU Q 245 41.54 -47.04 -14.56
C GLU Q 245 42.19 -48.33 -15.03
N PHE Q 246 42.33 -49.31 -14.13
CA PHE Q 246 42.96 -50.57 -14.50
C PHE Q 246 42.16 -51.28 -15.58
N PHE Q 247 40.83 -51.32 -15.43
CA PHE Q 247 40.03 -52.03 -16.41
C PHE Q 247 39.97 -51.29 -17.74
N ARG Q 248 40.00 -49.96 -17.71
CA ARG Q 248 39.96 -49.21 -18.96
C ARG Q 248 41.28 -49.27 -19.71
N ASP Q 249 42.40 -49.12 -19.00
CA ASP Q 249 43.68 -48.88 -19.67
C ASP Q 249 44.17 -50.14 -20.38
N GLU Q 250 44.13 -51.29 -19.71
CA GLU Q 250 44.67 -52.51 -20.29
C GLU Q 250 43.68 -53.22 -21.20
N GLN Q 251 42.42 -53.36 -20.76
CA GLN Q 251 41.43 -54.01 -21.60
C GLN Q 251 41.04 -53.14 -22.79
N GLY Q 252 41.17 -51.83 -22.66
CA GLY Q 252 40.79 -50.93 -23.74
C GLY Q 252 39.33 -51.01 -24.09
N GLN Q 253 38.47 -51.22 -23.09
CA GLN Q 253 37.05 -51.38 -23.29
C GLN Q 253 36.31 -50.24 -22.59
N ASP Q 254 35.15 -49.88 -23.12
CA ASP Q 254 34.35 -48.83 -22.50
C ASP Q 254 33.94 -49.25 -21.09
N VAL Q 255 34.18 -48.36 -20.13
CA VAL Q 255 34.01 -48.65 -18.72
C VAL Q 255 32.92 -47.75 -18.15
N LEU Q 256 32.03 -48.37 -17.37
CA LEU Q 256 30.95 -47.67 -16.69
C LEU Q 256 31.30 -47.55 -15.21
N LEU Q 257 31.36 -46.32 -14.72
CA LEU Q 257 31.65 -46.06 -13.31
C LEU Q 257 30.46 -45.36 -12.68
N PHE Q 258 30.13 -45.76 -11.45
CA PHE Q 258 28.93 -45.26 -10.79
C PHE Q 258 29.28 -44.96 -9.33
N ILE Q 259 28.98 -43.74 -8.88
CA ILE Q 259 29.32 -43.29 -7.55
C ILE Q 259 28.04 -42.89 -6.83
N ASP Q 260 27.92 -43.29 -5.56
CA ASP Q 260 26.69 -43.04 -4.82
C ASP Q 260 26.50 -41.56 -4.51
N ASN Q 261 27.43 -40.98 -3.75
CA ASN Q 261 27.30 -39.58 -3.35
C ASN Q 261 28.67 -38.93 -3.30
N ILE Q 262 28.67 -37.61 -3.42
CA ILE Q 262 29.90 -36.84 -3.45
C ILE Q 262 30.11 -36.00 -2.19
N PHE Q 263 29.08 -35.79 -1.37
CA PHE Q 263 29.24 -34.93 -0.20
C PHE Q 263 29.87 -35.65 0.99
N ARG Q 264 29.85 -36.98 1.00
CA ARG Q 264 30.31 -37.72 2.16
C ARG Q 264 31.80 -37.51 2.40
N PHE Q 265 32.61 -37.67 1.35
CA PHE Q 265 34.04 -37.49 1.52
C PHE Q 265 34.38 -36.03 1.80
N THR Q 266 33.60 -35.09 1.25
CA THR Q 266 33.81 -33.69 1.57
C THR Q 266 33.61 -33.43 3.05
N GLN Q 267 32.53 -33.96 3.63
CA GLN Q 267 32.37 -33.86 5.07
C GLN Q 267 33.54 -34.49 5.79
N ALA Q 268 33.84 -35.76 5.49
CA ALA Q 268 34.90 -36.47 6.19
C ALA Q 268 36.20 -35.68 6.18
N GLY Q 269 36.54 -35.10 5.03
CA GLY Q 269 37.69 -34.20 4.97
C GLY Q 269 37.54 -33.00 5.86
N SER Q 270 36.33 -32.42 5.92
CA SER Q 270 36.11 -31.26 6.76
C SER Q 270 36.41 -31.58 8.22
N GLU Q 271 35.81 -32.65 8.74
CA GLU Q 271 36.05 -32.97 10.15
C GLU Q 271 37.49 -33.43 10.40
N VAL Q 272 38.09 -34.16 9.47
CA VAL Q 272 39.45 -34.62 9.73
C VAL Q 272 40.41 -33.43 9.74
N SER Q 273 40.20 -32.46 8.84
CA SER Q 273 41.06 -31.28 8.84
C SER Q 273 40.80 -30.42 10.06
N THR Q 274 39.55 -30.34 10.52
CA THR Q 274 39.25 -29.61 11.74
C THR Q 274 39.97 -30.22 12.94
N LEU Q 275 39.97 -31.54 13.03
CA LEU Q 275 40.67 -32.22 14.12
C LEU Q 275 42.18 -32.12 13.99
N LEU Q 276 42.71 -32.11 12.77
CA LEU Q 276 44.16 -32.21 12.59
C LEU Q 276 44.88 -30.95 13.07
N GLY Q 277 44.27 -29.78 12.90
CA GLY Q 277 44.87 -28.57 13.43
C GLY Q 277 44.89 -27.38 12.50
N ARG Q 278 44.21 -27.45 11.37
CA ARG Q 278 44.08 -26.30 10.48
C ARG Q 278 42.96 -25.38 10.95
N MET Q 279 43.10 -24.10 10.63
CA MET Q 279 42.06 -23.14 10.92
C MET Q 279 40.86 -23.40 10.02
N PRO Q 280 39.64 -23.18 10.50
CA PRO Q 280 38.47 -23.33 9.63
C PRO Q 280 38.36 -22.20 8.63
N SER Q 281 37.28 -22.20 7.85
CA SER Q 281 37.07 -21.18 6.82
C SER Q 281 35.58 -20.83 6.80
N ALA Q 282 35.15 -20.18 5.73
CA ALA Q 282 33.77 -19.74 5.61
C ALA Q 282 32.82 -20.93 5.71
N VAL Q 283 31.73 -20.74 6.45
CA VAL Q 283 30.70 -21.75 6.67
C VAL Q 283 31.35 -22.99 7.26
N GLY Q 284 32.45 -22.79 7.98
CA GLY Q 284 33.14 -23.89 8.65
C GLY Q 284 33.61 -24.98 7.71
N TYR Q 285 34.05 -24.61 6.52
CA TYR Q 285 34.53 -25.59 5.54
C TYR Q 285 36.05 -25.69 5.63
N GLN Q 286 36.55 -26.90 5.42
CA GLN Q 286 37.98 -27.14 5.51
C GLN Q 286 38.71 -26.43 4.38
N PRO Q 287 39.94 -25.97 4.63
CA PRO Q 287 40.74 -25.36 3.57
C PRO Q 287 41.22 -26.40 2.57
N THR Q 288 41.63 -25.91 1.40
CA THR Q 288 42.18 -26.74 0.33
C THR Q 288 41.19 -27.81 -0.12
N LEU Q 289 39.89 -27.55 0.01
CA LEU Q 289 38.91 -28.48 -0.51
C LEU Q 289 38.89 -28.47 -2.02
N ALA Q 290 39.05 -27.29 -2.62
CA ALA Q 290 38.94 -27.17 -4.07
C ALA Q 290 40.04 -27.93 -4.78
N ASP Q 291 41.28 -27.84 -4.28
CA ASP Q 291 42.38 -28.55 -4.91
C ASP Q 291 42.18 -30.07 -4.82
N GLU Q 292 41.76 -30.56 -3.65
CA GLU Q 292 41.53 -31.99 -3.50
C GLU Q 292 40.41 -32.46 -4.42
N MET Q 293 39.32 -31.70 -4.48
CA MET Q 293 38.21 -32.04 -5.36
C MET Q 293 38.64 -32.06 -6.82
N GLY Q 294 39.41 -31.05 -7.25
CA GLY Q 294 39.85 -31.01 -8.63
C GLY Q 294 40.81 -32.13 -8.96
N GLU Q 295 41.74 -32.44 -8.06
CA GLU Q 295 42.65 -33.54 -8.28
C GLU Q 295 41.90 -34.86 -8.38
N LEU Q 296 40.87 -35.05 -7.56
CA LEU Q 296 40.05 -36.25 -7.66
C LEU Q 296 39.31 -36.30 -9.00
N GLN Q 297 38.79 -35.15 -9.45
CA GLN Q 297 37.95 -35.14 -10.64
C GLN Q 297 38.75 -35.33 -11.93
N GLU Q 298 40.06 -35.08 -11.90
CA GLU Q 298 40.86 -35.27 -13.10
C GLU Q 298 41.07 -36.74 -13.44
N ARG Q 299 40.77 -37.66 -12.52
CA ARG Q 299 40.86 -39.08 -12.84
C ARG Q 299 39.86 -39.45 -13.93
N ILE Q 300 38.66 -38.88 -13.87
CA ILE Q 300 37.58 -39.23 -14.80
C ILE Q 300 37.80 -38.48 -16.11
N THR Q 301 38.17 -39.21 -17.15
CA THR Q 301 38.38 -38.63 -18.47
C THR Q 301 38.38 -39.75 -19.51
N SER Q 302 37.73 -39.50 -20.65
CA SER Q 302 37.73 -40.42 -21.77
C SER Q 302 38.83 -40.01 -22.74
N THR Q 303 39.76 -40.92 -23.02
CA THR Q 303 40.92 -40.60 -23.84
C THR Q 303 40.57 -40.76 -25.32
N ARG Q 304 41.60 -40.67 -26.17
CA ARG Q 304 41.40 -40.77 -27.61
C ARG Q 304 40.93 -42.16 -28.01
N GLY Q 305 41.53 -43.20 -27.44
CA GLY Q 305 41.18 -44.56 -27.82
C GLY Q 305 40.26 -45.25 -26.84
N ARG Q 306 40.03 -44.63 -25.68
CA ARG Q 306 39.19 -45.20 -24.64
C ARG Q 306 38.10 -44.21 -24.25
N SER Q 307 36.88 -44.72 -24.09
CA SER Q 307 35.73 -43.93 -23.71
C SER Q 307 35.18 -44.45 -22.39
N ILE Q 308 35.03 -43.55 -21.41
CA ILE Q 308 34.51 -43.90 -20.10
C ILE Q 308 33.30 -43.03 -19.80
N THR Q 309 32.22 -43.65 -19.34
CA THR Q 309 30.99 -42.96 -18.98
C THR Q 309 30.81 -43.03 -17.48
N SER Q 310 30.64 -41.85 -16.85
CA SER Q 310 30.44 -41.74 -15.42
C SER Q 310 29.26 -40.84 -15.13
N MET Q 311 28.42 -41.24 -14.16
CA MET Q 311 27.32 -40.44 -13.67
C MET Q 311 27.67 -39.98 -12.26
N GLN Q 312 27.01 -38.93 -11.79
CA GLN Q 312 27.21 -38.48 -10.42
C GLN Q 312 25.88 -38.06 -9.81
N ALA Q 313 25.74 -38.30 -8.50
CA ALA Q 313 24.60 -37.83 -7.73
C ALA Q 313 25.09 -36.90 -6.64
N VAL Q 314 24.62 -35.67 -6.65
CA VAL Q 314 25.10 -34.63 -5.75
C VAL Q 314 23.98 -34.21 -4.82
N TYR Q 315 24.25 -34.25 -3.52
CA TYR Q 315 23.35 -33.75 -2.50
C TYR Q 315 23.69 -32.30 -2.16
N VAL Q 316 22.66 -31.53 -1.85
CA VAL Q 316 22.85 -30.13 -1.48
C VAL Q 316 22.34 -29.94 -0.05
N PRO Q 317 23.03 -29.15 0.77
CA PRO Q 317 22.57 -28.91 2.14
C PRO Q 317 21.51 -27.81 2.17
N ALA Q 318 20.32 -28.16 2.66
CA ALA Q 318 19.19 -27.22 2.80
C ALA Q 318 18.80 -26.60 1.47
N ASP Q 319 19.17 -27.25 0.36
CA ASP Q 319 18.81 -26.81 -0.98
C ASP Q 319 19.26 -25.37 -1.23
N ASP Q 320 20.57 -25.17 -1.18
CA ASP Q 320 21.17 -23.85 -1.38
C ASP Q 320 22.31 -23.96 -2.38
N TYR Q 321 22.14 -23.34 -3.54
CA TYR Q 321 23.19 -23.32 -4.55
C TYR Q 321 24.22 -22.21 -4.31
N THR Q 322 24.00 -21.35 -3.32
CA THR Q 322 25.01 -20.36 -2.96
C THR Q 322 26.14 -20.95 -2.13
N ASP Q 323 25.98 -22.18 -1.64
CA ASP Q 323 27.05 -22.83 -0.91
C ASP Q 323 28.26 -23.00 -1.82
N PRO Q 324 29.48 -22.79 -1.31
CA PRO Q 324 30.65 -22.92 -2.17
C PRO Q 324 30.83 -24.30 -2.77
N ALA Q 325 30.42 -25.36 -2.06
CA ALA Q 325 30.66 -26.71 -2.57
C ALA Q 325 29.88 -27.01 -3.85
N PRO Q 326 28.56 -26.76 -3.93
CA PRO Q 326 27.89 -27.00 -5.22
C PRO Q 326 28.41 -26.15 -6.36
N ALA Q 327 28.76 -24.89 -6.10
CA ALA Q 327 29.33 -24.06 -7.14
C ALA Q 327 30.66 -24.61 -7.61
N THR Q 328 31.48 -25.10 -6.67
CA THR Q 328 32.77 -25.68 -7.03
C THR Q 328 32.59 -26.95 -7.86
N THR Q 329 31.67 -27.83 -7.44
CA THR Q 329 31.48 -29.08 -8.17
C THR Q 329 30.77 -28.86 -9.50
N PHE Q 330 30.11 -27.72 -9.69
CA PHE Q 330 29.52 -27.43 -10.98
C PHE Q 330 30.55 -27.07 -12.03
N ALA Q 331 31.70 -26.52 -11.62
CA ALA Q 331 32.71 -26.06 -12.58
C ALA Q 331 33.27 -27.21 -13.41
N HIS Q 332 33.17 -28.45 -12.94
CA HIS Q 332 33.73 -29.58 -13.65
C HIS Q 332 32.74 -30.27 -14.58
N LEU Q 333 31.45 -29.92 -14.50
CA LEU Q 333 30.41 -30.62 -15.24
C LEU Q 333 30.06 -29.89 -16.53
N ASP Q 334 29.68 -30.65 -17.54
CA ASP Q 334 29.25 -30.13 -18.83
C ASP Q 334 27.81 -30.48 -19.18
N ALA Q 335 27.34 -31.66 -18.80
CA ALA Q 335 25.94 -32.06 -18.98
C ALA Q 335 25.27 -32.08 -17.62
N THR Q 336 24.31 -31.18 -17.41
CA THR Q 336 23.74 -30.92 -16.09
C THR Q 336 22.26 -31.26 -16.07
N THR Q 337 21.82 -31.86 -14.96
CA THR Q 337 20.42 -32.11 -14.69
C THR Q 337 20.19 -32.05 -13.18
N GLU Q 338 19.19 -31.28 -12.78
CA GLU Q 338 18.95 -31.02 -11.36
C GLU Q 338 17.52 -31.36 -11.00
N LEU Q 339 17.28 -31.58 -9.71
CA LEU Q 339 15.96 -31.86 -9.18
C LEU Q 339 15.60 -30.83 -8.13
N SER Q 340 14.32 -30.42 -8.13
CA SER Q 340 13.84 -29.38 -7.23
C SER Q 340 12.70 -29.92 -6.39
N ARG Q 341 12.48 -29.28 -5.25
CA ARG Q 341 11.47 -29.72 -4.30
C ARG Q 341 10.06 -29.25 -4.64
N ALA Q 342 9.91 -28.15 -5.39
CA ALA Q 342 8.59 -27.64 -5.69
C ALA Q 342 7.85 -28.56 -6.65
N VAL Q 343 8.52 -29.00 -7.71
CA VAL Q 343 7.88 -29.88 -8.68
C VAL Q 343 7.58 -31.24 -8.04
N PHE Q 344 8.45 -31.71 -7.15
CA PHE Q 344 8.12 -32.89 -6.36
C PHE Q 344 6.89 -32.64 -5.50
N SER Q 345 6.80 -31.44 -4.91
CA SER Q 345 5.67 -31.13 -4.04
C SER Q 345 4.36 -31.14 -4.80
N LYS Q 346 4.35 -30.60 -6.03
CA LYS Q 346 3.10 -30.58 -6.77
C LYS Q 346 2.67 -31.99 -7.17
N GLY Q 347 3.63 -32.89 -7.42
CA GLY Q 347 3.28 -34.28 -7.64
C GLY Q 347 4.10 -35.04 -8.67
N ILE Q 348 4.95 -34.34 -9.42
CA ILE Q 348 5.73 -35.01 -10.47
C ILE Q 348 6.73 -35.96 -9.83
N PHE Q 349 6.80 -37.19 -10.36
CA PHE Q 349 7.75 -38.18 -9.85
C PHE Q 349 9.15 -37.94 -10.41
N PRO Q 350 9.33 -37.73 -11.73
CA PRO Q 350 10.67 -37.32 -12.20
C PRO Q 350 11.16 -36.03 -11.56
N ALA Q 351 10.26 -35.08 -11.34
CA ALA Q 351 10.55 -33.84 -10.61
C ALA Q 351 11.76 -33.12 -11.17
N VAL Q 352 11.74 -32.86 -12.47
CA VAL Q 352 12.84 -32.23 -13.19
C VAL Q 352 12.42 -30.83 -13.58
N ASP Q 353 13.25 -29.84 -13.26
CA ASP Q 353 12.97 -28.46 -13.63
C ASP Q 353 13.67 -28.13 -14.94
N PRO Q 354 12.93 -27.89 -16.02
CA PRO Q 354 13.57 -27.60 -17.31
C PRO Q 354 14.18 -26.20 -17.37
N LEU Q 355 13.70 -25.30 -16.52
CA LEU Q 355 14.11 -23.90 -16.62
C LEU Q 355 15.58 -23.72 -16.29
N ALA Q 356 16.03 -24.26 -15.16
CA ALA Q 356 17.40 -24.06 -14.71
C ALA Q 356 18.38 -25.06 -15.32
N SER Q 357 17.90 -26.24 -15.73
CA SER Q 357 18.79 -27.24 -16.29
C SER Q 357 19.39 -26.76 -17.61
N SER Q 358 20.58 -27.29 -17.92
CA SER Q 358 21.27 -26.88 -19.12
C SER Q 358 22.04 -28.06 -19.70
N SER Q 359 22.23 -28.04 -21.02
CA SER Q 359 23.00 -29.04 -21.75
C SER Q 359 24.11 -28.33 -22.51
N THR Q 360 24.97 -29.12 -23.15
CA THR Q 360 26.07 -28.57 -23.93
C THR Q 360 26.10 -29.13 -25.35
N ILE Q 361 25.08 -29.88 -25.75
CA ILE Q 361 25.05 -30.49 -27.08
C ILE Q 361 23.79 -30.07 -27.82
N LEU Q 362 23.11 -29.05 -27.31
CA LEU Q 362 21.90 -28.53 -27.95
C LEU Q 362 22.31 -27.37 -28.85
N ASP Q 363 22.26 -27.59 -30.16
CA ASP Q 363 22.61 -26.58 -31.15
C ASP Q 363 22.15 -27.07 -32.52
N PRO Q 364 21.68 -26.18 -33.38
CA PRO Q 364 21.20 -26.62 -34.71
C PRO Q 364 22.29 -27.16 -35.61
N ALA Q 365 23.57 -26.92 -35.30
CA ALA Q 365 24.64 -27.36 -36.17
C ALA Q 365 24.69 -28.88 -36.27
N ILE Q 366 24.53 -29.58 -35.14
CA ILE Q 366 24.57 -31.03 -35.10
C ILE Q 366 23.23 -31.65 -34.72
N VAL Q 367 22.21 -30.84 -34.43
CA VAL Q 367 20.90 -31.34 -34.09
C VAL Q 367 19.87 -30.68 -35.00
N GLY Q 368 18.77 -31.39 -35.27
CA GLY Q 368 17.72 -30.84 -36.10
C GLY Q 368 17.14 -29.58 -35.49
N ASP Q 369 16.83 -28.61 -36.36
CA ASP Q 369 16.35 -27.32 -35.90
C ASP Q 369 14.92 -27.37 -35.37
N GLU Q 370 14.16 -28.41 -35.72
CA GLU Q 370 12.83 -28.58 -35.12
C GLU Q 370 12.93 -28.77 -33.62
N HIS Q 371 13.88 -29.60 -33.18
CA HIS Q 371 14.16 -29.73 -31.75
C HIS Q 371 14.52 -28.39 -31.15
N TYR Q 372 15.37 -27.61 -31.84
CA TYR Q 372 15.81 -26.33 -31.32
C TYR Q 372 14.63 -25.38 -31.12
N ARG Q 373 13.78 -25.25 -32.13
CA ARG Q 373 12.64 -24.33 -32.03
C ARG Q 373 11.61 -24.81 -31.01
N VAL Q 374 11.41 -26.12 -30.91
CA VAL Q 374 10.49 -26.65 -29.90
C VAL Q 374 10.99 -26.32 -28.51
N ALA Q 375 12.29 -26.52 -28.28
CA ALA Q 375 12.87 -26.19 -26.97
C ALA Q 375 12.73 -24.71 -26.68
N GLN Q 376 13.01 -23.85 -27.68
CA GLN Q 376 12.89 -22.41 -27.45
C GLN Q 376 11.46 -22.02 -27.10
N GLU Q 377 10.48 -22.53 -27.84
CA GLU Q 377 9.09 -22.18 -27.58
C GLU Q 377 8.66 -22.64 -26.19
N VAL Q 378 9.02 -23.88 -25.82
CA VAL Q 378 8.57 -24.40 -24.54
C VAL Q 378 9.26 -23.66 -23.40
N ILE Q 379 10.54 -23.30 -23.56
CA ILE Q 379 11.23 -22.61 -22.48
C ILE Q 379 10.70 -21.19 -22.32
N ARG Q 380 10.38 -20.51 -23.43
CA ARG Q 380 9.76 -19.20 -23.31
C ARG Q 380 8.39 -19.29 -22.63
N ILE Q 381 7.62 -20.33 -22.99
CA ILE Q 381 6.32 -20.53 -22.37
C ILE Q 381 6.46 -20.74 -20.87
N LEU Q 382 7.44 -21.54 -20.46
CA LEU Q 382 7.63 -21.81 -19.04
C LEU Q 382 8.14 -20.58 -18.31
N GLN Q 383 8.99 -19.78 -18.96
CA GLN Q 383 9.49 -18.56 -18.35
C GLN Q 383 8.35 -17.57 -18.08
N ARG Q 384 7.53 -17.30 -19.10
CA ARG Q 384 6.36 -16.43 -18.89
C ARG Q 384 5.38 -17.00 -17.87
N TYR Q 385 5.18 -18.32 -17.86
CA TYR Q 385 4.25 -18.92 -16.92
C TYR Q 385 4.75 -18.76 -15.48
N LYS Q 386 6.04 -18.99 -15.25
CA LYS Q 386 6.63 -18.77 -13.94
C LYS Q 386 6.47 -17.31 -13.52
N ASP Q 387 6.66 -16.38 -14.45
CA ASP Q 387 6.47 -14.97 -14.11
C ASP Q 387 5.04 -14.68 -13.69
N LEU Q 388 4.05 -15.24 -14.40
CA LEU Q 388 2.65 -14.93 -14.14
C LEU Q 388 2.00 -15.80 -13.07
N GLN Q 389 2.76 -16.73 -12.48
CA GLN Q 389 2.20 -17.64 -11.48
C GLN Q 389 1.48 -16.91 -10.34
N ASP Q 390 2.21 -16.09 -9.56
CA ASP Q 390 1.59 -15.47 -8.40
C ASP Q 390 0.56 -14.42 -8.79
N ILE Q 391 0.66 -13.86 -9.99
CA ILE Q 391 -0.37 -12.94 -10.47
C ILE Q 391 -1.68 -13.68 -10.66
N ILE Q 392 -1.63 -14.87 -11.29
CA ILE Q 392 -2.82 -15.71 -11.37
C ILE Q 392 -3.29 -16.07 -9.96
N ALA Q 393 -2.35 -16.31 -9.05
CA ALA Q 393 -2.69 -16.71 -7.69
C ALA Q 393 -3.51 -15.64 -6.97
N ILE Q 394 -3.08 -14.39 -7.06
CA ILE Q 394 -3.70 -13.33 -6.28
C ILE Q 394 -4.83 -12.67 -7.05
N LEU Q 395 -4.52 -12.07 -8.20
CA LEU Q 395 -5.50 -11.24 -8.89
C LEU Q 395 -6.57 -12.05 -9.61
N GLY Q 396 -6.36 -13.33 -9.81
CA GLY Q 396 -7.41 -14.14 -10.44
C GLY Q 396 -7.26 -14.19 -11.94
N ILE Q 397 -7.78 -15.28 -12.52
CA ILE Q 397 -7.71 -15.48 -13.97
C ILE Q 397 -8.61 -14.50 -14.72
N ASP Q 398 -9.60 -13.91 -14.04
CA ASP Q 398 -10.55 -13.03 -14.70
C ASP Q 398 -9.95 -11.70 -15.11
N GLU Q 399 -8.81 -11.32 -14.54
CA GLU Q 399 -8.16 -10.05 -14.86
C GLU Q 399 -7.15 -10.15 -16.00
N LEU Q 400 -7.03 -11.31 -16.63
CA LEU Q 400 -6.03 -11.52 -17.67
C LEU Q 400 -6.64 -11.40 -19.06
N SER Q 401 -5.77 -11.17 -20.04
CA SER Q 401 -6.19 -10.98 -21.42
C SER Q 401 -6.45 -12.31 -22.10
N GLU Q 402 -7.06 -12.25 -23.29
CA GLU Q 402 -7.38 -13.46 -24.03
C GLU Q 402 -6.12 -14.22 -24.42
N GLU Q 403 -5.08 -13.51 -24.85
CA GLU Q 403 -3.79 -14.14 -25.07
C GLU Q 403 -3.21 -14.67 -23.77
N ASP Q 404 -3.36 -13.89 -22.69
CA ASP Q 404 -2.90 -14.37 -21.39
C ASP Q 404 -3.61 -15.65 -21.00
N LYS Q 405 -4.93 -15.72 -21.19
CA LYS Q 405 -5.68 -16.91 -20.84
C LYS Q 405 -5.27 -18.11 -21.69
N GLN Q 406 -5.13 -17.90 -23.01
CA GLN Q 406 -4.78 -19.00 -23.89
C GLN Q 406 -3.39 -19.51 -23.58
N LEU Q 407 -2.43 -18.61 -23.40
CA LEU Q 407 -1.08 -19.03 -23.02
C LEU Q 407 -1.07 -19.72 -21.66
N VAL Q 408 -1.86 -19.23 -20.70
CA VAL Q 408 -1.89 -19.88 -19.40
C VAL Q 408 -2.39 -21.30 -19.53
N ASN Q 409 -3.45 -21.51 -20.31
CA ASN Q 409 -3.97 -22.86 -20.52
C ASN Q 409 -2.94 -23.74 -21.22
N ARG Q 410 -2.26 -23.20 -22.24
CA ARG Q 410 -1.25 -23.97 -22.95
C ARG Q 410 -0.09 -24.36 -22.03
N ALA Q 411 0.30 -23.45 -21.12
CA ALA Q 411 1.34 -23.78 -20.16
C ALA Q 411 0.88 -24.83 -19.16
N ARG Q 412 -0.38 -24.76 -18.75
CA ARG Q 412 -0.92 -25.79 -17.89
C ARG Q 412 -0.82 -27.15 -18.57
N ARG Q 413 -1.20 -27.21 -19.85
CA ARG Q 413 -1.11 -28.45 -20.61
C ARG Q 413 0.35 -28.91 -20.72
N ILE Q 414 1.26 -27.97 -20.99
CA ILE Q 414 2.67 -28.32 -21.15
C ILE Q 414 3.23 -28.88 -19.84
N GLU Q 415 2.92 -28.23 -18.72
CA GLU Q 415 3.46 -28.65 -17.44
C GLU Q 415 2.91 -30.01 -17.03
N ARG Q 416 1.62 -30.26 -17.27
CA ARG Q 416 1.07 -31.56 -16.90
C ARG Q 416 1.49 -32.65 -17.87
N PHE Q 417 1.81 -32.28 -19.11
CA PHE Q 417 2.09 -33.28 -20.15
C PHE Q 417 3.43 -33.97 -19.94
N LEU Q 418 4.37 -33.32 -19.25
CA LEU Q 418 5.73 -33.84 -19.18
C LEU Q 418 5.83 -35.13 -18.38
N SER Q 419 4.87 -35.41 -17.49
CA SER Q 419 5.00 -36.56 -16.61
C SER Q 419 4.87 -37.87 -17.39
N GLN Q 420 5.62 -38.87 -16.93
CA GLN Q 420 5.59 -40.20 -17.54
C GLN Q 420 6.00 -41.21 -16.47
N ASN Q 421 5.44 -42.41 -16.56
CA ASN Q 421 5.73 -43.48 -15.62
C ASN Q 421 6.97 -44.27 -16.03
N MET Q 422 7.54 -44.99 -15.06
CA MET Q 422 8.77 -45.75 -15.28
C MET Q 422 8.63 -47.13 -14.65
N MET Q 423 9.54 -48.03 -15.03
CA MET Q 423 9.54 -49.39 -14.49
C MET Q 423 9.75 -49.40 -12.99
N ALA Q 424 10.67 -48.57 -12.49
CA ALA Q 424 11.04 -48.62 -11.07
C ALA Q 424 9.87 -48.31 -10.16
N ALA Q 425 8.86 -47.60 -10.64
CA ALA Q 425 7.68 -47.30 -9.84
C ALA Q 425 6.81 -48.53 -9.56
N GLU Q 426 7.17 -49.68 -10.14
CA GLU Q 426 6.36 -50.88 -9.96
C GLU Q 426 6.31 -51.29 -8.49
N GLN Q 427 7.42 -51.11 -7.78
CA GLN Q 427 7.42 -51.36 -6.34
C GLN Q 427 6.42 -50.46 -5.63
N PHE Q 428 6.38 -49.18 -6.00
CA PHE Q 428 5.55 -48.20 -5.31
C PHE Q 428 4.10 -48.20 -5.82
N THR Q 429 3.90 -48.25 -7.13
CA THR Q 429 2.57 -48.26 -7.71
C THR Q 429 2.44 -49.44 -8.67
N GLY Q 430 1.21 -49.91 -8.85
CA GLY Q 430 0.97 -51.09 -9.66
C GLY Q 430 1.04 -50.88 -11.16
N GLN Q 431 1.06 -49.63 -11.62
CA GLN Q 431 1.10 -49.37 -13.05
C GLN Q 431 2.50 -49.65 -13.60
N PRO Q 432 2.64 -50.51 -14.59
CA PRO Q 432 3.95 -50.70 -15.22
C PRO Q 432 4.37 -49.47 -16.01
N GLY Q 433 5.68 -49.32 -16.17
CA GLY Q 433 6.23 -48.17 -16.85
C GLY Q 433 6.05 -48.21 -18.35
N SER Q 434 6.56 -47.16 -19.00
CA SER Q 434 6.40 -47.02 -20.44
C SER Q 434 7.67 -46.44 -21.04
N THR Q 435 7.88 -46.73 -22.33
CA THR Q 435 9.00 -46.22 -23.10
C THR Q 435 8.49 -45.71 -24.44
N VAL Q 436 9.10 -44.64 -24.92
CA VAL Q 436 8.65 -43.99 -26.15
C VAL Q 436 9.86 -43.54 -26.98
N PRO Q 437 9.81 -43.68 -28.32
CA PRO Q 437 10.91 -43.18 -29.15
C PRO Q 437 10.94 -41.66 -29.27
N LEU Q 438 11.84 -41.13 -30.09
CA LEU Q 438 12.13 -39.69 -30.11
C LEU Q 438 11.25 -38.93 -31.10
N LYS Q 439 11.09 -39.45 -32.32
CA LYS Q 439 10.33 -38.74 -33.34
C LYS Q 439 8.87 -38.58 -32.93
N GLU Q 440 8.28 -39.62 -32.35
CA GLU Q 440 6.91 -39.52 -31.87
C GLU Q 440 6.79 -38.45 -30.79
N THR Q 441 7.76 -38.39 -29.89
CA THR Q 441 7.74 -37.35 -28.86
C THR Q 441 7.85 -35.96 -29.45
N ILE Q 442 8.73 -35.76 -30.44
CA ILE Q 442 8.88 -34.42 -30.99
C ILE Q 442 7.63 -34.01 -31.76
N GLU Q 443 6.99 -34.96 -32.46
CA GLU Q 443 5.73 -34.66 -33.13
C GLU Q 443 4.65 -34.29 -32.13
N ALA Q 444 4.55 -35.06 -31.03
CA ALA Q 444 3.56 -34.75 -30.02
C ALA Q 444 3.80 -33.39 -29.38
N PHE Q 445 5.06 -33.07 -29.09
CA PHE Q 445 5.37 -31.79 -28.46
C PHE Q 445 5.09 -30.63 -29.41
N ASP Q 446 5.38 -30.80 -30.70
CA ASP Q 446 5.02 -29.78 -31.67
C ASP Q 446 3.51 -29.59 -31.74
N LYS Q 447 2.76 -30.70 -31.70
CA LYS Q 447 1.30 -30.62 -31.71
C LYS Q 447 0.78 -29.87 -30.48
N LEU Q 448 1.34 -30.17 -29.31
CA LEU Q 448 0.92 -29.48 -28.09
C LEU Q 448 1.26 -27.99 -28.15
N THR Q 449 2.49 -27.64 -28.52
CA THR Q 449 2.88 -26.24 -28.56
C THR Q 449 2.18 -25.47 -29.68
N LYS Q 450 1.62 -26.18 -30.67
CA LYS Q 450 0.78 -25.52 -31.66
C LYS Q 450 -0.58 -25.14 -31.08
N GLY Q 451 -0.98 -25.80 -29.99
CA GLY Q 451 -2.22 -25.50 -29.33
C GLY Q 451 -3.43 -26.25 -29.87
N GLU Q 452 -3.23 -27.33 -30.61
CA GLU Q 452 -4.33 -28.10 -31.18
C GLU Q 452 -4.93 -29.09 -30.20
N PHE Q 453 -4.32 -29.23 -29.02
CA PHE Q 453 -4.81 -30.16 -28.00
C PHE Q 453 -5.27 -29.45 -26.73
N ASP Q 454 -5.54 -28.15 -26.82
CA ASP Q 454 -6.01 -27.39 -25.66
C ASP Q 454 -7.38 -27.85 -25.19
N HIS Q 455 -8.14 -28.56 -26.03
CA HIS Q 455 -9.47 -29.02 -25.65
C HIS Q 455 -9.44 -30.20 -24.69
N LEU Q 456 -8.29 -30.84 -24.53
CA LEU Q 456 -8.20 -32.02 -23.69
C LEU Q 456 -8.44 -31.63 -22.23
N PRO Q 457 -9.06 -32.52 -21.45
CA PRO Q 457 -9.38 -32.21 -20.05
C PRO Q 457 -8.11 -32.18 -19.19
N GLU Q 458 -8.30 -31.77 -17.93
CA GLU Q 458 -7.19 -31.71 -16.99
C GLU Q 458 -6.66 -33.10 -16.67
N GLN Q 459 -7.56 -34.06 -16.42
CA GLN Q 459 -7.15 -35.39 -16.01
C GLN Q 459 -6.42 -36.15 -17.10
N ALA Q 460 -6.71 -35.87 -18.38
CA ALA Q 460 -6.04 -36.57 -19.47
C ALA Q 460 -4.56 -36.25 -19.55
N PHE Q 461 -4.09 -35.26 -18.80
CA PHE Q 461 -2.69 -34.84 -18.82
C PHE Q 461 -1.93 -35.23 -17.56
N PHE Q 462 -2.17 -36.43 -17.04
CA PHE Q 462 -1.40 -36.94 -15.92
C PHE Q 462 -0.80 -38.30 -16.25
N LEU Q 463 0.52 -38.40 -16.10
CA LEU Q 463 1.25 -39.65 -16.27
C LEU Q 463 0.95 -40.29 -17.62
N ILE Q 464 1.29 -39.56 -18.68
CA ILE Q 464 1.05 -39.98 -20.05
C ILE Q 464 2.39 -40.38 -20.67
N GLY Q 465 2.47 -41.61 -21.18
CA GLY Q 465 3.68 -42.09 -21.81
C GLY Q 465 3.70 -41.84 -23.30
N GLY Q 466 2.57 -42.09 -23.97
CA GLY Q 466 2.52 -41.97 -25.41
C GLY Q 466 1.23 -41.29 -25.86
N LEU Q 467 1.21 -40.94 -27.15
CA LEU Q 467 0.04 -40.32 -27.74
C LEU Q 467 -1.17 -41.26 -27.73
N ASP Q 468 -0.94 -42.54 -28.04
CA ASP Q 468 -2.04 -43.50 -28.00
C ASP Q 468 -2.58 -43.65 -26.58
N ASP Q 469 -1.70 -43.66 -25.58
CA ASP Q 469 -2.15 -43.70 -24.20
C ASP Q 469 -2.96 -42.45 -23.86
N LEU Q 470 -2.52 -41.29 -24.35
CA LEU Q 470 -3.26 -40.06 -24.11
C LEU Q 470 -4.65 -40.13 -24.73
N ALA Q 471 -4.75 -40.64 -25.96
CA ALA Q 471 -6.04 -40.74 -26.62
C ALA Q 471 -6.96 -41.72 -25.89
N LYS Q 472 -6.43 -42.86 -25.47
CA LYS Q 472 -7.25 -43.83 -24.73
C LYS Q 472 -7.71 -43.25 -23.39
N LYS Q 473 -6.86 -42.45 -22.75
CA LYS Q 473 -7.28 -41.76 -21.53
C LYS Q 473 -8.37 -40.75 -21.84
N ALA Q 474 -8.25 -40.05 -22.98
CA ALA Q 474 -9.28 -39.08 -23.36
C ALA Q 474 -10.62 -39.76 -23.59
N GLU Q 475 -10.62 -40.91 -24.25
CA GLU Q 475 -11.86 -41.64 -24.49
C GLU Q 475 -12.48 -42.16 -23.20
N SER Q 476 -11.66 -42.45 -22.19
CA SER Q 476 -12.18 -42.97 -20.92
C SER Q 476 -13.05 -41.97 -20.19
N LEU Q 477 -12.91 -40.68 -20.46
CA LEU Q 477 -13.71 -39.66 -19.81
C LEU Q 477 -14.69 -39.02 -20.80
N THR R 14 75.40 3.07 18.14
CA THR R 14 75.26 3.87 16.92
C THR R 14 74.41 3.14 15.88
N ALA R 15 75.05 2.45 14.95
CA ALA R 15 74.33 1.72 13.93
C ALA R 15 73.60 0.51 14.52
N GLY R 16 72.50 0.14 13.88
CA GLY R 16 71.69 -0.98 14.33
C GLY R 16 71.77 -2.14 13.36
N ARG R 17 71.67 -3.35 13.90
CA ARG R 17 71.71 -4.56 13.11
C ARG R 17 70.34 -5.22 13.09
N VAL R 18 69.87 -5.56 11.89
CA VAL R 18 68.55 -6.14 11.71
C VAL R 18 68.56 -7.57 12.26
N VAL R 19 67.41 -8.02 12.75
CA VAL R 19 67.28 -9.33 13.39
C VAL R 19 66.43 -10.28 12.55
N ARG R 20 65.16 -9.95 12.34
CA ARG R 20 64.24 -10.79 11.57
C ARG R 20 63.39 -9.91 10.66
N ILE R 21 62.90 -10.50 9.58
CA ILE R 21 62.10 -9.79 8.59
C ILE R 21 60.92 -10.65 8.18
N THR R 22 59.78 -10.00 7.94
CA THR R 22 58.61 -10.65 7.35
C THR R 22 57.70 -9.58 6.77
N GLY R 23 57.39 -9.70 5.49
CA GLY R 23 56.61 -8.71 4.79
C GLY R 23 57.26 -7.34 4.84
N PRO R 24 56.47 -6.32 5.16
CA PRO R 24 57.04 -4.99 5.41
C PRO R 24 57.44 -4.73 6.86
N VAL R 25 57.09 -5.63 7.78
CA VAL R 25 57.48 -5.48 9.17
C VAL R 25 58.96 -5.78 9.31
N VAL R 26 59.67 -4.95 10.08
CA VAL R 26 61.10 -5.16 10.30
C VAL R 26 61.39 -5.11 11.79
N ASP R 27 62.47 -5.78 12.19
CA ASP R 27 62.91 -5.83 13.57
C ASP R 27 64.39 -5.45 13.65
N VAL R 28 64.73 -4.55 14.56
CA VAL R 28 66.08 -4.03 14.66
C VAL R 28 66.53 -4.09 16.12
N GLU R 29 67.85 -4.16 16.31
CA GLU R 29 68.47 -4.12 17.62
C GLU R 29 69.40 -2.92 17.70
N PHE R 30 69.43 -2.27 18.85
CA PHE R 30 70.23 -1.08 19.07
C PHE R 30 71.05 -1.24 20.34
N PRO R 31 72.16 -0.50 20.46
CA PRO R 31 72.94 -0.55 21.70
C PRO R 31 72.12 -0.09 22.89
N ARG R 32 72.69 -0.29 24.08
CA ARG R 32 71.97 0.01 25.31
C ARG R 32 71.65 1.50 25.41
N GLY R 33 72.60 2.35 25.04
CA GLY R 33 72.44 3.79 25.19
C GLY R 33 72.06 4.51 23.91
N SER R 34 71.53 3.79 22.94
CA SER R 34 71.15 4.36 21.65
C SER R 34 69.78 3.85 21.22
N VAL R 35 68.86 3.71 22.17
CA VAL R 35 67.50 3.26 21.87
C VAL R 35 66.66 4.46 21.45
N PRO R 36 66.06 4.44 20.26
CA PRO R 36 65.26 5.58 19.81
C PRO R 36 63.92 5.64 20.51
N GLU R 37 63.30 6.82 20.41
CA GLU R 37 61.97 7.03 20.96
C GLU R 37 60.93 6.71 19.89
N LEU R 38 59.67 7.06 20.17
CA LEU R 38 58.60 6.79 19.23
C LEU R 38 58.69 7.72 18.02
N PHE R 39 58.37 7.18 16.85
CA PHE R 39 58.28 7.94 15.61
C PHE R 39 59.60 8.63 15.26
N ASN R 40 60.62 7.81 14.99
CA ASN R 40 61.90 8.30 14.50
C ASN R 40 62.04 7.96 13.01
N ALA R 41 63.11 8.45 12.41
CA ALA R 41 63.41 8.20 11.00
C ALA R 41 64.75 7.49 10.90
N LEU R 42 64.79 6.42 10.11
CA LEU R 42 65.99 5.63 9.90
C LEU R 42 66.19 5.38 8.42
N HIS R 43 67.44 5.15 8.03
CA HIS R 43 67.79 4.98 6.62
C HIS R 43 68.43 3.63 6.38
N ALA R 44 68.10 3.04 5.24
CA ALA R 44 68.68 1.77 4.80
C ALA R 44 69.02 1.88 3.32
N GLU R 45 69.95 1.04 2.86
CA GLU R 45 70.39 1.05 1.48
C GLU R 45 70.38 -0.37 0.93
N ILE R 46 70.18 -0.48 -0.39
CA ILE R 46 70.16 -1.78 -1.06
C ILE R 46 71.49 -1.97 -1.77
N THR R 47 72.14 -3.11 -1.52
CA THR R 47 73.39 -3.42 -2.19
C THR R 47 73.19 -3.87 -3.64
N PHE R 48 72.08 -4.54 -3.93
CA PHE R 48 71.85 -5.06 -5.27
C PHE R 48 71.75 -3.92 -6.28
N GLY R 49 72.58 -3.99 -7.32
CA GLY R 49 72.62 -2.90 -8.28
C GLY R 49 71.34 -2.75 -9.08
N ALA R 50 70.77 -3.88 -9.54
CA ALA R 50 69.52 -3.82 -10.30
C ALA R 50 68.36 -3.34 -9.46
N LEU R 51 68.43 -3.52 -8.14
CA LEU R 51 67.37 -3.10 -7.23
C LEU R 51 67.87 -2.02 -6.28
N ALA R 52 68.79 -1.19 -6.76
CA ALA R 52 69.36 -0.14 -5.92
C ALA R 52 68.26 0.78 -5.41
N LYS R 53 68.25 1.02 -4.10
CA LYS R 53 67.14 1.74 -3.50
C LYS R 53 67.54 2.18 -2.09
N THR R 54 66.86 3.21 -1.61
CA THR R 54 67.01 3.71 -0.24
C THR R 54 65.69 3.56 0.50
N LEU R 55 65.78 3.17 1.77
CA LEU R 55 64.63 2.84 2.59
C LEU R 55 64.54 3.80 3.77
N THR R 56 63.33 4.31 4.00
CA THR R 56 63.04 5.13 5.17
C THR R 56 62.18 4.33 6.13
N LEU R 57 62.55 4.38 7.41
CA LEU R 57 61.96 3.53 8.43
C LEU R 57 61.46 4.37 9.60
N GLU R 58 60.31 3.98 10.16
CA GLU R 58 59.70 4.69 11.27
C GLU R 58 59.53 3.76 12.45
N VAL R 59 59.74 4.31 13.66
CA VAL R 59 59.62 3.54 14.89
C VAL R 59 58.20 3.69 15.42
N ALA R 60 57.57 2.56 15.76
CA ALA R 60 56.20 2.57 16.25
C ALA R 60 55.97 1.74 17.50
N GLN R 61 56.91 0.88 17.90
CA GLN R 61 56.69 -0.01 19.04
C GLN R 61 57.98 -0.20 19.82
N HIS R 62 57.82 -0.64 21.07
CA HIS R 62 58.92 -0.89 21.98
C HIS R 62 58.76 -2.30 22.55
N LEU R 63 59.32 -3.29 21.86
CA LEU R 63 59.23 -4.68 22.31
C LEU R 63 60.15 -4.97 23.49
N GLY R 64 61.15 -4.13 23.73
CA GLY R 64 62.08 -4.35 24.82
C GLY R 64 63.31 -5.12 24.40
N ASP R 65 64.22 -5.30 25.37
CA ASP R 65 65.48 -5.99 25.16
C ASP R 65 66.28 -5.36 24.03
N SER R 66 66.25 -4.02 23.97
CA SER R 66 66.90 -3.25 22.91
C SER R 66 66.48 -3.73 21.53
N LEU R 67 65.22 -4.15 21.39
CA LEU R 67 64.67 -4.65 20.14
C LEU R 67 63.44 -3.84 19.80
N VAL R 68 63.36 -3.36 18.56
CA VAL R 68 62.30 -2.46 18.12
C VAL R 68 61.68 -3.01 16.85
N ARG R 69 60.35 -3.02 16.80
CA ARG R 69 59.59 -3.39 15.61
C ARG R 69 59.20 -2.12 14.88
N CYS R 70 59.37 -2.12 13.55
CA CYS R 70 59.18 -0.92 12.74
C CYS R 70 58.51 -1.28 11.42
N ILE R 71 57.98 -0.25 10.76
CA ILE R 71 57.28 -0.39 9.49
C ILE R 71 58.00 0.44 8.44
N SER R 72 58.35 -0.19 7.32
CA SER R 72 59.06 0.48 6.24
C SER R 72 58.08 1.29 5.39
N MET R 73 58.60 2.33 4.75
CA MET R 73 57.80 3.18 3.87
C MET R 73 57.90 2.78 2.41
N GLN R 74 58.57 1.68 2.10
CA GLN R 74 58.72 1.19 0.74
C GLN R 74 58.60 -0.32 0.75
N PRO R 75 58.25 -0.94 -0.38
CA PRO R 75 58.18 -2.40 -0.43
C PRO R 75 59.53 -3.03 -0.12
N THR R 76 59.49 -4.16 0.58
CA THR R 76 60.69 -4.82 1.08
C THR R 76 61.11 -5.90 0.10
N ASP R 77 62.34 -5.80 -0.40
CA ASP R 77 62.86 -6.76 -1.35
C ASP R 77 64.39 -6.76 -1.28
N GLY R 78 64.97 -7.95 -1.34
CA GLY R 78 66.40 -8.09 -1.43
C GLY R 78 67.19 -7.74 -0.19
N LEU R 79 66.53 -7.60 0.96
CA LEU R 79 67.22 -7.18 2.17
C LEU R 79 68.02 -8.33 2.75
N VAL R 80 69.23 -8.02 3.22
CA VAL R 80 70.18 -9.00 3.74
C VAL R 80 70.42 -8.69 5.21
N ARG R 81 70.53 -9.74 6.02
CA ARG R 81 70.68 -9.55 7.46
C ARG R 81 72.03 -8.91 7.77
N GLY R 82 72.08 -8.20 8.88
CA GLY R 82 73.29 -7.54 9.32
C GLY R 82 73.54 -6.18 8.68
N VAL R 83 72.60 -5.66 7.90
CA VAL R 83 72.78 -4.35 7.30
C VAL R 83 72.77 -3.29 8.40
N GLU R 84 73.77 -2.42 8.41
CA GLU R 84 73.83 -1.36 9.40
C GLU R 84 72.64 -0.43 9.24
N VAL R 85 72.03 -0.07 10.37
CA VAL R 85 70.85 0.79 10.40
C VAL R 85 71.22 2.08 11.11
N THR R 86 71.06 3.20 10.41
CA THR R 86 71.35 4.52 10.95
C THR R 86 70.08 5.13 11.53
N ASP R 87 70.26 6.27 12.20
CA ASP R 87 69.16 7.01 12.78
C ASP R 87 69.24 8.46 12.32
N THR R 88 68.15 8.95 11.71
CA THR R 88 68.11 10.35 11.32
C THR R 88 68.10 11.25 12.54
N GLY R 89 67.40 10.85 13.60
CA GLY R 89 67.38 11.59 14.84
C GLY R 89 66.15 12.44 15.07
N ALA R 90 65.12 12.34 14.23
CA ALA R 90 63.92 13.13 14.39
C ALA R 90 62.77 12.43 13.68
N SER R 91 61.63 13.11 13.63
CA SER R 91 60.49 12.61 12.90
C SER R 91 60.67 12.84 11.41
N ILE R 92 59.61 12.57 10.63
CA ILE R 92 59.66 12.78 9.19
C ILE R 92 59.73 14.27 8.93
N SER R 93 60.76 14.69 8.18
CA SER R 93 60.98 16.10 7.88
C SER R 93 60.40 16.43 6.51
N VAL R 94 59.64 17.51 6.46
CA VAL R 94 59.04 17.97 5.20
C VAL R 94 59.50 19.40 4.92
N PRO R 95 59.81 19.72 3.67
CA PRO R 95 60.24 21.09 3.35
C PRO R 95 59.07 22.00 3.07
N VAL R 96 59.20 23.26 3.51
CA VAL R 96 58.20 24.29 3.27
C VAL R 96 58.89 25.60 2.92
N GLY R 97 58.18 26.44 2.19
CA GLY R 97 58.68 27.73 1.78
C GLY R 97 57.75 28.35 0.77
N ASP R 98 58.18 29.50 0.24
CA ASP R 98 57.40 30.16 -0.80
C ASP R 98 57.40 29.37 -2.11
N GLY R 99 58.49 28.67 -2.39
CA GLY R 99 58.61 27.90 -3.62
C GLY R 99 57.71 26.69 -3.71
N VAL R 100 57.02 26.35 -2.62
CA VAL R 100 56.00 25.32 -2.65
C VAL R 100 54.83 25.85 -3.47
N LYS R 101 53.91 24.97 -3.87
CA LYS R 101 52.77 25.22 -4.76
C LYS R 101 53.19 25.57 -6.18
N GLY R 102 54.48 25.51 -6.49
CA GLY R 102 54.93 25.73 -7.85
C GLY R 102 54.96 24.46 -8.67
N HIS R 103 55.00 23.32 -8.00
CA HIS R 103 55.09 22.02 -8.67
C HIS R 103 54.41 20.98 -7.80
N VAL R 104 54.68 19.70 -8.12
CA VAL R 104 54.03 18.58 -7.45
C VAL R 104 55.09 17.71 -6.80
N PHE R 105 54.68 17.00 -5.75
CA PHE R 105 55.55 16.08 -5.03
C PHE R 105 54.69 15.25 -4.07
N ASN R 106 55.25 14.14 -3.63
CA ASN R 106 54.56 13.26 -2.69
C ASN R 106 54.97 13.62 -1.25
N ALA R 107 54.59 12.78 -0.30
CA ALA R 107 54.85 13.07 1.11
C ALA R 107 56.33 13.08 1.43
N LEU R 108 57.14 12.42 0.61
CA LEU R 108 58.59 12.41 0.85
C LEU R 108 59.21 13.79 0.65
N GLY R 109 58.53 14.70 -0.04
CA GLY R 109 59.04 16.02 -0.30
C GLY R 109 59.90 16.13 -1.54
N ASP R 110 60.33 15.00 -2.10
CA ASP R 110 61.10 15.01 -3.34
C ASP R 110 60.17 15.18 -4.54
N CYS R 111 60.45 16.21 -5.34
CA CYS R 111 59.55 16.53 -6.46
C CYS R 111 59.67 15.47 -7.54
N LEU R 112 58.50 15.03 -8.03
CA LEU R 112 58.48 13.95 -9.02
C LEU R 112 58.93 14.45 -10.39
N ASP R 113 58.54 15.66 -10.78
CA ASP R 113 58.88 16.16 -12.10
C ASP R 113 60.39 16.37 -12.25
N ASP R 114 61.06 16.85 -11.21
CA ASP R 114 62.51 16.99 -11.25
C ASP R 114 63.05 16.95 -9.82
N PRO R 115 64.25 16.43 -9.63
CA PRO R 115 64.87 16.46 -8.30
C PRO R 115 65.54 17.80 -8.02
N GLY R 116 65.21 18.82 -8.81
CA GLY R 116 65.80 20.13 -8.61
C GLY R 116 65.51 20.71 -7.24
N TYR R 117 64.28 20.52 -6.77
CA TYR R 117 63.91 21.02 -5.45
C TYR R 117 64.63 20.22 -4.37
N GLY R 118 65.36 20.92 -3.51
CA GLY R 118 66.18 20.30 -2.50
C GLY R 118 65.73 20.68 -1.10
N LYS R 119 66.71 20.89 -0.23
CA LYS R 119 66.47 21.19 1.18
C LYS R 119 66.62 22.67 1.50
N ASP R 120 66.66 23.53 0.47
CA ASP R 120 66.69 24.97 0.73
C ASP R 120 65.44 25.43 1.48
N PHE R 121 64.32 24.76 1.25
CA PHE R 121 63.11 24.98 2.03
C PHE R 121 63.34 24.56 3.48
N GLU R 122 62.73 25.31 4.40
CA GLU R 122 62.90 25.01 5.82
C GLU R 122 62.16 23.73 6.16
N HIS R 123 62.79 22.89 6.97
CA HIS R 123 62.28 21.55 7.24
C HIS R 123 61.54 21.52 8.57
N TRP R 124 60.34 20.95 8.55
CA TRP R 124 59.49 20.86 9.73
C TRP R 124 59.10 19.42 10.00
N SER R 125 58.79 19.14 11.27
CA SER R 125 58.31 17.82 11.65
C SER R 125 56.84 17.64 11.26
N ILE R 126 56.52 16.41 10.85
CA ILE R 126 55.15 16.12 10.41
C ILE R 126 54.18 16.10 11.59
N HIS R 127 54.59 15.54 12.74
CA HIS R 127 53.72 15.45 13.89
C HIS R 127 53.51 16.82 14.52
N ARG R 128 52.25 17.14 14.83
CA ARG R 128 51.89 18.38 15.50
C ARG R 128 50.77 18.08 16.49
N LYS R 129 50.21 19.13 17.06
CA LYS R 129 49.11 19.03 18.03
C LYS R 129 48.02 20.03 17.68
N PRO R 130 46.78 19.71 18.02
CA PRO R 130 45.69 20.67 17.83
C PRO R 130 45.82 21.85 18.77
N PRO R 131 45.24 23.00 18.44
CA PRO R 131 45.40 24.19 19.29
C PRO R 131 44.73 24.01 20.65
N ALA R 132 45.10 24.89 21.57
CA ALA R 132 44.60 24.83 22.94
C ALA R 132 43.10 25.12 22.98
N PHE R 133 42.54 25.03 24.18
CA PHE R 133 41.10 25.18 24.35
C PHE R 133 40.70 26.64 24.58
N SER R 134 41.55 27.41 25.27
CA SER R 134 41.17 28.77 25.63
C SER R 134 41.07 29.67 24.40
N ASP R 135 41.93 29.45 23.41
CA ASP R 135 42.06 30.34 22.27
C ASP R 135 41.09 30.01 21.13
N LEU R 136 40.20 29.04 21.31
CA LEU R 136 39.25 28.70 20.26
C LEU R 136 38.25 29.83 20.04
N GLU R 137 37.87 30.03 18.79
CA GLU R 137 36.90 31.09 18.46
C GLU R 137 35.53 30.75 19.03
N PRO R 138 34.92 31.67 19.78
CA PRO R 138 33.63 31.38 20.42
C PRO R 138 32.40 31.61 19.55
N ARG R 139 32.56 32.22 18.38
CA ARG R 139 31.42 32.56 17.53
C ARG R 139 31.66 32.08 16.11
N THR R 140 30.56 31.88 15.38
CA THR R 140 30.60 31.42 14.01
C THR R 140 30.57 32.59 13.03
N GLU R 141 30.93 32.30 11.78
CA GLU R 141 30.96 33.30 10.73
C GLU R 141 30.31 32.74 9.48
N MET R 142 29.52 33.58 8.81
CA MET R 142 28.82 33.17 7.60
C MET R 142 29.73 33.34 6.40
N LEU R 143 29.81 32.30 5.58
CA LEU R 143 30.70 32.27 4.41
C LEU R 143 29.89 32.45 3.14
N GLU R 144 30.22 33.48 2.37
CA GLU R 144 29.50 33.83 1.15
C GLU R 144 30.29 33.38 -0.07
N THR R 145 29.55 32.94 -1.10
CA THR R 145 30.18 32.52 -2.34
C THR R 145 29.51 33.21 -3.52
N GLY R 146 29.94 32.87 -4.74
CA GLY R 146 29.39 33.43 -5.95
C GLY R 146 28.31 32.61 -6.62
N LEU R 147 27.82 31.56 -5.97
CA LEU R 147 26.77 30.71 -6.52
C LEU R 147 25.45 31.04 -5.83
N LYS R 148 24.43 31.34 -6.62
CA LYS R 148 23.14 31.73 -6.06
C LYS R 148 22.46 30.56 -5.37
N VAL R 149 22.40 29.41 -6.05
CA VAL R 149 21.64 28.28 -5.51
C VAL R 149 22.33 27.70 -4.27
N VAL R 150 23.66 27.68 -4.26
CA VAL R 150 24.38 27.14 -3.09
C VAL R 150 24.14 28.02 -1.88
N ASP R 151 24.30 29.34 -2.03
CA ASP R 151 24.13 30.24 -0.91
C ASP R 151 22.68 30.34 -0.46
N LEU R 152 21.74 30.17 -1.39
CA LEU R 152 20.33 30.23 -1.02
C LEU R 152 19.86 28.95 -0.33
N LEU R 153 20.36 27.79 -0.76
CA LEU R 153 19.83 26.53 -0.28
C LEU R 153 20.58 25.99 0.92
N THR R 154 21.88 25.72 0.78
CA THR R 154 22.69 25.12 1.84
C THR R 154 23.81 26.07 2.22
N PRO R 155 23.65 26.83 3.31
CA PRO R 155 24.72 27.72 3.74
C PRO R 155 25.95 26.95 4.16
N TYR R 156 27.12 27.54 3.88
CA TYR R 156 28.39 26.95 4.22
C TYR R 156 28.99 27.70 5.39
N VAL R 157 29.34 26.98 6.45
CA VAL R 157 29.94 27.59 7.62
C VAL R 157 31.42 27.85 7.36
N ARG R 158 31.91 28.99 7.83
CA ARG R 158 33.29 29.36 7.61
C ARG R 158 34.21 28.41 8.37
N GLY R 159 35.14 27.79 7.66
CA GLY R 159 36.05 26.84 8.28
C GLY R 159 35.40 25.53 8.69
N GLY R 160 34.31 25.13 8.05
CA GLY R 160 33.64 23.89 8.38
C GLY R 160 34.00 22.76 7.44
N LYS R 161 33.35 21.61 7.67
CA LYS R 161 33.55 20.41 6.87
C LYS R 161 32.25 20.08 6.14
N ILE R 162 32.36 19.76 4.85
CA ILE R 162 31.22 19.53 3.99
C ILE R 162 31.44 18.24 3.20
N ALA R 163 30.37 17.47 3.03
CA ALA R 163 30.41 16.22 2.27
C ALA R 163 29.71 16.41 0.94
N LEU R 164 30.22 15.76 -0.10
CA LEU R 164 29.69 15.87 -1.46
C LEU R 164 29.52 14.47 -2.04
N PHE R 165 28.38 14.24 -2.70
CA PHE R 165 28.08 12.97 -3.34
C PHE R 165 27.92 13.19 -4.84
N GLY R 166 28.56 12.33 -5.63
CA GLY R 166 28.45 12.44 -7.07
C GLY R 166 29.30 11.40 -7.75
N GLY R 167 29.22 11.40 -9.08
CA GLY R 167 29.98 10.51 -9.93
C GLY R 167 30.67 11.27 -11.05
N ALA R 168 30.99 10.54 -12.11
CA ALA R 168 31.61 11.14 -13.27
C ALA R 168 30.57 11.74 -14.19
N GLY R 169 30.97 12.78 -14.92
CA GLY R 169 30.08 13.44 -15.86
C GLY R 169 29.09 14.41 -15.27
N VAL R 170 29.14 14.64 -13.95
CA VAL R 170 28.23 15.56 -13.30
C VAL R 170 28.87 16.92 -13.02
N GLY R 171 30.03 17.18 -13.61
CA GLY R 171 30.71 18.44 -13.42
C GLY R 171 31.27 18.70 -12.03
N LYS R 172 31.78 17.65 -11.36
CA LYS R 172 32.42 17.84 -10.07
C LYS R 172 33.78 18.52 -10.22
N THR R 173 34.57 18.09 -11.21
CA THR R 173 35.90 18.66 -11.39
C THR R 173 35.83 20.11 -11.87
N VAL R 174 34.91 20.41 -12.79
CA VAL R 174 34.79 21.78 -13.26
C VAL R 174 34.28 22.69 -12.14
N LEU R 175 33.40 22.16 -11.28
CA LEU R 175 32.95 22.94 -10.12
C LEU R 175 34.11 23.17 -9.15
N ILE R 176 34.97 22.18 -8.97
CA ILE R 176 36.13 22.34 -8.11
C ILE R 176 37.05 23.42 -8.65
N GLN R 177 37.28 23.41 -9.97
CA GLN R 177 38.08 24.47 -10.60
C GLN R 177 37.43 25.83 -10.41
N GLU R 178 36.11 25.89 -10.59
CA GLU R 178 35.39 27.15 -10.42
C GLU R 178 35.58 27.71 -9.02
N MET R 179 35.36 26.87 -8.00
CA MET R 179 35.50 27.34 -6.63
C MET R 179 36.94 27.68 -6.27
N ILE R 180 37.91 26.92 -6.81
CA ILE R 180 39.32 27.23 -6.58
C ILE R 180 39.65 28.62 -7.10
N ASN R 181 39.30 28.89 -8.36
CA ASN R 181 39.65 30.18 -8.92
C ASN R 181 38.83 31.30 -8.28
N ARG R 182 37.60 31.00 -7.86
CA ARG R 182 36.78 31.99 -7.17
C ARG R 182 37.42 32.39 -5.85
N ILE R 183 37.86 31.42 -5.05
CA ILE R 183 38.48 31.77 -3.78
C ILE R 183 39.84 32.42 -4.01
N ALA R 184 40.55 32.04 -5.08
CA ALA R 184 41.84 32.64 -5.37
C ALA R 184 41.69 34.12 -5.72
N ARG R 185 40.70 34.47 -6.54
CA ARG R 185 40.58 35.85 -6.99
C ARG R 185 39.74 36.71 -6.06
N ASN R 186 38.80 36.11 -5.32
CA ASN R 186 37.86 36.88 -4.53
C ASN R 186 38.43 37.29 -3.19
N PHE R 187 38.77 36.31 -2.35
CA PHE R 187 39.26 36.56 -1.02
C PHE R 187 40.76 36.31 -0.88
N GLY R 188 41.46 36.13 -1.99
CA GLY R 188 42.88 35.89 -1.92
C GLY R 188 43.20 34.51 -1.37
N GLY R 189 44.46 34.36 -0.99
CA GLY R 189 44.92 33.09 -0.43
C GLY R 189 45.23 32.07 -1.50
N THR R 190 45.73 30.93 -1.04
CA THR R 190 46.10 29.82 -1.91
C THR R 190 45.50 28.54 -1.38
N SER R 191 45.18 27.62 -2.30
CA SER R 191 44.59 26.34 -1.95
C SER R 191 45.55 25.22 -2.34
N VAL R 192 45.32 24.05 -1.75
CA VAL R 192 46.12 22.87 -2.00
C VAL R 192 45.20 21.70 -2.26
N PHE R 193 45.71 20.70 -2.98
CA PHE R 193 44.99 19.47 -3.26
C PHE R 193 45.82 18.28 -2.80
N ALA R 194 45.17 17.34 -2.12
CA ALA R 194 45.82 16.15 -1.57
C ALA R 194 45.03 14.93 -2.05
N GLY R 195 45.44 14.35 -3.17
CA GLY R 195 44.77 13.19 -3.71
C GLY R 195 45.17 11.91 -3.02
N VAL R 196 44.23 11.31 -2.29
CA VAL R 196 44.46 10.04 -1.60
C VAL R 196 43.72 8.95 -2.36
N GLY R 197 44.41 7.84 -2.58
CA GLY R 197 43.82 6.73 -3.32
C GLY R 197 43.39 7.09 -4.72
N GLU R 198 44.23 7.82 -5.44
CA GLU R 198 43.91 8.29 -6.79
C GLU R 198 44.84 7.61 -7.80
N ARG R 199 44.27 7.18 -8.91
CA ARG R 199 45.05 6.46 -9.92
C ARG R 199 46.05 7.39 -10.58
N THR R 200 47.08 6.78 -11.18
CA THR R 200 48.18 7.56 -11.74
C THR R 200 47.75 8.34 -12.97
N ARG R 201 47.00 7.71 -13.88
CA ARG R 201 46.58 8.39 -15.10
C ARG R 201 45.65 9.55 -14.78
N GLU R 202 44.75 9.37 -13.82
CA GLU R 202 43.86 10.45 -13.43
C GLU R 202 44.65 11.61 -12.83
N GLY R 203 45.68 11.31 -12.05
CA GLY R 203 46.52 12.38 -11.51
C GLY R 203 47.26 13.14 -12.60
N ASN R 204 47.79 12.41 -13.58
CA ASN R 204 48.45 13.08 -14.70
C ASN R 204 47.48 13.95 -15.48
N ASP R 205 46.27 13.44 -15.72
CA ASP R 205 45.26 14.22 -16.41
C ASP R 205 44.89 15.46 -15.61
N LEU R 206 44.78 15.33 -14.29
CA LEU R 206 44.45 16.48 -13.45
C LEU R 206 45.56 17.53 -13.49
N TRP R 207 46.82 17.08 -13.46
CA TRP R 207 47.93 18.03 -13.56
C TRP R 207 47.91 18.76 -14.89
N VAL R 208 47.66 18.03 -15.98
CA VAL R 208 47.60 18.67 -17.29
C VAL R 208 46.45 19.67 -17.34
N GLU R 209 45.30 19.29 -16.76
CA GLU R 209 44.14 20.18 -16.78
C GLU R 209 44.40 21.45 -15.99
N LEU R 210 45.05 21.33 -14.82
CA LEU R 210 45.39 22.52 -14.05
C LEU R 210 46.41 23.37 -14.78
N ALA R 211 47.36 22.74 -15.48
CA ALA R 211 48.33 23.50 -16.26
C ALA R 211 47.65 24.29 -17.38
N ASP R 212 46.69 23.66 -18.08
CA ASP R 212 45.99 24.36 -19.15
C ASP R 212 44.95 25.34 -18.61
N ALA R 213 44.56 25.22 -17.34
CA ALA R 213 43.60 26.14 -16.75
C ALA R 213 44.26 27.42 -16.24
N ASN R 214 45.59 27.51 -16.29
CA ASN R 214 46.33 28.70 -15.88
C ASN R 214 46.11 29.03 -14.41
N VAL R 215 45.80 28.02 -13.60
CA VAL R 215 45.60 28.21 -12.16
C VAL R 215 46.49 27.24 -11.40
N LEU R 216 47.51 26.72 -12.07
CA LEU R 216 48.43 25.77 -11.45
C LEU R 216 49.51 26.45 -10.62
N LYS R 217 49.68 27.77 -10.78
CA LYS R 217 50.76 28.47 -10.09
C LYS R 217 50.53 28.55 -8.59
N ASP R 218 49.29 28.76 -8.17
CA ASP R 218 48.95 28.98 -6.77
C ASP R 218 48.45 27.73 -6.07
N THR R 219 48.59 26.57 -6.68
CA THR R 219 48.09 25.32 -6.13
C THR R 219 49.23 24.35 -5.85
N ALA R 220 49.19 23.72 -4.68
CA ALA R 220 50.16 22.70 -4.30
C ALA R 220 49.49 21.33 -4.36
N LEU R 221 50.04 20.44 -5.16
CA LEU R 221 49.46 19.12 -5.39
C LEU R 221 50.29 18.07 -4.67
N VAL R 222 49.60 17.20 -3.91
CA VAL R 222 50.23 16.09 -3.21
C VAL R 222 49.48 14.83 -3.59
N PHE R 223 50.22 13.73 -3.79
CA PHE R 223 49.65 12.51 -4.37
C PHE R 223 50.12 11.28 -3.61
N GLY R 224 49.34 10.22 -3.74
CA GLY R 224 49.67 8.92 -3.18
C GLY R 224 49.30 7.78 -4.11
N GLN R 225 50.22 6.85 -4.33
CA GLN R 225 50.07 5.78 -5.31
C GLN R 225 49.64 4.49 -4.63
N MET R 226 49.01 3.61 -5.43
CA MET R 226 48.47 2.37 -4.90
C MET R 226 49.57 1.39 -4.51
N ASP R 227 50.60 1.26 -5.36
CA ASP R 227 51.65 0.28 -5.12
C ASP R 227 52.44 0.57 -3.85
N GLU R 228 52.39 1.80 -3.35
CA GLU R 228 53.15 2.15 -2.15
C GLU R 228 52.56 1.45 -0.92
N PRO R 229 53.38 1.19 0.09
CA PRO R 229 52.87 0.59 1.33
C PRO R 229 51.98 1.56 2.07
N PRO R 230 51.17 1.06 3.02
CA PRO R 230 50.19 1.94 3.68
C PRO R 230 50.78 3.10 4.46
N GLY R 231 52.06 3.03 4.84
CA GLY R 231 52.65 4.12 5.61
C GLY R 231 52.58 5.45 4.89
N THR R 232 52.96 5.45 3.61
CA THR R 232 52.83 6.66 2.81
C THR R 232 51.37 7.06 2.66
N ARG R 233 50.49 6.08 2.45
CA ARG R 233 49.07 6.36 2.25
C ARG R 233 48.44 6.99 3.48
N MET R 234 48.99 6.73 4.66
CA MET R 234 48.46 7.32 5.88
C MET R 234 49.20 8.59 6.32
N ARG R 235 50.43 8.79 5.85
CA ARG R 235 51.14 10.02 6.19
C ARG R 235 50.94 11.13 5.16
N VAL R 236 50.37 10.82 4.00
CA VAL R 236 50.13 11.85 3.00
C VAL R 236 49.16 12.90 3.53
N ALA R 237 48.09 12.48 4.20
CA ALA R 237 47.14 13.42 4.75
C ALA R 237 47.80 14.30 5.81
N LEU R 238 48.60 13.70 6.68
CA LEU R 238 49.29 14.48 7.70
C LEU R 238 50.22 15.51 7.06
N SER R 239 50.92 15.11 6.00
CA SER R 239 51.79 16.06 5.29
C SER R 239 50.98 17.22 4.71
N ALA R 240 49.83 16.91 4.09
CA ALA R 240 49.01 17.96 3.50
C ALA R 240 48.51 18.94 4.55
N LEU R 241 48.03 18.42 5.69
CA LEU R 241 47.56 19.30 6.75
C LEU R 241 48.70 20.11 7.34
N THR R 242 49.90 19.52 7.44
CA THR R 242 51.05 20.31 7.88
C THR R 242 51.33 21.46 6.91
N MET R 243 51.26 21.17 5.61
CA MET R 243 51.48 22.21 4.61
C MET R 243 50.47 23.35 4.82
N ALA R 244 49.19 22.97 4.96
CA ALA R 244 48.14 23.97 5.08
C ALA R 244 48.28 24.78 6.36
N GLU R 245 48.62 24.11 7.47
CA GLU R 245 48.79 24.83 8.73
C GLU R 245 49.93 25.82 8.64
N PHE R 246 51.05 25.41 8.04
CA PHE R 246 52.16 26.35 7.88
C PHE R 246 51.73 27.55 7.05
N PHE R 247 51.05 27.29 5.93
CA PHE R 247 50.65 28.38 5.05
C PHE R 247 49.71 29.34 5.77
N ARG R 248 48.73 28.81 6.48
CA ARG R 248 47.78 29.66 7.20
C ARG R 248 48.49 30.48 8.27
N ASP R 249 49.33 29.83 9.07
CA ASP R 249 49.92 30.48 10.23
C ASP R 249 51.00 31.48 9.83
N GLU R 250 51.62 31.30 8.66
CA GLU R 250 52.73 32.13 8.23
C GLU R 250 52.30 33.23 7.25
N GLN R 251 51.55 32.88 6.21
CA GLN R 251 51.07 33.87 5.25
C GLN R 251 49.77 34.54 5.68
N GLY R 252 49.05 33.99 6.64
CA GLY R 252 47.76 34.54 7.01
C GLY R 252 46.71 34.44 5.93
N GLN R 253 46.95 33.62 4.91
CA GLN R 253 46.04 33.51 3.77
C GLN R 253 44.97 32.47 4.04
N ASP R 254 43.73 32.78 3.67
CA ASP R 254 42.67 31.80 3.72
C ASP R 254 42.98 30.67 2.74
N VAL R 255 42.84 29.43 3.20
CA VAL R 255 43.28 28.28 2.44
C VAL R 255 42.13 27.28 2.32
N LEU R 256 42.21 26.44 1.30
CA LEU R 256 41.23 25.40 1.04
C LEU R 256 41.90 24.03 0.99
N LEU R 257 41.27 23.06 1.62
CA LEU R 257 41.80 21.70 1.72
C LEU R 257 40.87 20.75 0.98
N PHE R 258 41.43 19.96 0.08
CA PHE R 258 40.70 19.00 -0.74
C PHE R 258 41.17 17.58 -0.42
N ILE R 259 40.20 16.71 -0.13
CA ILE R 259 40.48 15.30 0.19
C ILE R 259 39.66 14.44 -0.75
N ASP R 260 40.30 13.40 -1.30
CA ASP R 260 39.63 12.52 -2.26
C ASP R 260 38.59 11.65 -1.57
N ASN R 261 39.02 10.79 -0.66
CA ASN R 261 38.13 9.85 0.01
C ASN R 261 38.62 9.63 1.43
N ILE R 262 37.73 9.05 2.25
CA ILE R 262 38.03 8.77 3.64
C ILE R 262 38.12 7.28 3.92
N PHE R 263 37.36 6.45 3.20
CA PHE R 263 37.35 5.02 3.49
C PHE R 263 38.69 4.36 3.14
N ARG R 264 39.42 4.96 2.19
CA ARG R 264 40.75 4.45 1.85
C ARG R 264 41.69 4.58 3.04
N PHE R 265 41.61 5.70 3.76
CA PHE R 265 42.42 5.86 4.96
C PHE R 265 42.05 4.83 6.01
N THR R 266 40.75 4.56 6.17
CA THR R 266 40.33 3.55 7.12
C THR R 266 40.85 2.17 6.73
N GLN R 267 40.86 1.87 5.43
CA GLN R 267 41.39 0.59 4.98
C GLN R 267 42.89 0.49 5.22
N ALA R 268 43.62 1.59 5.00
CA ALA R 268 45.04 1.58 5.29
C ALA R 268 45.30 1.37 6.78
N GLY R 269 44.49 2.01 7.63
CA GLY R 269 44.62 1.79 9.05
C GLY R 269 44.33 0.35 9.46
N SER R 270 43.30 -0.25 8.87
CA SER R 270 43.01 -1.64 9.14
C SER R 270 44.15 -2.54 8.68
N GLU R 271 44.75 -2.21 7.52
CA GLU R 271 45.86 -3.00 7.01
C GLU R 271 47.06 -2.93 7.94
N VAL R 272 47.39 -1.73 8.44
CA VAL R 272 48.52 -1.63 9.35
C VAL R 272 48.18 -2.30 10.69
N SER R 273 46.91 -2.27 11.10
CA SER R 273 46.51 -2.93 12.33
C SER R 273 46.71 -4.44 12.24
N THR R 274 46.16 -5.05 11.19
CA THR R 274 46.34 -6.49 11.01
C THR R 274 47.80 -6.84 10.71
N LEU R 275 48.56 -5.92 10.13
CA LEU R 275 49.96 -6.17 9.85
C LEU R 275 50.77 -6.29 11.14
N LEU R 276 50.53 -5.37 12.08
CA LEU R 276 51.24 -5.42 13.36
C LEU R 276 50.84 -6.64 14.17
N GLY R 277 49.65 -7.20 13.92
CA GLY R 277 49.23 -8.42 14.57
C GLY R 277 48.43 -8.21 15.84
N ARG R 278 47.60 -7.17 15.85
CA ARG R 278 46.73 -6.87 16.98
C ARG R 278 45.47 -7.74 16.93
N MET R 279 44.49 -7.38 17.75
CA MET R 279 43.28 -8.19 17.94
C MET R 279 42.12 -7.45 17.27
N PRO R 280 41.78 -7.79 16.03
CA PRO R 280 40.78 -7.01 15.29
C PRO R 280 39.43 -7.01 15.99
N SER R 281 38.76 -5.86 15.93
CA SER R 281 37.54 -5.63 16.69
C SER R 281 36.57 -4.79 15.86
N ALA R 282 35.32 -4.79 16.29
CA ALA R 282 34.25 -4.00 15.66
C ALA R 282 34.17 -4.31 14.16
N VAL R 283 33.90 -5.58 13.87
CA VAL R 283 33.84 -6.09 12.51
C VAL R 283 35.18 -5.78 11.84
N GLY R 284 36.26 -6.24 12.46
CA GLY R 284 37.59 -6.08 11.88
C GLY R 284 38.02 -4.65 11.65
N TYR R 285 37.76 -3.77 12.61
CA TYR R 285 38.18 -2.38 12.53
C TYR R 285 39.17 -2.06 13.63
N GLN R 286 39.81 -0.90 13.51
CA GLN R 286 40.70 -0.44 14.56
C GLN R 286 39.89 -0.11 15.82
N PRO R 287 40.21 -0.69 16.96
CA PRO R 287 39.52 -0.30 18.21
C PRO R 287 39.74 1.16 18.59
N THR R 288 40.81 1.79 18.09
CA THR R 288 41.11 3.19 18.38
C THR R 288 40.89 4.09 17.16
N LEU R 289 39.94 3.73 16.30
CA LEU R 289 39.67 4.55 15.12
C LEU R 289 39.19 5.94 15.51
N ALA R 290 38.46 6.04 16.63
CA ALA R 290 37.96 7.33 17.09
C ALA R 290 39.09 8.27 17.43
N ASP R 291 40.12 7.77 18.12
CA ASP R 291 41.24 8.63 18.51
C ASP R 291 41.97 9.16 17.29
N GLU R 292 42.23 8.29 16.31
CA GLU R 292 42.95 8.73 15.11
C GLU R 292 42.11 9.71 14.30
N MET R 293 40.81 9.45 14.16
CA MET R 293 39.96 10.38 13.42
C MET R 293 39.90 11.73 14.12
N GLY R 294 39.81 11.73 15.45
CA GLY R 294 39.81 12.99 16.18
C GLY R 294 41.12 13.74 16.04
N GLU R 295 42.24 13.02 16.07
CA GLU R 295 43.53 13.65 15.86
C GLU R 295 43.61 14.29 14.48
N LEU R 296 43.07 13.60 13.47
CA LEU R 296 43.07 14.18 12.12
C LEU R 296 42.18 15.42 12.05
N GLN R 297 40.98 15.34 12.61
CA GLN R 297 39.98 16.38 12.39
C GLN R 297 40.02 17.53 13.39
N GLU R 298 40.85 17.45 14.43
CA GLU R 298 40.95 18.56 15.37
C GLU R 298 41.72 19.74 14.83
N ARG R 299 42.36 19.60 13.67
CA ARG R 299 43.24 20.63 13.12
C ARG R 299 42.64 21.28 11.88
N ILE R 300 41.32 21.48 11.87
CA ILE R 300 40.65 22.08 10.71
C ILE R 300 39.97 23.38 11.12
N THR R 301 39.55 23.47 12.38
CA THR R 301 38.69 24.56 12.80
C THR R 301 39.46 25.88 12.80
N SER R 302 38.76 26.95 12.44
CA SER R 302 39.35 28.28 12.36
C SER R 302 39.72 28.81 13.74
N THR R 303 40.77 29.61 13.78
CA THR R 303 41.18 30.32 14.99
C THR R 303 42.03 31.52 14.57
N ARG R 304 42.15 32.47 15.50
CA ARG R 304 42.95 33.67 15.30
C ARG R 304 42.51 34.44 14.05
N GLY R 305 41.22 34.39 13.74
CA GLY R 305 40.66 35.13 12.63
C GLY R 305 40.90 34.54 11.26
N ARG R 306 41.55 33.38 11.17
CA ARG R 306 41.85 32.74 9.90
C ARG R 306 41.13 31.41 9.81
N SER R 307 40.46 31.17 8.69
CA SER R 307 39.62 30.00 8.50
C SER R 307 40.31 28.97 7.63
N ILE R 308 40.13 27.70 7.97
CA ILE R 308 40.71 26.58 7.24
C ILE R 308 39.55 25.65 6.91
N THR R 309 38.96 25.83 5.73
CA THR R 309 37.80 25.03 5.32
C THR R 309 38.24 23.84 4.49
N SER R 310 37.44 22.78 4.54
CA SER R 310 37.72 21.57 3.78
C SER R 310 36.42 20.86 3.47
N MET R 311 36.44 20.05 2.41
CA MET R 311 35.33 19.18 2.05
C MET R 311 35.88 17.80 1.75
N GLN R 312 35.12 16.77 2.13
CA GLN R 312 35.53 15.39 1.96
C GLN R 312 34.38 14.59 1.34
N ALA R 313 34.75 13.62 0.50
CA ALA R 313 33.79 12.74 -0.16
C ALA R 313 33.96 11.34 0.40
N VAL R 314 32.86 10.77 0.88
CA VAL R 314 32.88 9.45 1.50
C VAL R 314 32.11 8.47 0.62
N TYR R 315 32.64 7.26 0.52
CA TYR R 315 32.05 6.20 -0.28
C TYR R 315 31.36 5.19 0.62
N VAL R 316 30.04 5.19 0.61
CA VAL R 316 29.24 4.30 1.46
C VAL R 316 29.46 2.87 0.98
N PRO R 317 29.77 1.93 1.88
CA PRO R 317 29.99 0.55 1.46
C PRO R 317 28.69 -0.24 1.47
N ALA R 318 28.41 -0.92 0.35
CA ALA R 318 27.30 -1.85 0.23
C ALA R 318 25.95 -1.20 0.54
N ASP R 319 25.79 0.06 0.15
CA ASP R 319 24.53 0.80 0.33
C ASP R 319 24.08 0.73 1.79
N ASP R 320 24.99 1.09 2.69
CA ASP R 320 24.74 1.03 4.12
C ASP R 320 25.20 2.33 4.76
N TYR R 321 24.30 3.01 5.45
CA TYR R 321 24.65 4.18 6.26
C TYR R 321 24.96 3.81 7.69
N THR R 322 24.69 2.57 8.09
CA THR R 322 24.78 2.14 9.48
C THR R 322 26.13 1.54 9.84
N ASP R 323 27.05 1.45 8.89
CA ASP R 323 28.38 0.96 9.20
C ASP R 323 29.08 1.93 10.16
N PRO R 324 29.86 1.41 11.11
CA PRO R 324 30.47 2.31 12.11
C PRO R 324 31.36 3.39 11.52
N ALA R 325 32.11 3.09 10.44
CA ALA R 325 32.96 4.12 9.87
C ALA R 325 32.16 5.28 9.28
N PRO R 326 31.12 5.06 8.47
CA PRO R 326 30.27 6.20 8.08
C PRO R 326 29.65 6.93 9.25
N ALA R 327 29.24 6.19 10.28
CA ALA R 327 28.62 6.84 11.44
C ALA R 327 29.61 7.76 12.13
N THR R 328 30.87 7.33 12.26
CA THR R 328 31.85 8.14 12.95
C THR R 328 32.28 9.33 12.08
N THR R 329 32.43 9.13 10.77
CA THR R 329 32.83 10.23 9.92
C THR R 329 31.71 11.25 9.71
N PHE R 330 30.46 10.85 9.96
CA PHE R 330 29.37 11.82 9.93
C PHE R 330 29.31 12.68 11.18
N ALA R 331 30.12 12.38 12.20
CA ALA R 331 30.05 13.09 13.47
C ALA R 331 30.67 14.48 13.40
N HIS R 332 31.43 14.79 12.35
CA HIS R 332 32.05 16.09 12.18
C HIS R 332 31.62 16.75 10.88
N LEU R 333 30.35 16.57 10.52
CA LEU R 333 29.82 17.07 9.26
C LEU R 333 28.84 18.20 9.52
N ASP R 334 28.91 19.22 8.66
CA ASP R 334 28.05 20.40 8.75
C ASP R 334 27.05 20.48 7.60
N ALA R 335 27.51 20.28 6.37
CA ALA R 335 26.65 20.37 5.20
C ALA R 335 26.87 19.16 4.31
N THR R 336 25.79 18.72 3.66
CA THR R 336 25.82 17.62 2.70
C THR R 336 25.28 18.12 1.37
N THR R 337 25.93 17.71 0.28
CA THR R 337 25.53 18.11 -1.06
C THR R 337 25.41 16.88 -1.95
N GLU R 338 24.42 16.92 -2.84
CA GLU R 338 24.12 15.82 -3.74
C GLU R 338 23.97 16.33 -5.16
N LEU R 339 24.54 15.60 -6.11
CA LEU R 339 24.38 15.88 -7.53
C LEU R 339 23.78 14.67 -8.21
N SER R 340 22.81 14.92 -9.08
CA SER R 340 22.07 13.86 -9.75
C SER R 340 22.36 13.91 -11.24
N ARG R 341 21.76 12.96 -11.97
CA ARG R 341 21.93 12.88 -13.42
C ARG R 341 20.75 13.43 -14.19
N ALA R 342 19.51 13.15 -13.76
CA ALA R 342 18.34 13.70 -14.43
C ALA R 342 18.34 15.21 -14.35
N VAL R 343 18.89 15.78 -13.27
CA VAL R 343 18.96 17.23 -13.13
C VAL R 343 19.89 17.82 -14.20
N PHE R 344 20.97 17.10 -14.54
CA PHE R 344 21.83 17.54 -15.63
C PHE R 344 21.17 17.30 -16.98
N SER R 345 20.40 16.22 -17.11
CA SER R 345 19.67 15.97 -18.35
C SER R 345 18.64 17.06 -18.60
N LYS R 346 18.13 17.68 -17.54
CA LYS R 346 17.24 18.83 -17.70
C LYS R 346 17.97 20.02 -18.34
N GLY R 347 19.29 20.06 -18.24
CA GLY R 347 20.06 21.12 -18.87
C GLY R 347 20.41 22.28 -17.95
N ILE R 348 21.00 21.98 -16.79
CA ILE R 348 21.37 23.00 -15.84
C ILE R 348 22.84 22.84 -15.46
N PHE R 349 23.45 23.97 -15.05
CA PHE R 349 24.87 23.95 -14.70
C PHE R 349 25.14 23.30 -13.35
N PRO R 350 24.57 23.77 -12.24
CA PRO R 350 24.95 23.19 -10.94
C PRO R 350 24.62 21.71 -10.83
N ALA R 351 23.52 21.27 -11.44
CA ALA R 351 23.10 19.87 -11.39
C ALA R 351 22.96 19.38 -9.94
N VAL R 352 22.45 20.26 -9.09
CA VAL R 352 22.26 19.95 -7.67
C VAL R 352 20.77 19.94 -7.36
N ASP R 353 20.34 18.93 -6.61
CA ASP R 353 18.95 18.85 -6.20
C ASP R 353 18.75 19.59 -4.89
N PRO R 354 17.88 20.60 -4.84
CA PRO R 354 17.61 21.26 -3.56
C PRO R 354 16.90 20.38 -2.55
N LEU R 355 16.33 19.26 -2.99
CA LEU R 355 15.51 18.41 -2.12
C LEU R 355 16.33 17.38 -1.33
N ALA R 356 17.57 17.10 -1.75
CA ALA R 356 18.37 16.07 -1.10
C ALA R 356 19.54 16.64 -0.32
N SER R 357 19.54 17.94 -0.01
CA SER R 357 20.64 18.58 0.67
C SER R 357 20.12 19.37 1.88
N SER R 358 20.96 19.47 2.91
CA SER R 358 20.62 20.22 4.10
C SER R 358 21.91 20.67 4.78
N SER R 359 21.76 21.65 5.67
CA SER R 359 22.89 22.20 6.40
C SER R 359 22.52 22.37 7.87
N THR R 360 23.53 22.55 8.71
CA THR R 360 23.36 22.59 10.15
C THR R 360 23.28 23.99 10.73
N ILE R 361 23.36 25.04 9.91
CA ILE R 361 23.33 26.41 10.41
C ILE R 361 22.12 27.20 9.95
N LEU R 362 21.29 26.64 9.08
CA LEU R 362 20.07 27.30 8.63
C LEU R 362 19.11 27.45 9.81
N ASP R 363 18.94 28.68 10.29
CA ASP R 363 18.05 28.96 11.41
C ASP R 363 17.32 30.27 11.15
N PRO R 364 16.10 30.40 11.65
CA PRO R 364 15.36 31.66 11.45
C PRO R 364 16.04 32.88 12.05
N ALA R 365 16.71 32.73 13.19
CA ALA R 365 17.37 33.82 13.86
C ALA R 365 18.80 34.03 13.38
N ILE R 366 19.29 33.21 12.46
CA ILE R 366 20.66 33.30 11.95
C ILE R 366 20.69 33.96 10.57
N VAL R 367 19.90 33.44 9.63
CA VAL R 367 19.89 33.96 8.27
C VAL R 367 18.73 34.91 8.03
N GLY R 368 17.97 35.23 9.06
CA GLY R 368 16.84 36.12 8.89
C GLY R 368 15.55 35.38 8.61
N ASP R 369 14.45 35.98 9.06
CA ASP R 369 13.14 35.37 8.89
C ASP R 369 12.76 35.25 7.42
N GLU R 370 13.08 36.28 6.63
CA GLU R 370 12.71 36.25 5.22
C GLU R 370 13.43 35.14 4.47
N HIS R 371 14.69 34.89 4.81
CA HIS R 371 15.43 33.80 4.17
C HIS R 371 14.76 32.45 4.44
N TYR R 372 14.40 32.20 5.69
CA TYR R 372 13.73 30.93 6.00
C TYR R 372 12.38 30.85 5.34
N ARG R 373 11.65 31.96 5.28
CA ARG R 373 10.35 31.96 4.61
C ARG R 373 10.49 31.63 3.13
N VAL R 374 11.48 32.23 2.47
CA VAL R 374 11.71 31.94 1.05
C VAL R 374 12.11 30.48 0.88
N ALA R 375 12.95 29.97 1.77
CA ALA R 375 13.35 28.57 1.69
C ALA R 375 12.15 27.63 1.84
N GLN R 376 11.28 27.91 2.81
CA GLN R 376 10.10 27.08 3.01
C GLN R 376 9.18 27.13 1.80
N GLU R 377 8.98 28.34 1.25
CA GLU R 377 8.09 28.48 0.10
C GLU R 377 8.63 27.73 -1.11
N VAL R 378 9.94 27.87 -1.40
CA VAL R 378 10.53 27.18 -2.55
C VAL R 378 10.49 25.67 -2.34
N ILE R 379 10.78 25.21 -1.12
CA ILE R 379 10.72 23.78 -0.83
C ILE R 379 9.31 23.25 -1.06
N ARG R 380 8.30 23.97 -0.57
CA ARG R 380 6.92 23.53 -0.75
C ARG R 380 6.53 23.51 -2.22
N ILE R 381 6.90 24.54 -2.97
CA ILE R 381 6.52 24.60 -4.39
C ILE R 381 7.17 23.45 -5.15
N LEU R 382 8.46 23.21 -4.92
CA LEU R 382 9.14 22.11 -5.61
C LEU R 382 8.57 20.76 -5.20
N GLN R 383 8.26 20.58 -3.91
CA GLN R 383 7.67 19.32 -3.47
C GLN R 383 6.32 19.09 -4.15
N ARG R 384 5.50 20.14 -4.24
CA ARG R 384 4.23 20.00 -4.95
C ARG R 384 4.46 19.70 -6.42
N TYR R 385 5.52 20.25 -7.01
CA TYR R 385 5.84 19.94 -8.39
C TYR R 385 6.16 18.47 -8.58
N LYS R 386 6.98 17.90 -7.68
CA LYS R 386 7.25 16.47 -7.77
C LYS R 386 6.00 15.65 -7.53
N ASP R 387 5.15 16.10 -6.59
CA ASP R 387 3.90 15.38 -6.32
C ASP R 387 3.01 15.36 -7.55
N LEU R 388 2.90 16.50 -8.24
CA LEU R 388 2.03 16.64 -9.39
C LEU R 388 2.64 16.12 -10.69
N GLN R 389 3.94 15.81 -10.68
CA GLN R 389 4.57 15.30 -11.91
C GLN R 389 3.96 13.99 -12.37
N ASP R 390 3.49 13.15 -11.44
CA ASP R 390 2.83 11.91 -11.83
C ASP R 390 1.58 12.19 -12.65
N ILE R 391 0.73 13.11 -12.16
CA ILE R 391 -0.45 13.51 -12.90
C ILE R 391 -0.07 14.18 -14.21
N ILE R 392 1.02 14.95 -14.21
CA ILE R 392 1.51 15.58 -15.41
C ILE R 392 1.82 14.54 -16.48
N ALA R 393 2.48 13.45 -16.08
CA ALA R 393 2.86 12.42 -17.04
C ALA R 393 1.66 11.60 -17.50
N ILE R 394 0.77 11.24 -16.58
CA ILE R 394 -0.30 10.30 -16.94
C ILE R 394 -1.45 11.02 -17.65
N LEU R 395 -1.89 12.16 -17.12
CA LEU R 395 -3.02 12.89 -17.69
C LEU R 395 -2.61 14.13 -18.48
N GLY R 396 -1.49 14.76 -18.13
CA GLY R 396 -1.12 16.03 -18.71
C GLY R 396 -1.61 17.20 -17.88
N ILE R 397 -0.96 18.35 -18.10
CA ILE R 397 -1.30 19.56 -17.37
C ILE R 397 -2.64 20.14 -17.77
N ASP R 398 -3.22 19.68 -18.88
CA ASP R 398 -4.50 20.21 -19.35
C ASP R 398 -5.61 19.93 -18.34
N GLU R 399 -5.67 18.71 -17.81
CA GLU R 399 -6.70 18.37 -16.83
C GLU R 399 -6.51 19.10 -15.51
N LEU R 400 -5.33 19.68 -15.29
CA LEU R 400 -5.07 20.41 -14.06
C LEU R 400 -5.88 21.70 -14.02
N SER R 401 -6.27 22.10 -12.80
CA SER R 401 -6.97 23.36 -12.61
C SER R 401 -6.02 24.53 -12.82
N GLU R 402 -6.59 25.74 -12.79
CA GLU R 402 -5.79 26.94 -13.05
C GLU R 402 -4.68 27.10 -12.02
N GLU R 403 -4.99 26.87 -10.74
CA GLU R 403 -3.97 26.98 -9.71
C GLU R 403 -2.86 25.94 -9.90
N ASP R 404 -3.24 24.71 -10.26
CA ASP R 404 -2.23 23.67 -10.48
C ASP R 404 -1.31 24.03 -11.64
N LYS R 405 -1.89 24.49 -12.75
CA LYS R 405 -1.08 24.87 -13.90
C LYS R 405 -0.16 26.04 -13.56
N GLN R 406 -0.67 27.05 -12.85
CA GLN R 406 0.15 28.20 -12.52
C GLN R 406 1.28 27.83 -11.55
N LEU R 407 1.01 26.94 -10.60
CA LEU R 407 2.07 26.54 -9.68
C LEU R 407 3.11 25.69 -10.37
N VAL R 408 2.69 24.84 -11.33
CA VAL R 408 3.66 24.08 -12.11
C VAL R 408 4.52 25.01 -12.96
N ASN R 409 3.89 26.02 -13.58
CA ASN R 409 4.64 26.98 -14.37
C ASN R 409 5.64 27.76 -13.51
N ARG R 410 5.21 28.19 -12.33
CA ARG R 410 6.12 28.87 -11.42
C ARG R 410 7.26 27.96 -10.98
N ALA R 411 6.95 26.69 -10.71
CA ALA R 411 7.99 25.75 -10.30
C ALA R 411 9.02 25.55 -11.41
N ARG R 412 8.56 25.41 -12.66
CA ARG R 412 9.50 25.16 -13.75
C ARG R 412 10.33 26.40 -14.05
N ARG R 413 9.71 27.59 -13.97
CA ARG R 413 10.50 28.80 -14.20
C ARG R 413 11.49 29.04 -13.08
N ILE R 414 11.14 28.68 -11.84
CA ILE R 414 12.11 28.77 -10.74
C ILE R 414 13.22 27.75 -10.93
N GLU R 415 12.89 26.55 -11.41
CA GLU R 415 13.90 25.55 -11.71
C GLU R 415 14.90 26.07 -12.74
N ARG R 416 14.40 26.66 -13.83
CA ARG R 416 15.29 27.23 -14.84
C ARG R 416 16.11 28.38 -14.24
N PHE R 417 15.49 29.20 -13.40
CA PHE R 417 16.18 30.31 -12.77
C PHE R 417 17.25 29.84 -11.79
N LEU R 418 17.14 28.62 -11.27
CA LEU R 418 18.11 28.12 -10.31
C LEU R 418 19.51 28.01 -10.91
N SER R 419 19.60 27.52 -12.15
CA SER R 419 20.91 27.35 -12.77
C SER R 419 21.58 28.69 -13.00
N GLN R 420 22.81 28.81 -12.53
CA GLN R 420 23.59 30.04 -12.65
C GLN R 420 24.83 29.77 -13.48
N ASN R 421 25.18 30.72 -14.35
CA ASN R 421 26.35 30.56 -15.19
C ASN R 421 27.62 30.55 -14.35
N MET R 422 28.58 29.77 -14.80
CA MET R 422 29.87 29.59 -14.13
C MET R 422 30.98 30.20 -14.98
N MET R 423 32.06 30.62 -14.29
CA MET R 423 33.17 31.24 -15.00
C MET R 423 33.81 30.26 -15.97
N ALA R 424 33.95 28.99 -15.56
CA ALA R 424 34.54 27.99 -16.43
C ALA R 424 33.67 27.70 -17.65
N ALA R 425 32.40 28.10 -17.63
CA ALA R 425 31.51 27.86 -18.77
C ALA R 425 32.04 28.50 -20.04
N GLU R 426 32.89 29.53 -19.93
CA GLU R 426 33.45 30.17 -21.11
C GLU R 426 34.30 29.21 -21.93
N GLN R 427 34.69 28.06 -21.36
CA GLN R 427 35.41 27.07 -22.16
C GLN R 427 34.55 26.47 -23.25
N PHE R 428 33.23 26.55 -23.14
CA PHE R 428 32.35 25.99 -24.17
C PHE R 428 31.30 26.97 -24.65
N THR R 429 30.96 27.97 -23.82
CA THR R 429 30.00 29.00 -24.22
C THR R 429 30.63 30.37 -24.44
N GLY R 430 31.86 30.59 -23.97
CA GLY R 430 32.54 31.84 -24.20
C GLY R 430 32.11 32.99 -23.33
N GLN R 431 31.19 32.78 -22.40
CA GLN R 431 30.68 33.84 -21.54
C GLN R 431 31.13 33.60 -20.11
N PRO R 432 31.97 34.47 -19.55
CA PRO R 432 32.45 34.26 -18.19
C PRO R 432 31.35 34.46 -17.15
N GLY R 433 31.56 33.84 -15.98
CA GLY R 433 30.60 33.95 -14.90
C GLY R 433 30.74 35.23 -14.10
N SER R 434 29.77 35.45 -13.22
CA SER R 434 29.74 36.65 -12.40
C SER R 434 29.21 36.30 -11.01
N THR R 435 29.28 37.29 -10.12
CA THR R 435 28.87 37.13 -8.74
C THR R 435 27.65 38.02 -8.45
N VAL R 436 26.84 37.59 -7.50
CA VAL R 436 25.62 38.32 -7.14
C VAL R 436 25.54 38.48 -5.62
N PRO R 437 25.21 39.67 -5.13
CA PRO R 437 25.13 39.86 -3.67
C PRO R 437 23.93 39.15 -3.08
N LEU R 438 24.09 38.73 -1.82
CA LEU R 438 23.08 37.92 -1.16
C LEU R 438 21.75 38.66 -1.03
N LYS R 439 21.80 39.94 -0.66
CA LYS R 439 20.58 40.71 -0.48
C LYS R 439 19.79 40.82 -1.78
N GLU R 440 20.47 41.11 -2.87
CA GLU R 440 19.79 41.19 -4.17
C GLU R 440 19.18 39.84 -4.53
N THR R 441 19.90 38.75 -4.30
CA THR R 441 19.38 37.43 -4.62
C THR R 441 18.10 37.13 -3.83
N ILE R 442 18.14 37.38 -2.52
CA ILE R 442 16.98 37.04 -1.71
C ILE R 442 15.80 37.96 -2.04
N GLU R 443 16.06 39.23 -2.36
CA GLU R 443 14.97 40.11 -2.76
C GLU R 443 14.38 39.68 -4.09
N ALA R 444 15.21 39.23 -5.02
CA ALA R 444 14.72 38.72 -6.30
C ALA R 444 13.85 37.49 -6.08
N PHE R 445 14.27 36.59 -5.18
CA PHE R 445 13.48 35.40 -4.93
C PHE R 445 12.17 35.74 -4.22
N ASP R 446 12.19 36.71 -3.31
CA ASP R 446 10.95 37.16 -2.69
C ASP R 446 10.00 37.75 -3.72
N LYS R 447 10.52 38.53 -4.66
CA LYS R 447 9.70 39.06 -5.75
C LYS R 447 9.14 37.93 -6.60
N LEU R 448 9.97 36.95 -6.94
CA LEU R 448 9.54 35.84 -7.80
C LEU R 448 8.56 34.91 -7.09
N THR R 449 8.51 34.95 -5.75
CA THR R 449 7.58 34.11 -5.02
C THR R 449 6.14 34.32 -5.50
N LYS R 450 5.80 35.55 -5.87
CA LYS R 450 4.49 35.83 -6.43
C LYS R 450 4.37 35.36 -7.88
N GLY R 451 5.48 35.19 -8.59
CA GLY R 451 5.45 34.72 -9.96
C GLY R 451 4.86 35.70 -10.95
N GLU R 452 5.28 36.95 -10.87
CA GLU R 452 4.80 37.96 -11.81
C GLU R 452 5.37 37.76 -13.22
N PHE R 453 6.44 36.96 -13.36
CA PHE R 453 7.11 36.77 -14.63
C PHE R 453 6.59 35.56 -15.40
N ASP R 454 5.31 35.21 -15.24
CA ASP R 454 4.76 34.05 -15.92
C ASP R 454 4.68 34.23 -17.42
N HIS R 455 4.60 35.48 -17.90
CA HIS R 455 4.46 35.75 -19.33
C HIS R 455 5.79 35.78 -20.05
N LEU R 456 6.91 35.61 -19.34
CA LEU R 456 8.23 35.66 -19.95
C LEU R 456 8.57 34.34 -20.63
N PRO R 457 9.40 34.38 -21.67
CA PRO R 457 9.76 33.14 -22.38
C PRO R 457 10.60 32.21 -21.52
N GLU R 458 10.54 30.92 -21.85
CA GLU R 458 11.30 29.91 -21.11
C GLU R 458 12.80 30.07 -21.32
N GLN R 459 13.21 30.47 -22.53
CA GLN R 459 14.64 30.57 -22.82
C GLN R 459 15.31 31.66 -21.99
N ALA R 460 14.57 32.69 -21.58
CA ALA R 460 15.14 33.83 -20.89
C ALA R 460 15.28 33.61 -19.39
N PHE R 461 14.77 32.51 -18.84
CA PHE R 461 14.85 32.27 -17.40
C PHE R 461 16.19 31.68 -16.98
N PHE R 462 17.06 31.30 -17.91
CA PHE R 462 18.38 30.84 -17.54
C PHE R 462 19.17 31.98 -16.93
N LEU R 463 19.79 31.75 -15.78
CA LEU R 463 20.40 32.82 -15.02
C LEU R 463 21.86 33.03 -15.41
N ILE R 464 22.25 34.30 -15.50
CA ILE R 464 23.63 34.69 -15.74
C ILE R 464 24.16 35.66 -14.69
N GLY R 465 23.27 36.28 -13.91
CA GLY R 465 23.70 37.26 -12.93
C GLY R 465 22.54 37.91 -12.20
N GLY R 466 22.56 39.24 -12.10
CA GLY R 466 21.54 39.97 -11.38
C GLY R 466 20.21 39.96 -12.10
N LEU R 467 19.24 40.66 -11.50
CA LEU R 467 17.92 40.76 -12.10
C LEU R 467 17.87 41.75 -13.25
N ASP R 468 18.66 42.83 -13.19
CA ASP R 468 18.55 43.89 -14.18
C ASP R 468 18.96 43.41 -15.57
N ASP R 469 20.14 42.81 -15.68
CA ASP R 469 20.62 42.36 -16.98
C ASP R 469 19.76 41.21 -17.52
N LEU R 470 19.28 40.33 -16.63
CA LEU R 470 18.41 39.25 -17.07
C LEU R 470 17.07 39.78 -17.59
N ALA R 471 16.51 40.78 -16.92
CA ALA R 471 15.29 41.40 -17.42
C ALA R 471 15.54 42.08 -18.75
N LYS R 472 16.66 42.78 -18.89
CA LYS R 472 16.98 43.46 -20.14
C LYS R 472 17.13 42.47 -21.29
N LYS R 473 17.83 41.35 -21.06
CA LYS R 473 18.02 40.37 -22.12
C LYS R 473 16.73 39.61 -22.41
N ALA R 474 15.86 39.47 -21.41
CA ALA R 474 14.53 38.93 -21.66
C ALA R 474 13.73 39.84 -22.57
N GLU R 475 13.81 41.15 -22.34
CA GLU R 475 13.09 42.11 -23.17
C GLU R 475 13.66 42.20 -24.58
N SER R 476 14.92 41.76 -24.78
CA SER R 476 15.56 41.82 -26.08
C SER R 476 15.24 40.60 -26.95
N LEU R 477 14.48 39.64 -26.45
CA LEU R 477 14.13 38.45 -27.20
C LEU R 477 13.03 38.73 -28.22
N THR S 4 15.20 -15.39 9.48
CA THR S 4 15.40 -16.20 8.28
C THR S 4 15.61 -15.31 7.06
N LEU S 5 15.95 -15.92 5.93
CA LEU S 5 16.25 -15.18 4.71
C LEU S 5 15.31 -15.50 3.55
N ARG S 6 15.08 -16.78 3.27
CA ARG S 6 14.34 -17.17 2.07
C ARG S 6 12.89 -16.71 2.12
N GLU S 7 12.26 -16.78 3.30
CA GLU S 7 10.92 -16.22 3.46
C GLU S 7 10.89 -14.75 3.09
N LEU S 8 11.90 -13.99 3.53
CA LEU S 8 11.96 -12.57 3.23
C LEU S 8 12.07 -12.32 1.73
N ARG S 9 12.94 -13.07 1.05
CA ARG S 9 13.11 -12.90 -0.38
C ARG S 9 11.82 -13.25 -1.13
N GLY S 10 11.17 -14.34 -0.73
CA GLY S 10 9.92 -14.72 -1.38
C GLY S 10 8.82 -13.70 -1.19
N ARG S 11 8.75 -13.11 0.00
CA ARG S 11 7.79 -12.04 0.23
C ARG S 11 8.12 -10.82 -0.62
N ILE S 12 9.41 -10.53 -0.81
CA ILE S 12 9.81 -9.44 -1.69
C ILE S 12 9.32 -9.71 -3.11
N ARG S 13 9.54 -10.93 -3.60
CA ARG S 13 9.10 -11.27 -4.96
C ARG S 13 7.59 -11.13 -5.10
N SER S 14 6.84 -11.68 -4.14
CA SER S 14 5.39 -11.62 -4.20
C SER S 14 4.90 -10.17 -4.20
N ALA S 15 5.45 -9.34 -3.32
CA ALA S 15 4.98 -7.96 -3.20
C ALA S 15 5.37 -7.14 -4.42
N GLY S 16 6.56 -7.36 -4.97
CA GLY S 16 6.93 -6.66 -6.20
C GLY S 16 6.04 -7.02 -7.36
N SER S 17 5.72 -8.31 -7.50
CA SER S 17 4.80 -8.72 -8.57
C SER S 17 3.42 -8.12 -8.36
N ILE S 18 2.95 -8.10 -7.10
CA ILE S 18 1.65 -7.47 -6.80
C ILE S 18 1.68 -6.00 -7.17
N LYS S 19 2.79 -5.32 -6.87
CA LYS S 19 2.95 -3.92 -7.26
C LYS S 19 2.81 -3.74 -8.76
N LYS S 20 3.57 -4.55 -9.52
CA LYS S 20 3.53 -4.45 -10.98
C LYS S 20 2.13 -4.65 -11.52
N ILE S 21 1.45 -5.70 -11.06
CA ILE S 21 0.14 -6.01 -11.63
C ILE S 21 -0.96 -5.08 -11.12
N THR S 22 -0.83 -4.56 -9.90
CA THR S 22 -1.76 -3.52 -9.46
C THR S 22 -1.66 -2.29 -10.34
N LYS S 23 -0.43 -1.87 -10.68
CA LYS S 23 -0.31 -0.72 -11.57
C LYS S 23 -0.86 -1.05 -12.96
N ALA S 24 -0.63 -2.29 -13.43
CA ALA S 24 -1.12 -2.66 -14.76
C ALA S 24 -2.64 -2.64 -14.82
N GLN S 25 -3.31 -3.22 -13.82
CA GLN S 25 -4.76 -3.26 -13.84
C GLN S 25 -5.36 -1.90 -13.50
N GLU S 26 -4.64 -1.05 -12.77
CA GLU S 26 -5.08 0.33 -12.60
C GLU S 26 -5.04 1.06 -13.93
N LEU S 27 -4.02 0.79 -14.75
CA LEU S 27 -4.02 1.33 -16.11
C LEU S 27 -5.16 0.77 -16.93
N ILE S 28 -5.51 -0.51 -16.71
CA ILE S 28 -6.70 -1.07 -17.35
C ILE S 28 -7.93 -0.24 -17.02
N ALA S 29 -8.12 0.06 -15.74
CA ALA S 29 -9.27 0.87 -15.32
C ALA S 29 -9.21 2.27 -15.93
N THR S 30 -8.03 2.87 -15.98
CA THR S 30 -7.88 4.19 -16.58
C THR S 30 -8.26 4.17 -18.06
N SER S 31 -7.83 3.14 -18.79
CA SER S 31 -8.19 3.02 -20.20
C SER S 31 -9.70 2.83 -20.36
N ARG S 32 -10.31 2.01 -19.48
CA ARG S 32 -11.75 1.78 -19.56
C ARG S 32 -12.55 3.05 -19.28
N ILE S 33 -12.01 3.94 -18.44
CA ILE S 33 -12.69 5.20 -18.13
C ILE S 33 -12.97 6.00 -19.40
N ALA S 34 -11.99 6.06 -20.31
CA ALA S 34 -12.13 6.87 -21.50
C ALA S 34 -13.29 6.38 -22.37
N LYS S 35 -13.33 5.08 -22.65
CA LYS S 35 -14.40 4.56 -23.49
C LYS S 35 -15.75 4.61 -22.78
N ALA S 36 -15.77 4.43 -21.46
CA ALA S 36 -17.03 4.56 -20.73
C ALA S 36 -17.57 5.98 -20.83
N GLN S 37 -16.70 6.99 -20.67
CA GLN S 37 -17.13 8.37 -20.79
C GLN S 37 -17.54 8.71 -22.22
N ALA S 38 -16.88 8.11 -23.21
CA ALA S 38 -17.30 8.31 -24.59
C ALA S 38 -18.68 7.72 -24.85
N ARG S 39 -18.95 6.54 -24.29
CA ARG S 39 -20.20 5.84 -24.55
C ARG S 39 -21.38 6.44 -23.78
N VAL S 40 -21.15 6.94 -22.57
CA VAL S 40 -22.26 7.39 -21.73
C VAL S 40 -22.96 8.60 -22.34
N GLU S 41 -22.22 9.44 -23.08
CA GLU S 41 -22.71 10.74 -23.52
C GLU S 41 -23.27 10.75 -24.95
N ALA S 42 -23.91 9.66 -25.38
CA ALA S 42 -24.50 9.59 -26.70
C ALA S 42 -26.03 9.56 -26.71
N ALA S 43 -26.66 9.37 -25.55
CA ALA S 43 -28.11 9.27 -25.48
C ALA S 43 -28.78 10.60 -25.18
N ARG S 44 -28.01 11.70 -25.10
CA ARG S 44 -28.59 13.00 -24.80
C ARG S 44 -29.62 13.47 -25.82
N PRO S 45 -29.38 13.40 -27.14
CA PRO S 45 -30.38 13.94 -28.08
C PRO S 45 -31.74 13.27 -27.98
N TYR S 46 -31.77 11.94 -27.83
CA TYR S 46 -33.04 11.24 -27.78
C TYR S 46 -33.81 11.59 -26.50
N ALA S 47 -33.09 11.70 -25.37
CA ALA S 47 -33.74 12.10 -24.13
C ALA S 47 -34.28 13.52 -24.23
N ALA S 48 -33.52 14.44 -24.84
CA ALA S 48 -34.01 15.80 -25.01
C ALA S 48 -35.26 15.82 -25.89
N GLU S 49 -35.26 15.05 -26.97
CA GLU S 49 -36.43 14.99 -27.84
C GLU S 49 -37.64 14.40 -27.12
N ILE S 50 -37.44 13.33 -26.34
CA ILE S 50 -38.57 12.72 -25.65
C ILE S 50 -39.13 13.67 -24.60
N THR S 51 -38.24 14.42 -23.93
CA THR S 51 -38.71 15.43 -22.98
C THR S 51 -39.51 16.52 -23.68
N ASN S 52 -38.99 17.04 -24.80
CA ASN S 52 -39.67 18.10 -25.52
C ASN S 52 -41.04 17.62 -25.99
N MET S 53 -41.12 16.40 -26.51
CA MET S 53 -42.39 15.89 -26.98
C MET S 53 -43.37 15.65 -25.84
N LEU S 54 -42.89 15.14 -24.71
CA LEU S 54 -43.76 14.98 -23.55
C LEU S 54 -44.31 16.31 -23.08
N THR S 55 -43.44 17.33 -23.00
CA THR S 55 -43.89 18.65 -22.58
C THR S 55 -44.95 19.20 -23.52
N GLU S 56 -44.70 19.09 -24.84
CA GLU S 56 -45.66 19.61 -25.80
C GLU S 56 -46.99 18.86 -25.72
N LEU S 57 -46.94 17.54 -25.58
CA LEU S 57 -48.17 16.75 -25.55
C LEU S 57 -48.98 17.05 -24.29
N ALA S 58 -48.32 17.13 -23.14
CA ALA S 58 -49.03 17.40 -21.89
C ALA S 58 -49.34 18.89 -21.69
N GLY S 59 -48.88 19.75 -22.59
CA GLY S 59 -49.12 21.17 -22.43
C GLY S 59 -50.60 21.52 -22.37
N ALA S 60 -51.40 20.91 -23.25
CA ALA S 60 -52.83 21.17 -23.30
C ALA S 60 -53.66 19.90 -23.17
N SER S 61 -53.10 18.85 -22.59
CA SER S 61 -53.77 17.57 -22.47
C SER S 61 -54.44 17.44 -21.10
N ALA S 62 -55.28 16.41 -20.98
CA ALA S 62 -55.91 16.11 -19.71
C ALA S 62 -54.89 15.62 -18.70
N LEU S 63 -55.03 16.07 -17.46
CA LEU S 63 -54.10 15.72 -16.40
C LEU S 63 -54.74 14.65 -15.52
N ASP S 64 -54.62 13.40 -15.96
CA ASP S 64 -55.12 12.26 -15.18
C ASP S 64 -54.48 11.00 -15.74
N HIS S 65 -53.93 10.17 -14.85
CA HIS S 65 -53.32 8.90 -15.20
C HIS S 65 -53.04 8.13 -13.90
N PRO S 66 -53.16 6.80 -13.91
CA PRO S 66 -52.84 6.05 -12.69
C PRO S 66 -51.44 6.31 -12.16
N LEU S 67 -50.47 6.48 -13.06
CA LEU S 67 -49.14 6.90 -12.65
C LEU S 67 -49.11 8.35 -12.18
N LEU S 68 -49.94 9.21 -12.78
CA LEU S 68 -50.04 10.60 -12.36
C LEU S 68 -50.71 10.76 -11.01
N VAL S 69 -51.78 9.99 -10.78
CA VAL S 69 -52.50 10.06 -9.51
C VAL S 69 -51.76 9.23 -8.47
N GLU S 70 -52.17 9.36 -7.21
CA GLU S 70 -51.59 8.60 -6.11
C GLU S 70 -52.65 7.71 -5.49
N ARG S 71 -52.22 6.57 -4.95
CA ARG S 71 -53.12 5.71 -4.22
C ARG S 71 -53.57 6.40 -2.94
N LYS S 72 -54.80 6.10 -2.52
CA LYS S 72 -55.33 6.73 -1.31
C LYS S 72 -54.61 6.25 -0.06
N GLN S 73 -54.19 4.99 -0.04
CA GLN S 73 -53.53 4.46 1.14
C GLN S 73 -52.07 4.14 0.86
N PRO S 74 -51.16 4.49 1.79
CA PRO S 74 -49.75 4.07 1.67
C PRO S 74 -49.53 2.66 2.20
N LYS S 75 -49.91 1.67 1.37
CA LYS S 75 -49.79 0.27 1.77
C LYS S 75 -48.33 -0.18 1.83
N ARG S 76 -47.54 0.20 0.83
CA ARG S 76 -46.15 -0.23 0.75
C ARG S 76 -45.43 0.68 -0.25
N ALA S 77 -44.16 0.37 -0.49
CA ALA S 77 -43.33 1.18 -1.38
C ALA S 77 -42.21 0.31 -1.93
N GLY S 78 -42.14 0.19 -3.26
CA GLY S 78 -41.05 -0.52 -3.88
C GLY S 78 -39.79 0.34 -3.95
N VAL S 79 -38.67 -0.33 -4.24
CA VAL S 79 -37.38 0.34 -4.29
C VAL S 79 -36.40 -0.54 -5.05
N LEU S 80 -35.59 0.09 -5.90
CA LEU S 80 -34.57 -0.60 -6.67
C LEU S 80 -33.22 0.04 -6.42
N VAL S 81 -32.22 -0.78 -6.11
CA VAL S 81 -30.87 -0.33 -5.79
C VAL S 81 -29.91 -1.04 -6.74
N VAL S 82 -28.96 -0.28 -7.28
CA VAL S 82 -28.02 -0.80 -8.26
C VAL S 82 -26.69 -1.10 -7.59
N SER S 83 -25.97 -2.07 -8.16
CA SER S 83 -24.63 -2.41 -7.72
C SER S 83 -23.86 -2.93 -8.93
N SER S 84 -22.60 -3.28 -8.72
CA SER S 84 -21.70 -3.64 -9.81
C SER S 84 -21.59 -5.16 -9.93
N ASP S 85 -20.86 -5.59 -10.95
CA ASP S 85 -20.61 -7.01 -11.20
C ASP S 85 -19.16 -7.39 -10.99
N ARG S 86 -18.38 -6.56 -10.29
CA ARG S 86 -16.98 -6.85 -10.05
C ARG S 86 -16.57 -6.23 -8.73
N GLY S 87 -15.56 -6.83 -8.10
CA GLY S 87 -15.04 -6.33 -6.84
C GLY S 87 -13.93 -5.32 -7.04
N LEU S 88 -13.16 -5.11 -5.98
CA LEU S 88 -12.03 -4.18 -5.99
C LEU S 88 -12.47 -2.76 -6.30
N CYS S 89 -13.67 -2.39 -5.86
CA CYS S 89 -14.22 -1.07 -6.13
C CYS S 89 -14.01 -0.08 -4.98
N GLY S 90 -13.55 -0.53 -3.83
CA GLY S 90 -13.33 0.35 -2.70
C GLY S 90 -14.55 0.43 -1.81
N ALA S 91 -15.02 1.65 -1.56
CA ALA S 91 -16.19 1.90 -0.73
C ALA S 91 -17.47 2.03 -1.55
N TYR S 92 -17.40 1.73 -2.86
CA TYR S 92 -18.56 1.86 -3.72
C TYR S 92 -19.74 1.04 -3.21
N ASN S 93 -19.49 -0.25 -2.97
CA ASN S 93 -20.53 -1.11 -2.40
C ASN S 93 -20.93 -0.62 -1.03
N ALA S 94 -19.95 -0.20 -0.21
CA ALA S 94 -20.26 0.30 1.12
C ALA S 94 -21.14 1.54 1.06
N ASN S 95 -20.81 2.47 0.16
CA ASN S 95 -21.64 3.67 0.03
C ASN S 95 -23.04 3.32 -0.41
N VAL S 96 -23.17 2.42 -1.38
CA VAL S 96 -24.50 2.03 -1.87
C VAL S 96 -25.31 1.40 -0.74
N LEU S 97 -24.69 0.50 0.02
CA LEU S 97 -25.41 -0.18 1.09
C LEU S 97 -25.78 0.79 2.21
N ARG S 98 -24.91 1.75 2.51
CA ARG S 98 -25.24 2.75 3.52
C ARG S 98 -26.42 3.60 3.11
N ARG S 99 -26.45 4.01 1.84
CA ARG S 99 -27.60 4.77 1.35
C ARG S 99 -28.87 3.93 1.42
N ALA S 100 -28.79 2.66 1.03
CA ALA S 100 -29.97 1.79 1.09
C ALA S 100 -30.47 1.65 2.51
N GLU S 101 -29.57 1.45 3.47
CA GLU S 101 -29.97 1.31 4.87
C GLU S 101 -30.59 2.59 5.40
N GLU S 102 -30.01 3.74 5.05
CA GLU S 102 -30.60 5.01 5.48
C GLU S 102 -32.00 5.20 4.92
N LEU S 103 -32.19 4.87 3.64
CA LEU S 103 -33.52 5.00 3.05
C LEU S 103 -34.52 4.06 3.70
N PHE S 104 -34.10 2.82 3.98
CA PHE S 104 -35.00 1.88 4.65
C PHE S 104 -35.37 2.39 6.04
N SER S 105 -34.40 2.95 6.76
CA SER S 105 -34.70 3.53 8.06
C SER S 105 -35.68 4.69 7.95
N LEU S 106 -35.51 5.53 6.94
CA LEU S 106 -36.44 6.65 6.74
C LEU S 106 -37.84 6.14 6.43
N LEU S 107 -37.94 5.12 5.59
CA LEU S 107 -39.26 4.58 5.22
C LEU S 107 -39.93 3.88 6.39
N ARG S 108 -39.15 3.34 7.32
CA ARG S 108 -39.74 2.64 8.47
C ARG S 108 -40.56 3.58 9.35
N ASP S 109 -40.43 4.90 9.19
CA ASP S 109 -41.21 5.83 9.98
C ASP S 109 -42.70 5.70 9.70
N GLU S 110 -43.08 5.43 8.45
CA GLU S 110 -44.48 5.34 8.07
C GLU S 110 -45.14 4.02 8.47
N GLY S 111 -44.36 3.00 8.82
CA GLY S 111 -44.92 1.71 9.16
C GLY S 111 -45.26 0.82 7.99
N LYS S 112 -44.74 1.11 6.80
CA LYS S 112 -45.02 0.31 5.61
C LYS S 112 -44.07 -0.88 5.52
N ASP S 113 -44.49 -1.90 4.78
CA ASP S 113 -43.64 -3.05 4.50
C ASP S 113 -43.17 -2.99 3.06
N PRO S 114 -41.93 -2.62 2.79
CA PRO S 114 -41.47 -2.47 1.40
C PRO S 114 -40.99 -3.78 0.80
N VAL S 115 -40.81 -3.76 -0.51
CA VAL S 115 -40.18 -4.84 -1.25
C VAL S 115 -39.06 -4.24 -2.09
N LEU S 116 -37.92 -4.92 -2.14
CA LEU S 116 -36.70 -4.37 -2.70
C LEU S 116 -36.28 -5.17 -3.93
N TYR S 117 -35.69 -4.48 -4.90
CA TYR S 117 -35.14 -5.08 -6.09
C TYR S 117 -33.70 -4.61 -6.27
N VAL S 118 -32.81 -5.54 -6.63
CA VAL S 118 -31.39 -5.32 -6.58
C VAL S 118 -30.74 -5.79 -7.88
N VAL S 119 -29.71 -5.06 -8.32
CA VAL S 119 -28.94 -5.43 -9.50
C VAL S 119 -27.48 -5.53 -9.10
N GLY S 120 -26.88 -6.69 -9.33
CA GLY S 120 -25.49 -6.92 -8.98
C GLY S 120 -25.28 -8.14 -8.10
N ARG S 121 -24.20 -8.88 -8.34
CA ARG S 121 -24.00 -10.14 -7.63
C ARG S 121 -23.53 -9.90 -6.19
N LYS S 122 -22.75 -8.83 -5.97
CA LYS S 122 -22.22 -8.58 -4.63
C LYS S 122 -23.34 -8.23 -3.66
N ALA S 123 -24.20 -7.29 -4.03
CA ALA S 123 -25.35 -6.97 -3.20
C ALA S 123 -26.32 -8.14 -3.12
N LEU S 124 -26.38 -8.96 -4.19
CA LEU S 124 -27.18 -10.17 -4.14
C LEU S 124 -26.75 -11.07 -3.00
N GLY S 125 -25.46 -11.37 -2.93
CA GLY S 125 -24.95 -12.18 -1.83
C GLY S 125 -25.11 -11.50 -0.49
N TYR S 126 -24.89 -10.18 -0.45
CA TYR S 126 -25.00 -9.46 0.80
C TYR S 126 -26.40 -9.55 1.39
N PHE S 127 -27.42 -9.37 0.55
CA PHE S 127 -28.79 -9.43 1.05
C PHE S 127 -29.29 -10.85 1.24
N SER S 128 -28.77 -11.81 0.46
CA SER S 128 -29.10 -13.21 0.71
C SER S 128 -28.57 -13.66 2.06
N PHE S 129 -27.39 -13.17 2.44
CA PHE S 129 -26.86 -13.48 3.76
C PHE S 129 -27.72 -12.90 4.86
N ARG S 130 -28.27 -11.71 4.63
CA ARG S 130 -29.16 -11.07 5.59
C ARG S 130 -30.58 -11.63 5.46
N GLN S 131 -31.44 -11.26 6.41
CA GLN S 131 -32.81 -11.77 6.48
C GLN S 131 -33.75 -10.77 5.80
N ARG S 132 -33.90 -10.92 4.49
CA ARG S 132 -34.80 -10.08 3.72
C ARG S 132 -35.10 -10.75 2.38
N THR S 133 -36.32 -10.58 1.92
CA THR S 133 -36.74 -11.14 0.64
C THR S 133 -36.32 -10.26 -0.52
N VAL S 134 -36.00 -10.91 -1.64
CA VAL S 134 -35.74 -10.22 -2.90
C VAL S 134 -36.58 -10.91 -3.98
N VAL S 135 -37.47 -10.15 -4.61
CA VAL S 135 -38.35 -10.74 -5.61
C VAL S 135 -37.56 -11.15 -6.84
N GLU S 136 -36.69 -10.27 -7.33
CA GLU S 136 -35.99 -10.52 -8.58
C GLU S 136 -34.67 -9.79 -8.56
N SER S 137 -33.69 -10.33 -9.31
CA SER S 137 -32.36 -9.77 -9.39
C SER S 137 -31.86 -9.86 -10.83
N TRP S 138 -30.91 -8.98 -11.17
CA TRP S 138 -30.32 -8.96 -12.51
C TRP S 138 -28.81 -8.83 -12.39
N THR S 139 -28.09 -9.66 -13.13
CA THR S 139 -26.62 -9.68 -13.09
C THR S 139 -26.08 -10.02 -14.47
N GLY S 140 -24.77 -9.91 -14.60
CA GLY S 140 -24.08 -10.34 -15.80
C GLY S 140 -23.99 -9.32 -16.91
N PHE S 141 -24.59 -8.14 -16.75
CA PHE S 141 -24.52 -7.13 -17.80
C PHE S 141 -24.34 -5.72 -17.24
N SER S 142 -24.01 -5.58 -15.95
CA SER S 142 -23.80 -4.24 -15.40
C SER S 142 -22.60 -3.56 -16.05
N GLU S 143 -21.57 -4.34 -16.38
CA GLU S 143 -20.41 -3.77 -17.07
C GLU S 143 -20.79 -3.23 -18.44
N ARG S 144 -21.61 -3.97 -19.18
CA ARG S 144 -22.04 -3.56 -20.52
C ARG S 144 -23.54 -3.81 -20.66
N PRO S 145 -24.36 -2.78 -20.49
CA PRO S 145 -25.81 -2.96 -20.58
C PRO S 145 -26.32 -2.78 -22.00
N THR S 146 -27.63 -2.91 -22.14
CA THR S 146 -28.30 -2.66 -23.41
C THR S 146 -29.70 -2.12 -23.14
N TYR S 147 -30.30 -1.56 -24.20
CA TYR S 147 -31.62 -0.96 -24.07
C TYR S 147 -32.68 -1.99 -23.72
N GLU S 148 -32.51 -3.23 -24.16
CA GLU S 148 -33.52 -4.25 -23.93
C GLU S 148 -33.70 -4.55 -22.45
N ASN S 149 -32.59 -4.64 -21.70
CA ASN S 149 -32.69 -4.91 -20.27
C ASN S 149 -33.45 -3.81 -19.56
N ALA S 150 -33.11 -2.55 -19.84
CA ALA S 150 -33.80 -1.43 -19.21
C ALA S 150 -35.28 -1.42 -19.60
N ARG S 151 -35.57 -1.71 -20.87
CA ARG S 151 -36.95 -1.71 -21.34
C ARG S 151 -37.77 -2.76 -20.61
N GLU S 152 -37.25 -3.99 -20.50
CA GLU S 152 -38.00 -5.05 -19.83
C GLU S 152 -38.13 -4.76 -18.33
N ILE S 153 -37.08 -4.20 -17.72
CA ILE S 153 -37.16 -3.85 -16.31
C ILE S 153 -38.24 -2.80 -16.07
N ALA S 154 -38.26 -1.77 -16.91
CA ALA S 154 -39.28 -0.73 -16.77
C ALA S 154 -40.68 -1.30 -16.98
N ASP S 155 -40.83 -2.20 -17.96
CA ASP S 155 -42.12 -2.85 -18.16
C ASP S 155 -42.55 -3.60 -16.91
N THR S 156 -41.64 -4.39 -16.33
CA THR S 156 -41.97 -5.18 -15.16
C THR S 156 -42.37 -4.28 -13.99
N LEU S 157 -41.60 -3.22 -13.76
CA LEU S 157 -41.89 -2.34 -12.64
C LEU S 157 -43.21 -1.60 -12.83
N VAL S 158 -43.49 -1.15 -14.07
CA VAL S 158 -44.75 -0.46 -14.34
C VAL S 158 -45.92 -1.40 -14.14
N ASN S 159 -45.80 -2.65 -14.60
CA ASN S 159 -46.87 -3.62 -14.39
C ASN S 159 -47.08 -3.90 -12.91
N ALA S 160 -45.99 -4.01 -12.15
CA ALA S 160 -46.11 -4.24 -10.71
C ALA S 160 -46.81 -3.07 -10.03
N PHE S 161 -46.47 -1.84 -10.42
CA PHE S 161 -47.14 -0.68 -9.85
C PHE S 161 -48.62 -0.66 -10.21
N MET S 162 -48.95 -1.00 -11.45
CA MET S 162 -50.35 -1.05 -11.86
C MET S 162 -51.11 -2.11 -11.07
N ALA S 163 -50.45 -3.22 -10.75
CA ALA S 163 -51.07 -4.34 -10.04
C ALA S 163 -51.49 -4.00 -8.59
N GLY S 164 -51.37 -2.75 -8.14
CA GLY S 164 -51.82 -2.39 -6.81
C GLY S 164 -52.85 -1.28 -6.81
N ALA S 165 -53.66 -1.22 -7.87
CA ALA S 165 -54.64 -0.16 -7.99
C ALA S 165 -55.71 -0.25 -6.90
N ASP S 166 -56.20 -1.45 -6.64
CA ASP S 166 -57.30 -1.66 -5.70
C ASP S 166 -56.86 -2.50 -4.52
N ASP S 167 -55.61 -2.36 -4.09
CA ASP S 167 -55.12 -3.10 -2.93
C ASP S 167 -55.70 -2.46 -1.68
N GLU S 168 -56.74 -3.08 -1.14
CA GLU S 168 -57.40 -2.61 0.08
C GLU S 168 -57.14 -3.61 1.19
N GLY S 169 -56.55 -3.13 2.29
CA GLY S 169 -56.17 -4.03 3.37
C GLY S 169 -55.20 -5.07 2.87
N ASP S 170 -55.46 -6.33 3.23
CA ASP S 170 -54.69 -7.46 2.75
C ASP S 170 -55.29 -8.06 1.48
N ASP S 171 -56.37 -7.48 0.97
CA ASP S 171 -57.08 -8.02 -0.18
C ASP S 171 -56.46 -7.50 -1.46
N ALA S 172 -56.16 -8.41 -2.40
CA ALA S 172 -55.59 -8.01 -3.67
C ALA S 172 -56.63 -7.37 -4.58
N GLY S 173 -57.90 -7.75 -4.44
CA GLY S 173 -58.94 -7.20 -5.28
C GLY S 173 -58.96 -7.82 -6.66
N ALA S 174 -59.45 -7.05 -7.63
CA ALA S 174 -59.46 -7.50 -9.01
C ALA S 174 -58.06 -7.68 -9.58
N ASP S 175 -57.05 -7.06 -8.97
CA ASP S 175 -55.67 -7.30 -9.38
C ASP S 175 -55.28 -8.74 -9.15
N GLY S 176 -55.72 -9.32 -8.03
CA GLY S 176 -55.42 -10.70 -7.71
C GLY S 176 -54.04 -10.91 -7.13
N ILE S 177 -53.18 -9.90 -7.17
CA ILE S 177 -51.83 -9.97 -6.63
C ILE S 177 -51.56 -8.68 -5.88
N LEU S 178 -50.90 -8.79 -4.72
CA LEU S 178 -50.53 -7.61 -3.97
C LEU S 178 -49.56 -6.75 -4.76
N GLY S 179 -49.90 -5.47 -4.93
CA GLY S 179 -49.10 -4.55 -5.69
C GLY S 179 -48.46 -3.48 -4.82
N VAL S 180 -47.66 -2.64 -5.46
CA VAL S 180 -46.92 -1.59 -4.79
C VAL S 180 -47.50 -0.23 -5.17
N ASP S 181 -47.35 0.74 -4.26
CA ASP S 181 -47.88 2.07 -4.46
C ASP S 181 -46.82 3.15 -4.56
N GLU S 182 -45.54 2.79 -4.44
CA GLU S 182 -44.46 3.76 -4.53
C GLU S 182 -43.19 3.05 -4.96
N LEU S 183 -42.36 3.76 -5.73
CA LEU S 183 -41.10 3.23 -6.22
C LEU S 183 -39.97 4.19 -5.89
N HIS S 184 -38.76 3.63 -5.81
CA HIS S 184 -37.56 4.40 -5.49
C HIS S 184 -36.41 3.90 -6.34
N ILE S 185 -35.49 4.81 -6.65
CA ILE S 185 -34.33 4.51 -7.48
C ILE S 185 -33.08 4.92 -6.70
N VAL S 186 -32.09 4.04 -6.67
CA VAL S 186 -30.82 4.30 -6.01
C VAL S 186 -29.71 4.06 -7.02
N PHE S 187 -28.81 5.02 -7.16
CA PHE S 187 -27.64 4.83 -8.03
C PHE S 187 -26.57 5.81 -7.59
N THR S 188 -25.55 5.99 -8.43
CA THR S 188 -24.46 6.91 -8.15
C THR S 188 -24.25 7.81 -9.35
N GLU S 189 -23.87 9.06 -9.08
CA GLU S 189 -23.65 10.05 -10.13
C GLU S 189 -22.17 10.41 -10.24
N PHE S 190 -21.79 10.83 -11.43
CA PHE S 190 -20.42 11.25 -11.75
C PHE S 190 -20.37 12.77 -11.64
N ARG S 191 -20.20 13.26 -10.41
CA ARG S 191 -20.08 14.70 -10.22
C ARG S 191 -18.74 15.22 -10.74
N SER S 192 -17.69 14.42 -10.59
CA SER S 192 -16.36 14.77 -11.05
C SER S 192 -15.55 13.49 -11.17
N MET S 193 -14.29 13.64 -11.63
CA MET S 193 -13.39 12.51 -11.63
C MET S 193 -13.04 12.05 -10.22
N LEU S 194 -13.18 12.94 -9.22
CA LEU S 194 -12.95 12.60 -7.83
C LEU S 194 -14.20 12.69 -6.97
N SER S 195 -15.25 13.35 -7.43
CA SER S 195 -16.50 13.51 -6.69
C SER S 195 -17.53 12.59 -7.31
N GLN S 196 -17.92 11.56 -6.57
CA GLN S 196 -18.94 10.61 -7.01
C GLN S 196 -19.81 10.29 -5.81
N THR S 197 -20.95 10.97 -5.69
CA THR S 197 -21.81 10.86 -4.53
C THR S 197 -23.04 10.05 -4.88
N ALA S 198 -23.34 9.04 -4.07
CA ALA S 198 -24.51 8.22 -4.30
C ALA S 198 -25.78 9.06 -4.16
N VAL S 199 -26.70 8.88 -5.11
CA VAL S 199 -27.93 9.66 -5.17
C VAL S 199 -29.12 8.71 -5.22
N ALA S 200 -30.13 9.00 -4.41
CA ALA S 200 -31.40 8.32 -4.44
C ALA S 200 -32.48 9.30 -4.88
N ARG S 201 -33.39 8.83 -5.73
CA ARG S 201 -34.47 9.65 -6.25
C ARG S 201 -35.76 8.87 -6.22
N ARG S 202 -36.88 9.61 -6.13
CA ARG S 202 -38.21 9.04 -6.23
C ARG S 202 -38.89 9.58 -7.48
N ALA S 203 -39.34 8.67 -8.36
CA ALA S 203 -39.94 9.09 -9.62
C ALA S 203 -41.16 8.28 -10.01
N ALA S 204 -41.79 7.55 -9.07
CA ALA S 204 -42.94 6.74 -9.44
C ALA S 204 -44.18 7.58 -9.74
N PRO S 205 -44.67 8.42 -8.82
CA PRO S 205 -45.83 9.25 -9.17
C PRO S 205 -45.40 10.58 -9.80
N MET S 206 -45.93 10.88 -10.98
CA MET S 206 -45.59 12.11 -11.65
C MET S 206 -46.24 13.30 -10.97
N GLU S 207 -45.51 14.42 -10.96
CA GLU S 207 -46.00 15.66 -10.38
C GLU S 207 -45.97 16.76 -11.43
N VAL S 208 -47.00 17.60 -11.42
CA VAL S 208 -47.20 18.64 -12.41
C VAL S 208 -46.87 19.98 -11.77
N GLU S 209 -46.03 20.77 -12.46
CA GLU S 209 -45.70 22.12 -12.02
C GLU S 209 -45.78 23.05 -13.21
N TYR S 210 -46.30 24.24 -12.97
CA TYR S 210 -46.44 25.25 -14.01
C TYR S 210 -45.46 26.39 -13.75
N VAL S 211 -44.49 26.55 -14.65
CA VAL S 211 -43.50 27.62 -14.49
C VAL S 211 -44.09 29.00 -14.70
N GLY S 212 -45.31 29.09 -15.22
CA GLY S 212 -45.94 30.37 -15.49
C GLY S 212 -45.64 30.88 -16.89
N GLU S 213 -46.26 32.01 -17.19
CA GLU S 213 -46.06 32.67 -18.49
C GLU S 213 -46.40 34.14 -18.40
N TYR S 222 -50.03 23.21 -32.85
CA TYR S 222 -49.85 21.86 -33.37
C TYR S 222 -51.19 21.18 -33.63
N SER S 223 -51.13 19.92 -34.06
CA SER S 223 -52.30 19.11 -34.30
C SER S 223 -52.11 17.73 -33.70
N PHE S 224 -53.17 17.18 -33.13
CA PHE S 224 -53.15 15.85 -32.51
C PHE S 224 -54.03 14.94 -33.36
N GLU S 225 -53.44 14.36 -34.42
CA GLU S 225 -54.20 13.49 -35.31
C GLU S 225 -54.74 12.26 -34.61
N PRO S 226 -53.95 11.48 -33.85
CA PRO S 226 -54.55 10.38 -33.09
C PRO S 226 -55.14 10.89 -31.78
N ASP S 227 -55.64 9.99 -30.95
CA ASP S 227 -56.20 10.39 -29.67
C ASP S 227 -55.08 10.90 -28.75
N PRO S 228 -55.16 12.13 -28.25
CA PRO S 228 -54.10 12.62 -27.35
C PRO S 228 -53.93 11.77 -26.10
N GLU S 229 -55.03 11.26 -25.54
CA GLU S 229 -54.92 10.45 -24.33
C GLU S 229 -54.16 9.16 -24.60
N THR S 230 -54.44 8.50 -25.72
CA THR S 230 -53.72 7.27 -26.06
C THR S 230 -52.24 7.56 -26.31
N LEU S 231 -51.95 8.68 -26.97
CA LEU S 231 -50.56 9.06 -27.19
C LEU S 231 -49.85 9.28 -25.87
N PHE S 232 -50.51 9.96 -24.93
CA PHE S 232 -49.97 10.16 -23.59
C PHE S 232 -49.69 8.82 -22.91
N ASP S 233 -50.68 7.93 -22.95
CA ASP S 233 -50.58 6.65 -22.26
C ASP S 233 -49.45 5.81 -22.81
N ALA S 234 -49.26 5.81 -24.13
CA ALA S 234 -48.14 5.08 -24.71
C ALA S 234 -46.83 5.82 -24.52
N LEU S 235 -46.88 7.14 -24.33
CA LEU S 235 -45.66 7.93 -24.29
C LEU S 235 -44.93 7.76 -22.96
N LEU S 236 -45.65 7.76 -21.85
CA LEU S 236 -44.96 7.65 -20.56
C LEU S 236 -44.04 6.44 -20.44
N PRO S 237 -44.42 5.22 -20.82
CA PRO S 237 -43.52 4.07 -20.64
C PRO S 237 -42.19 4.24 -21.36
N ARG S 238 -42.19 4.86 -22.54
CA ARG S 238 -40.92 5.14 -23.21
C ARG S 238 -40.03 6.05 -22.38
N TYR S 239 -40.63 7.08 -21.78
CA TYR S 239 -39.88 8.00 -20.93
C TYR S 239 -39.28 7.26 -19.73
N ILE S 240 -40.08 6.41 -19.09
CA ILE S 240 -39.58 5.66 -17.94
C ILE S 240 -38.43 4.76 -18.36
N ALA S 241 -38.58 4.07 -19.50
CA ALA S 241 -37.52 3.18 -19.97
C ALA S 241 -36.24 3.95 -20.29
N THR S 242 -36.36 5.13 -20.90
CA THR S 242 -35.18 5.92 -21.22
C THR S 242 -34.47 6.36 -19.95
N ARG S 243 -35.22 6.75 -18.92
CA ARG S 243 -34.59 7.08 -17.64
C ARG S 243 -33.85 5.88 -17.07
N VAL S 244 -34.48 4.71 -17.10
CA VAL S 244 -33.85 3.50 -16.57
C VAL S 244 -32.55 3.22 -17.31
N TYR S 245 -32.58 3.33 -18.64
CA TYR S 245 -31.37 3.07 -19.43
C TYR S 245 -30.29 4.09 -19.13
N ALA S 246 -30.67 5.37 -18.97
CA ALA S 246 -29.69 6.40 -18.69
C ALA S 246 -29.01 6.18 -17.35
N ALA S 247 -29.71 5.58 -16.38
CA ALA S 247 -29.11 5.37 -15.06
C ALA S 247 -27.89 4.45 -15.12
N LEU S 248 -27.96 3.41 -15.97
CA LEU S 248 -26.97 2.34 -15.92
C LEU S 248 -25.58 2.81 -16.33
N LEU S 249 -25.49 3.61 -17.39
CA LEU S 249 -24.19 4.09 -17.84
C LEU S 249 -23.55 4.99 -16.80
N GLU S 250 -24.36 5.84 -16.15
CA GLU S 250 -23.86 6.67 -15.06
C GLU S 250 -23.30 5.81 -13.94
N ALA S 251 -24.04 4.76 -13.57
CA ALA S 251 -23.58 3.87 -12.50
C ALA S 251 -22.26 3.20 -12.85
N ALA S 252 -22.15 2.71 -14.09
CA ALA S 252 -20.92 2.05 -14.52
C ALA S 252 -19.74 3.01 -14.52
N ALA S 253 -19.95 4.25 -14.98
CA ALA S 253 -18.89 5.25 -14.98
C ALA S 253 -18.42 5.53 -13.55
N SER S 254 -19.37 5.71 -12.63
CA SER S 254 -18.99 5.93 -11.23
C SER S 254 -18.23 4.74 -10.67
N GLU S 255 -18.63 3.53 -11.05
CA GLU S 255 -17.94 2.32 -10.59
C GLU S 255 -16.49 2.32 -11.03
N SER S 256 -16.25 2.59 -12.32
CA SER S 256 -14.87 2.59 -12.81
C SER S 256 -14.05 3.69 -12.16
N ALA S 257 -14.65 4.87 -11.99
CA ALA S 257 -13.95 5.98 -11.37
C ALA S 257 -13.54 5.67 -9.94
N SER S 258 -14.42 5.03 -9.18
CA SER S 258 -14.05 4.59 -7.83
C SER S 258 -13.02 3.46 -7.89
N ARG S 259 -13.06 2.65 -8.96
CA ARG S 259 -12.14 1.52 -9.07
C ARG S 259 -10.69 1.97 -9.17
N ARG S 260 -10.42 3.00 -9.97
CA ARG S 260 -9.03 3.33 -10.27
C ARG S 260 -8.22 3.71 -9.03
N ARG S 261 -8.78 4.55 -8.16
CA ARG S 261 -8.00 5.19 -7.10
C ARG S 261 -7.58 4.17 -6.03
N ALA S 262 -8.45 3.22 -5.72
CA ALA S 262 -8.12 2.22 -4.70
C ALA S 262 -6.90 1.42 -5.10
N MET S 263 -6.81 1.04 -6.37
CA MET S 263 -5.67 0.23 -6.81
C MET S 263 -4.41 1.09 -6.90
N LYS S 264 -4.54 2.36 -7.31
CA LYS S 264 -3.38 3.26 -7.24
C LYS S 264 -2.82 3.31 -5.83
N SER S 265 -3.69 3.50 -4.84
CA SER S 265 -3.25 3.58 -3.45
C SER S 265 -2.67 2.24 -2.97
N ALA S 266 -3.25 1.13 -3.44
CA ALA S 266 -2.70 -0.18 -3.09
C ALA S 266 -1.27 -0.32 -3.58
N THR S 267 -1.01 0.13 -4.81
CA THR S 267 0.37 0.14 -5.33
C THR S 267 1.30 0.96 -4.44
N ASP S 268 0.90 2.20 -4.18
CA ASP S 268 1.77 3.10 -3.42
C ASP S 268 2.05 2.57 -2.02
N ASN S 269 1.07 1.90 -1.42
CA ASN S 269 1.31 1.30 -0.11
C ASN S 269 2.10 0.00 -0.20
N ALA S 270 1.99 -0.73 -1.31
CA ALA S 270 2.74 -1.97 -1.47
C ALA S 270 4.23 -1.71 -1.59
N ASP S 271 4.60 -0.50 -2.04
CA ASP S 271 6.03 -0.16 -2.09
C ASP S 271 6.70 -0.26 -0.71
N ASP S 272 5.97 0.15 0.34
CA ASP S 272 6.56 0.32 1.66
C ASP S 272 6.99 -1.02 2.27
N LEU S 273 6.21 -2.08 2.03
CA LEU S 273 6.59 -3.39 2.57
C LEU S 273 7.90 -3.87 1.97
N ILE S 274 8.08 -3.67 0.66
CA ILE S 274 9.35 -3.98 0.02
C ILE S 274 10.48 -3.23 0.72
N LYS S 275 10.30 -1.93 0.92
CA LYS S 275 11.38 -1.14 1.53
C LYS S 275 11.73 -1.65 2.93
N ALA S 276 10.72 -1.81 3.78
CA ALA S 276 10.96 -2.21 5.16
C ALA S 276 11.58 -3.61 5.23
N LEU S 277 11.08 -4.54 4.42
CA LEU S 277 11.62 -5.88 4.45
C LEU S 277 13.06 -5.91 3.98
N THR S 278 13.41 -5.10 2.96
CA THR S 278 14.80 -5.04 2.53
C THR S 278 15.69 -4.52 3.66
N LEU S 279 15.23 -3.50 4.39
CA LEU S 279 16.01 -3.01 5.53
C LEU S 279 16.23 -4.12 6.55
N ALA S 280 15.15 -4.85 6.90
CA ALA S 280 15.26 -5.90 7.91
C ALA S 280 16.20 -7.00 7.45
N ALA S 281 16.13 -7.38 6.18
CA ALA S 281 17.00 -8.43 5.65
C ALA S 281 18.47 -8.01 5.69
N ASN S 282 18.75 -6.75 5.34
CA ASN S 282 20.13 -6.28 5.42
C ASN S 282 20.64 -6.34 6.85
N ARG S 283 19.82 -5.90 7.81
CA ARG S 283 20.24 -5.95 9.20
C ARG S 283 20.50 -7.39 9.63
N GLU S 284 19.62 -8.32 9.25
CA GLU S 284 19.80 -9.72 9.63
C GLU S 284 21.08 -10.30 9.06
N ARG S 285 21.34 -10.04 7.77
CA ARG S 285 22.53 -10.64 7.16
C ARG S 285 23.81 -10.08 7.78
N GLN S 286 23.84 -8.77 8.06
CA GLN S 286 25.05 -8.23 8.65
C GLN S 286 25.24 -8.76 10.08
N ALA S 287 24.15 -8.95 10.82
CA ALA S 287 24.27 -9.55 12.14
C ALA S 287 24.80 -10.98 12.04
N GLN S 288 24.31 -11.75 11.07
CA GLN S 288 24.78 -13.12 10.92
C GLN S 288 26.26 -13.16 10.60
N ILE S 289 26.71 -12.31 9.68
CA ILE S 289 28.12 -12.36 9.29
C ILE S 289 29.02 -11.91 10.44
N THR S 290 28.60 -10.88 11.19
CA THR S 290 29.45 -10.44 12.29
C THR S 290 29.49 -11.47 13.41
N GLN S 291 28.37 -12.16 13.67
CA GLN S 291 28.41 -13.26 14.63
C GLN S 291 29.32 -14.37 14.16
N GLU S 292 29.27 -14.70 12.86
CA GLU S 292 30.12 -15.74 12.32
C GLU S 292 31.59 -15.40 12.50
N ILE S 293 31.97 -14.17 12.16
CA ILE S 293 33.39 -13.81 12.28
C ILE S 293 33.80 -13.74 13.75
N SER S 294 32.91 -13.25 14.63
CA SER S 294 33.24 -13.22 16.04
C SER S 294 33.46 -14.63 16.58
N GLU S 295 32.61 -15.57 16.18
CA GLU S 295 32.76 -16.94 16.66
C GLU S 295 34.03 -17.59 16.13
N ILE S 296 34.34 -17.36 14.85
CA ILE S 296 35.56 -17.96 14.30
C ILE S 296 36.79 -17.33 14.95
N VAL S 297 36.73 -16.04 15.28
CA VAL S 297 37.83 -15.39 15.98
C VAL S 297 38.01 -15.99 17.37
N GLY S 298 36.91 -16.14 18.11
CA GLY S 298 36.99 -16.71 19.44
C GLY S 298 37.53 -18.12 19.42
N GLY S 299 37.14 -18.91 18.42
CA GLY S 299 37.71 -20.24 18.27
C GLY S 299 39.18 -20.20 17.92
N ALA S 300 39.58 -19.25 17.07
CA ALA S 300 40.95 -19.19 16.60
C ALA S 300 41.92 -18.77 17.70
N ASN S 301 41.57 -17.72 18.44
CA ASN S 301 42.50 -17.18 19.42
C ASN S 301 42.52 -17.95 20.74
N ALA S 302 41.51 -18.78 21.01
CA ALA S 302 41.47 -19.49 22.28
C ALA S 302 42.51 -20.60 22.36
N LEU S 303 42.99 -21.09 21.23
CA LEU S 303 43.97 -22.17 21.21
C LEU S 303 45.39 -21.65 21.38
N ASP T 3 -35.96 22.04 -50.53
CA ASP T 3 -35.29 20.75 -50.47
C ASP T 3 -35.76 19.96 -49.25
N LEU T 4 -35.24 18.73 -49.10
CA LEU T 4 -35.62 17.86 -48.01
C LEU T 4 -34.39 17.19 -47.43
N ASN T 5 -34.45 16.89 -46.14
CA ASN T 5 -33.35 16.25 -45.42
C ASN T 5 -33.96 15.25 -44.45
N VAL T 6 -33.87 13.97 -44.78
CA VAL T 6 -34.43 12.93 -43.94
C VAL T 6 -33.31 12.34 -43.08
N GLU T 7 -33.67 11.92 -41.86
CA GLU T 7 -32.74 11.12 -41.07
C GLU T 7 -33.51 10.19 -40.15
N ILE T 8 -32.85 9.08 -39.80
CA ILE T 8 -33.38 8.07 -38.90
C ILE T 8 -32.46 7.96 -37.69
N VAL T 9 -33.04 8.06 -36.50
CA VAL T 9 -32.27 8.13 -35.26
C VAL T 9 -32.66 6.94 -34.39
N ALA T 10 -31.66 6.15 -34.00
CA ALA T 10 -31.85 5.05 -33.07
C ALA T 10 -31.51 5.49 -31.65
N VAL T 11 -31.82 4.61 -30.69
CA VAL T 11 -31.57 4.95 -29.29
C VAL T 11 -30.08 4.94 -28.98
N GLU T 12 -29.33 3.99 -29.54
CA GLU T 12 -27.93 3.84 -29.20
C GLU T 12 -27.04 4.75 -30.04
N ARG T 13 -27.12 4.61 -31.36
CA ARG T 13 -26.25 5.35 -32.27
C ARG T 13 -27.09 5.90 -33.41
N GLU T 14 -26.58 6.96 -34.04
CA GLU T 14 -27.23 7.54 -35.21
C GLU T 14 -27.14 6.56 -36.39
N LEU T 15 -28.05 6.74 -37.36
CA LEU T 15 -28.11 5.86 -38.52
C LEU T 15 -28.29 6.70 -39.78
N TRP T 16 -28.67 6.08 -40.88
CA TRP T 16 -28.58 6.66 -42.21
C TRP T 16 -29.30 8.01 -42.25
N SER T 17 -28.78 8.92 -43.08
CA SER T 17 -29.31 10.27 -43.16
C SER T 17 -28.94 10.86 -44.52
N GLY T 18 -29.56 11.99 -44.85
CA GLY T 18 -29.20 12.71 -46.04
C GLY T 18 -30.37 13.39 -46.72
N PRO T 19 -30.08 14.13 -47.78
CA PRO T 19 -31.14 14.81 -48.53
C PRO T 19 -32.06 13.80 -49.21
N ALA T 20 -33.31 14.21 -49.39
CA ALA T 20 -34.31 13.37 -50.01
C ALA T 20 -35.28 14.24 -50.81
N THR T 21 -36.22 13.59 -51.47
CA THR T 21 -37.29 14.28 -52.18
C THR T 21 -38.67 13.89 -51.69
N PHE T 22 -38.95 12.58 -51.56
CA PHE T 22 -40.27 12.13 -51.14
C PHE T 22 -40.13 10.79 -50.41
N VAL T 23 -41.16 10.46 -49.63
CA VAL T 23 -41.15 9.29 -48.78
C VAL T 23 -42.57 8.77 -48.61
N PHE T 24 -42.70 7.47 -48.40
CA PHE T 24 -43.93 6.82 -47.98
C PHE T 24 -43.74 6.23 -46.60
N THR T 25 -44.68 6.51 -45.70
CA THR T 25 -44.63 5.97 -44.34
C THR T 25 -46.05 5.74 -43.85
N ARG T 26 -46.37 4.52 -43.44
CA ARG T 26 -47.68 4.28 -42.86
C ARG T 26 -47.78 4.90 -41.48
N THR T 27 -48.95 5.47 -41.20
CA THR T 27 -49.22 6.15 -39.95
C THR T 27 -50.27 5.34 -39.18
N THR T 28 -50.30 5.55 -37.85
CA THR T 28 -51.30 4.89 -37.03
C THR T 28 -52.72 5.21 -37.48
N ALA T 29 -52.94 6.35 -38.13
CA ALA T 29 -54.22 6.71 -38.74
C ALA T 29 -53.94 7.14 -40.16
N GLY T 30 -53.83 6.17 -41.07
CA GLY T 30 -53.63 6.47 -42.46
C GLY T 30 -52.18 6.36 -42.92
N GLU T 31 -51.88 7.11 -43.97
CA GLU T 31 -50.59 7.11 -44.63
C GLU T 31 -50.06 8.53 -44.71
N ILE T 32 -48.74 8.68 -44.77
CA ILE T 32 -48.10 10.00 -44.79
C ILE T 32 -46.96 10.00 -45.79
N GLY T 33 -46.85 11.10 -46.52
CA GLY T 33 -45.66 11.38 -47.32
C GLY T 33 -45.35 12.86 -47.23
N ILE T 34 -44.07 13.17 -47.03
CA ILE T 34 -43.66 14.52 -46.67
C ILE T 34 -43.06 15.20 -47.89
N LEU T 35 -43.26 16.51 -47.97
CA LEU T 35 -42.67 17.36 -48.99
C LEU T 35 -42.35 18.70 -48.35
N PRO T 36 -41.45 19.48 -48.94
CA PRO T 36 -41.10 20.78 -48.35
C PRO T 36 -42.31 21.71 -48.24
N ARG T 37 -42.22 22.63 -47.27
CA ARG T 37 -43.31 23.55 -46.94
C ARG T 37 -44.56 22.77 -46.52
N HIS T 38 -44.43 22.06 -45.40
CA HIS T 38 -45.50 21.24 -44.85
C HIS T 38 -45.82 21.71 -43.43
N ILE T 39 -47.07 21.50 -43.04
CA ILE T 39 -47.51 21.85 -41.69
C ILE T 39 -46.81 20.93 -40.70
N PRO T 40 -46.19 21.47 -39.65
CA PRO T 40 -45.59 20.60 -38.63
C PRO T 40 -46.63 19.68 -37.99
N LEU T 41 -46.24 18.44 -37.74
CA LEU T 41 -47.15 17.44 -37.23
C LEU T 41 -46.38 16.40 -36.44
N VAL T 42 -47.10 15.64 -35.62
CA VAL T 42 -46.54 14.58 -34.81
C VAL T 42 -47.40 13.34 -34.96
N ALA T 43 -46.76 12.18 -35.03
CA ALA T 43 -47.50 10.94 -35.20
C ALA T 43 -46.66 9.77 -34.69
N GLN T 44 -47.36 8.68 -34.40
CA GLN T 44 -46.75 7.45 -33.92
C GLN T 44 -46.95 6.35 -34.95
N LEU T 45 -45.88 5.62 -35.27
CA LEU T 45 -45.94 4.60 -36.28
C LEU T 45 -46.59 3.33 -35.73
N VAL T 46 -46.67 2.30 -36.55
CA VAL T 46 -47.29 1.04 -36.17
C VAL T 46 -46.19 -0.01 -35.92
N ASP T 47 -46.60 -1.14 -35.37
CA ASP T 47 -45.66 -2.22 -35.10
C ASP T 47 -45.07 -2.79 -36.38
N ASP T 48 -45.86 -2.83 -37.45
CA ASP T 48 -45.40 -3.28 -38.76
C ASP T 48 -45.05 -2.11 -39.67
N ALA T 49 -44.51 -1.04 -39.10
CA ALA T 49 -44.22 0.16 -39.87
C ALA T 49 -43.15 -0.11 -40.92
N MET T 50 -43.36 0.47 -42.10
CA MET T 50 -42.39 0.42 -43.19
C MET T 50 -42.20 1.82 -43.73
N VAL T 51 -40.99 2.10 -44.20
CA VAL T 51 -40.67 3.41 -44.77
C VAL T 51 -39.90 3.22 -46.07
N ARG T 52 -40.27 4.00 -47.09
CA ARG T 52 -39.49 3.99 -48.32
C ARG T 52 -39.27 5.41 -48.81
N VAL T 53 -38.03 5.73 -49.16
CA VAL T 53 -37.64 7.11 -49.48
C VAL T 53 -36.96 7.11 -50.85
N GLU T 54 -37.26 8.14 -51.65
CA GLU T 54 -36.66 8.31 -52.96
C GLU T 54 -35.60 9.39 -52.89
N ARG T 55 -34.41 9.09 -53.41
CA ARG T 55 -33.28 10.01 -53.38
C ARG T 55 -32.86 10.32 -54.81
N GLU T 56 -31.86 11.21 -54.92
CA GLU T 56 -31.26 11.48 -56.21
C GLU T 56 -30.49 10.30 -56.76
N GLY T 57 -30.11 9.36 -55.91
CA GLY T 57 -29.41 8.14 -56.28
C GLY T 57 -30.30 6.95 -56.56
N GLU T 58 -31.62 7.16 -56.67
CA GLU T 58 -32.57 6.09 -56.98
C GLU T 58 -32.57 5.02 -55.89
N ASP T 59 -32.92 5.43 -54.68
CA ASP T 59 -32.98 4.53 -53.54
C ASP T 59 -34.27 3.72 -53.61
N ASP T 60 -34.17 2.50 -54.13
CA ASP T 60 -35.29 1.58 -54.17
C ASP T 60 -35.41 0.73 -52.91
N LEU T 61 -34.42 0.78 -52.03
CA LEU T 61 -34.44 0.02 -50.79
C LEU T 61 -35.46 0.61 -49.82
N ARG T 62 -35.98 -0.25 -48.95
CA ARG T 62 -37.00 0.13 -47.98
C ARG T 62 -36.58 -0.35 -46.60
N ILE T 63 -36.94 0.43 -45.58
CA ILE T 63 -36.48 0.21 -44.21
C ILE T 63 -37.66 -0.24 -43.35
N ALA T 64 -37.42 -1.29 -42.56
CA ALA T 64 -38.41 -1.78 -41.61
C ALA T 64 -38.16 -1.17 -40.23
N VAL T 65 -39.23 -0.70 -39.61
CA VAL T 65 -39.16 0.00 -38.33
C VAL T 65 -40.01 -0.77 -37.32
N ASP T 66 -39.39 -1.16 -36.20
CA ASP T 66 -40.11 -1.86 -35.15
C ASP T 66 -41.05 -0.96 -34.37
N GLY T 67 -40.76 0.34 -34.31
CA GLY T 67 -41.60 1.27 -33.59
C GLY T 67 -40.85 2.56 -33.35
N GLY T 68 -41.61 3.58 -32.93
CA GLY T 68 -41.06 4.89 -32.68
C GLY T 68 -42.04 5.97 -33.09
N PHE T 69 -41.49 7.16 -33.35
CA PHE T 69 -42.27 8.34 -33.64
C PHE T 69 -41.80 8.99 -34.94
N LEU T 70 -42.69 9.79 -35.54
CA LEU T 70 -42.35 10.62 -36.68
C LEU T 70 -42.87 12.03 -36.41
N SER T 71 -41.99 13.02 -36.54
CA SER T 71 -42.34 14.40 -36.28
C SER T 71 -41.76 15.30 -37.37
N VAL T 72 -42.59 16.18 -37.91
CA VAL T 72 -42.18 17.14 -38.93
C VAL T 72 -42.30 18.53 -38.31
N THR T 73 -41.19 19.26 -38.27
CA THR T 73 -41.16 20.61 -37.73
C THR T 73 -40.55 21.61 -38.69
N GLU T 74 -39.57 21.22 -39.49
CA GLU T 74 -38.95 22.09 -40.47
C GLU T 74 -38.74 21.28 -41.74
N GLU T 75 -37.96 21.84 -42.67
CA GLU T 75 -37.68 21.15 -43.93
C GLU T 75 -36.86 19.87 -43.72
N THR T 76 -36.27 19.70 -42.54
CA THR T 76 -35.58 18.47 -42.19
C THR T 76 -36.48 17.62 -41.30
N VAL T 77 -36.71 16.37 -41.72
CA VAL T 77 -37.60 15.46 -41.03
C VAL T 77 -36.81 14.28 -40.47
N ARG T 78 -37.16 13.90 -39.25
CA ARG T 78 -36.46 12.86 -38.52
C ARG T 78 -37.45 11.81 -38.05
N ILE T 79 -36.99 10.55 -38.06
CA ILE T 79 -37.80 9.42 -37.65
C ILE T 79 -37.09 8.78 -36.46
N LEU T 80 -37.76 8.72 -35.32
CA LEU T 80 -37.17 8.19 -34.09
C LEU T 80 -37.57 6.73 -33.96
N VAL T 81 -36.58 5.83 -33.92
CA VAL T 81 -36.81 4.40 -33.92
C VAL T 81 -36.05 3.77 -32.78
N GLU T 82 -36.64 2.75 -32.16
CA GLU T 82 -35.90 1.93 -31.20
C GLU T 82 -34.88 1.07 -31.91
N ASN T 83 -35.28 0.38 -32.98
CA ASN T 83 -34.41 -0.54 -33.70
C ASN T 83 -34.81 -0.57 -35.16
N ALA T 84 -33.87 -0.26 -36.05
CA ALA T 84 -34.10 -0.27 -37.49
C ALA T 84 -33.10 -1.21 -38.14
N GLN T 85 -33.60 -2.13 -38.97
CA GLN T 85 -32.78 -3.16 -39.60
C GLN T 85 -32.85 -3.03 -41.12
N PHE T 86 -31.69 -3.03 -41.77
CA PHE T 86 -31.66 -3.01 -43.23
C PHE T 86 -32.18 -4.32 -43.81
N GLU T 87 -32.81 -4.19 -44.97
CA GLU T 87 -33.26 -5.37 -45.72
C GLU T 87 -32.11 -6.09 -46.42
N SER T 88 -30.90 -5.51 -46.45
CA SER T 88 -29.76 -6.23 -46.99
C SER T 88 -29.46 -7.49 -46.19
N GLU T 89 -29.57 -7.40 -44.86
CA GLU T 89 -29.43 -8.57 -44.00
C GLU T 89 -30.71 -9.38 -43.91
N ILE T 90 -31.79 -8.93 -44.53
CA ILE T 90 -33.05 -9.65 -44.46
C ILE T 90 -32.99 -10.89 -45.35
N ASP T 91 -33.42 -12.02 -44.79
CA ASP T 91 -33.45 -13.29 -45.50
C ASP T 91 -34.86 -13.82 -45.55
N ALA T 92 -35.26 -14.35 -46.71
CA ALA T 92 -36.63 -14.81 -46.89
C ALA T 92 -36.93 -16.02 -46.01
N ASP T 93 -36.06 -17.02 -46.02
CA ASP T 93 -36.29 -18.20 -45.19
C ASP T 93 -36.28 -17.85 -43.72
N ALA T 94 -35.31 -17.02 -43.30
CA ALA T 94 -35.29 -16.55 -41.92
C ALA T 94 -36.52 -15.71 -41.61
N ALA T 95 -37.02 -14.95 -42.59
CA ALA T 95 -38.24 -14.18 -42.39
C ALA T 95 -39.42 -15.11 -42.12
N LYS T 96 -39.53 -16.19 -42.89
CA LYS T 96 -40.62 -17.14 -42.67
C LYS T 96 -40.48 -17.82 -41.32
N GLU T 97 -39.26 -18.20 -40.94
CA GLU T 97 -39.05 -18.85 -39.65
C GLU T 97 -39.39 -17.91 -38.50
N ASP T 98 -39.08 -16.62 -38.66
CA ASP T 98 -39.39 -15.65 -37.60
C ASP T 98 -40.88 -15.37 -37.53
N ALA T 99 -41.53 -15.17 -38.68
CA ALA T 99 -42.94 -14.79 -38.68
C ALA T 99 -43.87 -15.96 -38.36
N ALA T 100 -43.39 -17.21 -38.51
CA ALA T 100 -44.20 -18.34 -38.11
C ALA T 100 -44.50 -18.28 -36.61
N SER T 101 -43.50 -17.91 -35.81
CA SER T 101 -43.72 -17.74 -34.37
C SER T 101 -44.65 -16.56 -34.12
N ASP T 102 -45.54 -16.73 -33.14
CA ASP T 102 -46.54 -15.73 -32.81
C ASP T 102 -46.27 -15.16 -31.43
N ASP T 103 -46.30 -13.83 -31.33
CA ASP T 103 -46.05 -13.13 -30.08
C ASP T 103 -46.52 -11.69 -30.23
N GLU T 104 -46.19 -10.86 -29.24
CA GLU T 104 -46.64 -9.47 -29.23
C GLU T 104 -45.92 -8.62 -30.28
N ARG T 105 -44.62 -8.85 -30.48
CA ARG T 105 -43.85 -8.03 -31.41
C ARG T 105 -43.11 -8.88 -32.42
N THR T 106 -42.65 -10.06 -32.00
CA THR T 106 -41.81 -10.89 -32.87
C THR T 106 -42.54 -11.29 -34.14
N ALA T 107 -43.82 -11.65 -34.02
CA ALA T 107 -44.62 -11.93 -35.22
C ALA T 107 -44.75 -10.68 -36.09
N ALA T 108 -45.04 -9.54 -35.46
CA ALA T 108 -45.14 -8.29 -36.20
C ALA T 108 -43.82 -7.92 -36.86
N TRP T 109 -42.71 -8.08 -36.14
CA TRP T 109 -41.41 -7.75 -36.70
C TRP T 109 -41.06 -8.70 -37.84
N GLY T 110 -41.42 -9.98 -37.71
CA GLY T 110 -41.19 -10.93 -38.79
C GLY T 110 -42.00 -10.59 -40.03
N ARG T 111 -43.25 -10.17 -39.85
CA ARG T 111 -44.05 -9.73 -41.00
C ARG T 111 -43.46 -8.46 -41.61
N ALA T 112 -42.96 -7.54 -40.79
CA ALA T 112 -42.32 -6.34 -41.31
C ALA T 112 -41.09 -6.69 -42.14
N ARG T 113 -40.27 -7.62 -41.65
CA ARG T 113 -39.09 -8.04 -42.41
C ARG T 113 -39.50 -8.79 -43.67
N LEU T 114 -40.60 -9.54 -43.62
CA LEU T 114 -41.12 -10.18 -44.83
C LEU T 114 -41.49 -9.14 -45.88
N ARG T 115 -42.22 -8.10 -45.45
CA ARG T 115 -42.55 -7.01 -46.37
C ARG T 115 -41.32 -6.29 -46.88
N ALA T 116 -40.27 -6.19 -46.05
CA ALA T 116 -39.06 -5.46 -46.45
C ALA T 116 -38.40 -6.07 -47.66
N LEU T 117 -38.55 -7.37 -47.89
CA LEU T 117 -37.97 -8.01 -49.06
C LEU T 117 -38.70 -7.65 -50.35
N GLY T 118 -39.90 -7.08 -50.26
CA GLY T 118 -40.68 -6.70 -51.43
C GLY T 118 -42.02 -7.40 -51.55
N GLN T 119 -42.27 -8.46 -50.79
CA GLN T 119 -43.53 -9.19 -50.89
C GLN T 119 -44.38 -8.99 -49.64
#